data_7WLU
#
_entry.id   7WLU
#
_cell.length_a   1.00
_cell.length_b   1.00
_cell.length_c   1.00
_cell.angle_alpha   90.00
_cell.angle_beta   90.00
_cell.angle_gamma   90.00
#
_symmetry.space_group_name_H-M   'P 1'
#
loop_
_entity.id
_entity.type
_entity.pdbx_description
1 polymer 'Piezo-type mechanosensitive ion channel component 1'
2 non-polymer (9R,11S)-9-({[(1S)-1-HYDROXYHEXADECYL]OXY}METHYL)-2,2-DIMETHYL-5,7,10-TRIOXA-2LAMBDA~5~-AZA-6LAMBDA~5~-PHOSPHAOCTACOSANE-6,6,11-TRIOL
#
_entity_poly.entity_id   1
_entity_poly.type   'polypeptide(L)'
_entity_poly.pdbx_seq_one_letter_code
;MEPHVLGAGLYWLLLPCTLLAASLLRFNALSLVYLLFLLLLPWLPGPSRHSIPGHTGRLLRALLCLSLLFLVAHLAFQIC
LHTVPHLDQFLGQNGSLWVKVSQHIGVTRLDLKDIFNTTRLVAPDLGVLLASSLCLGLCGRLTRKAGQSRRTQELQDDDD
DDDDDDEDIDAAPAVGLKGAPALATKRRLWLASRFRVTAHWLLMTSGRTLVIVLLALAGIAHPSAFSSIYLVVFLAICTW
WSCHFPLSPLGFNTLCVMVSCFGAGHLICLYCYQTPFIQDMLPPGNIWARLFGLKNFVDLPNYSSPNALVLNTKHAWPIY
VSPGILLLLYYTATSLLKLHKSCPSELRKETPREDEEHELELDHLEPEPQARDATQGEMPMTTEPDLDNCTVHVLTSQSP
VRQRPVRPRLAELKEMSPLHGLGHLIMDQSYVCALIAMMVWSIMYHSWLTFVLLLWACLIWTVRSRHQLAMLCSPCILLY
GLTLCCLRYVWAMELPELPTTLGPVSLHQLGLEHTRYPCLDLGAMLLYLLTFWLLLRQFVKEKLLKKQKVPAALLEVTVA
DTEPTQTQTLLRSLGELVTGIYVKYWIYVCAGMFIVVSFAGRLVVYKIVYMFLFLLCLTLFQVYYTLWRKLLRVFWWLVV
AYTMLVLIAVYTFQFQDFPTYWRNLTGFTDEQLGDLGLEQFSVSELFSSILIPGFFLLACILQLHYFHRPFMQLTDLEHV
PPPGTRHPRWAHRQDAVSEAPLLEHQEEEEVFREDGQSMDGPHQATQVPEGTASKWGLVADRLLDLAASFSAVLTRIQVF
VRRLLELHVFKLVALYTVWVALKEVSVMNLLLVVLWAFALPYPRFRPMASCLSTVWTCIIIVCKMLYQLKIVNPHEYSSN
CTEPFPNNTNLQPLEINQSLLYRGPVDPANWFGVRKGYPNLGYIQNHLQILLLLVFEAVVYRRQEHYRRQHQQAPLPAQA
VCADGTRQRLDQDLLSCLKYFINFFFYKFGLEICFLMAVNVIGQRMNFMVILHGCWLVAILTRRRREAIARLWPNYCLFL
TLFLLYQYLLCLGMPPALCIDYPWRWSKAIPMNSALIKWLYLPDFFRAPNSTNLISDFLLLLCASQQWQVFSAERTEEWQ
RMAGINTDHLEPLRGEPNPIPNFIHCRSYLDMLKVAVFRYLFWLVLVVVFVAGATRISIFGLGYLLACFYLLLFGTTLLQ
KDTRAQLVLWDCLILYNVTVIISKNMLSLLSCVFVEQMQSNFCWVIQLFSLVCTVKGYYDPKEMMTRDRDCLLPVEEAGI
IWDSICFFFLLLQRRIFLSHYFLHVSADLKATALQASRGFALYNAANLKSINFHRQIEEKSLAQLKRQMKRIRAKQEKYR
QSQASRGQLQSKDPQDPSQEPGPDSPGGSSPPRRQWWRPWLDHATVIHSGDYFLFESDSEEEEEALPEDPRPAAQSAFQM
AYQAWVTNAQTVLRQRRERARQERAEQLASGGDLNPDVEPVDVPEDEMAGRSHMMQRVLSTMQFLWVLGQATVDGLTRWL
RAFTKHHRTMSDVLCAERYLLTQELLRVGEVRRGVLDQLYVGEDEATLSGPVETRDGPSTASSGLGAEEPLSSMTDDTSS
PLSTGYNTRSGSEEIVTDAGDLQAGTSLHGSQELLANARTRMRTASELLLDRRLHIPELEEAERFEAQQGRTLRLLRAGY
QCVAAHSELLCYFIIILNHMVTASAASLVLPVLVFLWAMLTIPRPSKRFWMTAIVFTEVMVVTKYLFQFGFFPWNSYVVL
RRYENKPYFPPRILGLEKTDSYIKYDLVQLMALFFHRSQLLCYGLWDHEEDRYPKDHCRSSVKDREAKEEPEAKLESQSE
TGTGHPKEPVLAGTPRDHIQGKGSIRSKDVIQDPPEDLKPRHTRHISIRFRRRKETPGPKGTAVMETEHEEGEGKETTER
KRPRHTQEKSKFRERMKAAGRRLQSFCVSLAQSFYQPLQRFFHDILHTKYRAATDVYALMFLADIVDIIIIIFGFWAFGK
HSAATDIASSLSDDQVPQAFLFMLLVQFGTMVIDRALYLRKTVLGKLAFQVVLVVAIHIWMFFILPAVTERMFSQNAVAQ
LWYFVKCIYFALSAYQIRCGYPTRILGNFLTKKYNHLNLFLFQGFRLVPFLVELRAVMDWVWTDTTLSLSNWMCVEDIYA
NIFIIKCSRETEKKYPQPKGQKKKKIVKYGMGGLIILFLIAIIWFPLLFMSLIRSVVGVVNQPIDVTVTLKLGGYEPLFT
MSAQQPSIVPFTPQAYEELSQQFDPYPLAMQFISQYSPEDIVTAQIEGSSGALWRISPPSRAQMKQELYNGTADITLRFT
WNFQRDLAKGGTVEYTNEKHTLELAPNSTARRQLAQLLEGRPDQSVVIPHLFPKYIRAPNGPEANPVKQLQPDEEEDYLG
VRIQLRREQVGTGASGEQAGTKASDFLEWWVIELQDCKADCNLLPMVIFSDKVSPPSLGFLAGYGIVGLYVSIVLVVGKF
VRGFFSEISHSIMFEELPCVDRILKLCQDIFLVRETRELELEEELYAKLIFLYRSPETMIKWTRERE
;
_entity_poly.pdbx_strand_id   A,C,E
#
# COMPACT_ATOMS: atom_id res chain seq x y z
N GLU A 576 25.77 -89.60 -40.98
CA GLU A 576 25.70 -88.21 -40.58
C GLU A 576 24.28 -87.69 -40.70
N LEU A 577 24.08 -86.43 -40.32
CA LEU A 577 22.75 -85.83 -40.43
C LEU A 577 22.29 -85.80 -41.88
N VAL A 578 23.19 -85.43 -42.80
CA VAL A 578 22.85 -85.45 -44.20
C VAL A 578 22.55 -86.87 -44.66
N THR A 579 23.37 -87.82 -44.20
CA THR A 579 23.15 -89.22 -44.55
C THR A 579 21.82 -89.72 -44.02
N GLY A 580 21.48 -89.38 -42.77
CA GLY A 580 20.20 -89.79 -42.22
C GLY A 580 19.04 -89.20 -42.99
N ILE A 581 19.15 -87.92 -43.36
CA ILE A 581 18.08 -87.28 -44.12
C ILE A 581 17.92 -87.96 -45.48
N TYR A 582 19.04 -88.28 -46.13
CA TYR A 582 18.96 -88.95 -47.43
C TYR A 582 18.31 -90.32 -47.29
N VAL A 583 18.66 -91.06 -46.24
CA VAL A 583 18.05 -92.37 -46.02
C VAL A 583 16.55 -92.20 -45.82
N LYS A 584 16.15 -91.21 -45.03
CA LYS A 584 14.75 -90.93 -44.81
C LYS A 584 14.07 -90.33 -46.03
N TYR A 585 14.83 -89.89 -47.04
CA TYR A 585 14.25 -89.28 -48.24
C TYR A 585 13.93 -90.35 -49.27
N TRP A 586 12.91 -91.15 -48.94
CA TRP A 586 12.47 -92.23 -49.82
C TRP A 586 11.17 -91.92 -50.54
N ILE A 587 10.17 -91.40 -49.82
CA ILE A 587 8.89 -91.05 -50.41
C ILE A 587 9.02 -89.93 -51.43
N TYR A 588 10.09 -89.15 -51.35
CA TYR A 588 10.29 -88.04 -52.27
C TYR A 588 10.33 -88.51 -53.72
N VAL A 589 10.95 -89.67 -53.98
CA VAL A 589 11.01 -90.18 -55.35
C VAL A 589 9.61 -90.48 -55.86
N CYS A 590 8.77 -91.10 -55.03
CA CYS A 590 7.40 -91.39 -55.44
C CYS A 590 6.63 -90.10 -55.69
N ALA A 591 6.83 -89.10 -54.81
CA ALA A 591 6.15 -87.82 -55.00
C ALA A 591 6.57 -87.16 -56.30
N GLY A 592 7.87 -87.21 -56.60
CA GLY A 592 8.35 -86.65 -57.86
C GLY A 592 7.76 -87.36 -59.05
N MET A 593 7.65 -88.70 -58.98
CA MET A 593 7.05 -89.45 -60.07
C MET A 593 5.60 -89.04 -60.27
N PHE A 594 4.86 -88.87 -59.18
CA PHE A 594 3.48 -88.43 -59.29
C PHE A 594 3.39 -87.04 -59.89
N ILE A 595 4.30 -86.14 -59.47
CA ILE A 595 4.29 -84.78 -59.99
C ILE A 595 4.56 -84.79 -61.48
N VAL A 596 5.51 -85.61 -61.92
CA VAL A 596 5.79 -85.72 -63.35
C VAL A 596 4.55 -86.24 -64.07
N VAL A 597 3.89 -87.22 -63.47
CA VAL A 597 2.67 -87.78 -64.05
C VAL A 597 1.61 -86.69 -64.20
N SER A 598 1.45 -85.88 -63.16
CA SER A 598 0.38 -84.90 -63.10
C SER A 598 0.75 -83.59 -63.79
N PHE A 599 -0.20 -83.06 -64.56
CA PHE A 599 -0.07 -81.76 -65.20
C PHE A 599 1.18 -81.67 -66.07
N ALA A 600 1.44 -82.72 -66.85
CA ALA A 600 2.62 -82.71 -67.72
C ALA A 600 2.28 -82.01 -69.04
N GLY A 601 1.95 -80.72 -68.91
CA GLY A 601 1.62 -79.90 -70.07
C GLY A 601 0.56 -80.57 -70.92
N ARG A 602 0.81 -80.60 -72.23
CA ARG A 602 -0.06 -81.32 -73.14
C ARG A 602 0.09 -82.81 -72.86
N LEU A 603 -1.00 -83.55 -72.97
CA LEU A 603 -0.97 -84.96 -72.59
C LEU A 603 -0.67 -85.82 -73.82
N VAL A 604 0.42 -86.58 -73.72
CA VAL A 604 0.79 -87.53 -74.76
C VAL A 604 0.04 -88.81 -74.43
N VAL A 605 -1.23 -88.86 -74.85
CA VAL A 605 -2.24 -89.87 -74.53
C VAL A 605 -1.62 -91.17 -74.02
N TYR A 606 -0.66 -91.73 -74.75
CA TYR A 606 0.00 -92.95 -74.29
C TYR A 606 0.76 -92.71 -73.00
N LYS A 607 1.52 -91.61 -72.93
CA LYS A 607 2.28 -91.31 -71.71
C LYS A 607 1.35 -91.04 -70.54
N ILE A 608 0.28 -90.28 -70.78
CA ILE A 608 -0.67 -89.99 -69.70
C ILE A 608 -1.31 -91.26 -69.21
N VAL A 609 -1.66 -92.16 -70.14
CA VAL A 609 -2.26 -93.44 -69.76
C VAL A 609 -1.29 -94.25 -68.93
N TYR A 610 -0.02 -94.26 -69.33
CA TYR A 610 0.99 -94.98 -68.56
C TYR A 610 1.11 -94.41 -67.15
N MET A 611 1.11 -93.07 -67.05
CA MET A 611 1.21 -92.44 -65.74
C MET A 611 0.02 -92.80 -64.85
N PHE A 612 -1.19 -92.75 -65.42
CA PHE A 612 -2.37 -93.10 -64.65
C PHE A 612 -2.32 -94.57 -64.23
N LEU A 613 -1.89 -95.44 -65.13
CA LEU A 613 -1.78 -96.86 -64.80
C LEU A 613 -0.77 -97.06 -63.68
N PHE A 614 0.34 -96.33 -63.72
CA PHE A 614 1.34 -96.44 -62.67
C PHE A 614 0.75 -96.00 -61.34
N LEU A 615 0.00 -94.90 -61.34
CA LEU A 615 -0.62 -94.43 -60.10
C LEU A 615 -1.58 -95.46 -59.56
N LEU A 616 -2.42 -96.03 -60.43
CA LEU A 616 -3.37 -97.03 -60.01
C LEU A 616 -2.67 -98.26 -59.46
N CYS A 617 -1.61 -98.70 -60.13
CA CYS A 617 -0.84 -99.83 -59.65
C CYS A 617 -0.25 -99.53 -58.29
N LEU A 618 0.24 -98.31 -58.10
CA LEU A 618 0.80 -97.93 -56.81
C LEU A 618 -0.27 -98.01 -55.73
N THR A 619 -1.47 -97.55 -56.03
CA THR A 619 -2.56 -97.65 -55.06
C THR A 619 -2.89 -99.11 -54.77
N LEU A 620 -2.92 -99.94 -55.81
CA LEU A 620 -3.21 -101.35 -55.62
C LEU A 620 -2.17 -101.99 -54.73
N PHE A 621 -0.91 -101.66 -54.94
CA PHE A 621 0.16 -102.17 -54.08
C PHE A 621 0.00 -101.66 -52.67
N GLN A 622 -0.36 -100.38 -52.51
CA GLN A 622 -0.51 -99.82 -51.18
C GLN A 622 -1.57 -100.59 -50.40
N VAL A 623 -2.68 -100.91 -51.06
CA VAL A 623 -3.67 -101.77 -50.42
C VAL A 623 -3.07 -103.14 -50.16
N TYR A 624 -2.34 -103.66 -51.15
CA TYR A 624 -1.62 -104.92 -51.05
C TYR A 624 -0.49 -104.87 -50.04
N TYR A 625 -0.07 -103.67 -49.65
CA TYR A 625 1.11 -103.36 -48.83
C TYR A 625 1.92 -104.57 -48.37
N THR A 626 1.29 -105.57 -47.76
CA THR A 626 2.01 -106.80 -47.45
C THR A 626 2.50 -107.45 -48.73
N LEU A 627 1.62 -107.56 -49.72
CA LEU A 627 2.05 -108.03 -51.04
C LEU A 627 2.99 -107.01 -51.66
N TRP A 628 2.71 -105.72 -51.47
CA TRP A 628 3.61 -104.69 -51.97
C TRP A 628 4.97 -104.82 -51.30
N ARG A 629 4.97 -105.12 -49.99
CA ARG A 629 6.23 -105.37 -49.31
C ARG A 629 6.95 -106.54 -49.95
N LYS A 630 6.20 -107.56 -50.36
CA LYS A 630 6.82 -108.68 -51.05
C LYS A 630 7.44 -108.24 -52.37
N LEU A 631 6.79 -107.34 -53.11
CA LEU A 631 7.25 -106.92 -54.44
C LEU A 631 7.26 -105.39 -54.58
N LEU A 632 8.03 -104.70 -53.74
CA LEU A 632 8.08 -103.24 -53.83
C LEU A 632 9.23 -102.76 -54.72
N ARG A 633 10.43 -103.32 -54.51
CA ARG A 633 11.55 -102.93 -55.36
C ARG A 633 11.26 -103.28 -56.80
N VAL A 634 10.62 -104.43 -57.02
CA VAL A 634 10.26 -104.83 -58.37
C VAL A 634 9.32 -103.79 -58.97
N PHE A 635 8.40 -103.28 -58.17
CA PHE A 635 7.47 -102.26 -58.64
C PHE A 635 8.22 -101.00 -59.05
N TRP A 636 9.19 -100.56 -58.24
CA TRP A 636 9.96 -99.39 -58.59
C TRP A 636 10.75 -99.61 -59.87
N TRP A 637 11.37 -100.79 -59.99
CA TRP A 637 12.13 -101.10 -61.19
C TRP A 637 11.24 -101.12 -62.42
N LEU A 638 10.03 -101.69 -62.28
CA LEU A 638 9.09 -101.71 -63.39
C LEU A 638 8.68 -100.31 -63.80
N VAL A 639 8.47 -99.43 -62.81
CA VAL A 639 8.11 -98.05 -63.14
C VAL A 639 9.25 -97.38 -63.90
N VAL A 640 10.48 -97.61 -63.47
CA VAL A 640 11.63 -97.05 -64.16
C VAL A 640 11.70 -97.60 -65.59
N ALA A 641 11.44 -98.89 -65.74
CA ALA A 641 11.46 -99.51 -67.05
C ALA A 641 10.40 -98.91 -67.96
N TYR A 642 9.20 -98.67 -67.44
CA TYR A 642 8.15 -98.07 -68.25
C TYR A 642 8.52 -96.66 -68.66
N THR A 643 9.16 -95.92 -67.76
CA THR A 643 9.60 -94.57 -68.12
C THR A 643 10.65 -94.63 -69.23
N MET A 644 11.59 -95.57 -69.12
CA MET A 644 12.63 -95.71 -70.14
C MET A 644 12.01 -96.08 -71.48
N LEU A 645 11.02 -96.98 -71.45
CA LEU A 645 10.36 -97.39 -72.68
C LEU A 645 9.67 -96.19 -73.33
N VAL A 646 9.01 -95.35 -72.52
CA VAL A 646 8.34 -94.18 -73.07
C VAL A 646 9.35 -93.24 -73.71
N LEU A 647 10.48 -92.99 -73.04
CA LEU A 647 11.49 -92.11 -73.62
C LEU A 647 12.03 -92.67 -74.93
N ILE A 648 12.30 -93.99 -74.95
CA ILE A 648 12.81 -94.61 -76.15
C ILE A 648 11.80 -94.48 -77.28
N ALA A 649 10.52 -94.67 -76.97
CA ALA A 649 9.48 -94.51 -77.96
C ALA A 649 9.46 -93.09 -78.50
N VAL A 650 9.63 -92.11 -77.61
CA VAL A 650 9.65 -90.72 -78.04
C VAL A 650 10.76 -90.51 -79.05
N TYR A 651 11.93 -91.09 -78.79
CA TYR A 651 13.01 -91.00 -79.76
C TYR A 651 12.64 -91.68 -81.08
N THR A 652 12.03 -92.87 -80.99
CA THR A 652 11.72 -93.63 -82.20
C THR A 652 10.75 -92.92 -83.12
N PHE A 653 9.76 -92.21 -82.57
CA PHE A 653 8.78 -91.60 -83.47
C PHE A 653 9.37 -90.50 -84.33
N GLN A 654 10.58 -90.02 -84.04
CA GLN A 654 11.21 -89.03 -84.91
C GLN A 654 11.39 -89.59 -86.32
N PHE A 655 11.97 -90.77 -86.43
CA PHE A 655 11.98 -91.48 -87.70
C PHE A 655 10.55 -91.69 -88.21
N GLN A 656 10.39 -91.70 -89.53
CA GLN A 656 9.07 -91.83 -90.14
C GLN A 656 8.77 -93.21 -90.73
N ASP A 657 9.77 -93.93 -91.23
CA ASP A 657 9.51 -95.21 -91.88
C ASP A 657 8.97 -96.24 -90.89
N PHE A 658 9.61 -96.36 -89.73
CA PHE A 658 9.15 -97.34 -88.75
C PHE A 658 7.76 -97.05 -88.21
N PRO A 659 7.36 -95.81 -87.90
CA PRO A 659 5.96 -95.60 -87.52
C PRO A 659 4.99 -96.00 -88.61
N THR A 660 5.32 -95.76 -89.89
CA THR A 660 4.48 -96.25 -90.98
C THR A 660 4.38 -97.77 -90.96
N TYR A 661 5.51 -98.44 -90.71
CA TYR A 661 5.51 -99.90 -90.59
C TYR A 661 4.59 -100.34 -89.45
N TRP A 662 4.69 -99.64 -88.31
CA TRP A 662 3.86 -99.98 -87.16
C TRP A 662 2.38 -99.81 -87.51
N ARG A 663 2.06 -98.74 -88.24
CA ARG A 663 0.68 -98.52 -88.66
C ARG A 663 0.21 -99.66 -89.55
N ASN A 664 1.07 -100.09 -90.47
CA ASN A 664 0.70 -101.17 -91.39
C ASN A 664 0.44 -102.47 -90.64
N LEU A 665 1.32 -102.81 -89.70
CA LEU A 665 1.13 -104.05 -88.94
C LEU A 665 -0.10 -103.97 -88.03
N THR A 666 -0.22 -102.88 -87.28
CA THR A 666 -1.35 -102.72 -86.35
C THR A 666 -2.67 -102.54 -87.10
N GLY A 667 -2.66 -101.76 -88.17
CA GLY A 667 -3.88 -101.44 -88.88
C GLY A 667 -4.59 -100.16 -88.48
N PHE A 668 -4.10 -99.45 -87.47
CA PHE A 668 -4.66 -98.15 -87.13
C PHE A 668 -3.78 -97.04 -87.69
N THR A 669 -4.39 -95.88 -87.87
CA THR A 669 -3.75 -94.79 -88.58
C THR A 669 -2.64 -94.13 -87.77
N ASP A 670 -1.66 -93.59 -88.49
CA ASP A 670 -0.62 -92.76 -87.88
C ASP A 670 -1.08 -91.34 -87.68
N GLU A 671 -2.28 -91.01 -88.15
CA GLU A 671 -2.83 -89.66 -87.97
C GLU A 671 -2.98 -89.33 -86.49
N GLN A 672 -3.39 -90.32 -85.69
CA GLN A 672 -3.48 -90.15 -84.24
C GLN A 672 -2.11 -89.84 -83.65
N LEU A 673 -1.09 -90.60 -84.06
CA LEU A 673 0.27 -90.34 -83.59
C LEU A 673 0.76 -88.98 -84.04
N GLY A 674 0.43 -88.60 -85.27
CA GLY A 674 0.79 -87.27 -85.75
C GLY A 674 0.17 -86.20 -84.88
N ASP A 675 -1.08 -86.42 -84.45
CA ASP A 675 -1.68 -85.50 -83.51
C ASP A 675 -0.87 -85.48 -82.21
N LEU A 676 -0.43 -86.66 -81.76
CA LEU A 676 0.45 -86.71 -80.60
C LEU A 676 1.76 -85.99 -80.88
N GLY A 677 2.32 -86.17 -82.07
CA GLY A 677 3.51 -85.44 -82.48
C GLY A 677 4.79 -86.24 -82.64
N LEU A 678 5.00 -86.82 -83.81
CA LEU A 678 6.20 -87.60 -84.09
C LEU A 678 7.48 -86.78 -84.11
N GLU A 679 7.41 -85.46 -83.95
CA GLU A 679 8.55 -84.58 -84.16
C GLU A 679 9.11 -84.10 -82.83
N GLN A 680 10.40 -83.76 -82.84
CA GLN A 680 11.05 -83.22 -81.65
C GLN A 680 10.64 -81.76 -81.47
N PHE A 681 9.74 -81.51 -80.52
CA PHE A 681 9.15 -80.19 -80.39
C PHE A 681 10.06 -79.21 -79.67
N SER A 682 9.49 -78.10 -79.23
CA SER A 682 10.26 -76.93 -78.81
C SER A 682 11.08 -77.22 -77.57
N VAL A 683 11.80 -76.17 -77.13
CA VAL A 683 12.69 -76.29 -75.97
C VAL A 683 11.90 -76.70 -74.74
N SER A 684 10.70 -76.17 -74.57
CA SER A 684 9.88 -76.56 -73.42
C SER A 684 9.52 -78.04 -73.48
N GLU A 685 9.09 -78.51 -74.65
CA GLU A 685 8.72 -79.91 -74.80
C GLU A 685 9.92 -80.83 -74.62
N LEU A 686 11.05 -80.50 -75.24
CA LEU A 686 12.24 -81.34 -75.10
C LEU A 686 12.72 -81.36 -73.66
N PHE A 687 12.73 -80.19 -73.00
CA PHE A 687 13.16 -80.11 -71.62
C PHE A 687 12.24 -80.92 -70.71
N SER A 688 10.92 -80.82 -70.92
CA SER A 688 10.00 -81.58 -70.11
C SER A 688 10.18 -83.08 -70.31
N SER A 689 10.32 -83.52 -71.56
CA SER A 689 10.52 -84.94 -71.82
C SER A 689 11.80 -85.44 -71.18
N ILE A 690 12.88 -84.67 -71.28
CA ILE A 690 14.14 -85.06 -70.66
C ILE A 690 14.01 -85.10 -69.15
N LEU A 691 13.31 -84.10 -68.58
CA LEU A 691 13.14 -84.06 -67.14
C LEU A 691 12.37 -85.28 -66.65
N ILE A 692 11.32 -85.66 -67.37
CA ILE A 692 10.58 -86.86 -67.00
C ILE A 692 11.48 -88.09 -67.08
N PRO A 693 12.20 -88.34 -68.18
CA PRO A 693 13.16 -89.45 -68.15
C PRO A 693 14.27 -89.20 -67.16
N GLY A 694 14.74 -87.95 -67.07
CA GLY A 694 15.77 -87.63 -66.09
C GLY A 694 15.29 -87.82 -64.67
N PHE A 695 14.05 -87.40 -64.39
CA PHE A 695 13.49 -87.63 -63.06
C PHE A 695 13.41 -89.12 -62.80
N PHE A 696 13.01 -89.89 -63.81
CA PHE A 696 12.94 -91.33 -63.66
C PHE A 696 14.32 -91.91 -63.33
N LEU A 697 15.35 -91.41 -64.01
CA LEU A 697 16.70 -91.88 -63.73
C LEU A 697 17.11 -91.53 -62.31
N LEU A 698 16.80 -90.32 -61.86
CA LEU A 698 17.13 -89.93 -60.50
C LEU A 698 16.41 -90.80 -59.50
N ALA A 699 15.13 -91.08 -59.75
CA ALA A 699 14.37 -91.95 -58.87
C ALA A 699 14.94 -93.36 -58.84
N CYS A 700 15.35 -93.88 -60.00
CA CYS A 700 15.95 -95.21 -60.05
C CYS A 700 17.24 -95.23 -59.25
N ILE A 701 18.03 -94.16 -59.36
CA ILE A 701 19.27 -94.08 -58.59
C ILE A 701 18.95 -94.06 -57.10
N LEU A 702 17.92 -93.33 -56.70
CA LEU A 702 17.53 -93.30 -55.29
C LEU A 702 17.07 -94.68 -54.84
N GLN A 703 16.33 -95.38 -55.70
CA GLN A 703 15.88 -96.73 -55.39
C GLN A 703 17.06 -97.65 -55.19
N LEU A 704 18.06 -97.54 -56.06
CA LEU A 704 19.26 -98.35 -55.89
C LEU A 704 19.96 -97.99 -54.59
N HIS A 705 20.01 -96.69 -54.25
CA HIS A 705 20.67 -96.26 -53.03
C HIS A 705 19.96 -96.80 -51.79
N TYR A 706 18.64 -96.79 -51.76
CA TYR A 706 17.88 -97.22 -50.59
C TYR A 706 17.25 -98.57 -50.86
N PHE A 707 17.61 -99.56 -50.04
CA PHE A 707 17.06 -100.91 -50.16
C PHE A 707 15.66 -100.97 -49.58
N HIS A 708 14.93 -102.03 -49.95
CA HIS A 708 13.59 -102.20 -49.39
C HIS A 708 13.67 -102.34 -47.88
N ARG A 709 14.67 -103.07 -47.40
CA ARG A 709 14.88 -103.17 -45.96
C ARG A 709 15.16 -101.80 -45.39
N PRO A 710 15.93 -100.93 -46.06
CA PRO A 710 16.13 -99.58 -45.51
C PRO A 710 14.82 -98.85 -45.38
N PHE A 711 13.90 -99.05 -46.33
CA PHE A 711 12.59 -98.44 -46.23
C PHE A 711 11.82 -98.98 -45.02
N MET A 712 11.91 -100.29 -44.79
CA MET A 712 11.23 -100.88 -43.64
C MET A 712 11.75 -100.29 -42.35
N GLN A 713 13.07 -100.14 -42.25
CA GLN A 713 13.64 -99.48 -41.07
C GLN A 713 13.20 -98.01 -41.03
N LEU A 714 13.07 -97.40 -42.21
CA LEU A 714 12.69 -96.00 -42.35
C LEU A 714 11.31 -95.74 -41.77
N THR A 715 10.45 -96.77 -41.75
CA THR A 715 9.11 -96.56 -41.22
C THR A 715 9.18 -95.98 -39.82
N ASP A 716 10.07 -96.51 -38.98
CA ASP A 716 10.29 -95.89 -37.67
C ASP A 716 10.85 -94.50 -37.89
N LEU A 717 10.37 -93.53 -37.11
CA LEU A 717 10.81 -92.15 -37.29
C LEU A 717 11.22 -91.55 -35.96
N GLU A 718 12.07 -90.53 -36.05
CA GLU A 718 12.58 -89.82 -34.88
C GLU A 718 12.95 -88.39 -35.23
N LEU A 784 20.49 -75.76 -27.43
CA LEU A 784 20.76 -77.16 -27.74
C LEU A 784 19.76 -78.08 -27.04
N ASP A 785 19.69 -77.95 -25.71
CA ASP A 785 18.78 -78.77 -24.91
C ASP A 785 17.33 -78.52 -25.29
N LEU A 786 16.97 -77.25 -25.52
CA LEU A 786 15.60 -76.91 -25.86
C LEU A 786 15.15 -77.61 -27.14
N ALA A 787 16.05 -77.70 -28.13
CA ALA A 787 15.68 -78.38 -29.37
C ALA A 787 15.38 -79.84 -29.13
N ALA A 788 16.18 -80.53 -28.31
CA ALA A 788 15.92 -81.93 -28.00
C ALA A 788 14.60 -82.11 -27.26
N SER A 789 14.32 -81.23 -26.29
CA SER A 789 13.06 -81.31 -25.57
C SER A 789 11.89 -81.10 -26.52
N PHE A 790 12.02 -80.13 -27.43
CA PHE A 790 10.97 -79.88 -28.40
C PHE A 790 10.76 -81.08 -29.30
N SER A 791 11.86 -81.73 -29.70
CA SER A 791 11.75 -82.92 -30.54
C SER A 791 11.02 -84.04 -29.80
N ALA A 792 11.33 -84.23 -28.52
CA ALA A 792 10.64 -85.26 -27.74
C ALA A 792 9.15 -84.94 -27.63
N VAL A 793 8.82 -83.68 -27.37
CA VAL A 793 7.41 -83.30 -27.26
C VAL A 793 6.71 -83.52 -28.60
N LEU A 794 7.40 -83.17 -29.70
CA LEU A 794 6.84 -83.38 -31.03
C LEU A 794 6.59 -84.85 -31.29
N THR A 795 7.52 -85.71 -30.87
CA THR A 795 7.32 -87.14 -31.05
C THR A 795 6.09 -87.61 -30.28
N ARG A 796 5.93 -87.13 -29.05
CA ARG A 796 4.74 -87.50 -28.28
C ARG A 796 3.49 -87.03 -29.00
N ILE A 797 3.56 -85.83 -29.56
CA ILE A 797 2.42 -85.28 -30.31
C ILE A 797 2.11 -86.20 -31.48
N GLN A 798 3.07 -86.39 -32.38
CA GLN A 798 2.97 -87.29 -33.52
C GLN A 798 2.31 -88.61 -33.13
N VAL A 799 2.72 -89.16 -31.99
CA VAL A 799 2.12 -90.42 -31.54
C VAL A 799 0.64 -90.20 -31.25
N PHE A 800 0.31 -89.08 -30.60
CA PHE A 800 -1.09 -88.78 -30.30
C PHE A 800 -1.89 -88.61 -31.60
N VAL A 801 -1.29 -87.96 -32.59
CA VAL A 801 -1.94 -87.76 -33.87
C VAL A 801 -2.20 -89.12 -34.50
N ARG A 802 -1.25 -90.03 -34.39
CA ARG A 802 -1.45 -91.37 -34.92
C ARG A 802 -2.62 -92.04 -34.20
N ARG A 803 -2.69 -91.86 -32.88
CA ARG A 803 -3.80 -92.45 -32.14
C ARG A 803 -5.14 -91.90 -32.60
N LEU A 804 -5.21 -90.58 -32.81
CA LEU A 804 -6.43 -89.93 -33.24
C LEU A 804 -6.67 -90.07 -34.72
N LEU A 805 -5.74 -90.72 -35.42
CA LEU A 805 -5.81 -90.81 -36.86
C LEU A 805 -7.07 -91.48 -37.34
N GLU A 806 -7.61 -92.47 -36.61
CA GLU A 806 -8.80 -93.15 -37.12
C GLU A 806 -9.97 -92.17 -37.27
N LEU A 807 -10.24 -91.41 -36.21
CA LEU A 807 -11.31 -90.41 -36.27
C LEU A 807 -10.97 -89.33 -37.27
N HIS A 808 -9.73 -88.87 -37.28
CA HIS A 808 -9.33 -87.81 -38.20
C HIS A 808 -9.48 -88.27 -39.63
N VAL A 809 -9.11 -89.51 -39.93
CA VAL A 809 -9.19 -90.07 -41.26
C VAL A 809 -10.63 -90.17 -41.71
N PHE A 810 -11.50 -90.67 -40.83
CA PHE A 810 -12.90 -90.76 -41.22
C PHE A 810 -13.45 -89.37 -41.51
N LYS A 811 -13.13 -88.40 -40.64
CA LYS A 811 -13.64 -87.05 -40.84
C LYS A 811 -13.09 -86.46 -42.14
N LEU A 812 -11.81 -86.67 -42.41
CA LEU A 812 -11.21 -86.15 -43.63
C LEU A 812 -11.84 -86.76 -44.86
N VAL A 813 -12.07 -88.08 -44.83
CA VAL A 813 -12.67 -88.74 -45.98
C VAL A 813 -14.04 -88.16 -46.22
N ALA A 814 -14.81 -87.97 -45.16
CA ALA A 814 -16.13 -87.41 -45.31
C ALA A 814 -16.05 -85.99 -45.84
N LEU A 815 -15.13 -85.18 -45.31
CA LEU A 815 -15.02 -83.80 -45.74
C LEU A 815 -14.68 -83.71 -47.21
N TYR A 816 -13.75 -84.55 -47.66
CA TYR A 816 -13.39 -84.55 -49.07
C TYR A 816 -14.58 -84.96 -49.91
N THR A 817 -15.31 -85.98 -49.47
CA THR A 817 -16.46 -86.45 -50.22
C THR A 817 -17.50 -85.34 -50.35
N VAL A 818 -17.80 -84.68 -49.23
CA VAL A 818 -18.80 -83.62 -49.23
C VAL A 818 -18.35 -82.46 -50.10
N TRP A 819 -17.09 -82.07 -49.98
CA TRP A 819 -16.61 -80.96 -50.78
C TRP A 819 -16.70 -81.28 -52.25
N VAL A 820 -16.31 -82.50 -52.62
CA VAL A 820 -16.36 -82.91 -54.02
C VAL A 820 -17.81 -82.92 -54.51
N ALA A 821 -18.71 -83.47 -53.71
CA ALA A 821 -20.12 -83.51 -54.10
C ALA A 821 -20.67 -82.11 -54.25
N LEU A 822 -20.32 -81.21 -53.33
CA LEU A 822 -20.80 -79.84 -53.40
C LEU A 822 -20.28 -79.16 -54.65
N LYS A 823 -19.00 -79.35 -54.96
CA LYS A 823 -18.45 -78.78 -56.17
C LYS A 823 -19.11 -79.38 -57.39
N GLU A 824 -19.27 -80.70 -57.40
CA GLU A 824 -19.91 -81.38 -58.52
C GLU A 824 -20.59 -82.65 -58.04
N VAL A 825 -21.75 -82.94 -58.62
CA VAL A 825 -22.51 -84.14 -58.32
C VAL A 825 -22.57 -84.94 -59.59
N SER A 826 -22.20 -86.21 -59.50
CA SER A 826 -22.13 -87.04 -60.69
C SER A 826 -22.33 -88.50 -60.31
N VAL A 827 -22.57 -89.32 -61.34
CA VAL A 827 -22.82 -90.73 -61.10
C VAL A 827 -21.60 -91.34 -60.43
N MET A 828 -21.86 -92.13 -59.39
CA MET A 828 -20.86 -92.82 -58.58
C MET A 828 -20.14 -91.82 -57.68
N ASN A 829 -20.08 -90.56 -58.10
CA ASN A 829 -19.38 -89.56 -57.31
C ASN A 829 -20.03 -89.41 -55.94
N LEU A 830 -21.29 -89.00 -55.93
CA LEU A 830 -22.02 -88.93 -54.67
C LEU A 830 -22.32 -90.33 -54.16
N LEU A 831 -22.60 -91.25 -55.09
CA LEU A 831 -22.96 -92.61 -54.71
C LEU A 831 -21.86 -93.27 -53.89
N LEU A 832 -20.61 -93.04 -54.28
CA LEU A 832 -19.51 -93.61 -53.51
C LEU A 832 -19.50 -93.06 -52.08
N VAL A 833 -19.71 -91.75 -51.94
CA VAL A 833 -19.73 -91.16 -50.61
C VAL A 833 -20.88 -91.75 -49.81
N VAL A 834 -22.03 -91.92 -50.45
CA VAL A 834 -23.19 -92.49 -49.77
C VAL A 834 -22.90 -93.90 -49.32
N LEU A 835 -22.28 -94.69 -50.19
CA LEU A 835 -21.94 -96.06 -49.83
C LEU A 835 -20.95 -96.07 -48.67
N TRP A 836 -19.99 -95.16 -48.70
CA TRP A 836 -19.05 -95.08 -47.59
C TRP A 836 -19.78 -94.75 -46.30
N ALA A 837 -20.72 -93.81 -46.37
CA ALA A 837 -21.52 -93.52 -45.19
C ALA A 837 -22.29 -94.75 -44.75
N PHE A 838 -22.73 -95.56 -45.71
CA PHE A 838 -23.39 -96.82 -45.37
C PHE A 838 -22.45 -97.73 -44.60
N ALA A 839 -21.19 -97.76 -45.00
CA ALA A 839 -20.24 -98.68 -44.40
C ALA A 839 -19.51 -98.11 -43.19
N LEU A 840 -19.74 -96.83 -42.86
CA LEU A 840 -19.10 -96.30 -41.66
C LEU A 840 -19.61 -96.98 -40.40
N PRO A 841 -20.91 -97.27 -40.22
CA PRO A 841 -21.33 -97.85 -38.94
C PRO A 841 -20.67 -99.19 -38.66
N TYR A 842 -20.61 -100.06 -39.64
CA TYR A 842 -20.01 -101.36 -39.38
C TYR A 842 -18.49 -101.24 -39.37
N PRO A 843 -17.85 -101.67 -38.29
CA PRO A 843 -16.39 -101.57 -38.20
C PRO A 843 -15.61 -102.47 -39.14
N ARG A 844 -15.96 -103.76 -39.16
CA ARG A 844 -15.16 -104.75 -39.90
C ARG A 844 -15.15 -104.47 -41.41
N PHE A 845 -16.30 -104.13 -42.00
CA PHE A 845 -16.30 -103.78 -43.41
C PHE A 845 -15.50 -102.51 -43.68
N ARG A 846 -15.46 -101.60 -42.71
CA ARG A 846 -14.87 -100.28 -42.92
C ARG A 846 -13.47 -100.30 -43.52
N PRO A 847 -12.52 -101.14 -43.10
CA PRO A 847 -11.24 -101.18 -43.84
C PRO A 847 -11.41 -101.61 -45.29
N MET A 848 -12.18 -102.66 -45.52
CA MET A 848 -12.46 -103.09 -46.89
C MET A 848 -13.22 -101.99 -47.62
N ALA A 849 -14.14 -101.34 -46.92
CA ALA A 849 -14.89 -100.25 -47.50
C ALA A 849 -13.96 -99.13 -47.93
N SER A 850 -12.97 -98.81 -47.10
CA SER A 850 -12.01 -97.78 -47.47
C SER A 850 -11.22 -98.19 -48.70
N CYS A 851 -10.80 -99.45 -48.76
CA CYS A 851 -10.07 -99.92 -49.94
C CYS A 851 -10.94 -99.80 -51.17
N LEU A 852 -12.24 -100.06 -51.01
CA LEU A 852 -13.11 -100.08 -52.17
C LEU A 852 -13.47 -98.66 -52.58
N SER A 853 -13.62 -97.78 -51.60
CA SER A 853 -13.83 -96.37 -51.87
C SER A 853 -12.63 -95.80 -52.62
N THR A 854 -11.43 -96.18 -52.20
CA THR A 854 -10.24 -95.76 -52.91
C THR A 854 -10.27 -96.28 -54.35
N VAL A 855 -10.70 -97.53 -54.52
CA VAL A 855 -10.79 -98.10 -55.86
C VAL A 855 -11.79 -97.34 -56.71
N TRP A 856 -12.93 -97.00 -56.12
CA TRP A 856 -13.95 -96.24 -56.84
C TRP A 856 -13.42 -94.87 -57.22
N THR A 857 -12.70 -94.23 -56.30
CA THR A 857 -12.12 -92.92 -56.60
C THR A 857 -11.14 -93.04 -57.75
N CYS A 858 -10.34 -94.12 -57.75
CA CYS A 858 -9.41 -94.34 -58.85
C CYS A 858 -10.15 -94.53 -60.16
N ILE A 859 -11.25 -95.28 -60.13
CA ILE A 859 -12.04 -95.49 -61.34
C ILE A 859 -12.59 -94.15 -61.84
N ILE A 860 -13.07 -93.32 -60.92
CA ILE A 860 -13.61 -92.02 -61.29
C ILE A 860 -12.52 -91.16 -61.90
N ILE A 861 -11.33 -91.17 -61.31
CA ILE A 861 -10.22 -90.39 -61.83
C ILE A 861 -9.85 -90.89 -63.23
N VAL A 862 -9.83 -92.21 -63.42
CA VAL A 862 -9.50 -92.77 -64.72
C VAL A 862 -10.53 -92.34 -65.75
N CYS A 863 -11.81 -92.37 -65.38
CA CYS A 863 -12.85 -91.93 -66.30
C CYS A 863 -12.68 -90.46 -66.65
N LYS A 864 -12.37 -89.63 -65.66
CA LYS A 864 -12.15 -88.21 -65.91
C LYS A 864 -10.98 -88.00 -66.85
N MET A 865 -9.90 -88.76 -66.65
CA MET A 865 -8.75 -88.65 -67.54
C MET A 865 -9.12 -89.06 -68.96
N LEU A 866 -9.86 -90.14 -69.11
CA LEU A 866 -10.32 -90.55 -70.43
C LEU A 866 -11.25 -89.50 -71.02
N TYR A 867 -12.13 -88.95 -70.20
CA TYR A 867 -13.06 -87.91 -70.62
C TYR A 867 -12.52 -86.50 -70.39
N GLN A 868 -11.20 -86.35 -70.38
CA GLN A 868 -10.61 -85.02 -70.16
C GLN A 868 -10.98 -84.04 -71.26
N LEU A 869 -11.31 -84.53 -72.44
CA LEU A 869 -11.72 -83.69 -73.56
C LEU A 869 -12.82 -84.40 -74.34
N LYS A 870 -13.60 -83.63 -75.06
CA LYS A 870 -14.69 -84.14 -75.88
C LYS A 870 -14.32 -84.01 -77.36
N ILE A 871 -14.50 -85.10 -78.11
CA ILE A 871 -14.07 -85.19 -79.50
C ILE A 871 -15.27 -85.28 -80.44
N VAL A 872 -16.23 -86.15 -80.12
CA VAL A 872 -17.32 -86.46 -81.05
C VAL A 872 -18.16 -85.22 -81.32
N ASN A 873 -18.60 -84.54 -80.26
CA ASN A 873 -19.52 -83.42 -80.35
C ASN A 873 -20.72 -83.76 -81.23
N PRO A 874 -21.42 -84.87 -80.92
CA PRO A 874 -22.58 -85.35 -81.69
C PRO A 874 -23.76 -84.39 -81.66
N PHE A 912 -23.00 -83.34 -71.81
CA PHE A 912 -23.99 -84.36 -71.46
C PHE A 912 -23.42 -85.36 -70.49
N GLY A 913 -23.46 -85.02 -69.20
CA GLY A 913 -22.89 -85.89 -68.19
C GLY A 913 -21.40 -86.09 -68.34
N VAL A 914 -20.72 -85.14 -68.97
CA VAL A 914 -19.30 -85.22 -69.25
C VAL A 914 -18.65 -83.89 -68.87
N ARG A 915 -17.49 -83.97 -68.23
CA ARG A 915 -16.76 -82.76 -67.85
C ARG A 915 -15.97 -82.23 -69.05
N LYS A 916 -14.97 -82.99 -69.49
CA LYS A 916 -14.13 -82.61 -70.64
C LYS A 916 -13.52 -81.23 -70.44
N GLY A 917 -13.11 -80.94 -69.22
CA GLY A 917 -12.52 -79.65 -68.92
C GLY A 917 -11.20 -79.46 -69.66
N TYR A 918 -11.04 -78.31 -70.31
CA TYR A 918 -9.80 -78.05 -71.03
C TYR A 918 -8.61 -77.98 -70.09
N PRO A 919 -8.66 -77.24 -68.99
CA PRO A 919 -7.51 -77.23 -68.07
C PRO A 919 -7.35 -78.59 -67.40
N ASN A 920 -8.48 -79.11 -66.89
CA ASN A 920 -8.50 -80.42 -66.22
C ASN A 920 -7.43 -80.48 -65.14
N LEU A 921 -7.26 -79.37 -64.43
CA LEU A 921 -6.22 -79.29 -63.41
C LEU A 921 -6.50 -80.25 -62.26
N GLY A 922 -7.73 -80.28 -61.77
CA GLY A 922 -8.06 -81.14 -60.66
C GLY A 922 -9.43 -81.76 -60.64
N TYR A 923 -9.79 -82.51 -61.69
CA TYR A 923 -11.11 -83.12 -61.72
C TYR A 923 -11.28 -84.07 -60.54
N ILE A 924 -10.29 -84.93 -60.30
CA ILE A 924 -10.28 -85.80 -59.15
C ILE A 924 -9.06 -85.55 -58.28
N GLN A 925 -8.30 -84.49 -58.58
CA GLN A 925 -7.06 -84.24 -57.86
C GLN A 925 -7.29 -84.09 -56.38
N ASN A 926 -8.33 -83.35 -56.00
CA ASN A 926 -8.65 -83.27 -54.58
C ASN A 926 -9.07 -84.64 -54.07
N HIS A 927 -9.92 -85.34 -54.83
CA HIS A 927 -10.36 -86.67 -54.42
C HIS A 927 -9.20 -87.67 -54.41
N LEU A 928 -8.38 -87.64 -55.45
CA LEU A 928 -7.24 -88.55 -55.49
C LEU A 928 -6.28 -88.26 -54.35
N GLN A 929 -6.04 -86.98 -54.09
CA GLN A 929 -5.16 -86.59 -52.99
C GLN A 929 -5.72 -87.05 -51.67
N ILE A 930 -7.04 -86.91 -51.48
CA ILE A 930 -7.65 -87.35 -50.24
C ILE A 930 -7.49 -88.85 -50.06
N LEU A 931 -7.72 -89.61 -51.13
CA LEU A 931 -7.55 -91.05 -51.05
C LEU A 931 -6.11 -91.41 -50.73
N LEU A 932 -5.17 -90.73 -51.36
CA LEU A 932 -3.76 -90.99 -51.10
C LEU A 932 -3.43 -90.65 -49.66
N LEU A 933 -3.96 -89.54 -49.15
CA LEU A 933 -3.72 -89.16 -47.76
C LEU A 933 -4.27 -90.21 -46.82
N LEU A 934 -5.45 -90.74 -47.12
CA LEU A 934 -6.02 -91.78 -46.27
C LEU A 934 -5.15 -93.02 -46.27
N VAL A 935 -4.68 -93.43 -47.45
CA VAL A 935 -3.81 -94.59 -47.53
C VAL A 935 -2.52 -94.33 -46.75
N PHE A 936 -1.99 -93.11 -46.89
CA PHE A 936 -0.78 -92.74 -46.17
C PHE A 936 -1.02 -92.80 -44.68
N GLU A 937 -2.20 -92.35 -44.24
CA GLU A 937 -2.54 -92.42 -42.83
C GLU A 937 -2.58 -93.87 -42.37
N ALA A 938 -3.13 -94.75 -43.20
CA ALA A 938 -3.18 -96.16 -42.85
C ALA A 938 -1.78 -96.74 -42.70
N VAL A 939 -0.90 -96.44 -43.66
CA VAL A 939 0.47 -96.94 -43.59
C VAL A 939 1.18 -96.36 -42.37
N VAL A 940 0.96 -95.07 -42.09
CA VAL A 940 1.54 -94.45 -40.92
C VAL A 940 1.05 -95.15 -39.67
N TYR A 941 -0.23 -95.52 -39.67
CA TYR A 941 -0.80 -96.26 -38.55
C TYR A 941 -0.09 -97.59 -38.40
N ARG A 942 0.20 -98.26 -39.52
CA ARG A 942 0.92 -99.53 -39.45
C ARG A 942 2.30 -99.32 -38.85
N ARG A 943 2.99 -98.27 -39.28
CA ARG A 943 4.31 -97.98 -38.71
C ARG A 943 4.21 -97.66 -37.22
N GLN A 944 3.18 -96.90 -36.84
CA GLN A 944 2.96 -96.58 -35.43
C GLN A 944 2.68 -97.84 -34.63
N GLU A 945 1.89 -98.76 -35.18
CA GLU A 945 1.62 -100.02 -34.50
C GLU A 945 2.89 -100.81 -34.32
N HIS A 946 3.75 -100.84 -35.35
CA HIS A 946 5.02 -101.53 -35.22
C HIS A 946 5.86 -100.90 -34.11
N TYR A 947 5.87 -99.57 -34.04
CA TYR A 947 6.59 -98.94 -32.93
C TYR A 947 5.94 -99.27 -31.60
N ARG A 948 4.62 -99.31 -31.56
CA ARG A 948 3.92 -99.62 -30.32
C ARG A 948 4.32 -101.00 -29.84
N ARG A 949 4.58 -101.93 -30.76
CA ARG A 949 5.12 -103.21 -30.37
C ARG A 949 6.44 -103.02 -29.63
N GLN A 950 7.26 -102.09 -30.13
CA GLN A 950 8.48 -101.71 -29.42
C GLN A 950 8.13 -100.86 -28.19
N HIS A 951 8.80 -101.16 -27.07
CA HIS A 951 8.54 -100.46 -25.82
C HIS A 951 7.07 -100.56 -25.41
N GLY A 965 -7.02 -93.52 -9.42
CA GLY A 965 -8.27 -92.98 -9.94
C GLY A 965 -8.07 -91.76 -10.81
N THR A 966 -8.60 -91.85 -12.03
CA THR A 966 -8.51 -90.75 -12.98
C THR A 966 -9.27 -89.52 -12.49
N ARG A 967 -10.40 -89.72 -11.84
CA ARG A 967 -11.23 -88.59 -11.42
C ARG A 967 -10.49 -87.69 -10.44
N GLN A 968 -9.80 -88.29 -9.45
CA GLN A 968 -8.98 -87.44 -8.59
C GLN A 968 -7.85 -86.80 -9.37
N ARG A 969 -7.32 -87.52 -10.38
CA ARG A 969 -6.29 -86.93 -11.22
C ARG A 969 -6.81 -85.63 -11.83
N LEU A 970 -8.10 -85.61 -12.18
CA LEU A 970 -8.74 -84.38 -12.64
C LEU A 970 -8.47 -83.24 -11.68
N ASP A 971 -8.83 -83.47 -10.42
CA ASP A 971 -8.69 -82.52 -9.33
C ASP A 971 -7.28 -81.94 -9.20
N GLN A 972 -6.31 -82.56 -9.87
CA GLN A 972 -4.91 -82.23 -9.59
C GLN A 972 -4.42 -80.99 -10.31
N ASP A 973 -4.36 -81.01 -11.65
CA ASP A 973 -3.71 -79.91 -12.34
C ASP A 973 -4.35 -79.68 -13.71
N LEU A 974 -3.81 -78.69 -14.42
CA LEU A 974 -4.41 -78.23 -15.68
C LEU A 974 -4.37 -79.32 -16.74
N LEU A 975 -3.22 -79.98 -16.91
CA LEU A 975 -3.11 -80.96 -17.98
C LEU A 975 -4.08 -82.10 -17.78
N SER A 976 -4.15 -82.60 -16.54
CA SER A 976 -5.04 -83.73 -16.25
C SER A 976 -6.48 -83.37 -16.50
N CYS A 977 -6.93 -82.26 -15.92
CA CYS A 977 -8.33 -81.89 -16.06
C CYS A 977 -8.67 -81.63 -17.51
N LEU A 978 -7.78 -80.96 -18.25
CA LEU A 978 -8.05 -80.69 -19.65
C LEU A 978 -8.11 -81.96 -20.49
N LYS A 979 -7.15 -82.87 -20.33
CA LYS A 979 -7.16 -84.08 -21.14
C LYS A 979 -8.40 -84.91 -20.84
N TYR A 980 -8.70 -85.06 -19.55
CA TYR A 980 -9.90 -85.78 -19.15
C TYR A 980 -11.13 -85.07 -19.67
N PHE A 981 -11.13 -83.75 -19.58
CA PHE A 981 -12.27 -82.98 -19.99
C PHE A 981 -12.54 -83.17 -21.47
N ILE A 982 -11.50 -83.11 -22.29
CA ILE A 982 -11.71 -83.22 -23.73
C ILE A 982 -12.21 -84.61 -24.11
N ASN A 983 -11.45 -85.66 -23.75
CA ASN A 983 -11.85 -86.97 -24.23
C ASN A 983 -13.19 -87.39 -23.63
N PHE A 984 -13.33 -87.22 -22.32
CA PHE A 984 -14.58 -87.60 -21.67
C PHE A 984 -15.75 -86.76 -22.18
N PHE A 985 -15.52 -85.46 -22.35
CA PHE A 985 -16.58 -84.58 -22.79
C PHE A 985 -17.12 -85.02 -24.11
N PHE A 986 -16.24 -85.28 -25.08
CA PHE A 986 -16.82 -85.66 -26.35
C PHE A 986 -17.45 -87.05 -26.29
N TYR A 987 -16.79 -88.03 -25.66
CA TYR A 987 -17.41 -89.37 -25.77
C TYR A 987 -18.74 -89.43 -25.03
N LYS A 988 -18.90 -88.68 -23.95
CA LYS A 988 -20.14 -88.75 -23.20
C LYS A 988 -21.20 -87.80 -23.75
N PHE A 989 -20.76 -86.62 -24.17
CA PHE A 989 -21.63 -85.53 -24.58
C PHE A 989 -21.85 -85.49 -26.08
N GLY A 990 -21.47 -86.54 -26.79
CA GLY A 990 -21.74 -86.55 -28.21
C GLY A 990 -23.20 -86.38 -28.57
N LEU A 991 -24.11 -86.73 -27.66
CA LEU A 991 -25.51 -86.43 -27.92
C LEU A 991 -25.73 -84.93 -27.99
N GLU A 992 -25.16 -84.20 -27.04
CA GLU A 992 -25.26 -82.76 -27.05
C GLU A 992 -24.57 -82.19 -28.29
N ILE A 993 -23.43 -82.77 -28.63
CA ILE A 993 -22.65 -82.31 -29.77
C ILE A 993 -23.45 -82.48 -31.06
N CYS A 994 -24.08 -83.63 -31.22
CA CYS A 994 -24.90 -83.85 -32.40
C CYS A 994 -26.07 -82.89 -32.38
N PHE A 995 -26.60 -82.62 -31.19
CA PHE A 995 -27.71 -81.68 -31.10
C PHE A 995 -27.28 -80.34 -31.67
N LEU A 996 -26.06 -79.91 -31.31
CA LEU A 996 -25.52 -78.69 -31.86
C LEU A 996 -25.36 -78.77 -33.36
N MET A 997 -24.82 -79.89 -33.84
CA MET A 997 -24.61 -80.00 -35.26
C MET A 997 -25.94 -79.89 -35.99
N ALA A 998 -26.94 -80.58 -35.48
CA ALA A 998 -28.27 -80.57 -36.08
C ALA A 998 -28.86 -79.17 -36.05
N VAL A 999 -28.79 -78.50 -34.91
CA VAL A 999 -29.40 -77.18 -34.82
C VAL A 999 -28.72 -76.21 -35.79
N ASN A 1000 -27.40 -76.24 -35.84
CA ASN A 1000 -26.71 -75.30 -36.70
C ASN A 1000 -27.08 -75.54 -38.15
N VAL A 1001 -26.98 -76.80 -38.61
CA VAL A 1001 -27.32 -77.06 -40.01
C VAL A 1001 -28.77 -76.74 -40.28
N ILE A 1002 -29.68 -77.09 -39.36
CA ILE A 1002 -31.08 -76.82 -39.64
C ILE A 1002 -31.29 -75.33 -39.82
N GLY A 1003 -30.65 -74.51 -38.99
CA GLY A 1003 -30.81 -73.09 -39.18
C GLY A 1003 -30.22 -72.62 -40.50
N GLN A 1004 -29.04 -73.12 -40.85
CA GLN A 1004 -28.36 -72.68 -42.07
C GLN A 1004 -29.09 -73.11 -43.36
N ARG A 1005 -29.51 -74.36 -43.45
CA ARG A 1005 -30.23 -74.88 -44.62
C ARG A 1005 -31.66 -74.35 -44.83
N MET A 1006 -32.47 -74.37 -43.78
CA MET A 1006 -33.86 -73.83 -43.80
C MET A 1006 -34.78 -74.46 -44.87
N ASN A 1007 -34.77 -75.76 -45.12
CA ASN A 1007 -35.74 -76.32 -46.08
C ASN A 1007 -36.75 -77.25 -45.42
N PHE A 1008 -37.84 -77.53 -46.14
CA PHE A 1008 -38.97 -78.27 -45.54
C PHE A 1008 -38.64 -79.72 -45.14
N MET A 1009 -38.03 -80.50 -46.04
CA MET A 1009 -37.74 -81.90 -45.66
C MET A 1009 -36.71 -81.95 -44.53
N VAL A 1010 -35.77 -81.03 -44.60
CA VAL A 1010 -34.73 -80.90 -43.56
C VAL A 1010 -35.46 -80.55 -42.25
N ILE A 1011 -36.46 -79.68 -42.33
CA ILE A 1011 -37.19 -79.28 -41.13
C ILE A 1011 -37.96 -80.46 -40.57
N LEU A 1012 -38.54 -81.29 -41.44
CA LEU A 1012 -39.29 -82.42 -40.91
C LEU A 1012 -38.39 -83.36 -40.13
N HIS A 1013 -37.20 -83.66 -40.65
CA HIS A 1013 -36.40 -84.54 -39.79
C HIS A 1013 -36.00 -83.81 -38.52
N GLY A 1014 -35.80 -82.50 -38.60
CA GLY A 1014 -35.54 -81.75 -37.38
C GLY A 1014 -36.68 -81.91 -36.39
N CYS A 1015 -37.91 -81.94 -36.91
CA CYS A 1015 -39.07 -82.21 -36.08
C CYS A 1015 -38.96 -83.57 -35.45
N TRP A 1016 -38.43 -84.54 -36.19
CA TRP A 1016 -38.17 -85.84 -35.60
C TRP A 1016 -37.21 -85.69 -34.44
N LEU A 1017 -36.20 -84.84 -34.60
CA LEU A 1017 -35.24 -84.61 -33.53
C LEU A 1017 -35.91 -84.03 -32.29
N VAL A 1018 -36.81 -83.06 -32.47
CA VAL A 1018 -37.44 -82.49 -31.28
C VAL A 1018 -38.33 -83.52 -30.63
N ALA A 1019 -38.96 -84.38 -31.43
CA ALA A 1019 -39.73 -85.46 -30.84
C ALA A 1019 -38.82 -86.34 -30.00
N ILE A 1020 -37.60 -86.56 -30.50
CA ILE A 1020 -36.62 -87.36 -29.77
C ILE A 1020 -36.31 -86.69 -28.44
N LEU A 1021 -36.08 -85.38 -28.46
CA LEU A 1021 -35.73 -84.70 -27.22
C LEU A 1021 -36.87 -84.76 -26.22
N THR A 1022 -38.12 -84.80 -26.68
CA THR A 1022 -39.23 -84.81 -25.74
C THR A 1022 -39.04 -85.89 -24.68
N ARG A 1023 -38.59 -87.06 -25.11
CA ARG A 1023 -38.31 -88.11 -24.14
C ARG A 1023 -37.17 -87.64 -23.24
N ARG A 1024 -37.32 -87.89 -21.94
CA ARG A 1024 -36.31 -87.46 -20.99
C ARG A 1024 -35.43 -88.60 -20.50
N ARG A 1025 -35.58 -89.80 -21.05
CA ARG A 1025 -34.83 -90.95 -20.58
C ARG A 1025 -33.74 -91.33 -21.55
N ARG A 1026 -32.50 -91.33 -21.05
CA ARG A 1026 -31.35 -91.57 -21.89
C ARG A 1026 -31.42 -92.95 -22.55
N GLU A 1027 -31.80 -93.96 -21.78
CA GLU A 1027 -31.84 -95.33 -22.28
C GLU A 1027 -32.90 -95.51 -23.36
N ALA A 1028 -34.10 -95.00 -23.13
CA ALA A 1028 -35.16 -95.16 -24.13
C ALA A 1028 -34.81 -94.43 -25.40
N ILE A 1029 -34.30 -93.21 -25.27
CA ILE A 1029 -33.91 -92.43 -26.43
C ILE A 1029 -32.83 -93.16 -27.20
N ALA A 1030 -31.88 -93.73 -26.46
CA ALA A 1030 -30.80 -94.49 -27.09
C ALA A 1030 -31.36 -95.68 -27.85
N ARG A 1031 -32.36 -96.36 -27.27
CA ARG A 1031 -33.00 -97.46 -27.98
C ARG A 1031 -33.59 -96.96 -29.28
N LEU A 1032 -34.23 -95.80 -29.23
CA LEU A 1032 -34.84 -95.23 -30.42
C LEU A 1032 -33.81 -94.84 -31.48
N TRP A 1033 -32.61 -94.41 -31.09
CA TRP A 1033 -31.73 -93.84 -32.12
C TRP A 1033 -31.41 -94.73 -33.32
N PRO A 1034 -31.08 -96.02 -33.17
CA PRO A 1034 -30.64 -96.76 -34.38
C PRO A 1034 -31.64 -96.75 -35.52
N ASN A 1035 -32.93 -96.85 -35.19
CA ASN A 1035 -33.93 -96.70 -36.24
C ASN A 1035 -33.86 -95.30 -36.82
N TYR A 1036 -33.66 -94.30 -35.96
CA TYR A 1036 -33.54 -92.95 -36.50
C TYR A 1036 -32.32 -92.84 -37.40
N CYS A 1037 -31.26 -93.59 -37.10
CA CYS A 1037 -30.08 -93.60 -37.96
C CYS A 1037 -30.44 -94.13 -39.33
N LEU A 1038 -31.25 -95.18 -39.35
CA LEU A 1038 -31.71 -95.74 -40.64
C LEU A 1038 -32.55 -94.66 -41.34
N PHE A 1039 -33.38 -93.95 -40.59
CA PHE A 1039 -34.21 -92.90 -41.16
C PHE A 1039 -33.37 -91.77 -41.74
N LEU A 1040 -32.33 -91.35 -41.03
CA LEU A 1040 -31.46 -90.30 -41.55
C LEU A 1040 -30.78 -90.75 -42.82
N THR A 1041 -30.33 -92.00 -42.88
CA THR A 1041 -29.70 -92.48 -44.10
C THR A 1041 -30.68 -92.41 -45.26
N LEU A 1042 -31.92 -92.83 -45.00
CA LEU A 1042 -32.93 -92.74 -46.04
C LEU A 1042 -33.13 -91.29 -46.45
N PHE A 1043 -33.06 -90.39 -45.48
CA PHE A 1043 -33.15 -88.98 -45.78
C PHE A 1043 -32.02 -88.55 -46.69
N LEU A 1044 -30.82 -89.06 -46.43
CA LEU A 1044 -29.66 -88.71 -47.23
C LEU A 1044 -29.89 -89.08 -48.68
N LEU A 1045 -30.34 -90.31 -48.91
CA LEU A 1045 -30.60 -90.74 -50.27
C LEU A 1045 -31.72 -89.92 -50.90
N TYR A 1046 -32.79 -89.67 -50.15
CA TYR A 1046 -33.92 -88.93 -50.69
C TYR A 1046 -33.53 -87.52 -51.07
N GLN A 1047 -32.77 -86.85 -50.20
CA GLN A 1047 -32.37 -85.49 -50.49
C GLN A 1047 -31.47 -85.46 -51.72
N TYR A 1048 -30.53 -86.39 -51.83
CA TYR A 1048 -29.69 -86.36 -53.01
C TYR A 1048 -30.50 -86.59 -54.27
N LEU A 1049 -31.44 -87.53 -54.22
CA LEU A 1049 -32.25 -87.76 -55.41
C LEU A 1049 -33.01 -86.49 -55.78
N LEU A 1050 -33.51 -85.78 -54.78
CA LEU A 1050 -34.20 -84.51 -55.05
C LEU A 1050 -33.26 -83.50 -55.71
N CYS A 1051 -32.01 -83.44 -55.25
CA CYS A 1051 -31.05 -82.53 -55.88
C CYS A 1051 -30.85 -82.89 -57.34
N LEU A 1052 -30.84 -84.19 -57.63
CA LEU A 1052 -30.64 -84.67 -58.99
C LEU A 1052 -31.70 -84.14 -59.94
N GLY A 1053 -31.28 -83.81 -61.16
CA GLY A 1053 -32.16 -83.26 -62.19
C GLY A 1053 -31.58 -83.53 -63.56
N MET A 1054 -32.38 -83.22 -64.59
CA MET A 1054 -32.02 -83.51 -65.97
C MET A 1054 -31.59 -84.96 -66.13
N PRO A 1055 -32.51 -85.91 -66.07
CA PRO A 1055 -32.13 -87.31 -66.26
C PRO A 1055 -31.51 -87.50 -67.64
N PRO A 1056 -30.53 -88.39 -67.75
CA PRO A 1056 -29.81 -88.52 -69.03
C PRO A 1056 -30.68 -89.00 -70.18
N ALA A 1057 -31.83 -89.58 -69.92
CA ALA A 1057 -32.67 -90.11 -70.98
C ALA A 1057 -33.16 -89.01 -71.92
N LEU A 1058 -33.59 -87.88 -71.37
CA LEU A 1058 -34.18 -86.80 -72.16
C LEU A 1058 -33.29 -85.57 -72.11
N CYS A 1059 -32.93 -85.05 -73.29
CA CYS A 1059 -32.12 -83.85 -73.36
C CYS A 1059 -32.95 -82.60 -73.04
N ILE A 1060 -34.18 -82.53 -73.53
CA ILE A 1060 -35.00 -81.34 -73.29
C ILE A 1060 -35.53 -81.35 -71.87
N ASP A 1061 -36.12 -80.24 -71.46
CA ASP A 1061 -36.46 -80.01 -70.06
C ASP A 1061 -37.59 -80.95 -69.60
N TYR A 1062 -37.96 -80.82 -68.33
CA TYR A 1062 -38.87 -81.76 -67.68
C TYR A 1062 -40.28 -81.64 -68.22
N PRO A 1063 -41.02 -82.75 -68.32
CA PRO A 1063 -42.44 -82.67 -68.67
C PRO A 1063 -43.26 -82.06 -67.54
N TRP A 1064 -43.03 -82.54 -66.32
CA TRP A 1064 -43.78 -82.05 -65.18
C TRP A 1064 -43.53 -80.57 -64.94
N ARG A 1065 -42.28 -80.14 -65.04
CA ARG A 1065 -42.02 -78.71 -64.95
C ARG A 1065 -42.62 -78.02 -66.16
N TRP A 1066 -43.40 -76.98 -65.91
CA TRP A 1066 -44.28 -76.44 -66.93
C TRP A 1066 -44.26 -74.92 -66.93
N SER A 1067 -44.52 -74.36 -68.10
CA SER A 1067 -44.94 -72.98 -68.24
C SER A 1067 -46.44 -72.87 -68.40
N LYS A 1068 -47.17 -73.96 -68.23
CA LYS A 1068 -48.62 -73.99 -68.41
C LYS A 1068 -49.32 -73.44 -67.17
N ALA A 1069 -50.64 -73.62 -67.11
CA ALA A 1069 -51.47 -73.13 -66.02
C ALA A 1069 -51.54 -74.10 -64.85
N ILE A 1070 -50.53 -74.97 -64.72
CA ILE A 1070 -50.46 -75.88 -63.57
C ILE A 1070 -50.37 -75.07 -62.29
N PRO A 1071 -51.01 -75.50 -61.19
CA PRO A 1071 -51.08 -74.64 -59.99
C PRO A 1071 -49.72 -74.22 -59.46
N MET A 1072 -48.67 -75.00 -59.68
CA MET A 1072 -47.34 -74.62 -59.23
C MET A 1072 -46.86 -73.42 -60.03
N ASN A 1073 -45.89 -72.70 -59.47
CA ASN A 1073 -45.36 -71.53 -60.14
C ASN A 1073 -43.89 -71.34 -59.77
N SER A 1074 -43.40 -70.11 -59.96
CA SER A 1074 -42.00 -69.78 -59.69
C SER A 1074 -41.63 -70.02 -58.24
N ALA A 1075 -42.56 -69.82 -57.31
CA ALA A 1075 -42.23 -69.99 -55.90
C ALA A 1075 -41.77 -71.42 -55.60
N LEU A 1076 -42.50 -72.41 -56.13
CA LEU A 1076 -42.10 -73.80 -55.90
C LEU A 1076 -40.75 -74.09 -56.54
N ILE A 1077 -40.55 -73.62 -57.78
CA ILE A 1077 -39.30 -73.90 -58.46
C ILE A 1077 -38.13 -73.27 -57.71
N LYS A 1078 -38.33 -72.08 -57.14
CA LYS A 1078 -37.29 -71.51 -56.30
C LYS A 1078 -37.05 -72.38 -55.07
N TRP A 1079 -38.13 -72.81 -54.41
CA TRP A 1079 -37.97 -73.75 -53.32
C TRP A 1079 -37.54 -75.14 -53.79
N LEU A 1080 -38.01 -75.60 -54.95
CA LEU A 1080 -37.68 -76.96 -55.35
C LEU A 1080 -36.30 -77.00 -56.01
N TYR A 1081 -35.75 -78.20 -56.15
CA TYR A 1081 -34.40 -78.38 -56.70
C TYR A 1081 -34.48 -79.13 -58.02
N LEU A 1082 -34.35 -78.42 -59.13
CA LEU A 1082 -34.29 -79.02 -60.45
C LEU A 1082 -33.56 -78.10 -61.41
N PRO A 1083 -32.45 -78.53 -61.99
CA PRO A 1083 -31.75 -77.70 -62.99
C PRO A 1083 -32.63 -77.51 -64.21
N ASP A 1084 -32.55 -76.31 -64.79
CA ASP A 1084 -33.34 -75.95 -65.95
C ASP A 1084 -32.66 -74.80 -66.66
N PHE A 1085 -33.38 -74.13 -67.57
CA PHE A 1085 -32.88 -72.89 -68.12
C PHE A 1085 -32.64 -71.85 -67.05
N PHE A 1086 -33.39 -71.92 -65.95
CA PHE A 1086 -33.32 -70.87 -64.92
C PHE A 1086 -32.29 -71.17 -63.83
N ARG A 1087 -32.48 -72.25 -63.06
CA ARG A 1087 -31.63 -72.41 -61.89
C ARG A 1087 -31.55 -73.87 -61.46
N ALA A 1088 -30.46 -74.18 -60.77
CA ALA A 1088 -30.33 -75.35 -59.91
C ALA A 1088 -29.91 -74.84 -58.53
N PRO A 1089 -30.78 -74.91 -57.52
CA PRO A 1089 -30.58 -74.08 -56.32
C PRO A 1089 -29.44 -74.47 -55.40
N ASN A 1090 -29.42 -73.84 -54.22
CA ASN A 1090 -28.32 -73.95 -53.27
C ASN A 1090 -28.03 -75.40 -52.89
N SER A 1091 -26.75 -75.66 -52.67
CA SER A 1091 -26.26 -76.99 -52.31
C SER A 1091 -25.78 -77.02 -50.87
N THR A 1092 -26.34 -76.14 -50.03
CA THR A 1092 -26.07 -76.18 -48.60
C THR A 1092 -26.65 -77.45 -47.97
N ASN A 1093 -27.62 -78.06 -48.64
CA ASN A 1093 -28.22 -79.27 -48.13
C ASN A 1093 -27.16 -80.35 -47.93
N LEU A 1094 -26.20 -80.46 -48.84
CA LEU A 1094 -25.14 -81.44 -48.66
C LEU A 1094 -24.30 -81.20 -47.41
N ILE A 1095 -23.92 -79.96 -47.12
CA ILE A 1095 -23.13 -79.76 -45.90
C ILE A 1095 -23.95 -80.13 -44.67
N SER A 1096 -25.24 -79.78 -44.70
CA SER A 1096 -26.08 -80.18 -43.57
C SER A 1096 -26.13 -81.71 -43.47
N ASP A 1097 -26.22 -82.37 -44.62
CA ASP A 1097 -26.26 -83.81 -44.67
C ASP A 1097 -24.99 -84.39 -44.06
N PHE A 1098 -23.85 -83.79 -44.42
CA PHE A 1098 -22.58 -84.13 -43.78
C PHE A 1098 -22.68 -84.13 -42.28
N LEU A 1099 -23.29 -83.08 -41.75
CA LEU A 1099 -23.43 -83.04 -40.30
C LEU A 1099 -24.30 -84.20 -39.84
N LEU A 1100 -25.34 -84.49 -40.61
CA LEU A 1100 -26.26 -85.55 -40.24
C LEU A 1100 -25.55 -86.90 -40.17
N LEU A 1101 -24.82 -87.24 -41.22
CA LEU A 1101 -24.08 -88.49 -41.26
C LEU A 1101 -23.06 -88.57 -40.13
N LEU A 1102 -22.31 -87.50 -39.90
CA LEU A 1102 -21.30 -87.56 -38.85
C LEU A 1102 -21.98 -87.78 -37.52
N CYS A 1103 -23.12 -87.13 -37.31
CA CYS A 1103 -23.85 -87.33 -36.07
C CYS A 1103 -24.27 -88.79 -35.95
N ALA A 1104 -24.71 -89.39 -37.04
CA ALA A 1104 -25.07 -90.81 -37.00
C ALA A 1104 -23.88 -91.64 -36.54
N SER A 1105 -22.70 -91.34 -37.09
CA SER A 1105 -21.51 -92.05 -36.67
C SER A 1105 -21.22 -91.81 -35.19
N GLN A 1106 -21.34 -90.57 -34.76
CA GLN A 1106 -21.15 -90.26 -33.35
C GLN A 1106 -22.16 -90.97 -32.50
N GLN A 1107 -23.38 -91.15 -33.01
CA GLN A 1107 -24.37 -91.91 -32.29
C GLN A 1107 -23.91 -93.36 -32.13
N TRP A 1108 -23.28 -93.91 -33.16
CA TRP A 1108 -22.70 -95.24 -32.99
C TRP A 1108 -21.64 -95.21 -31.90
N GLN A 1109 -20.84 -94.14 -31.86
CA GLN A 1109 -19.91 -94.02 -30.75
C GLN A 1109 -20.65 -93.98 -29.42
N VAL A 1110 -21.81 -93.33 -29.40
CA VAL A 1110 -22.65 -93.35 -28.20
C VAL A 1110 -23.08 -94.77 -27.89
N PHE A 1111 -23.32 -95.56 -28.92
CA PHE A 1111 -23.61 -96.97 -28.71
C PHE A 1111 -22.45 -97.62 -27.99
N SER A 1112 -21.24 -97.30 -28.41
CA SER A 1112 -20.09 -97.73 -27.65
C SER A 1112 -20.08 -97.12 -26.26
N ALA A 1113 -20.79 -95.99 -26.08
CA ALA A 1113 -20.83 -95.36 -24.77
C ALA A 1113 -21.61 -96.20 -23.76
N GLU A 1114 -22.80 -96.69 -24.13
CA GLU A 1114 -23.45 -97.56 -23.14
C GLU A 1114 -22.64 -98.83 -22.95
N ARG A 1115 -21.99 -99.28 -24.01
CA ARG A 1115 -21.13 -100.44 -23.97
C ARG A 1115 -19.73 -99.97 -23.58
N THR A 1116 -18.70 -100.78 -23.83
CA THR A 1116 -17.31 -100.44 -23.48
C THR A 1116 -17.20 -100.22 -21.97
N GLU A 1117 -17.34 -101.33 -21.25
CA GLU A 1117 -17.39 -101.28 -19.80
C GLU A 1117 -16.16 -100.62 -19.23
N GLU A 1118 -14.99 -100.92 -19.79
CA GLU A 1118 -13.76 -100.32 -19.28
C GLU A 1118 -13.75 -98.81 -19.44
N TRP A 1119 -14.13 -98.31 -20.62
CA TRP A 1119 -14.14 -96.86 -20.82
C TRP A 1119 -15.25 -96.22 -20.00
N GLN A 1120 -16.45 -96.81 -19.99
CA GLN A 1120 -17.57 -96.24 -19.24
C GLN A 1120 -17.33 -96.28 -17.75
N ARG A 1121 -16.48 -97.21 -17.29
CA ARG A 1121 -16.24 -97.38 -15.86
C ARG A 1121 -15.83 -96.07 -15.23
N MET A 1122 -15.02 -95.29 -15.94
CA MET A 1122 -14.62 -93.99 -15.42
C MET A 1122 -15.85 -93.11 -15.23
N ALA A 1123 -16.79 -93.17 -16.17
CA ALA A 1123 -18.03 -92.39 -16.08
C ALA A 1123 -18.98 -92.99 -15.06
N GLY A 1135 -24.01 -92.89 -3.46
CA GLY A 1135 -23.36 -93.08 -4.74
C GLY A 1135 -22.56 -91.86 -5.16
N GLU A 1136 -22.93 -91.28 -6.30
CA GLU A 1136 -22.25 -90.08 -6.78
C GLU A 1136 -22.37 -88.91 -5.81
N PRO A 1137 -23.49 -88.68 -5.14
CA PRO A 1137 -23.56 -87.53 -4.22
C PRO A 1137 -22.49 -87.59 -3.14
N ASN A 1138 -22.11 -88.78 -2.68
CA ASN A 1138 -21.16 -88.86 -1.58
C ASN A 1138 -19.80 -88.23 -1.90
N PRO A 1139 -19.19 -88.43 -3.07
CA PRO A 1139 -17.87 -87.80 -3.31
C PRO A 1139 -17.89 -86.28 -3.37
N ILE A 1140 -18.96 -85.68 -3.94
CA ILE A 1140 -18.93 -84.25 -4.21
C ILE A 1140 -18.82 -83.33 -3.00
N PRO A 1141 -19.47 -83.58 -1.86
CA PRO A 1141 -19.49 -82.55 -0.79
C PRO A 1141 -18.12 -82.07 -0.34
N ASN A 1142 -17.11 -82.93 -0.43
CA ASN A 1142 -15.80 -82.62 0.13
C ASN A 1142 -15.28 -81.26 -0.33
N PHE A 1143 -15.50 -80.92 -1.60
CA PHE A 1143 -15.02 -79.63 -2.10
C PHE A 1143 -16.03 -78.51 -1.82
N ILE A 1144 -16.18 -78.18 -0.53
CA ILE A 1144 -17.02 -77.04 -0.21
C ILE A 1144 -16.40 -75.80 -0.81
N HIS A 1145 -15.11 -75.62 -0.54
CA HIS A 1145 -14.30 -74.62 -1.17
C HIS A 1145 -12.95 -75.32 -1.30
N CYS A 1146 -12.85 -76.27 -2.23
CA CYS A 1146 -11.58 -76.96 -2.39
C CYS A 1146 -10.53 -75.98 -2.88
N ARG A 1147 -9.32 -76.14 -2.37
CA ARG A 1147 -8.27 -75.21 -2.70
C ARG A 1147 -7.61 -75.52 -4.04
N SER A 1148 -7.99 -76.60 -4.70
CA SER A 1148 -7.35 -76.93 -5.96
C SER A 1148 -7.56 -75.78 -6.94
N TYR A 1149 -6.50 -75.46 -7.69
CA TYR A 1149 -6.56 -74.34 -8.61
C TYR A 1149 -7.72 -74.54 -9.57
N LEU A 1150 -7.88 -75.78 -10.01
CA LEU A 1150 -9.01 -76.16 -10.85
C LEU A 1150 -10.32 -76.03 -10.10
N ASP A 1151 -10.33 -76.40 -8.82
CA ASP A 1151 -11.59 -76.40 -8.09
C ASP A 1151 -12.18 -75.01 -7.98
N MET A 1152 -11.37 -73.99 -7.75
CA MET A 1152 -11.98 -72.67 -7.59
C MET A 1152 -12.75 -72.31 -8.85
N LEU A 1153 -12.15 -72.55 -10.01
CA LEU A 1153 -12.85 -72.23 -11.25
C LEU A 1153 -14.08 -73.09 -11.41
N LYS A 1154 -14.00 -74.39 -11.09
CA LYS A 1154 -15.15 -75.26 -11.29
C LYS A 1154 -16.32 -74.86 -10.39
N VAL A 1155 -16.03 -74.67 -9.11
CA VAL A 1155 -17.08 -74.32 -8.17
C VAL A 1155 -17.68 -72.96 -8.51
N ALA A 1156 -16.84 -72.00 -8.89
CA ALA A 1156 -17.39 -70.73 -9.33
C ALA A 1156 -18.25 -70.94 -10.56
N VAL A 1157 -17.82 -71.85 -11.44
CA VAL A 1157 -18.59 -72.11 -12.64
C VAL A 1157 -19.98 -72.53 -12.27
N PHE A 1158 -20.12 -73.36 -11.26
CA PHE A 1158 -21.45 -73.89 -10.99
C PHE A 1158 -22.46 -72.79 -10.69
N ARG A 1159 -22.30 -72.12 -9.56
CA ARG A 1159 -23.27 -71.11 -9.13
C ARG A 1159 -23.20 -69.86 -10.00
N TYR A 1160 -22.00 -69.33 -10.19
CA TYR A 1160 -21.87 -68.10 -10.93
C TYR A 1160 -22.35 -68.29 -12.36
N LEU A 1161 -22.03 -69.44 -12.96
CA LEU A 1161 -22.58 -69.79 -14.27
C LEU A 1161 -24.09 -69.92 -14.23
N PHE A 1162 -24.68 -70.36 -13.13
CA PHE A 1162 -26.14 -70.33 -13.10
C PHE A 1162 -26.64 -68.91 -13.32
N TRP A 1163 -26.05 -67.96 -12.61
CA TRP A 1163 -26.42 -66.57 -12.86
C TRP A 1163 -26.08 -66.20 -14.29
N LEU A 1164 -24.93 -66.66 -14.77
CA LEU A 1164 -24.49 -66.33 -16.12
C LEU A 1164 -25.48 -66.84 -17.15
N VAL A 1165 -25.94 -68.07 -16.99
CA VAL A 1165 -26.83 -68.63 -17.99
C VAL A 1165 -28.13 -67.85 -18.00
N LEU A 1166 -28.65 -67.51 -16.82
CA LEU A 1166 -29.89 -66.74 -16.81
C LEU A 1166 -29.69 -65.39 -17.47
N VAL A 1167 -28.62 -64.69 -17.13
CA VAL A 1167 -28.42 -63.36 -17.72
C VAL A 1167 -28.20 -63.48 -19.22
N VAL A 1168 -27.35 -64.43 -19.65
CA VAL A 1168 -27.02 -64.52 -21.06
C VAL A 1168 -28.23 -64.91 -21.86
N VAL A 1169 -29.07 -65.81 -21.36
CA VAL A 1169 -30.26 -66.12 -22.13
C VAL A 1169 -31.11 -64.87 -22.24
N PHE A 1170 -31.15 -64.07 -21.18
CA PHE A 1170 -31.92 -62.84 -21.26
C PHE A 1170 -31.38 -61.93 -22.34
N VAL A 1171 -30.07 -61.71 -22.34
CA VAL A 1171 -29.49 -60.80 -23.31
C VAL A 1171 -29.64 -61.38 -24.71
N ALA A 1172 -29.55 -62.70 -24.84
CA ALA A 1172 -29.74 -63.32 -26.13
C ALA A 1172 -31.15 -63.03 -26.64
N GLY A 1173 -32.13 -63.10 -25.75
CA GLY A 1173 -33.48 -62.75 -26.14
C GLY A 1173 -33.59 -61.31 -26.57
N ALA A 1174 -32.89 -60.41 -25.87
CA ALA A 1174 -33.03 -58.99 -26.14
C ALA A 1174 -32.08 -58.44 -27.20
N THR A 1175 -31.04 -59.18 -27.60
CA THR A 1175 -30.07 -58.64 -28.54
C THR A 1175 -30.68 -58.36 -29.90
N ARG A 1176 -31.55 -59.24 -30.36
CA ARG A 1176 -32.21 -59.04 -31.64
C ARG A 1176 -33.66 -58.71 -31.37
N ILE A 1177 -34.25 -57.96 -32.29
CA ILE A 1177 -35.61 -57.48 -32.16
C ILE A 1177 -36.54 -58.57 -32.68
N SER A 1178 -37.35 -59.12 -31.79
CA SER A 1178 -38.34 -60.11 -32.19
C SER A 1178 -39.39 -60.26 -31.10
N ILE A 1179 -40.56 -60.74 -31.52
CA ILE A 1179 -41.58 -61.08 -30.56
C ILE A 1179 -41.08 -62.24 -29.71
N PHE A 1180 -40.36 -63.15 -30.35
CA PHE A 1180 -39.82 -64.31 -29.67
C PHE A 1180 -38.90 -63.85 -28.55
N GLY A 1181 -38.08 -62.84 -28.86
CA GLY A 1181 -37.20 -62.27 -27.87
C GLY A 1181 -37.94 -61.66 -26.70
N LEU A 1182 -39.01 -60.92 -26.98
CA LEU A 1182 -39.76 -60.34 -25.87
C LEU A 1182 -40.37 -61.43 -25.00
N GLY A 1183 -40.81 -62.51 -25.63
CA GLY A 1183 -41.29 -63.64 -24.85
C GLY A 1183 -40.21 -64.21 -23.96
N TYR A 1184 -39.00 -64.30 -24.50
CA TYR A 1184 -37.88 -64.77 -23.68
C TYR A 1184 -37.57 -63.82 -22.54
N LEU A 1185 -37.57 -62.52 -22.80
CA LEU A 1185 -37.27 -61.57 -21.73
C LEU A 1185 -38.32 -61.62 -20.62
N LEU A 1186 -39.60 -61.69 -21.00
CA LEU A 1186 -40.64 -61.76 -19.98
C LEU A 1186 -40.51 -63.05 -19.18
N ALA A 1187 -40.26 -64.16 -19.86
CA ALA A 1187 -40.05 -65.41 -19.15
C ALA A 1187 -38.86 -65.28 -18.21
N CYS A 1188 -37.82 -64.59 -18.66
CA CYS A 1188 -36.65 -64.37 -17.83
C CYS A 1188 -37.03 -63.65 -16.54
N PHE A 1189 -37.85 -62.61 -16.64
CA PHE A 1189 -38.24 -61.94 -15.41
C PHE A 1189 -39.04 -62.89 -14.54
N TYR A 1190 -39.93 -63.67 -15.15
CA TYR A 1190 -40.78 -64.55 -14.37
C TYR A 1190 -39.93 -65.52 -13.56
N LEU A 1191 -38.99 -66.17 -14.22
CA LEU A 1191 -38.08 -67.07 -13.50
C LEU A 1191 -37.22 -66.29 -12.54
N LEU A 1192 -36.83 -65.09 -12.95
CA LEU A 1192 -35.92 -64.26 -12.20
C LEU A 1192 -36.44 -63.96 -10.81
N LEU A 1193 -37.72 -63.63 -10.72
CA LEU A 1193 -38.24 -63.30 -9.40
C LEU A 1193 -38.19 -64.51 -8.49
N PHE A 1194 -38.54 -65.69 -9.00
CA PHE A 1194 -38.50 -66.88 -8.16
C PHE A 1194 -37.19 -67.63 -8.32
N GLY A 1195 -36.19 -67.04 -8.99
CA GLY A 1195 -34.97 -67.78 -9.28
C GLY A 1195 -34.35 -68.39 -8.05
N THR A 1196 -34.25 -67.61 -6.98
CA THR A 1196 -33.73 -68.18 -5.75
C THR A 1196 -34.62 -69.31 -5.27
N THR A 1197 -35.93 -69.11 -5.31
CA THR A 1197 -36.83 -70.17 -4.88
C THR A 1197 -36.76 -71.36 -5.81
N LEU A 1198 -36.71 -71.11 -7.14
CA LEU A 1198 -36.71 -72.24 -8.05
C LEU A 1198 -35.51 -73.11 -7.80
N LEU A 1199 -34.33 -72.50 -7.64
CA LEU A 1199 -33.16 -73.30 -7.34
C LEU A 1199 -33.34 -73.98 -5.99
N GLN A 1200 -33.92 -73.26 -5.03
CA GLN A 1200 -34.14 -73.83 -3.71
C GLN A 1200 -35.07 -75.04 -3.77
N LYS A 1201 -36.12 -74.94 -4.56
CA LYS A 1201 -37.10 -76.01 -4.65
C LYS A 1201 -36.54 -77.21 -5.42
N ASP A 1202 -37.20 -78.34 -5.23
CA ASP A 1202 -36.75 -79.63 -5.75
C ASP A 1202 -36.51 -79.63 -7.25
N THR A 1203 -35.46 -80.36 -7.63
CA THR A 1203 -35.00 -80.44 -9.00
C THR A 1203 -36.02 -81.03 -9.97
N ARG A 1204 -36.77 -82.06 -9.57
CA ARG A 1204 -37.62 -82.72 -10.55
C ARG A 1204 -38.65 -81.77 -11.16
N ALA A 1205 -39.35 -81.02 -10.32
CA ALA A 1205 -40.34 -80.10 -10.85
C ALA A 1205 -39.72 -79.00 -11.68
N GLN A 1206 -38.62 -78.41 -11.19
CA GLN A 1206 -37.97 -77.34 -11.92
C GLN A 1206 -37.46 -77.83 -13.26
N LEU A 1207 -36.83 -78.99 -13.27
CA LEU A 1207 -36.30 -79.51 -14.52
C LEU A 1207 -37.43 -79.75 -15.52
N VAL A 1208 -38.55 -80.34 -15.09
CA VAL A 1208 -39.61 -80.60 -16.07
C VAL A 1208 -40.19 -79.30 -16.62
N LEU A 1209 -40.48 -78.35 -15.73
CA LEU A 1209 -41.07 -77.09 -16.20
C LEU A 1209 -40.09 -76.35 -17.10
N TRP A 1210 -38.85 -76.28 -16.68
CA TRP A 1210 -37.87 -75.61 -17.48
C TRP A 1210 -37.73 -76.32 -18.81
N ASP A 1211 -37.77 -77.66 -18.79
CA ASP A 1211 -37.66 -78.42 -20.03
C ASP A 1211 -38.75 -77.96 -20.96
N CYS A 1212 -39.93 -77.70 -20.42
CA CYS A 1212 -40.99 -77.14 -21.23
C CYS A 1212 -40.53 -75.81 -21.81
N LEU A 1213 -39.78 -75.04 -21.01
CA LEU A 1213 -39.26 -73.77 -21.52
C LEU A 1213 -38.37 -74.01 -22.73
N ILE A 1214 -37.51 -75.03 -22.65
CA ILE A 1214 -36.68 -75.38 -23.80
C ILE A 1214 -37.56 -75.80 -24.96
N LEU A 1215 -38.64 -76.51 -24.64
CA LEU A 1215 -39.58 -76.94 -25.68
C LEU A 1215 -40.08 -75.70 -26.38
N TYR A 1216 -40.35 -74.66 -25.60
CA TYR A 1216 -40.75 -73.38 -26.15
C TYR A 1216 -39.67 -72.83 -27.06
N ASN A 1217 -38.43 -72.95 -26.63
CA ASN A 1217 -37.32 -72.39 -27.42
C ASN A 1217 -37.23 -73.06 -28.78
N VAL A 1218 -37.12 -74.39 -28.78
CA VAL A 1218 -37.00 -75.12 -30.03
C VAL A 1218 -38.26 -74.96 -30.87
N THR A 1219 -39.41 -74.89 -30.22
CA THR A 1219 -40.64 -74.67 -30.93
C THR A 1219 -40.57 -73.35 -31.70
N VAL A 1220 -40.02 -72.32 -31.07
CA VAL A 1220 -39.78 -71.06 -31.75
C VAL A 1220 -38.84 -71.25 -32.91
N ILE A 1221 -37.86 -72.13 -32.75
CA ILE A 1221 -36.94 -72.38 -33.85
C ILE A 1221 -37.72 -72.84 -35.07
N ILE A 1222 -38.60 -73.82 -34.84
CA ILE A 1222 -39.36 -74.36 -35.95
C ILE A 1222 -40.30 -73.32 -36.54
N SER A 1223 -40.93 -72.53 -35.67
CA SER A 1223 -41.88 -71.51 -36.10
C SER A 1223 -41.24 -70.43 -36.97
N LYS A 1224 -40.08 -69.91 -36.57
CA LYS A 1224 -39.41 -68.97 -37.46
C LYS A 1224 -38.96 -69.63 -38.76
N ASN A 1225 -38.52 -70.88 -38.71
CA ASN A 1225 -38.18 -71.51 -39.98
C ASN A 1225 -39.43 -71.49 -40.87
N MET A 1226 -40.58 -71.78 -40.27
CA MET A 1226 -41.81 -71.79 -41.04
C MET A 1226 -42.12 -70.42 -41.64
N LEU A 1227 -42.05 -69.36 -40.82
CA LEU A 1227 -42.38 -68.03 -41.31
C LEU A 1227 -41.40 -67.60 -42.38
N SER A 1228 -40.12 -67.90 -42.16
CA SER A 1228 -39.11 -67.51 -43.12
C SER A 1228 -39.32 -68.19 -44.46
N LEU A 1229 -39.61 -69.50 -44.43
CA LEU A 1229 -39.77 -70.23 -45.68
C LEU A 1229 -40.99 -69.72 -46.43
N LEU A 1230 -42.11 -69.52 -45.73
CA LEU A 1230 -43.30 -69.03 -46.41
C LEU A 1230 -43.07 -67.63 -46.96
N SER A 1231 -42.35 -66.79 -46.22
CA SER A 1231 -42.09 -65.44 -46.69
C SER A 1231 -41.24 -65.46 -47.95
N CYS A 1232 -40.20 -66.30 -47.96
CA CYS A 1232 -39.34 -66.37 -49.13
C CYS A 1232 -40.07 -66.90 -50.35
N VAL A 1233 -40.89 -67.95 -50.18
CA VAL A 1233 -41.55 -68.58 -51.32
C VAL A 1233 -42.50 -67.60 -52.02
N PHE A 1234 -43.29 -66.86 -51.25
CA PHE A 1234 -44.28 -65.94 -51.81
C PHE A 1234 -44.03 -64.57 -51.22
N VAL A 1235 -43.86 -63.57 -52.10
CA VAL A 1235 -43.66 -62.20 -51.66
C VAL A 1235 -44.77 -61.24 -52.08
N GLU A 1236 -45.46 -61.53 -53.19
CA GLU A 1236 -46.46 -60.59 -53.71
C GLU A 1236 -47.71 -60.38 -52.83
N GLN A 1237 -48.39 -61.46 -52.42
CA GLN A 1237 -49.58 -61.26 -51.57
C GLN A 1237 -49.18 -60.74 -50.21
N MET A 1238 -48.12 -61.33 -49.67
CA MET A 1238 -47.56 -60.88 -48.41
C MET A 1238 -47.04 -59.47 -48.54
N GLN A 1239 -46.41 -59.10 -49.64
CA GLN A 1239 -45.98 -57.72 -49.68
C GLN A 1239 -47.20 -56.80 -49.63
N SER A 1240 -48.25 -57.12 -50.40
CA SER A 1240 -49.43 -56.24 -50.47
C SER A 1240 -50.18 -56.07 -49.15
N ASN A 1241 -50.38 -57.13 -48.37
CA ASN A 1241 -51.12 -57.00 -47.10
C ASN A 1241 -50.15 -56.94 -45.93
N PHE A 1242 -49.13 -57.68 -46.06
CA PHE A 1242 -48.15 -57.69 -45.05
C PHE A 1242 -47.29 -56.44 -45.17
N CYS A 1243 -47.81 -55.43 -45.88
CA CYS A 1243 -47.20 -54.09 -45.92
C CYS A 1243 -47.35 -53.51 -44.51
N TRP A 1244 -48.54 -53.69 -43.93
CA TRP A 1244 -48.84 -53.35 -42.55
C TRP A 1244 -48.36 -54.48 -41.66
N VAL A 1245 -48.54 -55.73 -42.09
CA VAL A 1245 -48.03 -56.78 -41.22
C VAL A 1245 -46.50 -56.68 -41.06
N ILE A 1246 -45.79 -56.19 -42.08
CA ILE A 1246 -44.34 -56.04 -41.96
C ILE A 1246 -44.04 -55.12 -40.79
N GLN A 1247 -44.89 -54.11 -40.59
CA GLN A 1247 -44.79 -53.32 -39.36
C GLN A 1247 -45.02 -54.23 -38.18
N LEU A 1248 -45.99 -55.14 -38.32
CA LEU A 1248 -46.23 -56.11 -37.26
C LEU A 1248 -45.01 -57.01 -37.09
N PHE A 1249 -44.47 -57.54 -38.20
CA PHE A 1249 -43.30 -58.42 -38.20
C PHE A 1249 -42.45 -58.19 -39.45
N SER A 1250 -41.17 -57.90 -39.26
CA SER A 1250 -40.24 -57.81 -40.39
C SER A 1250 -39.91 -59.21 -40.89
N LEU A 1251 -39.81 -59.37 -42.20
CA LEU A 1251 -39.53 -60.69 -42.74
C LEU A 1251 -38.16 -60.79 -43.42
N VAL A 1252 -37.96 -61.94 -44.08
CA VAL A 1252 -36.69 -62.46 -44.58
C VAL A 1252 -36.23 -61.85 -45.91
N CYS A 1253 -35.02 -62.22 -46.32
CA CYS A 1253 -34.26 -61.59 -47.40
C CYS A 1253 -34.94 -61.70 -48.76
N THR A 1254 -34.33 -61.07 -49.77
CA THR A 1254 -34.96 -60.96 -51.08
C THR A 1254 -35.22 -62.33 -51.70
N VAL A 1255 -34.23 -63.22 -51.63
CA VAL A 1255 -34.39 -64.56 -52.18
C VAL A 1255 -34.29 -65.56 -51.04
N GLU A 1277 -23.30 -63.84 -39.98
CA GLU A 1277 -24.13 -62.73 -39.51
C GLU A 1277 -25.59 -63.02 -39.78
N ALA A 1278 -25.88 -63.46 -41.00
CA ALA A 1278 -27.24 -63.77 -41.37
C ALA A 1278 -27.68 -65.03 -40.65
N GLY A 1279 -28.96 -65.33 -40.76
CA GLY A 1279 -29.51 -66.47 -40.07
C GLY A 1279 -29.67 -66.19 -38.60
N ILE A 1280 -30.16 -67.22 -37.91
CA ILE A 1280 -30.50 -67.11 -36.49
C ILE A 1280 -29.25 -67.51 -35.70
N ILE A 1281 -28.33 -66.56 -35.57
CA ILE A 1281 -27.07 -66.88 -34.93
C ILE A 1281 -27.12 -66.65 -33.42
N TRP A 1282 -27.60 -65.48 -32.97
CA TRP A 1282 -27.58 -65.18 -31.55
C TRP A 1282 -28.42 -66.18 -30.76
N ASP A 1283 -29.62 -66.46 -31.25
CA ASP A 1283 -30.47 -67.44 -30.61
C ASP A 1283 -29.87 -68.83 -30.68
N SER A 1284 -29.35 -69.22 -31.84
CA SER A 1284 -28.83 -70.56 -31.94
C SER A 1284 -27.70 -70.79 -30.95
N ILE A 1285 -26.80 -69.81 -30.82
CA ILE A 1285 -25.72 -69.95 -29.86
C ILE A 1285 -26.27 -69.96 -28.44
N CYS A 1286 -27.31 -69.16 -28.17
CA CYS A 1286 -27.89 -69.21 -26.83
C CYS A 1286 -28.40 -70.61 -26.56
N PHE A 1287 -28.95 -71.24 -27.59
CA PHE A 1287 -29.36 -72.63 -27.50
C PHE A 1287 -28.19 -73.53 -27.16
N PHE A 1288 -27.05 -73.34 -27.81
CA PHE A 1288 -25.88 -74.17 -27.52
C PHE A 1288 -25.42 -74.06 -26.08
N PHE A 1289 -25.33 -72.84 -25.59
CA PHE A 1289 -24.97 -72.65 -24.19
C PHE A 1289 -26.07 -73.19 -23.30
N LEU A 1290 -27.31 -72.98 -23.71
CA LEU A 1290 -28.44 -73.48 -22.94
C LEU A 1290 -28.36 -74.99 -22.85
N LEU A 1291 -27.96 -75.64 -23.94
CA LEU A 1291 -27.82 -77.08 -23.88
C LEU A 1291 -26.72 -77.44 -22.90
N LEU A 1292 -25.63 -76.68 -22.90
CA LEU A 1292 -24.58 -77.09 -21.98
C LEU A 1292 -25.08 -77.01 -20.54
N GLN A 1293 -25.76 -75.90 -20.23
CA GLN A 1293 -26.25 -75.71 -18.87
C GLN A 1293 -27.33 -76.70 -18.45
N ARG A 1294 -28.24 -77.12 -19.35
CA ARG A 1294 -29.26 -78.05 -18.85
C ARG A 1294 -28.55 -79.31 -18.38
N ARG A 1295 -27.54 -79.75 -19.14
CA ARG A 1295 -26.79 -80.93 -18.74
C ARG A 1295 -26.14 -80.68 -17.40
N ILE A 1296 -25.63 -79.48 -17.19
CA ILE A 1296 -25.05 -79.20 -15.89
C ILE A 1296 -26.11 -79.33 -14.81
N PHE A 1297 -27.30 -78.82 -15.11
CA PHE A 1297 -28.41 -78.86 -14.18
C PHE A 1297 -28.81 -80.29 -13.86
N LEU A 1298 -28.79 -81.14 -14.88
CA LEU A 1298 -29.11 -82.55 -14.73
C LEU A 1298 -28.14 -83.22 -13.78
N SER A 1299 -26.85 -82.91 -13.90
CA SER A 1299 -25.88 -83.46 -12.98
C SER A 1299 -26.23 -83.10 -11.54
N HIS A 1300 -25.54 -83.78 -10.62
CA HIS A 1300 -25.82 -83.73 -9.20
C HIS A 1300 -24.83 -82.85 -8.44
N TYR A 1301 -24.06 -82.03 -9.14
CA TYR A 1301 -23.07 -81.15 -8.53
C TYR A 1301 -23.73 -80.09 -7.66
N PHE A 1302 -25.05 -79.96 -7.75
CA PHE A 1302 -25.90 -79.00 -7.05
C PHE A 1302 -25.96 -79.24 -5.56
N LEU A 1303 -25.46 -80.37 -5.08
CA LEU A 1303 -25.54 -80.64 -3.66
C LEU A 1303 -24.90 -79.51 -2.88
N HIS A 1304 -23.75 -79.02 -3.36
CA HIS A 1304 -23.14 -77.89 -2.68
C HIS A 1304 -24.07 -76.71 -2.74
N VAL A 1305 -24.68 -76.54 -3.92
CA VAL A 1305 -25.64 -75.47 -4.13
C VAL A 1305 -26.79 -75.69 -3.19
N SER A 1306 -27.14 -76.95 -2.98
CA SER A 1306 -28.29 -77.24 -2.16
C SER A 1306 -28.08 -76.66 -0.77
N ALA A 1307 -26.90 -76.89 -0.18
CA ALA A 1307 -26.64 -76.28 1.12
C ALA A 1307 -26.93 -74.79 1.07
N ASP A 1308 -26.44 -74.15 0.01
CA ASP A 1308 -26.60 -72.71 -0.12
C ASP A 1308 -28.05 -72.34 -0.07
N LEU A 1309 -28.88 -73.06 -0.83
CA LEU A 1309 -30.28 -72.71 -0.90
C LEU A 1309 -30.94 -72.87 0.46
N LYS A 1310 -30.72 -74.01 1.12
CA LYS A 1310 -31.33 -74.17 2.43
C LYS A 1310 -30.77 -73.11 3.35
N ALA A 1311 -29.49 -72.78 3.17
CA ALA A 1311 -28.83 -71.79 3.99
C ALA A 1311 -29.62 -70.50 4.00
N THR A 1312 -30.21 -70.15 2.86
CA THR A 1312 -30.92 -68.89 2.77
C THR A 1312 -31.93 -68.77 3.89
N ALA A 1313 -32.62 -69.87 4.16
CA ALA A 1313 -33.72 -69.86 5.10
C ALA A 1313 -33.34 -69.26 6.44
N LEU A 1314 -32.12 -69.48 6.90
CA LEU A 1314 -31.84 -69.02 8.25
C LEU A 1314 -30.96 -67.79 8.39
N GLN A 1315 -30.52 -67.13 7.31
CA GLN A 1315 -29.61 -66.02 7.61
C GLN A 1315 -30.29 -64.84 8.28
N ALA A 1316 -31.49 -64.47 7.82
CA ALA A 1316 -31.99 -63.14 8.11
C ALA A 1316 -32.02 -62.85 9.59
N SER A 1317 -32.49 -63.81 10.39
CA SER A 1317 -32.64 -63.54 11.81
C SER A 1317 -31.30 -63.17 12.42
N ARG A 1318 -30.27 -63.97 12.12
CA ARG A 1318 -28.97 -63.66 12.68
C ARG A 1318 -28.51 -62.32 12.18
N GLY A 1319 -28.66 -62.09 10.87
CA GLY A 1319 -28.22 -60.83 10.33
C GLY A 1319 -29.05 -59.71 10.94
N PHE A 1320 -30.35 -59.96 11.09
CA PHE A 1320 -31.19 -59.03 11.83
C PHE A 1320 -30.50 -58.68 13.12
N ALA A 1321 -30.29 -59.69 13.97
CA ALA A 1321 -29.62 -59.45 15.22
C ALA A 1321 -28.26 -58.82 14.97
N LEU A 1322 -27.51 -59.37 14.02
CA LEU A 1322 -26.22 -58.77 13.73
C LEU A 1322 -26.42 -57.30 13.45
N TYR A 1323 -27.32 -57.01 12.51
CA TYR A 1323 -27.66 -55.64 12.18
C TYR A 1323 -28.03 -54.84 13.42
N ASN A 1324 -29.06 -55.29 14.15
CA ASN A 1324 -29.45 -54.48 15.31
C ASN A 1324 -28.30 -54.42 16.30
N ALA A 1325 -27.61 -55.54 16.50
CA ALA A 1325 -26.50 -55.52 17.43
C ALA A 1325 -25.46 -54.52 16.96
N ALA A 1326 -25.20 -54.48 15.65
CA ALA A 1326 -24.24 -53.51 15.17
C ALA A 1326 -24.71 -52.11 15.51
N ASN A 1327 -26.00 -51.84 15.30
CA ASN A 1327 -26.51 -50.54 15.66
C ASN A 1327 -26.36 -50.35 17.16
N LEU A 1328 -26.70 -51.39 17.91
CA LEU A 1328 -26.54 -51.33 19.34
C LEU A 1328 -25.07 -51.13 19.66
N LYS A 1329 -24.22 -51.88 18.97
CA LYS A 1329 -22.81 -51.72 19.24
C LYS A 1329 -22.40 -50.31 18.93
N SER A 1330 -22.87 -49.78 17.80
CA SER A 1330 -22.49 -48.42 17.46
C SER A 1330 -22.99 -47.48 18.54
N ILE A 1331 -24.26 -47.62 18.90
CA ILE A 1331 -24.77 -46.72 19.92
C ILE A 1331 -24.09 -47.02 21.24
N ASN A 1332 -23.91 -48.31 21.55
CA ASN A 1332 -23.26 -48.59 22.81
C ASN A 1332 -21.85 -48.06 22.76
N PHE A 1333 -21.16 -48.24 21.62
CA PHE A 1333 -19.80 -47.73 21.54
C PHE A 1333 -19.82 -46.23 21.74
N HIS A 1334 -20.83 -45.58 21.19
CA HIS A 1334 -20.93 -44.14 21.28
C HIS A 1334 -20.92 -43.72 22.74
N ARG A 1335 -21.59 -44.47 23.60
CA ARG A 1335 -21.67 -44.02 24.97
C ARG A 1335 -20.31 -44.08 25.64
N GLN A 1336 -19.50 -45.09 25.35
CA GLN A 1336 -18.24 -45.12 26.06
C GLN A 1336 -17.42 -43.86 25.84
N ILE A 1337 -17.48 -43.24 24.66
CA ILE A 1337 -16.62 -42.07 24.52
C ILE A 1337 -17.03 -40.98 25.48
N GLU A 1338 -18.33 -40.74 25.68
CA GLU A 1338 -18.64 -39.69 26.64
C GLU A 1338 -18.19 -40.07 28.05
N GLU A 1339 -18.31 -41.34 28.48
CA GLU A 1339 -17.75 -41.55 29.81
C GLU A 1339 -16.27 -41.23 29.78
N LYS A 1340 -15.62 -41.51 28.64
CA LYS A 1340 -14.23 -41.11 28.49
C LYS A 1340 -14.15 -39.61 28.65
N SER A 1341 -15.14 -38.89 28.11
CA SER A 1341 -15.26 -37.46 28.33
C SER A 1341 -15.42 -37.21 29.81
N LEU A 1342 -16.22 -38.04 30.45
CA LEU A 1342 -16.39 -38.02 31.89
C LEU A 1342 -15.05 -38.31 32.53
N ALA A 1343 -14.26 -39.17 31.91
CA ALA A 1343 -12.91 -39.45 32.39
C ALA A 1343 -12.07 -38.18 32.43
N GLN A 1344 -12.12 -37.34 31.40
CA GLN A 1344 -11.51 -36.02 31.60
C GLN A 1344 -12.11 -35.37 32.83
N LEU A 1345 -13.43 -35.44 32.96
CA LEU A 1345 -14.01 -34.96 34.19
C LEU A 1345 -13.44 -35.73 35.38
N LYS A 1346 -13.24 -37.03 35.21
CA LYS A 1346 -12.52 -37.77 36.25
C LYS A 1346 -11.08 -37.25 36.32
N ARG A 1347 -10.50 -36.94 35.17
CA ARG A 1347 -9.19 -36.32 35.20
C ARG A 1347 -9.32 -34.98 35.89
N GLN A 1348 -10.46 -34.33 35.67
CA GLN A 1348 -10.76 -33.07 36.32
C GLN A 1348 -10.69 -33.22 37.83
N MET A 1349 -11.25 -34.30 38.35
CA MET A 1349 -11.17 -34.46 39.80
C MET A 1349 -9.73 -34.60 40.24
N LYS A 1350 -8.87 -35.22 39.43
CA LYS A 1350 -7.48 -35.31 39.83
C LYS A 1350 -6.84 -33.94 40.00
N ARG A 1351 -7.06 -32.99 39.08
CA ARG A 1351 -6.44 -31.70 39.38
C ARG A 1351 -7.08 -31.10 40.60
N ILE A 1352 -8.36 -31.41 40.83
CA ILE A 1352 -9.03 -30.94 42.04
C ILE A 1352 -8.28 -31.45 43.27
N ARG A 1353 -7.82 -32.71 43.23
CA ARG A 1353 -6.99 -33.18 44.34
C ARG A 1353 -5.72 -32.36 44.41
N ALA A 1354 -5.16 -32.02 43.26
CA ALA A 1354 -3.97 -31.19 43.25
C ALA A 1354 -4.25 -29.89 43.96
N LYS A 1355 -5.46 -29.36 43.79
CA LYS A 1355 -5.82 -28.12 44.46
C LYS A 1355 -5.69 -28.23 45.96
N GLN A 1356 -6.22 -29.29 46.58
CA GLN A 1356 -6.08 -29.35 48.03
C GLN A 1356 -4.62 -29.21 48.49
N GLU A 1357 -3.66 -29.91 47.85
CA GLU A 1357 -2.31 -29.72 48.37
C GLU A 1357 -1.83 -28.29 48.21
N LYS A 1358 -2.15 -27.63 47.10
CA LYS A 1358 -1.64 -26.27 47.01
C LYS A 1358 -2.18 -25.42 48.15
N TYR A 1359 -3.48 -25.53 48.48
CA TYR A 1359 -3.93 -24.71 49.59
C TYR A 1359 -3.24 -25.12 50.89
N ARG A 1360 -3.10 -26.42 51.15
CA ARG A 1360 -2.36 -26.80 52.35
C ARG A 1360 -0.94 -26.31 52.21
N GLN A 1361 -0.38 -26.45 51.00
CA GLN A 1361 0.96 -25.95 50.75
C GLN A 1361 0.98 -24.44 50.90
N SER A 1362 -0.05 -23.75 50.40
CA SER A 1362 -0.05 -22.29 50.46
C SER A 1362 -0.02 -21.79 51.90
N GLN A 1363 -0.83 -22.38 52.77
CA GLN A 1363 -0.83 -21.95 54.16
C GLN A 1363 0.52 -22.24 54.81
N ALA A 1364 1.10 -23.40 54.51
CA ALA A 1364 2.39 -23.81 55.04
C ALA A 1364 2.50 -23.64 56.55
N LEU A 1401 -17.74 -18.26 40.11
CA LEU A 1401 -18.28 -17.18 39.26
C LEU A 1401 -17.13 -16.44 38.57
N ASP A 1402 -15.90 -16.69 39.00
CA ASP A 1402 -14.71 -16.03 38.39
C ASP A 1402 -14.64 -16.41 36.90
N HIS A 1403 -15.24 -15.62 36.05
CA HIS A 1403 -15.25 -15.93 34.59
C HIS A 1403 -13.81 -15.90 34.06
N ALA A 1404 -13.01 -14.92 34.44
CA ALA A 1404 -11.60 -14.84 33.97
C ALA A 1404 -10.62 -15.06 35.14
N THR A 1405 -11.12 -15.42 36.30
CA THR A 1405 -10.26 -15.63 37.50
C THR A 1405 -9.26 -16.76 37.24
N VAL A 1406 -9.71 -17.84 36.59
CA VAL A 1406 -8.86 -19.02 36.27
C VAL A 1406 -7.75 -18.67 35.27
N ILE A 1407 -7.92 -17.66 34.44
CA ILE A 1407 -6.90 -17.31 33.40
C ILE A 1407 -5.57 -17.00 34.09
N HIS A 1408 -5.59 -16.30 35.22
CA HIS A 1408 -4.38 -15.95 35.93
C HIS A 1408 -4.17 -16.76 37.22
N SER A 1409 -5.08 -17.67 37.59
CA SER A 1409 -4.97 -18.40 38.85
C SER A 1409 -4.25 -19.75 38.77
N GLY A 1410 -3.75 -20.14 37.61
CA GLY A 1410 -3.08 -21.41 37.39
C GLY A 1410 -1.79 -21.72 38.12
N ASP A 1411 -1.67 -22.93 38.66
CA ASP A 1411 -0.46 -23.35 39.34
C ASP A 1411 0.38 -24.12 38.35
N TYR A 1412 1.67 -24.26 38.66
CA TYR A 1412 2.57 -24.96 37.76
C TYR A 1412 3.01 -26.35 38.19
N PHE A 1413 3.40 -26.56 39.46
CA PHE A 1413 3.91 -27.88 39.82
C PHE A 1413 2.83 -28.94 39.69
N LEU A 1414 1.62 -28.62 40.16
CA LEU A 1414 0.48 -29.50 39.94
C LEU A 1414 0.19 -29.61 38.45
N PHE A 1415 0.39 -28.49 37.75
CA PHE A 1415 0.12 -28.42 36.33
C PHE A 1415 0.93 -29.45 35.55
N GLU A 1416 2.18 -29.67 35.94
CA GLU A 1416 3.02 -30.65 35.24
C GLU A 1416 2.39 -32.02 35.38
N SER A 1417 2.45 -32.84 34.33
CA SER A 1417 1.82 -34.15 34.37
C SER A 1417 2.54 -35.11 35.30
N ASP A 1418 1.77 -36.02 35.89
CA ASP A 1418 2.28 -37.04 36.80
C ASP A 1418 3.43 -37.86 36.19
N ALA A 1437 5.89 -49.84 0.84
CA ALA A 1437 5.13 -49.00 -0.08
C ALA A 1437 5.99 -47.91 -0.68
N PHE A 1438 5.49 -46.68 -0.62
CA PHE A 1438 6.13 -45.57 -1.30
C PHE A 1438 7.48 -45.20 -0.69
N GLN A 1439 7.80 -45.70 0.49
CA GLN A 1439 9.05 -45.32 1.15
C GLN A 1439 10.24 -45.68 0.27
N MET A 1440 10.14 -46.79 -0.46
CA MET A 1440 11.17 -47.12 -1.43
C MET A 1440 11.25 -46.07 -2.52
N ALA A 1441 10.10 -45.56 -2.98
CA ALA A 1441 10.12 -44.50 -3.98
C ALA A 1441 10.82 -43.28 -3.43
N TYR A 1442 10.53 -42.94 -2.17
CA TYR A 1442 11.22 -41.84 -1.48
C TYR A 1442 12.73 -42.03 -1.50
N GLN A 1443 13.19 -43.18 -1.04
CA GLN A 1443 14.64 -43.37 -0.93
C GLN A 1443 15.30 -43.38 -2.30
N ALA A 1444 14.65 -43.99 -3.28
CA ALA A 1444 15.20 -44.04 -4.64
C ALA A 1444 15.27 -42.66 -5.26
N TRP A 1445 14.27 -41.83 -5.03
CA TRP A 1445 14.39 -40.45 -5.47
C TRP A 1445 15.49 -39.73 -4.72
N VAL A 1446 15.71 -40.12 -3.47
CA VAL A 1446 16.76 -39.50 -2.66
C VAL A 1446 18.10 -40.15 -2.94
N THR A 1447 18.22 -41.44 -2.63
CA THR A 1447 19.46 -42.17 -2.77
C THR A 1447 19.45 -42.95 -4.07
N ASN A 1448 20.60 -43.56 -4.39
CA ASN A 1448 20.63 -44.47 -5.51
C ASN A 1448 19.63 -45.58 -5.26
N ALA A 1449 18.79 -45.84 -6.26
CA ALA A 1449 17.82 -46.91 -6.14
C ALA A 1449 18.47 -48.27 -5.99
N GLN A 1450 19.75 -48.40 -6.36
CA GLN A 1450 20.45 -49.66 -6.15
C GLN A 1450 20.48 -50.00 -4.67
N THR A 1451 20.75 -49.00 -3.84
CA THR A 1451 20.63 -49.18 -2.40
C THR A 1451 19.22 -49.55 -2.02
N VAL A 1452 18.22 -49.03 -2.75
CA VAL A 1452 16.84 -49.33 -2.40
C VAL A 1452 16.51 -50.80 -2.66
N LEU A 1453 16.93 -51.33 -3.81
CA LEU A 1453 16.71 -52.76 -4.04
C LEU A 1453 17.55 -53.61 -3.11
N ARG A 1454 18.76 -53.15 -2.76
CA ARG A 1454 19.52 -53.93 -1.81
C ARG A 1454 18.78 -53.97 -0.47
N GLN A 1455 18.10 -52.88 -0.13
CA GLN A 1455 17.28 -52.86 1.08
C GLN A 1455 16.09 -53.80 0.94
N ARG A 1456 15.44 -53.81 -0.22
CA ARG A 1456 14.28 -54.66 -0.39
C ARG A 1456 14.63 -56.13 -0.27
N ARG A 1457 15.69 -56.57 -0.95
CA ARG A 1457 15.99 -58.00 -0.85
C ARG A 1457 16.59 -58.33 0.51
N GLU A 1458 17.39 -57.45 1.11
CA GLU A 1458 17.86 -57.79 2.45
C GLU A 1458 16.71 -57.85 3.43
N ARG A 1459 15.66 -57.06 3.18
CA ARG A 1459 14.43 -57.24 3.95
C ARG A 1459 13.90 -58.65 3.75
N ALA A 1460 13.62 -59.00 2.50
CA ALA A 1460 13.19 -60.36 2.18
C ALA A 1460 14.00 -61.39 2.96
N ARG A 1461 15.32 -61.22 2.97
CA ARG A 1461 16.20 -62.10 3.73
C ARG A 1461 15.83 -62.10 5.21
N GLN A 1462 15.68 -60.90 5.80
CA GLN A 1462 15.52 -60.83 7.24
C GLN A 1462 14.18 -61.45 7.67
N GLU A 1463 13.10 -61.14 6.96
CA GLU A 1463 11.82 -61.76 7.31
C GLU A 1463 11.84 -63.27 7.07
N ARG A 1464 12.44 -63.72 5.96
CA ARG A 1464 12.49 -65.16 5.72
C ARG A 1464 13.30 -65.88 6.79
N ALA A 1465 14.34 -65.24 7.31
CA ALA A 1465 14.99 -65.78 8.49
C ALA A 1465 14.08 -65.70 9.71
N GLU A 1466 13.20 -64.70 9.74
CA GLU A 1466 12.37 -64.46 10.92
C GLU A 1466 11.35 -65.58 11.13
N GLN A 1467 10.62 -66.00 10.07
CA GLN A 1467 9.57 -66.97 10.35
C GLN A 1467 10.13 -68.32 10.79
N LEU A 1468 11.39 -68.61 10.49
CA LEU A 1468 11.98 -69.89 10.86
C LEU A 1468 13.00 -69.72 11.98
N GLY A 1490 33.71 -47.66 -15.12
CA GLY A 1490 32.73 -48.63 -14.69
C GLY A 1490 31.78 -49.04 -15.80
N ARG A 1491 32.36 -49.40 -16.95
CA ARG A 1491 31.54 -49.78 -18.11
C ARG A 1491 30.68 -50.99 -17.79
N SER A 1492 31.26 -52.00 -17.14
CA SER A 1492 30.45 -53.10 -16.61
C SER A 1492 29.46 -52.58 -15.60
N HIS A 1493 29.90 -51.67 -14.74
CA HIS A 1493 28.98 -51.01 -13.83
C HIS A 1493 27.94 -50.20 -14.58
N MET A 1494 28.25 -49.73 -15.79
CA MET A 1494 27.27 -48.96 -16.54
C MET A 1494 26.14 -49.86 -17.02
N MET A 1495 26.49 -50.99 -17.65
CA MET A 1495 25.44 -51.92 -18.03
C MET A 1495 24.72 -52.46 -16.80
N GLN A 1496 25.44 -52.61 -15.68
CA GLN A 1496 24.78 -53.05 -14.46
C GLN A 1496 23.75 -52.04 -14.00
N ARG A 1497 24.07 -50.75 -14.01
CA ARG A 1497 23.03 -49.80 -13.59
C ARG A 1497 21.86 -49.82 -14.56
N VAL A 1498 22.11 -49.91 -15.86
CA VAL A 1498 20.97 -49.93 -16.79
C VAL A 1498 20.08 -51.15 -16.57
N LEU A 1499 20.69 -52.35 -16.43
CA LEU A 1499 19.87 -53.53 -16.16
C LEU A 1499 19.12 -53.35 -14.86
N SER A 1500 19.80 -52.79 -13.86
CA SER A 1500 19.17 -52.55 -12.59
C SER A 1500 18.00 -51.61 -12.78
N THR A 1501 18.14 -50.62 -13.68
CA THR A 1501 17.08 -49.67 -13.94
C THR A 1501 15.84 -50.38 -14.47
N MET A 1502 16.06 -51.32 -15.38
CA MET A 1502 14.93 -52.07 -15.92
C MET A 1502 14.24 -52.86 -14.80
N GLN A 1503 15.06 -53.46 -13.93
CA GLN A 1503 14.53 -54.18 -12.79
C GLN A 1503 13.83 -53.22 -11.85
N PHE A 1504 14.39 -52.02 -11.70
CA PHE A 1504 13.83 -51.03 -10.81
C PHE A 1504 12.43 -50.69 -11.24
N LEU A 1505 12.25 -50.54 -12.55
CA LEU A 1505 10.92 -50.25 -13.10
C LEU A 1505 9.95 -51.39 -12.80
N TRP A 1506 10.40 -52.63 -13.01
CA TRP A 1506 9.50 -53.75 -12.71
C TRP A 1506 9.15 -53.80 -11.22
N VAL A 1507 10.16 -53.62 -10.37
CA VAL A 1507 9.96 -53.66 -8.93
C VAL A 1507 9.05 -52.53 -8.47
N LEU A 1508 9.26 -51.33 -9.01
CA LEU A 1508 8.42 -50.21 -8.61
C LEU A 1508 6.98 -50.44 -9.02
N GLY A 1509 6.75 -50.95 -10.23
CA GLY A 1509 5.38 -51.24 -10.62
C GLY A 1509 4.76 -52.24 -9.67
N GLN A 1510 5.53 -53.27 -9.32
CA GLN A 1510 5.04 -54.28 -8.39
C GLN A 1510 4.72 -53.64 -7.04
N ALA A 1511 5.57 -52.73 -6.58
CA ALA A 1511 5.30 -52.06 -5.31
C ALA A 1511 4.03 -51.22 -5.38
N THR A 1512 3.83 -50.51 -6.50
CA THR A 1512 2.63 -49.68 -6.61
C THR A 1512 1.40 -50.54 -6.54
N VAL A 1513 1.41 -51.67 -7.27
CA VAL A 1513 0.23 -52.51 -7.23
C VAL A 1513 0.03 -53.04 -5.82
N ASP A 1514 1.13 -53.38 -5.12
CA ASP A 1514 0.95 -53.86 -3.75
C ASP A 1514 0.33 -52.80 -2.85
N GLY A 1515 0.77 -51.55 -2.96
CA GLY A 1515 0.18 -50.50 -2.13
C GLY A 1515 -1.30 -50.28 -2.42
N LEU A 1516 -1.66 -50.25 -3.69
CA LEU A 1516 -3.07 -50.08 -4.03
C LEU A 1516 -3.83 -51.26 -3.47
N THR A 1517 -3.23 -52.44 -3.58
CA THR A 1517 -3.83 -53.65 -3.06
C THR A 1517 -4.03 -53.53 -1.57
N ARG A 1518 -3.08 -52.90 -0.88
CA ARG A 1518 -3.19 -52.71 0.57
C ARG A 1518 -4.43 -51.89 0.88
N TRP A 1519 -4.64 -50.83 0.10
CA TRP A 1519 -5.84 -50.01 0.28
C TRP A 1519 -7.09 -50.84 0.04
N LEU A 1520 -7.05 -51.64 -1.01
CA LEU A 1520 -8.17 -52.49 -1.32
C LEU A 1520 -8.39 -53.45 -0.17
N ARG A 1521 -7.29 -53.96 0.39
CA ARG A 1521 -7.33 -54.92 1.49
C ARG A 1521 -8.01 -54.29 2.68
N ALA A 1522 -7.74 -53.01 2.91
CA ALA A 1522 -8.38 -52.30 4.00
C ALA A 1522 -9.88 -52.36 3.79
N PHE A 1523 -10.32 -52.17 2.54
CA PHE A 1523 -11.74 -52.32 2.28
C PHE A 1523 -12.19 -53.75 2.55
N THR A 1524 -11.33 -54.70 2.21
CA THR A 1524 -11.66 -56.10 2.37
C THR A 1524 -11.94 -56.47 3.81
N LYS A 1525 -11.20 -55.92 4.76
CA LYS A 1525 -11.48 -56.31 6.15
C LYS A 1525 -12.89 -55.92 6.59
N HIS A 1526 -13.33 -54.70 6.28
CA HIS A 1526 -14.68 -54.32 6.68
C HIS A 1526 -15.69 -55.22 6.01
N HIS A 1527 -15.46 -55.57 4.74
CA HIS A 1527 -16.42 -56.49 4.11
C HIS A 1527 -16.30 -57.88 4.71
N ARG A 1528 -15.08 -58.26 5.08
CA ARG A 1528 -14.82 -59.58 5.62
C ARG A 1528 -15.65 -59.82 6.86
N THR A 1529 -15.77 -58.81 7.71
CA THR A 1529 -16.61 -58.98 8.89
C THR A 1529 -17.89 -59.75 8.56
N MET A 1530 -18.51 -59.35 7.44
CA MET A 1530 -19.67 -60.08 6.98
C MET A 1530 -19.28 -61.40 6.36
N SER A 1531 -18.21 -61.40 5.56
CA SER A 1531 -17.87 -62.61 4.83
C SER A 1531 -17.57 -63.77 5.76
N ASP A 1532 -16.72 -63.54 6.75
CA ASP A 1532 -16.33 -64.58 7.69
C ASP A 1532 -17.49 -64.97 8.60
N VAL A 1533 -18.30 -64.03 9.08
CA VAL A 1533 -19.38 -64.52 9.93
C VAL A 1533 -20.26 -65.46 9.11
N LEU A 1534 -20.48 -65.08 7.84
CA LEU A 1534 -21.25 -65.94 6.96
C LEU A 1534 -20.58 -67.28 6.75
N CYS A 1535 -19.26 -67.30 6.61
CA CYS A 1535 -18.61 -68.60 6.38
C CYS A 1535 -18.82 -69.51 7.58
N ALA A 1536 -18.69 -68.96 8.80
CA ALA A 1536 -18.83 -69.79 9.98
C ALA A 1536 -20.24 -70.38 10.03
N GLU A 1537 -21.24 -69.54 9.80
CA GLU A 1537 -22.59 -70.07 9.83
C GLU A 1537 -22.80 -71.08 8.70
N ARG A 1538 -22.17 -70.85 7.54
CA ARG A 1538 -22.29 -71.82 6.46
C ARG A 1538 -21.75 -73.17 6.90
N TYR A 1539 -20.63 -73.18 7.61
CA TYR A 1539 -20.09 -74.46 8.08
C TYR A 1539 -21.08 -75.15 8.99
N LEU A 1540 -21.78 -74.37 9.81
CA LEU A 1540 -22.79 -75.00 10.66
C LEU A 1540 -23.83 -75.68 9.77
N LEU A 1541 -24.20 -75.01 8.69
CA LEU A 1541 -25.14 -75.59 7.73
C LEU A 1541 -24.54 -76.86 7.14
N THR A 1542 -23.24 -76.87 6.88
CA THR A 1542 -22.60 -78.04 6.32
C THR A 1542 -22.80 -79.20 7.27
N GLN A 1543 -22.70 -78.92 8.56
CA GLN A 1543 -22.94 -79.95 9.55
C GLN A 1543 -24.37 -80.44 9.42
N GLU A 1544 -25.30 -79.53 9.19
CA GLU A 1544 -26.68 -79.96 9.01
C GLU A 1544 -26.80 -80.91 7.83
N LEU A 1545 -26.12 -80.61 6.74
CA LEU A 1545 -26.17 -81.52 5.59
C LEU A 1545 -25.62 -82.89 5.96
N LEU A 1546 -24.46 -82.93 6.62
CA LEU A 1546 -23.91 -84.23 7.00
C LEU A 1546 -24.78 -84.90 8.04
N ARG A 1547 -25.28 -84.14 9.01
CA ARG A 1547 -26.17 -84.67 10.04
C ARG A 1547 -27.48 -83.93 9.81
N VAL A 1548 -28.48 -84.67 9.32
CA VAL A 1548 -29.76 -84.11 8.87
C VAL A 1548 -30.60 -83.52 9.98
N GLY A 1549 -30.26 -83.77 11.24
CA GLY A 1549 -31.08 -83.33 12.37
C GLY A 1549 -31.45 -81.85 12.46
N GLU A 1550 -32.04 -81.45 13.58
CA GLU A 1550 -32.80 -80.21 13.62
C GLU A 1550 -32.33 -79.17 14.63
N VAL A 1551 -31.58 -79.56 15.66
CA VAL A 1551 -31.30 -78.61 16.74
C VAL A 1551 -30.42 -77.49 16.21
N ARG A 1552 -30.96 -76.27 16.18
CA ARG A 1552 -30.16 -75.10 15.81
C ARG A 1552 -29.19 -74.73 16.91
N ARG A 1553 -29.67 -74.70 18.15
CA ARG A 1553 -28.81 -74.28 19.25
C ARG A 1553 -27.65 -75.24 19.46
N GLY A 1554 -27.86 -76.54 19.24
CA GLY A 1554 -26.75 -77.47 19.39
C GLY A 1554 -25.62 -77.21 18.41
N VAL A 1555 -25.96 -77.03 17.13
CA VAL A 1555 -24.92 -76.73 16.16
C VAL A 1555 -24.26 -75.41 16.52
N LEU A 1556 -25.06 -74.47 17.03
CA LEU A 1556 -24.49 -73.23 17.52
C LEU A 1556 -23.52 -73.52 18.66
N ASP A 1557 -23.86 -74.49 19.51
CA ASP A 1557 -23.02 -74.86 20.64
C ASP A 1557 -21.66 -75.33 20.18
N GLN A 1558 -21.61 -76.10 19.08
CA GLN A 1558 -20.29 -76.44 18.58
C GLN A 1558 -19.52 -75.18 18.25
N LEU A 1559 -20.21 -74.15 17.78
CA LEU A 1559 -19.59 -72.85 17.61
C LEU A 1559 -19.69 -72.10 18.93
N ALA A 1645 -23.33 -63.52 25.50
CA ALA A 1645 -22.89 -64.85 25.12
C ALA A 1645 -23.53 -65.26 23.79
N SER A 1646 -24.73 -64.74 23.54
CA SER A 1646 -25.44 -65.04 22.31
C SER A 1646 -25.07 -64.10 21.16
N GLU A 1647 -24.21 -63.10 21.40
CA GLU A 1647 -23.84 -62.12 20.39
C GLU A 1647 -22.37 -61.75 20.54
N LEU A 1648 -21.52 -62.17 19.59
CA LEU A 1648 -20.10 -61.85 19.61
C LEU A 1648 -19.57 -61.63 18.20
N LEU A 1649 -18.73 -60.60 18.03
CA LEU A 1649 -18.00 -60.46 16.78
C LEU A 1649 -17.02 -61.61 16.59
N LEU A 1650 -16.31 -61.97 17.66
CA LEU A 1650 -15.33 -63.03 17.61
C LEU A 1650 -15.94 -64.32 18.12
N ASP A 1651 -15.72 -65.42 17.38
CA ASP A 1651 -16.21 -66.74 17.77
C ASP A 1651 -15.08 -67.72 17.51
N ARG A 1652 -14.25 -67.94 18.53
CA ARG A 1652 -13.11 -68.84 18.42
C ARG A 1652 -13.52 -70.24 18.86
N ARG A 1653 -13.50 -71.18 17.92
CA ARG A 1653 -14.04 -72.51 18.17
C ARG A 1653 -13.24 -73.50 17.35
N LEU A 1654 -13.81 -74.68 17.14
CA LEU A 1654 -13.19 -75.69 16.28
C LEU A 1654 -13.05 -75.14 14.87
N HIS A 1655 -12.04 -75.64 14.16
CA HIS A 1655 -11.73 -75.15 12.82
C HIS A 1655 -11.56 -76.29 11.84
N ILE A 1656 -12.11 -76.12 10.65
CA ILE A 1656 -12.33 -77.20 9.69
C ILE A 1656 -11.23 -77.14 8.63
N PRO A 1657 -10.61 -78.27 8.28
CA PRO A 1657 -9.36 -78.16 7.49
C PRO A 1657 -9.49 -77.40 6.19
N GLU A 1658 -10.57 -77.61 5.43
CA GLU A 1658 -10.65 -77.03 4.10
C GLU A 1658 -10.52 -75.53 4.16
N LEU A 1659 -11.16 -74.90 5.15
CA LEU A 1659 -11.15 -73.46 5.21
C LEU A 1659 -9.72 -72.95 5.36
N GLU A 1660 -8.95 -73.56 6.27
CA GLU A 1660 -7.61 -73.05 6.51
C GLU A 1660 -6.69 -73.27 5.32
N GLU A 1661 -6.71 -74.47 4.71
CA GLU A 1661 -5.81 -74.54 3.57
C GLU A 1661 -6.25 -73.54 2.51
N ALA A 1662 -7.57 -73.32 2.39
CA ALA A 1662 -8.06 -72.46 1.33
C ALA A 1662 -7.53 -71.04 1.48
N GLU A 1663 -7.69 -70.43 2.67
CA GLU A 1663 -7.20 -69.06 2.74
C GLU A 1663 -5.68 -69.02 2.71
N ARG A 1664 -5.01 -70.02 3.32
CA ARG A 1664 -3.56 -69.98 3.32
C ARG A 1664 -3.02 -69.98 1.91
N PHE A 1665 -3.57 -70.84 1.05
CA PHE A 1665 -3.15 -70.82 -0.34
C PHE A 1665 -3.50 -69.50 -0.98
N GLU A 1666 -4.74 -69.03 -0.82
CA GLU A 1666 -5.11 -67.81 -1.51
C GLU A 1666 -4.16 -66.69 -1.13
N ALA A 1667 -3.80 -66.62 0.14
CA ALA A 1667 -2.87 -65.61 0.58
C ALA A 1667 -1.51 -65.81 -0.07
N GLN A 1668 -1.07 -67.06 -0.22
CA GLN A 1668 0.31 -67.30 -0.63
C GLN A 1668 0.58 -66.78 -2.05
N GLN A 1669 -0.35 -66.97 -2.99
CA GLN A 1669 -0.06 -66.52 -4.35
C GLN A 1669 -0.72 -65.17 -4.59
N GLY A 1670 -0.04 -64.34 -5.38
CA GLY A 1670 -0.71 -63.22 -6.00
C GLY A 1670 0.23 -62.36 -6.82
N ARG A 1671 -0.17 -62.09 -8.07
CA ARG A 1671 0.48 -61.08 -8.88
C ARG A 1671 -0.52 -60.04 -9.33
N THR A 1672 -1.64 -60.48 -9.89
CA THR A 1672 -2.74 -59.61 -10.21
C THR A 1672 -4.05 -60.22 -9.74
N LEU A 1673 -4.04 -61.49 -9.38
CA LEU A 1673 -5.23 -62.15 -8.86
C LEU A 1673 -5.72 -61.45 -7.60
N ARG A 1674 -4.79 -60.86 -6.85
CA ARG A 1674 -5.18 -60.09 -5.68
C ARG A 1674 -6.16 -59.00 -6.08
N LEU A 1675 -5.89 -58.36 -7.22
CA LEU A 1675 -6.81 -57.36 -7.74
C LEU A 1675 -8.15 -57.95 -8.06
N LEU A 1676 -8.15 -59.15 -8.64
CA LEU A 1676 -9.41 -59.77 -9.02
C LEU A 1676 -10.25 -60.04 -7.78
N ARG A 1677 -9.63 -60.60 -6.75
CA ARG A 1677 -10.39 -60.86 -5.54
C ARG A 1677 -10.88 -59.55 -4.96
N ALA A 1678 -10.00 -58.54 -4.96
CA ALA A 1678 -10.36 -57.25 -4.43
C ALA A 1678 -11.56 -56.70 -5.15
N GLY A 1679 -11.62 -56.90 -6.47
CA GLY A 1679 -12.79 -56.49 -7.22
C GLY A 1679 -14.02 -57.20 -6.72
N TYR A 1680 -13.89 -58.50 -6.43
CA TYR A 1680 -15.01 -59.31 -5.98
C TYR A 1680 -15.59 -58.76 -4.67
N GLN A 1681 -14.75 -58.62 -3.66
CA GLN A 1681 -15.28 -58.08 -2.42
C GLN A 1681 -15.66 -56.60 -2.49
N CYS A 1682 -14.96 -55.76 -3.26
CA CYS A 1682 -15.41 -54.37 -3.27
C CYS A 1682 -16.78 -54.27 -3.90
N VAL A 1683 -17.00 -54.98 -5.01
CA VAL A 1683 -18.29 -54.90 -5.66
C VAL A 1683 -19.37 -55.40 -4.72
N ALA A 1684 -19.10 -56.48 -3.99
CA ALA A 1684 -20.10 -56.94 -3.04
C ALA A 1684 -20.36 -55.88 -1.99
N ALA A 1685 -19.30 -55.22 -1.53
CA ALA A 1685 -19.40 -54.21 -0.47
C ALA A 1685 -20.24 -53.01 -0.89
N HIS A 1686 -20.08 -52.53 -2.13
CA HIS A 1686 -20.76 -51.31 -2.55
C HIS A 1686 -22.27 -51.44 -2.43
N SER A 1687 -22.81 -52.55 -2.90
CA SER A 1687 -24.21 -52.92 -2.76
C SER A 1687 -25.23 -52.06 -3.52
N GLU A 1688 -25.22 -50.72 -3.36
CA GLU A 1688 -26.20 -49.88 -4.04
C GLU A 1688 -25.62 -48.72 -4.84
N LEU A 1689 -24.32 -48.48 -4.79
CA LEU A 1689 -23.77 -47.27 -5.42
C LEU A 1689 -23.99 -47.26 -6.91
N LEU A 1690 -23.78 -48.39 -7.57
CA LEU A 1690 -23.88 -48.44 -9.02
C LEU A 1690 -25.28 -48.07 -9.48
N CYS A 1691 -26.31 -48.47 -8.76
CA CYS A 1691 -27.65 -48.13 -9.23
C CYS A 1691 -27.77 -46.62 -9.32
N TYR A 1692 -27.19 -45.92 -8.34
CA TYR A 1692 -27.17 -44.47 -8.38
C TYR A 1692 -26.42 -44.00 -9.61
N PHE A 1693 -25.28 -44.63 -9.87
CA PHE A 1693 -24.46 -44.20 -10.99
C PHE A 1693 -25.23 -44.31 -12.29
N ILE A 1694 -25.88 -45.45 -12.48
CA ILE A 1694 -26.64 -45.70 -13.69
C ILE A 1694 -27.83 -44.77 -13.80
N ILE A 1695 -28.56 -44.59 -12.70
CA ILE A 1695 -29.73 -43.76 -12.80
C ILE A 1695 -29.33 -42.36 -13.19
N ILE A 1696 -28.28 -41.82 -12.57
CA ILE A 1696 -27.92 -40.46 -12.92
C ILE A 1696 -27.44 -40.38 -14.36
N LEU A 1697 -26.59 -41.32 -14.77
CA LEU A 1697 -26.04 -41.23 -16.12
C LEU A 1697 -27.10 -41.35 -17.18
N ASN A 1698 -28.04 -42.28 -17.01
CA ASN A 1698 -29.03 -42.50 -18.06
C ASN A 1698 -29.88 -41.27 -18.28
N HIS A 1699 -30.38 -40.67 -17.21
CA HIS A 1699 -31.20 -39.48 -17.39
C HIS A 1699 -30.37 -38.32 -17.91
N MET A 1700 -29.16 -38.16 -17.39
CA MET A 1700 -28.31 -37.02 -17.83
C MET A 1700 -28.01 -37.17 -19.33
N VAL A 1701 -27.74 -38.38 -19.82
CA VAL A 1701 -27.43 -38.53 -21.23
C VAL A 1701 -28.74 -38.52 -22.03
N THR A 1702 -29.77 -39.19 -21.52
CA THR A 1702 -31.07 -39.16 -22.18
C THR A 1702 -32.10 -38.95 -21.09
N ALA A 1703 -32.96 -37.96 -21.27
CA ALA A 1703 -33.93 -37.58 -20.24
C ALA A 1703 -35.32 -37.53 -20.85
N SER A 1704 -35.97 -38.68 -20.87
CA SER A 1704 -37.38 -38.67 -21.18
C SER A 1704 -38.16 -38.42 -19.89
N ALA A 1705 -39.45 -38.18 -20.05
CA ALA A 1705 -40.28 -37.76 -18.93
C ALA A 1705 -40.05 -38.63 -17.70
N ALA A 1706 -40.34 -39.92 -17.82
CA ALA A 1706 -40.16 -40.83 -16.70
C ALA A 1706 -38.71 -40.90 -16.28
N SER A 1707 -37.80 -40.97 -17.26
CA SER A 1707 -36.38 -41.13 -16.94
C SER A 1707 -35.86 -39.99 -16.10
N LEU A 1708 -36.49 -38.83 -16.17
CA LEU A 1708 -36.08 -37.69 -15.37
C LEU A 1708 -36.88 -37.53 -14.09
N VAL A 1709 -38.18 -37.86 -14.11
CA VAL A 1709 -38.98 -37.72 -12.90
C VAL A 1709 -38.58 -38.76 -11.86
N LEU A 1710 -38.35 -40.01 -12.29
CA LEU A 1710 -38.15 -41.09 -11.32
C LEU A 1710 -36.98 -40.86 -10.36
N PRO A 1711 -35.84 -40.30 -10.77
CA PRO A 1711 -34.71 -40.22 -9.84
C PRO A 1711 -34.97 -39.40 -8.60
N VAL A 1712 -35.59 -38.23 -8.69
CA VAL A 1712 -35.70 -37.47 -7.45
C VAL A 1712 -36.52 -38.23 -6.40
N LEU A 1713 -37.62 -38.81 -6.84
CA LEU A 1713 -38.49 -39.58 -5.91
C LEU A 1713 -37.70 -40.78 -5.37
N VAL A 1714 -36.93 -41.47 -6.20
CA VAL A 1714 -36.22 -42.63 -5.69
C VAL A 1714 -35.18 -42.17 -4.67
N PHE A 1715 -34.52 -41.03 -4.90
CA PHE A 1715 -33.57 -40.58 -3.86
C PHE A 1715 -34.29 -40.28 -2.57
N LEU A 1716 -35.39 -39.53 -2.65
CA LEU A 1716 -36.04 -39.13 -1.41
C LEU A 1716 -36.54 -40.35 -0.64
N TRP A 1717 -37.16 -41.30 -1.33
CA TRP A 1717 -37.64 -42.50 -0.64
C TRP A 1717 -36.46 -43.27 -0.09
N ALA A 1718 -35.40 -43.37 -0.88
CA ALA A 1718 -34.20 -44.10 -0.45
C ALA A 1718 -33.55 -43.46 0.77
N MET A 1719 -33.42 -42.14 0.77
CA MET A 1719 -32.81 -41.51 1.94
C MET A 1719 -33.84 -41.18 3.02
N LEU A 1720 -34.35 -42.24 3.63
CA LEU A 1720 -35.31 -42.04 4.70
C LEU A 1720 -35.00 -42.89 5.94
N THR A 1721 -35.15 -44.21 5.82
CA THR A 1721 -34.93 -45.15 6.91
C THR A 1721 -33.75 -46.05 6.60
N ILE A 1722 -32.82 -46.15 7.56
CA ILE A 1722 -31.63 -46.98 7.43
C ILE A 1722 -31.92 -48.46 7.32
N PRO A 1723 -32.80 -49.04 8.15
CA PRO A 1723 -33.01 -50.49 8.03
C PRO A 1723 -33.59 -50.91 6.70
N ARG A 1724 -34.61 -50.22 6.22
CA ARG A 1724 -35.19 -50.52 4.92
C ARG A 1724 -35.80 -49.24 4.39
N PRO A 1725 -35.06 -48.51 3.55
CA PRO A 1725 -35.56 -47.23 3.04
C PRO A 1725 -36.83 -47.35 2.22
N SER A 1726 -36.91 -48.37 1.38
CA SER A 1726 -38.07 -48.58 0.54
C SER A 1726 -38.58 -49.98 0.80
N LYS A 1727 -39.80 -50.08 1.34
CA LYS A 1727 -40.33 -51.41 1.64
C LYS A 1727 -40.56 -52.23 0.38
N ARG A 1728 -41.21 -51.63 -0.61
CA ARG A 1728 -41.51 -52.30 -1.87
C ARG A 1728 -41.16 -51.44 -3.08
N PHE A 1729 -40.63 -50.26 -2.84
CA PHE A 1729 -40.38 -49.26 -3.86
C PHE A 1729 -39.40 -49.71 -4.95
N TRP A 1730 -38.26 -50.31 -4.56
CA TRP A 1730 -37.29 -50.73 -5.59
C TRP A 1730 -37.99 -51.45 -6.72
N MET A 1731 -38.92 -52.35 -6.36
CA MET A 1731 -39.66 -53.08 -7.36
C MET A 1731 -40.48 -52.16 -8.23
N THR A 1732 -41.06 -51.12 -7.66
CA THR A 1732 -41.82 -50.21 -8.50
C THR A 1732 -40.91 -49.58 -9.55
N ALA A 1733 -39.70 -49.20 -9.14
CA ALA A 1733 -38.79 -48.59 -10.09
C ALA A 1733 -38.40 -49.57 -11.18
N ILE A 1734 -38.04 -50.79 -10.78
CA ILE A 1734 -37.60 -51.76 -11.76
C ILE A 1734 -38.73 -52.15 -12.70
N VAL A 1735 -39.95 -52.31 -12.16
CA VAL A 1735 -41.07 -52.68 -13.03
C VAL A 1735 -41.28 -51.58 -14.05
N PHE A 1736 -41.09 -50.34 -13.62
CA PHE A 1736 -41.21 -49.26 -14.56
C PHE A 1736 -40.19 -49.46 -15.68
N THR A 1737 -38.98 -49.88 -15.30
CA THR A 1737 -37.97 -50.09 -16.32
C THR A 1737 -38.35 -51.16 -17.33
N GLU A 1738 -38.89 -52.31 -16.88
CA GLU A 1738 -39.20 -53.30 -17.91
C GLU A 1738 -40.31 -52.77 -18.81
N VAL A 1739 -41.34 -52.15 -18.23
CA VAL A 1739 -42.41 -51.72 -19.10
C VAL A 1739 -41.91 -50.66 -20.07
N MET A 1740 -41.10 -49.72 -19.61
CA MET A 1740 -40.63 -48.70 -20.52
C MET A 1740 -39.77 -49.30 -21.64
N VAL A 1741 -38.92 -50.28 -21.32
CA VAL A 1741 -38.13 -50.89 -22.38
C VAL A 1741 -39.04 -51.60 -23.38
N VAL A 1742 -40.05 -52.32 -22.89
CA VAL A 1742 -41.03 -52.95 -23.77
C VAL A 1742 -41.68 -51.90 -24.65
N THR A 1743 -41.96 -50.74 -24.07
CA THR A 1743 -42.53 -49.64 -24.81
C THR A 1743 -41.59 -49.24 -25.92
N LYS A 1744 -40.30 -49.20 -25.61
CA LYS A 1744 -39.32 -48.89 -26.63
C LYS A 1744 -39.37 -49.90 -27.76
N TYR A 1745 -39.54 -51.17 -27.40
CA TYR A 1745 -39.57 -52.22 -28.42
C TYR A 1745 -40.72 -52.00 -29.35
N LEU A 1746 -41.90 -51.73 -28.80
CA LEU A 1746 -43.04 -51.48 -29.68
C LEU A 1746 -42.82 -50.18 -30.44
N PHE A 1747 -42.10 -49.24 -29.82
CA PHE A 1747 -41.81 -47.96 -30.44
C PHE A 1747 -41.04 -48.14 -31.74
N GLN A 1748 -40.08 -49.07 -31.78
CA GLN A 1748 -39.41 -49.29 -33.07
C GLN A 1748 -40.41 -49.76 -34.11
N PHE A 1749 -41.38 -50.56 -33.69
CA PHE A 1749 -42.38 -51.12 -34.58
C PHE A 1749 -43.32 -50.06 -35.12
N PRO A 1770 -47.39 -39.30 -36.12
CA PRO A 1770 -48.40 -39.91 -35.25
C PRO A 1770 -48.43 -39.27 -33.86
N PRO A 1771 -49.44 -39.58 -33.05
CA PRO A 1771 -49.48 -39.04 -31.69
C PRO A 1771 -48.32 -39.49 -30.83
N ARG A 1772 -47.67 -40.61 -31.19
CA ARG A 1772 -46.57 -41.12 -30.37
C ARG A 1772 -45.47 -40.10 -30.19
N ILE A 1773 -45.22 -39.26 -31.20
CA ILE A 1773 -44.16 -38.26 -31.10
C ILE A 1773 -44.42 -37.29 -29.94
N LEU A 1774 -45.70 -37.03 -29.62
CA LEU A 1774 -45.99 -36.03 -28.60
C LEU A 1774 -45.33 -36.39 -27.27
N GLY A 1775 -45.40 -37.66 -26.88
CA GLY A 1775 -44.73 -38.10 -25.67
C GLY A 1775 -43.24 -37.79 -25.74
N LEU A 1776 -42.66 -37.57 -24.55
CA LEU A 1776 -41.24 -37.28 -24.50
C LEU A 1776 -40.43 -38.56 -24.61
N GLU A 1777 -40.71 -39.35 -25.64
CA GLU A 1777 -39.92 -40.52 -25.96
C GLU A 1777 -39.54 -40.46 -27.44
N LYS A 1778 -38.26 -40.59 -27.72
CA LYS A 1778 -37.69 -40.22 -29.01
C LYS A 1778 -36.84 -41.36 -29.57
N THR A 1779 -36.67 -41.37 -30.88
CA THR A 1779 -35.82 -42.38 -31.50
C THR A 1779 -34.38 -42.12 -31.11
N ASP A 1780 -33.65 -43.18 -30.80
CA ASP A 1780 -32.26 -43.12 -30.35
C ASP A 1780 -31.63 -44.51 -30.37
N SER A 1781 -30.50 -44.66 -29.69
CA SER A 1781 -29.88 -45.98 -29.59
C SER A 1781 -30.85 -46.94 -28.93
N TYR A 1782 -30.84 -48.18 -29.41
CA TYR A 1782 -31.79 -49.15 -28.90
C TYR A 1782 -31.67 -49.31 -27.39
N ILE A 1783 -30.45 -49.45 -26.88
CA ILE A 1783 -30.23 -49.50 -25.45
C ILE A 1783 -28.77 -49.22 -25.20
N LYS A 1784 -28.44 -48.78 -24.00
CA LYS A 1784 -27.05 -48.63 -23.64
C LYS A 1784 -26.68 -49.51 -22.46
N TYR A 1785 -27.30 -49.33 -21.28
CA TYR A 1785 -26.98 -50.20 -20.16
C TYR A 1785 -28.15 -50.52 -19.25
N ASP A 1786 -29.40 -50.29 -19.67
CA ASP A 1786 -30.53 -50.51 -18.77
C ASP A 1786 -30.58 -51.94 -18.30
N LEU A 1787 -30.23 -52.88 -19.17
CA LEU A 1787 -30.25 -54.27 -18.74
C LEU A 1787 -29.27 -54.45 -17.60
N VAL A 1788 -28.11 -53.79 -17.70
CA VAL A 1788 -27.13 -53.85 -16.62
C VAL A 1788 -27.68 -53.25 -15.33
N GLN A 1789 -28.40 -52.13 -15.41
CA GLN A 1789 -28.96 -51.57 -14.19
C GLN A 1789 -29.92 -52.56 -13.56
N LEU A 1790 -30.76 -53.17 -14.40
CA LEU A 1790 -31.75 -54.15 -13.88
C LEU A 1790 -31.03 -55.35 -13.27
N MET A 1791 -29.98 -55.86 -13.89
CA MET A 1791 -29.30 -57.02 -13.32
C MET A 1791 -28.66 -56.62 -12.01
N ALA A 1792 -28.08 -55.42 -11.95
CA ALA A 1792 -27.46 -54.99 -10.71
C ALA A 1792 -28.49 -54.91 -9.61
N LEU A 1793 -29.67 -54.36 -9.91
CA LEU A 1793 -30.71 -54.25 -8.90
C LEU A 1793 -31.15 -55.62 -8.44
N PHE A 1794 -31.26 -56.57 -9.37
CA PHE A 1794 -31.63 -57.91 -8.96
C PHE A 1794 -30.55 -58.46 -8.03
N PHE A 1795 -29.28 -58.23 -8.37
CA PHE A 1795 -28.26 -58.67 -7.46
C PHE A 1795 -28.46 -58.01 -6.11
N HIS A 1796 -28.91 -56.76 -6.10
CA HIS A 1796 -29.15 -56.11 -4.82
C HIS A 1796 -30.18 -56.86 -3.99
N ARG A 1797 -31.26 -57.31 -4.62
CA ARG A 1797 -32.20 -58.09 -3.83
C ARG A 1797 -31.55 -59.37 -3.36
N SER A 1798 -30.78 -60.02 -4.23
CA SER A 1798 -30.15 -61.27 -3.82
C SER A 1798 -29.21 -61.04 -2.64
N GLN A 1799 -28.41 -59.99 -2.67
CA GLN A 1799 -27.55 -59.73 -1.52
C GLN A 1799 -28.36 -59.42 -0.28
N LEU A 1800 -29.42 -58.63 -0.38
CA LEU A 1800 -30.19 -58.36 0.82
C LEU A 1800 -30.75 -59.66 1.37
N LEU A 1801 -31.26 -60.51 0.49
CA LEU A 1801 -31.79 -61.81 0.91
C LEU A 1801 -30.70 -62.69 1.47
N CYS A 1802 -29.53 -62.75 0.82
CA CYS A 1802 -28.44 -63.60 1.29
C CYS A 1802 -28.01 -63.14 2.66
N TYR A 1803 -27.85 -61.83 2.82
CA TYR A 1803 -27.55 -61.29 4.13
C TYR A 1803 -28.76 -61.48 5.02
N GLY A 1804 -29.94 -61.29 4.45
CA GLY A 1804 -31.22 -61.47 5.10
C GLY A 1804 -31.93 -60.20 5.52
N LEU A 1805 -32.93 -59.82 4.73
CA LEU A 1805 -33.75 -58.65 5.01
C LEU A 1805 -35.12 -58.85 4.38
N TRP A 1806 -36.11 -58.14 4.91
CA TRP A 1806 -37.46 -58.27 4.37
C TRP A 1806 -37.53 -57.63 3.00
N ASP A 1807 -38.34 -58.24 2.14
CA ASP A 1807 -38.70 -57.82 0.76
C ASP A 1807 -38.53 -59.00 -0.17
N ARG A 1941 -74.20 -48.65 15.55
CA ARG A 1941 -74.18 -47.20 15.65
C ARG A 1941 -72.87 -46.60 15.16
N ARG A 1942 -72.17 -45.96 16.10
CA ARG A 1942 -70.90 -45.29 15.85
C ARG A 1942 -69.75 -46.24 15.53
N LEU A 1943 -69.95 -47.55 15.71
CA LEU A 1943 -68.83 -48.48 15.64
C LEU A 1943 -68.16 -48.46 14.27
N GLN A 1944 -68.95 -48.59 13.20
CA GLN A 1944 -68.37 -48.65 11.87
C GLN A 1944 -67.72 -47.34 11.47
N SER A 1945 -68.35 -46.21 11.79
CA SER A 1945 -67.78 -44.91 11.44
C SER A 1945 -66.44 -44.68 12.13
N PHE A 1946 -66.37 -44.97 13.44
CA PHE A 1946 -65.08 -44.85 14.10
C PHE A 1946 -64.06 -45.85 13.57
N CYS A 1947 -64.48 -47.07 13.22
CA CYS A 1947 -63.52 -48.01 12.66
C CYS A 1947 -62.95 -47.50 11.35
N VAL A 1948 -63.79 -46.94 10.49
CA VAL A 1948 -63.31 -46.39 9.21
C VAL A 1948 -62.36 -45.22 9.46
N SER A 1949 -62.72 -44.33 10.38
CA SER A 1949 -61.84 -43.20 10.68
C SER A 1949 -60.51 -43.67 11.24
N LEU A 1950 -60.53 -44.69 12.10
CA LEU A 1950 -59.30 -45.23 12.64
C LEU A 1950 -58.45 -45.88 11.55
N ALA A 1951 -59.08 -46.57 10.60
CA ALA A 1951 -58.32 -47.14 9.50
C ALA A 1951 -57.65 -46.04 8.68
N GLN A 1952 -58.39 -44.98 8.38
CA GLN A 1952 -57.80 -43.87 7.64
C GLN A 1952 -56.64 -43.25 8.41
N SER A 1953 -56.76 -43.20 9.73
CA SER A 1953 -55.67 -42.69 10.56
C SER A 1953 -54.46 -43.60 10.50
N PHE A 1954 -54.69 -44.92 10.54
CA PHE A 1954 -53.60 -45.87 10.46
C PHE A 1954 -52.96 -45.90 9.08
N TYR A 1955 -53.61 -45.38 8.05
CA TYR A 1955 -52.91 -45.20 6.77
C TYR A 1955 -52.15 -43.88 6.71
N GLN A 1956 -52.86 -42.75 6.70
CA GLN A 1956 -52.09 -41.53 6.46
C GLN A 1956 -51.49 -40.91 7.72
N PRO A 1957 -52.27 -40.67 8.79
CA PRO A 1957 -51.64 -40.17 10.02
C PRO A 1957 -50.59 -41.11 10.57
N LEU A 1958 -50.81 -42.42 10.45
CA LEU A 1958 -49.75 -43.34 10.86
C LEU A 1958 -48.49 -43.10 10.04
N GLN A 1959 -48.64 -42.82 8.74
CA GLN A 1959 -47.48 -42.49 7.92
C GLN A 1959 -46.79 -41.24 8.44
N ARG A 1960 -47.59 -40.26 8.88
CA ARG A 1960 -46.97 -39.08 9.48
C ARG A 1960 -46.17 -39.49 10.71
N PHE A 1961 -46.71 -40.42 11.50
CA PHE A 1961 -45.96 -40.92 12.65
C PHE A 1961 -44.69 -41.62 12.19
N PHE A 1962 -44.75 -42.31 11.04
CA PHE A 1962 -43.53 -42.92 10.50
C PHE A 1962 -42.50 -41.84 10.23
N HIS A 1963 -42.94 -40.71 9.70
CA HIS A 1963 -42.02 -39.60 9.49
C HIS A 1963 -41.45 -39.14 10.83
N ASP A 1964 -42.32 -39.08 11.85
CA ASP A 1964 -41.88 -38.65 13.18
C ASP A 1964 -40.80 -39.57 13.71
N ILE A 1965 -41.03 -40.89 13.60
CA ILE A 1965 -40.04 -41.84 14.10
C ILE A 1965 -38.80 -41.72 13.23
N LEU A 1966 -39.00 -41.37 11.97
CA LEU A 1966 -37.88 -41.10 11.09
C LEU A 1966 -37.10 -39.94 11.65
N HIS A 1967 -37.81 -38.95 12.17
CA HIS A 1967 -37.17 -37.77 12.73
C HIS A 1967 -36.85 -37.93 14.20
N THR A 1968 -37.16 -39.08 14.78
CA THR A 1968 -36.86 -39.33 16.18
C THR A 1968 -35.36 -39.44 16.41
N LYS A 1969 -34.99 -39.22 17.65
CA LYS A 1969 -33.61 -39.27 18.10
C LYS A 1969 -33.11 -40.71 18.19
N TYR A 1970 -31.78 -40.82 18.31
CA TYR A 1970 -30.86 -41.96 18.53
C TYR A 1970 -30.40 -42.88 17.38
N ARG A 1971 -30.80 -42.72 16.11
CA ARG A 1971 -30.17 -43.60 15.13
C ARG A 1971 -28.67 -43.29 15.07
N ALA A 1972 -27.84 -44.34 15.09
CA ALA A 1972 -26.40 -44.16 15.21
C ALA A 1972 -25.60 -44.62 14.00
N ALA A 1973 -24.84 -43.70 13.43
CA ALA A 1973 -23.89 -43.92 12.34
C ALA A 1973 -22.72 -42.96 12.57
N THR A 1974 -21.55 -43.27 12.03
CA THR A 1974 -20.39 -42.39 12.19
C THR A 1974 -20.59 -41.06 11.48
N ASP A 1975 -20.05 -40.01 12.09
CA ASP A 1975 -20.21 -38.63 11.63
C ASP A 1975 -18.93 -38.11 10.98
N VAL A 1976 -19.02 -37.62 9.75
CA VAL A 1976 -17.84 -37.05 9.09
C VAL A 1976 -18.15 -35.70 8.43
N TYR A 1977 -18.23 -34.63 9.22
CA TYR A 1977 -18.60 -33.32 8.68
C TYR A 1977 -17.62 -32.82 7.64
N ALA A 1978 -16.34 -33.12 7.82
CA ALA A 1978 -15.32 -32.51 6.98
C ALA A 1978 -15.46 -32.99 5.55
N LEU A 1979 -15.82 -34.26 5.35
CA LEU A 1979 -16.01 -34.69 3.97
C LEU A 1979 -17.12 -33.87 3.32
N MET A 1980 -18.19 -33.57 4.05
CA MET A 1980 -19.21 -32.72 3.43
C MET A 1980 -18.67 -31.35 3.09
N PHE A 1981 -17.94 -30.73 4.02
CA PHE A 1981 -17.48 -29.38 3.74
C PHE A 1981 -16.54 -29.36 2.54
N LEU A 1982 -15.60 -30.30 2.49
CA LEU A 1982 -14.69 -30.36 1.34
C LEU A 1982 -15.43 -30.68 0.06
N ALA A 1983 -16.40 -31.59 0.12
CA ALA A 1983 -17.17 -31.89 -1.08
C ALA A 1983 -17.87 -30.64 -1.57
N ASP A 1984 -18.39 -29.85 -0.65
CA ASP A 1984 -19.08 -28.63 -1.02
C ASP A 1984 -18.14 -27.66 -1.70
N ILE A 1985 -16.96 -27.46 -1.12
CA ILE A 1985 -16.03 -26.51 -1.72
C ILE A 1985 -15.66 -27.00 -3.11
N VAL A 1986 -15.49 -28.32 -3.26
CA VAL A 1986 -15.22 -28.88 -4.57
C VAL A 1986 -16.36 -28.55 -5.51
N ASP A 1987 -17.59 -28.59 -4.99
CA ASP A 1987 -18.74 -28.27 -5.82
C ASP A 1987 -18.64 -26.84 -6.33
N ILE A 1988 -18.23 -25.92 -5.45
CA ILE A 1988 -18.02 -24.55 -5.91
C ILE A 1988 -16.96 -24.52 -6.98
N ILE A 1989 -15.90 -25.30 -6.79
CA ILE A 1989 -14.83 -25.33 -7.77
C ILE A 1989 -15.37 -25.76 -9.12
N ILE A 1990 -16.24 -26.75 -9.09
CA ILE A 1990 -16.87 -27.24 -10.31
C ILE A 1990 -17.68 -26.13 -10.95
N ILE A 1991 -18.45 -25.42 -10.14
CA ILE A 1991 -19.31 -24.37 -10.67
C ILE A 1991 -18.47 -23.28 -11.31
N ILE A 1992 -17.43 -22.85 -10.61
CA ILE A 1992 -16.60 -21.77 -11.12
C ILE A 1992 -15.90 -22.21 -12.40
N PHE A 1993 -15.50 -23.47 -12.46
CA PHE A 1993 -14.90 -23.95 -13.69
C PHE A 1993 -15.87 -23.74 -14.84
N GLY A 1994 -17.14 -24.07 -14.60
CA GLY A 1994 -18.14 -23.86 -15.62
C GLY A 1994 -18.50 -22.40 -15.78
N PHE A 1995 -17.55 -21.55 -16.18
CA PHE A 1995 -17.88 -20.17 -16.48
C PHE A 1995 -17.50 -19.78 -17.91
N TRP A 1996 -16.27 -20.06 -18.32
CA TRP A 1996 -15.85 -19.66 -19.66
C TRP A 1996 -16.61 -20.44 -20.71
N ALA A 1997 -16.99 -21.68 -20.40
CA ALA A 1997 -17.70 -22.50 -21.37
C ALA A 1997 -18.97 -21.81 -21.82
N PHE A 1998 -19.64 -21.09 -20.92
CA PHE A 1998 -20.82 -20.34 -21.30
C PHE A 1998 -20.46 -19.33 -22.38
N GLY A 1999 -19.30 -18.69 -22.25
CA GLY A 1999 -18.84 -17.81 -23.30
C GLY A 1999 -18.51 -18.61 -24.55
N LYS A 2000 -17.97 -17.91 -25.53
CA LYS A 2000 -17.51 -18.53 -26.76
C LYS A 2000 -16.15 -19.19 -26.59
N HIS A 2001 -15.74 -19.42 -25.35
CA HIS A 2001 -14.39 -19.85 -25.00
C HIS A 2001 -14.47 -20.90 -23.91
N SER A 2002 -14.56 -22.17 -24.29
CA SER A 2002 -14.62 -23.23 -23.29
C SER A 2002 -13.22 -23.76 -22.97
N ALA A 2003 -12.29 -22.84 -22.72
CA ALA A 2003 -10.90 -23.23 -22.48
C ALA A 2003 -10.22 -22.43 -21.38
N ALA A 2004 -10.97 -21.69 -20.57
CA ALA A 2004 -10.41 -20.85 -19.51
C ALA A 2004 -9.36 -19.89 -20.07
N THR A 2005 -9.79 -19.10 -21.03
CA THR A 2005 -8.92 -18.20 -21.76
C THR A 2005 -8.62 -16.98 -20.89
N ASP A 2006 -8.03 -15.94 -21.48
CA ASP A 2006 -7.66 -14.76 -20.72
C ASP A 2006 -8.92 -14.04 -20.21
N ILE A 2007 -8.73 -13.22 -19.18
CA ILE A 2007 -9.84 -12.53 -18.54
C ILE A 2007 -10.48 -11.50 -19.47
N ALA A 2008 -9.74 -11.02 -20.47
CA ALA A 2008 -10.25 -9.96 -21.34
C ALA A 2008 -11.55 -10.39 -22.02
N SER A 2009 -11.64 -11.66 -22.43
CA SER A 2009 -12.88 -12.15 -23.03
C SER A 2009 -14.03 -12.04 -22.05
N SER A 2010 -13.78 -12.39 -20.77
CA SER A 2010 -14.83 -12.26 -19.77
C SER A 2010 -15.25 -10.81 -19.64
N LEU A 2011 -14.28 -9.89 -19.70
CA LEU A 2011 -14.59 -8.48 -19.63
C LEU A 2011 -15.45 -8.04 -20.81
N SER A 2012 -15.17 -8.59 -21.99
CA SER A 2012 -15.78 -8.15 -23.24
C SER A 2012 -16.95 -9.00 -23.71
N ASP A 2013 -17.44 -9.95 -22.91
CA ASP A 2013 -18.53 -10.83 -23.34
C ASP A 2013 -19.82 -10.60 -22.56
N ASP A 2014 -19.81 -10.77 -21.24
CA ASP A 2014 -21.00 -10.67 -20.39
C ASP A 2014 -22.18 -11.42 -21.01
N GLN A 2015 -21.95 -12.69 -21.34
CA GLN A 2015 -22.93 -13.53 -22.01
C GLN A 2015 -23.93 -14.05 -20.98
N VAL A 2016 -24.87 -13.18 -20.62
CA VAL A 2016 -25.97 -13.52 -19.71
C VAL A 2016 -25.37 -13.99 -18.39
N PRO A 2017 -24.75 -13.09 -17.62
CA PRO A 2017 -24.07 -13.50 -16.39
C PRO A 2017 -24.94 -13.66 -15.14
N GLN A 2018 -26.25 -13.40 -15.20
CA GLN A 2018 -27.05 -13.47 -13.98
C GLN A 2018 -27.00 -14.86 -13.36
N ALA A 2019 -26.99 -15.89 -14.21
CA ALA A 2019 -26.98 -17.26 -13.69
C ALA A 2019 -25.75 -17.49 -12.82
N PHE A 2020 -24.60 -16.96 -13.21
CA PHE A 2020 -23.40 -17.17 -12.41
C PHE A 2020 -23.60 -16.61 -11.01
N LEU A 2021 -24.11 -15.38 -10.92
CA LEU A 2021 -24.30 -14.78 -9.62
C LEU A 2021 -25.34 -15.53 -8.80
N PHE A 2022 -26.44 -15.95 -9.42
CA PHE A 2022 -27.45 -16.67 -8.64
C PHE A 2022 -26.88 -17.95 -8.08
N MET A 2023 -26.17 -18.72 -8.92
CA MET A 2023 -25.64 -19.98 -8.45
C MET A 2023 -24.63 -19.76 -7.34
N LEU A 2024 -23.73 -18.79 -7.50
CA LEU A 2024 -22.73 -18.56 -6.47
C LEU A 2024 -23.38 -18.10 -5.16
N LEU A 2025 -24.39 -17.25 -5.24
CA LEU A 2025 -25.05 -16.81 -4.02
C LEU A 2025 -25.70 -17.99 -3.34
N VAL A 2026 -26.33 -18.86 -4.12
CA VAL A 2026 -27.02 -20.00 -3.55
C VAL A 2026 -26.03 -20.93 -2.86
N GLN A 2027 -24.90 -21.20 -3.52
CA GLN A 2027 -23.92 -22.08 -2.91
C GLN A 2027 -23.31 -21.49 -1.64
N PHE A 2028 -23.03 -20.18 -1.61
CA PHE A 2028 -22.56 -19.61 -0.35
C PHE A 2028 -23.61 -19.73 0.74
N GLY A 2029 -24.87 -19.41 0.42
CA GLY A 2029 -25.91 -19.62 1.41
C GLY A 2029 -25.96 -21.06 1.85
N THR A 2030 -25.70 -21.96 0.91
CA THR A 2030 -25.67 -23.39 1.20
C THR A 2030 -24.60 -23.71 2.22
N MET A 2031 -23.40 -23.15 2.03
CA MET A 2031 -22.34 -23.39 2.99
C MET A 2031 -22.71 -22.82 4.35
N VAL A 2032 -23.32 -21.64 4.35
CA VAL A 2032 -23.68 -21.03 5.62
C VAL A 2032 -24.66 -21.91 6.36
N ILE A 2033 -25.69 -22.37 5.66
CA ILE A 2033 -26.71 -23.18 6.29
C ILE A 2033 -26.14 -24.53 6.70
N ASP A 2034 -25.23 -25.09 5.91
CA ASP A 2034 -24.69 -26.39 6.28
C ASP A 2034 -23.93 -26.29 7.58
N ARG A 2035 -23.15 -25.22 7.73
CA ARG A 2035 -22.45 -25.02 9.00
C ARG A 2035 -23.45 -24.81 10.12
N ALA A 2036 -24.50 -24.04 9.85
CA ALA A 2036 -25.50 -23.77 10.88
C ALA A 2036 -26.16 -25.07 11.33
N LEU A 2037 -26.51 -25.93 10.39
CA LEU A 2037 -27.08 -27.23 10.72
C LEU A 2037 -26.07 -28.06 11.50
N TYR A 2038 -24.82 -28.00 11.09
CA TYR A 2038 -23.78 -28.75 11.77
C TYR A 2038 -23.70 -28.37 13.24
N LEU A 2039 -23.69 -27.07 13.50
CA LEU A 2039 -23.58 -26.58 14.87
C LEU A 2039 -24.86 -26.75 15.68
N ARG A 2040 -26.05 -26.51 15.10
CA ARG A 2040 -27.26 -26.67 15.92
C ARG A 2040 -28.03 -27.96 15.68
N LYS A 2041 -27.71 -28.72 14.63
CA LYS A 2041 -28.43 -29.96 14.29
C LYS A 2041 -29.93 -29.90 14.53
N THR A 2042 -30.63 -29.06 13.77
CA THR A 2042 -32.08 -28.99 13.87
C THR A 2042 -32.64 -29.43 12.52
N VAL A 2043 -33.72 -30.19 12.56
CA VAL A 2043 -34.20 -30.91 11.39
C VAL A 2043 -34.67 -29.97 10.28
N LEU A 2044 -35.29 -28.84 10.64
CA LEU A 2044 -35.84 -27.99 9.59
C LEU A 2044 -34.76 -27.61 8.59
N GLY A 2045 -33.55 -27.34 9.06
CA GLY A 2045 -32.48 -27.02 8.13
C GLY A 2045 -32.22 -28.17 7.17
N LYS A 2046 -32.27 -29.39 7.68
CA LYS A 2046 -32.02 -30.56 6.83
C LYS A 2046 -33.05 -30.65 5.73
N LEU A 2047 -34.31 -30.53 6.12
CA LEU A 2047 -35.38 -30.59 5.15
C LEU A 2047 -35.28 -29.42 4.18
N ALA A 2048 -34.95 -28.25 4.70
CA ALA A 2048 -34.80 -27.09 3.83
C ALA A 2048 -33.75 -27.37 2.79
N PHE A 2049 -32.64 -27.98 3.22
CA PHE A 2049 -31.56 -28.30 2.30
C PHE A 2049 -32.05 -29.20 1.18
N GLN A 2050 -32.72 -30.28 1.53
CA GLN A 2050 -33.15 -31.21 0.50
C GLN A 2050 -34.19 -30.57 -0.41
N VAL A 2051 -35.18 -29.89 0.17
CA VAL A 2051 -36.21 -29.33 -0.69
C VAL A 2051 -35.62 -28.27 -1.60
N VAL A 2052 -34.77 -27.39 -1.07
CA VAL A 2052 -34.28 -26.32 -1.92
C VAL A 2052 -33.47 -26.89 -3.06
N LEU A 2053 -32.62 -27.89 -2.76
CA LEU A 2053 -31.80 -28.44 -3.83
C LEU A 2053 -32.67 -29.09 -4.90
N VAL A 2054 -33.67 -29.88 -4.50
CA VAL A 2054 -34.48 -30.54 -5.51
C VAL A 2054 -35.23 -29.52 -6.35
N VAL A 2055 -35.85 -28.54 -5.72
CA VAL A 2055 -36.60 -27.58 -6.52
C VAL A 2055 -35.67 -26.81 -7.42
N ALA A 2056 -34.48 -26.44 -6.92
CA ALA A 2056 -33.57 -25.65 -7.74
C ALA A 2056 -33.16 -26.43 -8.98
N ILE A 2057 -32.78 -27.69 -8.80
CA ILE A 2057 -32.33 -28.47 -9.95
C ILE A 2057 -33.47 -28.64 -10.95
N HIS A 2058 -34.65 -29.01 -10.45
CA HIS A 2058 -35.75 -29.28 -11.36
C HIS A 2058 -36.27 -28.04 -12.07
N ILE A 2059 -36.47 -26.94 -11.35
CA ILE A 2059 -36.99 -25.74 -11.99
C ILE A 2059 -35.94 -25.08 -12.88
N TRP A 2060 -34.70 -24.99 -12.40
CA TRP A 2060 -33.67 -24.28 -13.14
C TRP A 2060 -33.32 -25.02 -14.42
N MET A 2061 -33.28 -26.34 -14.35
CA MET A 2061 -32.91 -27.17 -15.49
C MET A 2061 -33.99 -28.18 -15.79
N PHE A 2062 -33.67 -29.13 -16.66
CA PHE A 2062 -34.45 -30.33 -16.94
C PHE A 2062 -35.66 -30.06 -17.83
N PHE A 2063 -35.55 -29.14 -18.78
CA PHE A 2063 -36.55 -29.00 -19.84
C PHE A 2063 -35.92 -28.26 -21.01
N ILE A 2064 -36.76 -27.74 -21.92
CA ILE A 2064 -36.23 -27.06 -23.11
C ILE A 2064 -35.54 -25.75 -22.76
N LEU A 2065 -36.02 -25.02 -21.75
CA LEU A 2065 -35.41 -23.73 -21.42
C LEU A 2065 -33.94 -23.84 -21.05
N PRO A 2066 -33.48 -24.87 -20.33
CA PRO A 2066 -32.04 -24.96 -20.05
C PRO A 2066 -31.21 -24.94 -21.33
N ALA A 2067 -31.73 -25.53 -22.41
CA ALA A 2067 -31.04 -25.56 -23.69
C ALA A 2067 -31.04 -24.17 -24.32
N VAL A 2068 -31.34 -23.14 -23.53
CA VAL A 2068 -31.22 -21.77 -24.00
C VAL A 2068 -29.78 -21.48 -24.40
N THR A 2069 -28.82 -21.96 -23.60
CA THR A 2069 -27.45 -22.02 -24.06
C THR A 2069 -27.32 -23.19 -25.02
N GLU A 2070 -26.36 -23.09 -25.93
CA GLU A 2070 -26.20 -24.12 -26.95
C GLU A 2070 -25.52 -25.33 -26.33
N ARG A 2071 -26.25 -25.95 -25.40
CA ARG A 2071 -25.77 -27.08 -24.62
C ARG A 2071 -26.86 -28.14 -24.54
N MET A 2072 -27.43 -28.52 -25.69
CA MET A 2072 -28.51 -29.49 -25.63
C MET A 2072 -27.97 -30.80 -25.07
N PHE A 2073 -27.13 -31.49 -25.86
CA PHE A 2073 -26.33 -32.61 -25.39
C PHE A 2073 -24.85 -32.52 -25.76
N SER A 2074 -24.46 -31.63 -26.68
CA SER A 2074 -23.12 -31.65 -27.25
C SER A 2074 -22.03 -31.55 -26.19
N GLN A 2075 -21.95 -30.40 -25.52
CA GLN A 2075 -21.12 -30.23 -24.35
C GLN A 2075 -21.95 -30.21 -23.08
N ASN A 2076 -23.18 -30.72 -23.17
CA ASN A 2076 -24.07 -30.74 -22.02
C ASN A 2076 -23.73 -31.86 -21.04
N ALA A 2077 -22.47 -31.94 -20.65
CA ALA A 2077 -22.05 -32.88 -19.63
C ALA A 2077 -21.42 -32.19 -18.44
N VAL A 2078 -20.82 -31.02 -18.63
CA VAL A 2078 -20.16 -30.32 -17.54
C VAL A 2078 -21.19 -29.86 -16.50
N ALA A 2079 -22.29 -29.28 -16.95
CA ALA A 2079 -23.35 -28.96 -16.00
C ALA A 2079 -23.85 -30.23 -15.36
N GLN A 2080 -23.95 -31.29 -16.16
CA GLN A 2080 -24.29 -32.60 -15.63
C GLN A 2080 -23.22 -33.10 -14.68
N LEU A 2081 -21.96 -32.79 -14.97
CA LEU A 2081 -20.90 -33.17 -14.05
C LEU A 2081 -21.16 -32.54 -12.69
N TRP A 2082 -21.52 -31.27 -12.73
CA TRP A 2082 -21.91 -30.54 -11.53
C TRP A 2082 -23.13 -31.18 -10.91
N TYR A 2083 -24.05 -31.63 -11.76
CA TYR A 2083 -25.26 -32.25 -11.27
C TYR A 2083 -24.98 -33.49 -10.46
N PHE A 2084 -24.15 -34.39 -10.99
CA PHE A 2084 -23.97 -35.61 -10.21
C PHE A 2084 -23.21 -35.30 -8.96
N VAL A 2085 -22.23 -34.38 -9.02
CA VAL A 2085 -21.45 -34.13 -7.81
C VAL A 2085 -22.37 -33.64 -6.71
N LYS A 2086 -23.27 -32.71 -7.03
CA LYS A 2086 -24.23 -32.30 -6.02
C LYS A 2086 -25.06 -33.49 -5.58
N CYS A 2087 -25.44 -34.35 -6.51
CA CYS A 2087 -26.29 -35.48 -6.14
C CYS A 2087 -25.61 -36.39 -5.12
N ILE A 2088 -24.34 -36.72 -5.36
CA ILE A 2088 -23.63 -37.58 -4.42
C ILE A 2088 -23.53 -36.86 -3.09
N TYR A 2089 -23.23 -35.57 -3.15
CA TYR A 2089 -23.12 -34.83 -1.92
C TYR A 2089 -24.42 -34.86 -1.14
N PHE A 2090 -25.52 -34.68 -1.83
CA PHE A 2090 -26.81 -34.65 -1.16
C PHE A 2090 -27.10 -35.99 -0.54
N ALA A 2091 -26.79 -37.06 -1.25
CA ALA A 2091 -27.04 -38.41 -0.74
C ALA A 2091 -26.22 -38.66 0.52
N LEU A 2092 -24.94 -38.32 0.48
CA LEU A 2092 -24.11 -38.53 1.66
C LEU A 2092 -24.57 -37.61 2.78
N SER A 2093 -25.04 -36.41 2.43
CA SER A 2093 -25.59 -35.51 3.43
C SER A 2093 -26.77 -36.16 4.13
N ALA A 2094 -27.64 -36.80 3.35
CA ALA A 2094 -28.77 -37.50 3.93
C ALA A 2094 -28.32 -38.63 4.83
N TYR A 2095 -27.27 -39.35 4.41
CA TYR A 2095 -26.73 -40.40 5.25
C TYR A 2095 -26.29 -39.82 6.57
N GLN A 2096 -25.67 -38.65 6.51
CA GLN A 2096 -25.26 -37.95 7.71
C GLN A 2096 -26.49 -37.59 8.53
N ILE A 2097 -27.58 -37.22 7.86
CA ILE A 2097 -28.80 -36.95 8.61
C ILE A 2097 -29.20 -38.22 9.34
N ARG A 2098 -29.04 -39.36 8.69
CA ARG A 2098 -29.40 -40.61 9.33
C ARG A 2098 -28.57 -40.82 10.59
N CYS A 2099 -27.27 -40.53 10.51
CA CYS A 2099 -26.45 -40.65 11.72
C CYS A 2099 -26.73 -39.54 12.71
N GLY A 2100 -26.89 -38.31 12.23
CA GLY A 2100 -27.09 -37.21 13.16
C GLY A 2100 -25.85 -37.12 14.04
N TYR A 2101 -26.07 -37.03 15.34
CA TYR A 2101 -25.03 -37.00 16.37
C TYR A 2101 -23.90 -35.98 16.17
N PRO A 2102 -24.19 -34.76 15.74
CA PRO A 2102 -23.10 -33.79 15.56
C PRO A 2102 -22.38 -33.47 16.84
N THR A 2103 -23.09 -33.51 17.97
CA THR A 2103 -22.46 -33.13 19.22
C THR A 2103 -21.21 -33.97 19.48
N ARG A 2104 -21.29 -35.27 19.26
CA ARG A 2104 -20.10 -36.10 19.44
C ARG A 2104 -19.23 -35.90 18.19
N ILE A 2105 -17.97 -35.47 18.39
CA ILE A 2105 -17.06 -35.15 17.29
C ILE A 2105 -15.65 -35.65 17.61
N LEU A 2106 -14.86 -35.78 16.55
CA LEU A 2106 -13.46 -36.17 16.54
C LEU A 2106 -12.97 -35.80 15.16
N GLY A 2107 -11.66 -35.59 15.03
CA GLY A 2107 -11.12 -35.16 13.76
C GLY A 2107 -11.43 -36.14 12.64
N ASN A 2108 -11.61 -35.59 11.44
CA ASN A 2108 -11.94 -36.41 10.28
C ASN A 2108 -10.84 -37.44 10.06
N PHE A 2109 -11.22 -38.72 10.06
CA PHE A 2109 -10.25 -39.79 9.87
C PHE A 2109 -9.53 -39.66 8.53
N LEU A 2110 -10.21 -39.15 7.51
CA LEU A 2110 -9.51 -38.84 6.27
C LEU A 2110 -8.47 -37.74 6.49
N THR A 2111 -8.84 -36.69 7.22
CA THR A 2111 -7.84 -35.72 7.65
C THR A 2111 -6.91 -36.33 8.69
N LYS A 2112 -7.45 -37.18 9.57
CA LYS A 2112 -6.68 -37.82 10.63
C LYS A 2112 -5.75 -38.90 10.10
N LYS A 2113 -5.78 -39.21 8.80
CA LYS A 2113 -4.70 -40.02 8.28
C LYS A 2113 -3.45 -39.20 8.01
N TYR A 2114 -3.59 -37.87 7.95
CA TYR A 2114 -2.47 -36.95 8.11
C TYR A 2114 -1.41 -37.14 7.04
N ASN A 2115 -1.77 -37.75 5.90
CA ASN A 2115 -0.77 -38.04 4.88
C ASN A 2115 -0.17 -36.76 4.32
N HIS A 2116 1.07 -36.89 3.83
CA HIS A 2116 1.71 -35.74 3.21
C HIS A 2116 0.84 -35.19 2.09
N LEU A 2117 0.15 -36.07 1.37
CA LEU A 2117 -0.86 -35.60 0.43
C LEU A 2117 -2.01 -34.93 1.18
N ASN A 2118 -2.44 -35.54 2.30
CA ASN A 2118 -3.46 -34.90 3.13
C ASN A 2118 -2.94 -33.57 3.64
N LEU A 2119 -1.68 -33.55 4.04
CA LEU A 2119 -1.12 -32.33 4.56
C LEU A 2119 -1.10 -31.25 3.49
N PHE A 2120 -0.71 -31.61 2.26
CA PHE A 2120 -0.71 -30.63 1.17
C PHE A 2120 -2.10 -30.13 0.87
N LEU A 2121 -3.08 -31.04 0.81
CA LEU A 2121 -4.43 -30.60 0.50
C LEU A 2121 -4.94 -29.67 1.58
N PHE A 2122 -4.74 -30.03 2.84
CA PHE A 2122 -5.25 -29.16 3.90
C PHE A 2122 -4.55 -27.82 3.88
N GLN A 2123 -3.23 -27.80 3.71
CA GLN A 2123 -2.55 -26.52 3.71
C GLN A 2123 -3.03 -25.66 2.56
N GLY A 2124 -3.23 -26.27 1.39
CA GLY A 2124 -3.77 -25.51 0.28
C GLY A 2124 -5.13 -24.93 0.60
N PHE A 2125 -5.95 -25.71 1.31
CA PHE A 2125 -7.22 -25.19 1.81
C PHE A 2125 -6.97 -24.02 2.73
N ARG A 2126 -5.87 -24.08 3.47
CA ARG A 2126 -5.46 -23.15 4.49
C ARG A 2126 -4.75 -21.91 3.93
N LEU A 2127 -4.40 -21.91 2.65
CA LEU A 2127 -3.76 -20.75 2.03
C LEU A 2127 -4.74 -19.88 1.25
N VAL A 2128 -6.00 -20.26 1.15
CA VAL A 2128 -6.88 -19.48 0.29
C VAL A 2128 -7.31 -18.24 1.04
N PRO A 2129 -7.58 -17.14 0.35
CA PRO A 2129 -7.99 -15.91 1.04
C PRO A 2129 -9.35 -16.08 1.71
N PHE A 2130 -9.56 -15.26 2.75
CA PHE A 2130 -10.83 -15.03 3.40
C PHE A 2130 -11.30 -16.18 4.30
N LEU A 2131 -10.60 -17.30 4.34
CA LEU A 2131 -11.10 -18.43 5.10
C LEU A 2131 -11.16 -18.10 6.59
N VAL A 2132 -10.12 -17.42 7.08
CA VAL A 2132 -9.94 -17.28 8.52
C VAL A 2132 -11.11 -16.54 9.15
N GLU A 2133 -11.46 -15.38 8.60
CA GLU A 2133 -12.50 -14.62 9.26
C GLU A 2133 -13.82 -15.35 9.20
N LEU A 2134 -14.17 -15.94 8.06
CA LEU A 2134 -15.47 -16.59 7.96
C LEU A 2134 -15.57 -17.74 8.97
N ARG A 2135 -14.56 -18.60 9.01
CA ARG A 2135 -14.62 -19.73 9.93
C ARG A 2135 -14.65 -19.24 11.37
N ALA A 2136 -13.78 -18.29 11.70
CA ALA A 2136 -13.70 -17.81 13.07
C ALA A 2136 -15.00 -17.14 13.48
N VAL A 2137 -15.55 -16.28 12.62
CA VAL A 2137 -16.74 -15.55 13.02
C VAL A 2137 -17.89 -16.52 13.22
N MET A 2138 -18.10 -17.44 12.28
CA MET A 2138 -19.23 -18.34 12.40
C MET A 2138 -19.10 -19.22 13.63
N ASP A 2139 -17.94 -19.83 13.82
CA ASP A 2139 -17.79 -20.69 14.98
C ASP A 2139 -17.95 -19.88 16.26
N TRP A 2140 -17.39 -18.67 16.28
CA TRP A 2140 -17.45 -17.85 17.48
C TRP A 2140 -18.88 -17.56 17.87
N VAL A 2141 -19.72 -17.17 16.90
CA VAL A 2141 -21.11 -16.89 17.27
C VAL A 2141 -21.81 -18.17 17.65
N TRP A 2142 -21.48 -19.24 16.97
CA TRP A 2142 -22.25 -20.46 17.14
C TRP A 2142 -21.68 -21.39 18.18
N THR A 2143 -20.57 -21.03 18.81
CA THR A 2143 -20.06 -21.84 19.90
C THR A 2143 -20.49 -21.13 21.18
N ASP A 2144 -20.99 -21.92 22.13
CA ASP A 2144 -21.89 -21.40 23.14
C ASP A 2144 -21.29 -21.40 24.54
N THR A 2145 -19.98 -21.20 24.65
CA THR A 2145 -19.32 -21.19 25.95
C THR A 2145 -18.69 -19.84 26.18
N THR A 2146 -18.22 -19.64 27.41
CA THR A 2146 -17.36 -18.49 27.70
C THR A 2146 -16.20 -18.45 26.72
N LEU A 2147 -16.17 -17.38 25.93
CA LEU A 2147 -15.16 -17.23 24.90
C LEU A 2147 -15.09 -15.79 24.39
N SER A 2148 -13.89 -15.24 24.37
CA SER A 2148 -13.65 -13.95 23.75
C SER A 2148 -13.17 -14.17 22.33
N LEU A 2149 -13.39 -13.15 21.49
CA LEU A 2149 -12.93 -13.27 20.12
C LEU A 2149 -11.45 -13.51 20.09
N SER A 2150 -10.72 -12.84 20.98
CA SER A 2150 -9.27 -12.96 21.01
C SER A 2150 -8.83 -14.38 21.32
N ASN A 2151 -9.42 -15.00 22.33
CA ASN A 2151 -8.98 -16.33 22.73
C ASN A 2151 -9.23 -17.33 21.60
N TRP A 2152 -10.42 -17.30 21.05
CA TRP A 2152 -10.79 -18.27 20.02
C TRP A 2152 -9.93 -18.09 18.76
N MET A 2153 -9.77 -16.84 18.32
CA MET A 2153 -9.02 -16.58 17.10
C MET A 2153 -7.57 -16.99 17.31
N CYS A 2154 -7.05 -16.74 18.51
CA CYS A 2154 -5.72 -17.19 18.83
C CYS A 2154 -5.66 -18.70 18.73
N VAL A 2155 -6.72 -19.38 19.17
CA VAL A 2155 -6.77 -20.83 19.06
C VAL A 2155 -6.66 -21.27 17.61
N GLU A 2156 -7.33 -20.60 16.68
CA GLU A 2156 -7.10 -21.03 15.29
C GLU A 2156 -5.63 -20.86 14.92
N ASP A 2157 -5.02 -19.79 15.39
CA ASP A 2157 -3.59 -19.63 15.12
C ASP A 2157 -2.81 -20.79 15.72
N ILE A 2158 -3.21 -21.19 16.93
CA ILE A 2158 -2.60 -22.31 17.64
C ILE A 2158 -2.75 -23.58 16.83
N TYR A 2159 -3.91 -23.77 16.25
CA TYR A 2159 -4.10 -24.89 15.36
C TYR A 2159 -3.19 -24.82 14.16
N ALA A 2160 -3.00 -23.63 13.61
CA ALA A 2160 -2.13 -23.53 12.44
C ALA A 2160 -0.71 -23.99 12.74
N ASN A 2161 -0.12 -23.45 13.80
CA ASN A 2161 1.24 -23.92 14.12
C ASN A 2161 1.23 -25.39 14.50
N ILE A 2162 0.23 -25.82 15.26
CA ILE A 2162 0.21 -27.19 15.72
C ILE A 2162 0.17 -28.15 14.55
N PHE A 2163 -0.72 -27.91 13.59
CA PHE A 2163 -0.75 -28.88 12.50
C PHE A 2163 0.56 -28.82 11.75
N ILE A 2164 1.14 -27.62 11.61
CA ILE A 2164 2.38 -27.54 10.82
C ILE A 2164 3.47 -28.38 11.45
N ILE A 2165 3.64 -28.25 12.76
CA ILE A 2165 4.69 -28.98 13.45
C ILE A 2165 4.41 -30.48 13.44
N LYS A 2166 3.15 -30.86 13.66
CA LYS A 2166 2.81 -32.26 13.51
C LYS A 2166 3.04 -32.75 12.09
N CYS A 2167 2.76 -31.91 11.10
CA CYS A 2167 2.97 -32.30 9.71
C CYS A 2167 4.44 -32.63 9.49
N SER A 2168 5.31 -31.79 10.05
CA SER A 2168 6.74 -32.04 9.93
C SER A 2168 7.10 -33.35 10.59
N ARG A 2169 6.56 -33.61 11.79
CA ARG A 2169 6.87 -34.84 12.48
C ARG A 2169 6.41 -36.05 11.68
N GLU A 2170 5.21 -35.95 11.12
CA GLU A 2170 4.63 -37.03 10.35
C GLU A 2170 5.48 -37.33 9.13
N THR A 2171 5.89 -36.26 8.43
CA THR A 2171 6.71 -36.44 7.25
C THR A 2171 8.03 -37.08 7.61
N GLU A 2172 8.68 -36.60 8.67
CA GLU A 2172 9.97 -37.17 9.03
C GLU A 2172 9.80 -38.63 9.44
N LYS A 2173 8.71 -38.97 10.11
CA LYS A 2173 8.49 -40.37 10.46
C LYS A 2173 8.38 -41.22 9.22
N LYS A 2174 7.62 -40.77 8.22
CA LYS A 2174 7.47 -41.62 7.06
C LYS A 2174 8.45 -41.25 5.94
N TYR A 2175 9.09 -40.07 6.01
CA TYR A 2175 10.04 -39.60 5.00
C TYR A 2175 11.29 -39.06 5.67
N PRO A 2176 12.13 -39.93 6.24
CA PRO A 2176 13.35 -39.44 6.89
C PRO A 2176 14.53 -39.44 5.92
N GLN A 2177 15.11 -38.28 5.68
CA GLN A 2177 16.24 -38.22 4.75
C GLN A 2177 17.43 -39.01 5.31
N PRO A 2178 18.07 -39.83 4.48
CA PRO A 2178 19.23 -40.61 4.93
C PRO A 2178 20.41 -39.71 5.31
N LYS A 2179 21.09 -40.02 6.41
CA LYS A 2179 22.24 -39.20 6.78
C LYS A 2179 23.35 -39.33 5.75
N GLY A 2180 24.01 -38.21 5.49
CA GLY A 2180 25.09 -38.13 4.54
C GLY A 2180 24.70 -37.70 3.15
N GLN A 2181 23.41 -37.60 2.86
CA GLN A 2181 23.03 -37.07 1.55
C GLN A 2181 23.52 -35.64 1.47
N LYS A 2182 23.35 -34.93 2.59
CA LYS A 2182 23.77 -33.58 2.92
C LYS A 2182 22.77 -32.65 2.28
N LYS A 2183 22.64 -32.77 0.96
CA LYS A 2183 21.74 -32.01 0.09
C LYS A 2183 21.68 -32.76 -1.23
N LYS A 2184 20.69 -32.42 -2.04
CA LYS A 2184 20.58 -32.94 -3.39
C LYS A 2184 20.71 -31.74 -4.33
N LYS A 2185 21.52 -31.88 -5.38
CA LYS A 2185 21.88 -30.71 -6.16
C LYS A 2185 20.71 -30.18 -6.98
N ILE A 2186 19.86 -31.07 -7.49
CA ILE A 2186 18.87 -30.66 -8.47
C ILE A 2186 17.87 -29.71 -7.84
N VAL A 2187 17.45 -30.00 -6.61
CA VAL A 2187 16.43 -29.18 -5.99
C VAL A 2187 16.95 -27.78 -5.72
N LYS A 2188 18.23 -27.65 -5.38
CA LYS A 2188 18.77 -26.32 -5.25
C LYS A 2188 18.84 -25.64 -6.60
N TYR A 2189 19.21 -26.38 -7.65
CA TYR A 2189 19.12 -25.80 -8.98
C TYR A 2189 17.75 -25.20 -9.19
N GLY A 2190 16.72 -25.99 -8.92
CA GLY A 2190 15.36 -25.56 -9.19
C GLY A 2190 14.93 -24.34 -8.40
N MET A 2191 15.01 -24.43 -7.06
CA MET A 2191 14.55 -23.33 -6.24
C MET A 2191 15.37 -22.07 -6.48
N GLY A 2192 16.69 -22.21 -6.54
CA GLY A 2192 17.53 -21.06 -6.77
C GLY A 2192 17.23 -20.43 -8.11
N GLY A 2193 17.06 -21.25 -9.15
CA GLY A 2193 16.80 -20.72 -10.46
C GLY A 2193 15.49 -19.95 -10.50
N LEU A 2194 14.44 -20.51 -9.89
CA LEU A 2194 13.18 -19.80 -9.90
C LEU A 2194 13.29 -18.49 -9.15
N ILE A 2195 13.96 -18.50 -7.99
CA ILE A 2195 14.07 -17.27 -7.21
C ILE A 2195 14.84 -16.22 -7.98
N ILE A 2196 15.98 -16.64 -8.56
CA ILE A 2196 16.83 -15.68 -9.25
C ILE A 2196 16.12 -15.13 -10.47
N LEU A 2197 15.43 -15.99 -11.23
CA LEU A 2197 14.77 -15.51 -12.43
C LEU A 2197 13.68 -14.52 -12.07
N PHE A 2198 12.92 -14.82 -11.02
CA PHE A 2198 11.84 -13.93 -10.63
C PHE A 2198 12.39 -12.58 -10.22
N LEU A 2199 13.41 -12.59 -9.35
CA LEU A 2199 13.96 -11.32 -8.87
C LEU A 2199 14.67 -10.54 -9.98
N ILE A 2200 15.47 -11.19 -10.81
CA ILE A 2200 16.17 -10.44 -11.85
C ILE A 2200 15.16 -9.88 -12.84
N ALA A 2201 14.15 -10.67 -13.19
CA ALA A 2201 13.16 -10.21 -14.15
C ALA A 2201 12.43 -9.00 -13.62
N ILE A 2202 12.01 -9.05 -12.35
CA ILE A 2202 11.33 -7.89 -11.79
C ILE A 2202 12.28 -6.70 -11.74
N ILE A 2203 13.56 -6.93 -11.41
CA ILE A 2203 14.49 -5.82 -11.31
C ILE A 2203 14.65 -5.10 -12.64
N TRP A 2204 14.78 -5.85 -13.74
CA TRP A 2204 14.96 -5.16 -15.02
C TRP A 2204 13.69 -4.99 -15.83
N PHE A 2205 12.53 -5.38 -15.31
CA PHE A 2205 11.32 -5.26 -16.12
C PHE A 2205 11.04 -3.84 -16.55
N PRO A 2206 11.18 -2.82 -15.70
CA PRO A 2206 10.91 -1.45 -16.17
C PRO A 2206 12.08 -1.03 -17.01
N LEU A 2207 13.28 -1.42 -16.57
CA LEU A 2207 14.49 -1.05 -17.28
C LEU A 2207 14.47 -1.59 -18.70
N LEU A 2208 14.21 -2.90 -18.84
CA LEU A 2208 14.16 -3.46 -20.18
C LEU A 2208 13.01 -2.88 -20.97
N PHE A 2209 11.87 -2.63 -20.31
CA PHE A 2209 10.71 -2.13 -21.04
C PHE A 2209 10.98 -0.74 -21.62
N MET A 2210 11.57 0.14 -20.80
CA MET A 2210 11.88 1.48 -21.29
C MET A 2210 13.08 1.46 -22.24
N SER A 2211 13.95 0.47 -22.11
CA SER A 2211 15.11 0.42 -22.98
C SER A 2211 14.71 0.07 -24.41
N LEU A 2212 13.92 -0.98 -24.56
CA LEU A 2212 13.58 -1.50 -25.89
C LEU A 2212 12.14 -1.12 -26.28
N ILE A 2213 11.16 -1.49 -25.46
CA ILE A 2213 9.77 -1.28 -25.82
C ILE A 2213 9.39 0.18 -25.65
N ARG A 2214 9.48 0.69 -24.42
CA ARG A 2214 9.15 2.08 -24.04
C ARG A 2214 8.00 2.68 -24.84
N VAL A 2216 5.97 4.87 -25.38
CA VAL A 2216 5.27 5.54 -26.47
C VAL A 2216 6.20 5.65 -27.67
N VAL A 2217 5.64 5.41 -28.85
CA VAL A 2217 6.40 5.47 -30.10
C VAL A 2217 5.82 6.57 -30.98
N GLY A 2218 6.69 7.42 -31.49
CA GLY A 2218 6.26 8.52 -32.32
C GLY A 2218 5.60 8.08 -33.61
N VAL A 2219 4.38 8.55 -33.85
CA VAL A 2219 3.67 8.30 -35.09
C VAL A 2219 3.62 9.61 -35.85
N VAL A 2220 4.04 9.59 -37.11
CA VAL A 2220 4.07 10.81 -37.90
C VAL A 2220 2.64 11.23 -38.23
N ASN A 2221 2.31 12.49 -37.95
CA ASN A 2221 1.06 13.06 -38.41
C ASN A 2221 1.40 14.17 -39.39
N GLN A 2222 0.79 14.08 -40.56
CA GLN A 2222 1.10 14.91 -41.67
C GLN A 2222 -0.17 15.64 -42.10
N PRO A 2223 -0.16 16.96 -42.21
CA PRO A 2223 -1.41 17.71 -42.41
C PRO A 2223 -2.12 17.26 -43.67
N ILE A 2224 -3.35 16.75 -43.49
CA ILE A 2224 -4.14 16.33 -44.64
C ILE A 2224 -4.87 17.47 -45.30
N ASP A 2225 -4.80 18.67 -44.75
CA ASP A 2225 -5.42 19.80 -45.42
C ASP A 2225 -4.71 21.06 -44.98
N VAL A 2226 -4.48 21.98 -45.92
CA VAL A 2226 -3.95 23.29 -45.57
C VAL A 2226 -4.81 24.36 -46.21
N THR A 2227 -5.24 25.33 -45.41
CA THR A 2227 -6.10 26.40 -45.87
C THR A 2227 -5.47 27.74 -45.57
N VAL A 2228 -5.39 28.60 -46.57
CA VAL A 2228 -4.76 29.90 -46.43
C VAL A 2228 -5.75 30.96 -46.88
N THR A 2229 -5.90 32.02 -46.08
CA THR A 2229 -6.84 33.08 -46.39
C THR A 2229 -6.17 34.44 -46.24
N LEU A 2230 -6.30 35.27 -47.25
CA LEU A 2230 -5.85 36.66 -47.22
C LEU A 2230 -7.05 37.56 -47.06
N LYS A 2231 -7.09 38.34 -45.98
CA LYS A 2231 -8.25 39.13 -45.60
C LYS A 2231 -7.84 40.54 -45.22
N LEU A 2232 -8.54 41.53 -45.77
CA LEU A 2232 -8.21 42.94 -45.56
C LEU A 2232 -9.22 43.60 -44.64
N GLY A 2233 -8.75 44.16 -43.54
CA GLY A 2233 -9.67 44.84 -42.64
C GLY A 2233 -10.63 43.85 -42.06
N GLY A 2234 -11.91 44.08 -42.29
CA GLY A 2234 -12.94 43.15 -41.87
C GLY A 2234 -13.99 42.98 -42.95
N TYR A 2235 -13.58 43.23 -44.19
CA TYR A 2235 -14.53 43.26 -45.28
C TYR A 2235 -14.82 41.90 -45.87
N GLU A 2236 -13.83 41.26 -46.42
CA GLU A 2236 -14.10 39.98 -47.03
C GLU A 2236 -12.79 39.30 -47.33
N PRO A 2237 -12.68 38.02 -47.15
CA PRO A 2237 -11.46 37.35 -47.56
C PRO A 2237 -11.21 37.59 -49.03
N LEU A 2238 -10.15 38.33 -49.35
CA LEU A 2238 -9.85 38.54 -50.74
C LEU A 2238 -9.42 37.25 -51.39
N PHE A 2239 -8.85 36.34 -50.63
CA PHE A 2239 -8.38 35.11 -51.24
C PHE A 2239 -8.49 33.98 -50.25
N THR A 2240 -8.84 32.80 -50.73
CA THR A 2240 -8.91 31.63 -49.86
C THR A 2240 -8.69 30.38 -50.67
N MET A 2241 -7.71 29.59 -50.28
CA MET A 2241 -7.36 28.39 -51.00
C MET A 2241 -7.05 27.27 -50.04
N SER A 2242 -7.53 26.08 -50.34
CA SER A 2242 -7.27 24.92 -49.51
C SER A 2242 -6.80 23.79 -50.40
N ALA A 2243 -5.70 23.16 -50.01
CA ALA A 2243 -5.14 22.04 -50.76
C ALA A 2243 -5.04 20.85 -49.82
N GLN A 2244 -5.56 19.70 -50.24
CA GLN A 2244 -5.51 18.53 -49.36
C GLN A 2244 -4.76 17.31 -49.90
N GLN A 2245 -5.25 16.61 -50.91
CA GLN A 2245 -4.54 15.37 -51.17
C GLN A 2245 -3.40 15.49 -52.17
N PRO A 2246 -3.61 16.03 -53.35
CA PRO A 2246 -2.57 15.92 -54.38
C PRO A 2246 -1.60 17.08 -54.31
N SER A 2247 -2.00 18.17 -53.68
CA SER A 2247 -1.17 19.35 -53.58
C SER A 2247 -0.34 19.37 -52.32
N ILE A 2248 -0.45 18.37 -51.47
CA ILE A 2248 0.41 18.21 -50.31
C ILE A 2248 1.44 17.17 -50.71
N VAL A 2249 2.64 17.60 -51.08
CA VAL A 2249 3.68 16.70 -51.56
C VAL A 2249 4.62 16.42 -50.38
N PRO A 2250 4.69 15.20 -49.88
CA PRO A 2250 5.68 14.88 -48.85
C PRO A 2250 7.09 14.93 -49.40
N PHE A 2251 8.02 15.32 -48.54
CA PHE A 2251 9.41 15.42 -48.96
C PHE A 2251 9.99 14.06 -49.31
N THR A 2252 10.61 13.98 -50.47
CA THR A 2252 11.43 12.85 -50.83
C THR A 2252 12.81 13.02 -50.19
N PRO A 2253 13.55 11.93 -49.99
CA PRO A 2253 14.90 12.08 -49.43
C PRO A 2253 15.78 12.98 -50.26
N GLN A 2254 15.64 12.92 -51.59
CA GLN A 2254 16.45 13.79 -52.43
C GLN A 2254 16.11 15.25 -52.17
N ALA A 2255 14.82 15.57 -52.03
CA ALA A 2255 14.43 16.93 -51.72
C ALA A 2255 14.96 17.35 -50.36
N TYR A 2256 14.92 16.44 -49.38
CA TYR A 2256 15.45 16.75 -48.06
C TYR A 2256 16.93 17.07 -48.17
N GLU A 2257 17.65 16.31 -48.99
CA GLU A 2257 19.06 16.59 -49.20
C GLU A 2257 19.25 17.96 -49.83
N GLU A 2258 18.41 18.32 -50.79
CA GLU A 2258 18.52 19.63 -51.40
C GLU A 2258 18.30 20.72 -50.38
N LEU A 2259 17.31 20.54 -49.51
CA LEU A 2259 17.05 21.53 -48.48
C LEU A 2259 18.23 21.66 -47.54
N SER A 2260 18.82 20.53 -47.14
CA SER A 2260 19.96 20.62 -46.24
C SER A 2260 21.12 21.33 -46.89
N GLN A 2261 21.37 21.04 -48.17
CA GLN A 2261 22.46 21.71 -48.88
C GLN A 2261 22.21 23.20 -48.94
N GLN A 2262 20.96 23.60 -49.16
CA GLN A 2262 20.68 25.02 -49.28
C GLN A 2262 20.94 25.73 -47.95
N PHE A 2263 20.60 25.10 -46.84
CA PHE A 2263 20.78 25.69 -45.53
C PHE A 2263 21.94 25.06 -44.77
N ASP A 2264 22.98 24.66 -45.49
CA ASP A 2264 24.09 23.96 -44.86
C ASP A 2264 25.03 24.91 -44.11
N PRO A 2265 25.41 26.07 -44.66
CA PRO A 2265 26.29 26.97 -43.89
C PRO A 2265 25.76 27.35 -42.53
N TYR A 2266 24.48 27.59 -42.39
CA TYR A 2266 23.95 28.08 -41.14
C TYR A 2266 23.92 26.97 -40.09
N PRO A 2267 24.43 27.21 -38.90
CA PRO A 2267 24.40 26.16 -37.85
C PRO A 2267 23.03 25.89 -37.26
N LEU A 2268 22.30 26.93 -36.85
CA LEU A 2268 21.01 26.72 -36.22
C LEU A 2268 20.04 26.08 -37.19
N ALA A 2269 20.00 26.57 -38.42
CA ALA A 2269 19.13 26.00 -39.42
C ALA A 2269 19.49 24.55 -39.66
N MET A 2270 20.78 24.24 -39.76
CA MET A 2270 21.19 22.87 -40.01
C MET A 2270 20.78 21.95 -38.89
N GLN A 2271 20.96 22.36 -37.63
CA GLN A 2271 20.52 21.46 -36.56
C GLN A 2271 19.01 21.28 -36.60
N PHE A 2272 18.26 22.35 -36.87
CA PHE A 2272 16.81 22.22 -36.92
C PHE A 2272 16.37 21.24 -37.99
N ILE A 2273 16.89 21.39 -39.20
CA ILE A 2273 16.50 20.49 -40.27
C ILE A 2273 16.93 19.07 -39.97
N SER A 2274 18.12 18.91 -39.40
CA SER A 2274 18.58 17.58 -39.05
C SER A 2274 17.64 16.92 -38.07
N GLN A 2275 17.02 17.71 -37.20
CA GLN A 2275 16.10 17.15 -36.22
C GLN A 2275 14.94 16.38 -36.87
N TYR A 2276 14.46 16.80 -38.04
CA TYR A 2276 13.29 16.19 -38.67
C TYR A 2276 13.64 15.15 -39.72
N SER A 2277 12.84 14.08 -39.75
CA SER A 2277 12.94 13.05 -40.76
C SER A 2277 12.49 13.56 -42.12
N PRO A 2278 13.04 13.04 -43.21
CA PRO A 2278 12.60 13.48 -44.54
C PRO A 2278 11.15 13.22 -44.85
N GLU A 2279 10.56 12.16 -44.31
CA GLU A 2279 9.16 11.86 -44.59
C GLU A 2279 8.23 12.52 -43.60
N ASP A 2280 8.70 13.57 -42.95
CA ASP A 2280 7.96 14.27 -41.92
C ASP A 2280 7.73 15.72 -42.27
N ILE A 2281 8.21 16.17 -43.41
CA ILE A 2281 8.09 17.55 -43.85
C ILE A 2281 7.36 17.54 -45.18
N VAL A 2282 6.43 18.47 -45.36
CA VAL A 2282 5.61 18.45 -46.57
C VAL A 2282 5.57 19.83 -47.19
N THR A 2283 5.50 19.84 -48.51
CA THR A 2283 5.39 21.08 -49.27
C THR A 2283 3.95 21.22 -49.74
N ALA A 2284 3.33 22.35 -49.41
CA ALA A 2284 1.96 22.62 -49.79
C ALA A 2284 1.98 23.51 -51.01
N GLN A 2285 1.57 22.95 -52.15
CA GLN A 2285 1.58 23.69 -53.41
C GLN A 2285 0.27 24.45 -53.58
N ILE A 2286 0.06 25.47 -52.73
CA ILE A 2286 -1.19 26.19 -52.77
C ILE A 2286 -1.27 26.98 -54.06
N GLU A 2287 -2.39 26.86 -54.76
CA GLU A 2287 -2.56 27.53 -56.04
C GLU A 2287 -2.77 29.02 -55.84
N GLY A 2288 -2.27 29.80 -56.77
CA GLY A 2288 -2.46 31.23 -56.63
C GLY A 2288 -3.68 31.71 -57.34
N SER A 2289 -3.81 31.40 -58.62
CA SER A 2289 -4.87 31.97 -59.42
C SER A 2289 -6.16 31.18 -59.38
N SER A 2290 -6.14 29.95 -58.88
CA SER A 2290 -7.31 29.11 -58.97
C SER A 2290 -8.31 29.38 -57.86
N GLY A 2291 -8.72 30.64 -57.69
CA GLY A 2291 -9.64 31.04 -56.66
C GLY A 2291 -11.08 31.07 -57.15
N ALA A 2292 -11.97 31.50 -56.25
CA ALA A 2292 -13.38 31.62 -56.53
C ALA A 2292 -13.77 33.10 -56.63
N LEU A 2293 -14.99 33.34 -57.09
CA LEU A 2293 -15.44 34.69 -57.30
C LEU A 2293 -15.43 35.46 -56.01
N TRP A 2294 -14.99 36.70 -56.06
CA TRP A 2294 -15.03 37.56 -54.89
C TRP A 2294 -16.45 38.03 -54.71
N ARG A 2295 -17.05 37.70 -53.59
CA ARG A 2295 -18.44 38.04 -53.32
C ARG A 2295 -18.45 39.10 -52.24
N ILE A 2296 -18.86 40.30 -52.60
CA ILE A 2296 -18.97 41.35 -51.62
C ILE A 2296 -20.13 42.23 -52.03
N SER A 2297 -20.89 42.66 -51.06
CA SER A 2297 -22.02 43.50 -51.38
C SER A 2297 -21.51 44.82 -51.93
N PRO A 2298 -22.20 45.40 -52.91
CA PRO A 2298 -21.72 46.63 -53.50
C PRO A 2298 -21.53 47.74 -52.48
N PRO A 2299 -22.42 47.91 -51.50
CA PRO A 2299 -22.13 48.91 -50.48
C PRO A 2299 -20.86 48.65 -49.71
N SER A 2300 -20.57 47.39 -49.40
CA SER A 2300 -19.36 47.14 -48.64
C SER A 2300 -18.13 47.30 -49.50
N ARG A 2301 -18.20 46.99 -50.80
CA ARG A 2301 -17.06 47.26 -51.65
C ARG A 2301 -16.83 48.75 -51.82
N ALA A 2302 -17.90 49.52 -52.00
CA ALA A 2302 -17.72 50.96 -52.12
C ALA A 2302 -17.12 51.53 -50.85
N GLN A 2303 -17.58 51.07 -49.70
CA GLN A 2303 -16.98 51.52 -48.45
C GLN A 2303 -15.53 51.09 -48.34
N MET A 2304 -15.19 49.89 -48.81
CA MET A 2304 -13.79 49.50 -48.87
C MET A 2304 -12.97 50.50 -49.66
N LYS A 2305 -13.41 50.82 -50.86
CA LYS A 2305 -12.61 51.72 -51.68
C LYS A 2305 -12.51 53.10 -51.05
N GLN A 2306 -13.62 53.61 -50.53
CA GLN A 2306 -13.59 54.94 -49.93
C GLN A 2306 -12.71 54.98 -48.69
N GLU A 2307 -12.80 53.98 -47.82
CA GLU A 2307 -11.95 53.97 -46.64
C GLU A 2307 -10.51 53.74 -47.01
N LEU A 2308 -10.27 53.03 -48.09
CA LEU A 2308 -8.91 52.79 -48.50
C LEU A 2308 -8.28 54.05 -49.08
N TYR A 2309 -9.10 54.92 -49.69
CA TYR A 2309 -8.57 56.19 -50.17
C TYR A 2309 -8.45 57.21 -49.06
N ASN A 2310 -9.58 57.61 -48.47
CA ASN A 2310 -9.63 58.72 -47.54
C ASN A 2310 -9.63 58.27 -46.10
N GLY A 2311 -8.93 57.20 -45.79
CA GLY A 2311 -8.90 56.71 -44.45
C GLY A 2311 -7.87 57.43 -43.60
N THR A 2312 -8.16 57.53 -42.31
CA THR A 2312 -7.23 58.10 -41.35
C THR A 2312 -6.56 57.05 -40.48
N ALA A 2313 -7.34 56.09 -39.97
CA ALA A 2313 -6.76 55.02 -39.18
C ALA A 2313 -6.09 54.00 -40.08
N ASP A 2314 -4.99 53.45 -39.60
CA ASP A 2314 -4.30 52.41 -40.36
C ASP A 2314 -5.21 51.19 -40.52
N ILE A 2315 -5.12 50.54 -41.67
CA ILE A 2315 -5.98 49.42 -41.99
C ILE A 2315 -5.13 48.16 -41.91
N THR A 2316 -5.68 47.11 -41.33
CA THR A 2316 -4.92 45.88 -41.17
C THR A 2316 -5.10 44.98 -42.37
N LEU A 2317 -4.17 44.07 -42.57
CA LEU A 2317 -4.26 43.10 -43.64
C LEU A 2317 -3.60 41.82 -43.14
N ARG A 2318 -4.38 40.76 -43.00
CA ARG A 2318 -3.86 39.58 -42.36
C ARG A 2318 -3.84 38.42 -43.33
N PHE A 2319 -2.88 37.53 -43.12
CA PHE A 2319 -2.67 36.36 -43.94
C PHE A 2319 -2.64 35.17 -43.00
N THR A 2320 -3.66 34.32 -43.06
CA THR A 2320 -3.84 33.30 -42.04
C THR A 2320 -3.69 31.92 -42.65
N TRP A 2321 -2.91 31.07 -42.01
CA TRP A 2321 -2.77 29.69 -42.43
C TRP A 2321 -3.38 28.77 -41.38
N ASN A 2322 -3.91 27.65 -41.83
CA ASN A 2322 -4.61 26.72 -40.94
C ASN A 2322 -4.44 25.30 -41.47
N PHE A 2323 -3.76 24.45 -40.71
CA PHE A 2323 -3.51 23.07 -41.10
C PHE A 2323 -4.42 22.13 -40.35
N GLN A 2324 -5.10 21.27 -41.07
CA GLN A 2324 -5.90 20.21 -40.49
C GLN A 2324 -5.17 18.89 -40.64
N ARG A 2325 -4.97 18.21 -39.52
CA ARG A 2325 -4.23 16.96 -39.48
C ARG A 2325 -5.16 15.85 -39.07
N ASP A 2326 -4.86 14.64 -39.54
CA ASP A 2326 -5.71 13.50 -39.27
C ASP A 2326 -5.78 13.22 -37.78
N LEU A 2327 -6.98 13.00 -37.29
CA LEU A 2327 -7.15 12.76 -35.86
C LEU A 2327 -7.08 11.28 -35.52
N ALA A 2328 -7.06 10.40 -36.50
CA ALA A 2328 -7.00 8.97 -36.22
C ALA A 2328 -5.61 8.52 -35.81
N LYS A 2329 -4.59 9.33 -36.00
CA LYS A 2329 -3.23 8.98 -35.63
C LYS A 2329 -2.87 9.38 -34.21
N GLY A 2330 -3.85 9.51 -33.34
CA GLY A 2330 -3.56 10.00 -32.03
C GLY A 2330 -3.42 11.51 -32.04
N GLY A 2331 -3.04 12.05 -30.90
CA GLY A 2331 -2.94 13.48 -30.77
C GLY A 2331 -4.30 14.06 -30.44
N THR A 2332 -4.31 15.18 -29.73
CA THR A 2332 -5.55 15.77 -29.26
C THR A 2332 -6.01 16.91 -30.16
N VAL A 2333 -5.19 17.94 -30.33
CA VAL A 2333 -5.60 19.08 -31.15
C VAL A 2333 -5.58 18.68 -32.61
N GLU A 2334 -6.62 19.09 -33.33
CA GLU A 2334 -6.85 18.64 -34.69
C GLU A 2334 -6.68 19.73 -35.72
N TYR A 2335 -6.63 21.00 -35.31
CA TYR A 2335 -6.36 22.12 -36.19
C TYR A 2335 -5.21 22.93 -35.61
N THR A 2336 -4.29 23.36 -36.45
CA THR A 2336 -3.18 24.21 -36.03
C THR A 2336 -3.12 25.43 -36.93
N ASN A 2337 -3.39 26.60 -36.38
CA ASN A 2337 -3.57 27.79 -37.20
C ASN A 2337 -2.81 28.96 -36.63
N GLU A 2338 -2.44 29.89 -37.50
CA GLU A 2338 -1.76 31.10 -37.06
C GLU A 2338 -1.83 32.14 -38.14
N LYS A 2339 -1.78 33.41 -37.76
CA LYS A 2339 -1.94 34.50 -38.69
C LYS A 2339 -0.75 35.43 -38.65
N HIS A 2340 -0.43 36.02 -39.78
CA HIS A 2340 0.57 37.07 -39.87
C HIS A 2340 -0.13 38.36 -40.23
N THR A 2341 -0.01 39.37 -39.39
CA THR A 2341 -0.75 40.61 -39.52
C THR A 2341 0.19 41.68 -40.03
N LEU A 2342 -0.23 42.41 -41.04
CA LEU A 2342 0.58 43.49 -41.59
C LEU A 2342 -0.26 44.76 -41.56
N GLU A 2343 0.32 45.83 -41.07
CA GLU A 2343 -0.41 47.08 -40.95
C GLU A 2343 -0.22 47.92 -42.20
N LEU A 2344 -1.16 48.82 -42.45
CA LEU A 2344 -1.05 49.74 -43.57
C LEU A 2344 -1.34 51.12 -43.03
N ALA A 2345 -0.30 51.94 -42.93
CA ALA A 2345 -0.47 53.30 -42.45
C ALA A 2345 -1.19 54.14 -43.50
N PRO A 2346 -1.95 55.13 -43.07
CA PRO A 2346 -2.71 55.94 -44.04
C PRO A 2346 -1.79 56.61 -45.04
N ASN A 2347 -2.27 56.68 -46.27
CA ASN A 2347 -1.61 57.35 -47.39
C ASN A 2347 -0.24 56.78 -47.69
N SER A 2348 0.08 55.60 -47.16
CA SER A 2348 1.31 54.96 -47.55
C SER A 2348 1.19 54.48 -48.99
N THR A 2349 2.31 54.06 -49.56
CA THR A 2349 2.27 53.71 -50.98
C THR A 2349 1.40 52.49 -51.24
N ALA A 2350 1.41 51.51 -50.34
CA ALA A 2350 0.64 50.31 -50.59
C ALA A 2350 -0.85 50.57 -50.52
N ARG A 2351 -1.31 51.32 -49.52
CA ARG A 2351 -2.73 51.57 -49.41
C ARG A 2351 -3.24 52.37 -50.59
N ARG A 2352 -2.50 53.40 -51.00
CA ARG A 2352 -2.90 54.15 -52.17
C ARG A 2352 -2.89 53.26 -53.40
N GLN A 2353 -1.92 52.35 -53.47
CA GLN A 2353 -1.87 51.45 -54.63
C GLN A 2353 -3.09 50.54 -54.67
N LEU A 2354 -3.52 50.02 -53.53
CA LEU A 2354 -4.73 49.19 -53.53
C LEU A 2354 -5.97 50.00 -53.90
N ALA A 2355 -6.07 51.22 -53.40
CA ALA A 2355 -7.21 52.03 -53.77
C ALA A 2355 -7.23 52.25 -55.27
N GLN A 2356 -6.05 52.38 -55.87
CA GLN A 2356 -5.99 52.45 -57.33
C GLN A 2356 -6.38 51.13 -57.95
N LEU A 2357 -6.00 50.03 -57.31
CA LEU A 2357 -6.25 48.71 -57.89
C LEU A 2357 -7.74 48.44 -58.03
N LEU A 2358 -8.51 48.82 -57.04
CA LEU A 2358 -9.94 48.58 -57.12
C LEU A 2358 -10.64 49.42 -58.19
N GLU A 2359 -9.94 50.37 -58.81
CA GLU A 2359 -10.58 51.27 -59.75
C GLU A 2359 -11.00 50.60 -61.04
N GLY A 2360 -10.51 49.40 -61.32
CA GLY A 2360 -10.84 48.73 -62.56
C GLY A 2360 -9.77 48.81 -63.62
N ARG A 2361 -8.53 49.05 -63.24
CA ARG A 2361 -7.46 49.08 -64.21
C ARG A 2361 -7.26 47.69 -64.81
N PRO A 2362 -6.92 47.59 -66.07
CA PRO A 2362 -6.76 46.27 -66.68
C PRO A 2362 -5.56 45.51 -66.17
N ASP A 2363 -4.38 46.14 -66.08
CA ASP A 2363 -3.19 45.39 -65.74
C ASP A 2363 -2.39 46.01 -64.60
N GLN A 2364 -3.06 46.71 -63.70
CA GLN A 2364 -2.39 47.19 -62.51
C GLN A 2364 -2.09 46.02 -61.58
N SER A 2365 -1.08 46.19 -60.74
CA SER A 2365 -0.72 45.16 -59.78
C SER A 2365 -0.17 45.82 -58.53
N VAL A 2366 -0.21 45.11 -57.42
CA VAL A 2366 0.37 45.65 -56.20
C VAL A 2366 1.29 44.59 -55.63
N VAL A 2367 2.29 45.03 -54.86
CA VAL A 2367 3.25 44.15 -54.24
C VAL A 2367 3.30 44.47 -52.77
N ILE A 2368 2.96 43.50 -51.93
CA ILE A 2368 3.03 43.65 -50.48
C ILE A 2368 4.32 42.97 -50.02
N PRO A 2369 5.28 43.70 -49.47
CA PRO A 2369 6.54 43.07 -49.07
C PRO A 2369 6.37 42.26 -47.81
N HIS A 2370 7.07 41.13 -47.75
CA HIS A 2370 7.27 40.41 -46.51
C HIS A 2370 5.94 39.98 -45.87
N LEU A 2371 5.23 39.13 -46.59
CA LEU A 2371 3.93 38.67 -46.13
C LEU A 2371 3.75 37.17 -46.09
N PHE A 2372 4.52 36.40 -46.84
CA PHE A 2372 4.28 34.97 -46.96
C PHE A 2372 5.41 34.20 -46.32
N PRO A 2373 5.28 33.77 -45.08
CA PRO A 2373 6.34 32.98 -44.44
C PRO A 2373 6.45 31.60 -45.07
N LYS A 2374 7.60 31.33 -45.67
CA LYS A 2374 7.72 30.11 -46.46
C LYS A 2374 7.84 28.87 -45.59
N TYR A 2375 8.60 28.93 -44.51
CA TYR A 2375 8.84 27.75 -43.68
C TYR A 2375 8.02 27.86 -42.40
N ILE A 2376 7.12 26.91 -42.21
CA ILE A 2376 6.24 26.91 -41.04
C ILE A 2376 6.43 25.61 -40.29
N ARG A 2377 6.13 25.65 -39.00
CA ARG A 2377 6.21 24.48 -38.13
C ARG A 2377 4.85 24.20 -37.55
N ALA A 2378 4.46 22.94 -37.52
CA ALA A 2378 3.15 22.52 -37.03
C ALA A 2378 3.33 21.60 -35.85
N PRO A 2379 3.35 22.12 -34.66
CA PRO A 2379 3.56 21.26 -33.49
C PRO A 2379 2.31 20.53 -33.10
N ASN A 2380 2.35 19.80 -32.00
CA ASN A 2380 1.18 19.14 -31.47
C ASN A 2380 0.30 20.09 -30.67
N GLY A 2381 0.52 21.38 -30.79
CA GLY A 2381 -0.32 22.37 -30.17
C GLY A 2381 -0.91 23.28 -31.23
N PRO A 2382 -1.83 24.10 -30.87
CA PRO A 2382 -2.51 24.95 -31.84
C PRO A 2382 -1.77 26.23 -32.16
N GLU A 2383 -0.46 26.13 -32.39
CA GLU A 2383 0.35 27.31 -32.75
C GLU A 2383 1.29 26.92 -33.88
N ALA A 2384 0.88 27.18 -35.11
CA ALA A 2384 1.72 26.91 -36.27
C ALA A 2384 2.61 28.13 -36.54
N ASN A 2385 3.51 28.38 -35.61
CA ASN A 2385 4.39 29.52 -35.73
C ASN A 2385 5.37 29.32 -36.88
N PRO A 2386 5.70 30.38 -37.60
CA PRO A 2386 6.73 30.27 -38.64
C PRO A 2386 8.04 29.92 -37.98
N VAL A 2387 8.86 29.15 -38.68
CA VAL A 2387 10.11 28.75 -38.07
C VAL A 2387 10.90 30.00 -37.75
N LYS A 2388 11.31 30.13 -36.50
CA LYS A 2388 12.06 31.30 -36.06
C LYS A 2388 13.47 31.27 -36.60
N GLN A 2389 13.98 30.07 -36.82
CA GLN A 2389 15.39 29.81 -37.09
C GLN A 2389 15.71 29.96 -38.57
N LEU A 2390 14.96 29.28 -39.43
CA LEU A 2390 15.21 29.36 -40.86
C LEU A 2390 15.00 30.77 -41.39
N GLN A 2391 14.28 31.61 -40.64
CA GLN A 2391 14.02 33.00 -41.02
C GLN A 2391 14.43 33.87 -39.84
N PRO A 2392 15.73 34.05 -39.62
CA PRO A 2392 16.18 34.77 -38.43
C PRO A 2392 15.68 36.20 -38.34
N ASP A 2393 15.60 36.89 -39.46
CA ASP A 2393 15.15 38.28 -39.44
C ASP A 2393 13.70 38.37 -38.97
N GLU A 2394 12.88 37.42 -39.38
CA GLU A 2394 11.50 37.25 -38.92
C GLU A 2394 10.58 38.30 -39.50
N GLU A 2395 11.14 39.28 -40.17
CA GLU A 2395 10.33 40.24 -40.90
C GLU A 2395 10.85 40.53 -42.28
N GLU A 2396 12.13 40.36 -42.51
CA GLU A 2396 12.72 40.59 -43.81
C GLU A 2396 12.91 39.29 -44.55
N ASP A 2397 12.79 38.16 -43.86
CA ASP A 2397 12.89 36.88 -44.50
C ASP A 2397 11.55 36.39 -45.03
N TYR A 2398 10.47 37.08 -44.71
CA TYR A 2398 9.19 36.73 -45.28
C TYR A 2398 9.16 37.13 -46.76
N LEU A 2399 8.61 36.25 -47.58
CA LEU A 2399 8.53 36.53 -49.00
C LEU A 2399 7.50 37.63 -49.28
N GLY A 2400 7.69 38.35 -50.37
CA GLY A 2400 6.72 39.30 -50.81
C GLY A 2400 5.66 38.65 -51.67
N VAL A 2401 4.49 39.28 -51.77
CA VAL A 2401 3.36 38.72 -52.50
C VAL A 2401 2.82 39.77 -53.45
N ARG A 2402 2.62 39.39 -54.71
CA ARG A 2402 2.03 40.27 -55.71
C ARG A 2402 0.55 39.97 -55.80
N ILE A 2403 -0.26 40.94 -55.42
CA ILE A 2403 -1.71 40.81 -55.44
C ILE A 2403 -2.23 41.48 -56.69
N GLN A 2404 -3.30 40.92 -57.25
CA GLN A 2404 -3.89 41.49 -58.44
C GLN A 2404 -5.37 41.17 -58.45
N LEU A 2405 -6.14 42.00 -59.13
CA LEU A 2405 -7.59 41.82 -59.24
C LEU A 2405 -7.97 41.63 -60.69
N ARG A 2406 -8.77 40.61 -60.97
CA ARG A 2406 -9.19 40.29 -62.31
C ARG A 2406 -10.67 40.60 -62.48
N ARG A 2407 -11.02 41.20 -63.60
CA ARG A 2407 -12.40 41.52 -63.93
C ARG A 2407 -12.88 40.66 -65.08
N GLU A 2408 -14.20 40.54 -65.19
CA GLU A 2408 -14.80 39.79 -66.29
C GLU A 2408 -16.17 40.38 -66.54
N GLN A 2409 -16.35 40.98 -67.71
CA GLN A 2409 -17.61 41.64 -68.02
C GLN A 2409 -18.75 40.64 -68.08
N VAL A 2410 -19.91 41.04 -67.56
CA VAL A 2410 -21.14 40.25 -67.71
C VAL A 2410 -22.24 41.20 -68.10
N GLY A 2411 -23.03 40.81 -69.09
CA GLY A 2411 -24.12 41.65 -69.54
C GLY A 2411 -24.11 41.81 -71.05
N GLY A 2420 -27.32 49.83 -66.49
CA GLY A 2420 -26.37 48.97 -65.81
C GLY A 2420 -25.40 49.72 -64.90
N THR A 2421 -25.39 49.33 -63.63
CA THR A 2421 -24.50 49.94 -62.65
C THR A 2421 -23.07 49.69 -63.07
N LYS A 2422 -22.18 50.65 -62.82
CA LYS A 2422 -20.81 50.52 -63.31
C LYS A 2422 -20.00 49.51 -62.51
N ALA A 2423 -19.77 49.76 -61.22
CA ALA A 2423 -18.86 48.88 -60.50
C ALA A 2423 -19.44 47.49 -60.25
N SER A 2424 -20.73 47.36 -60.03
CA SER A 2424 -21.32 46.05 -59.82
C SER A 2424 -21.63 45.34 -61.12
N ASP A 2425 -21.28 45.92 -62.25
CA ASP A 2425 -21.66 45.34 -63.52
C ASP A 2425 -20.92 44.07 -63.86
N PHE A 2426 -19.86 43.72 -63.16
CA PHE A 2426 -19.17 42.53 -63.65
C PHE A 2426 -18.27 41.88 -62.62
N LEU A 2427 -17.95 40.63 -62.92
CA LEU A 2427 -17.37 39.69 -61.96
C LEU A 2427 -15.97 40.11 -61.57
N GLU A 2428 -15.62 39.85 -60.33
CA GLU A 2428 -14.30 40.16 -59.82
C GLU A 2428 -13.75 38.96 -59.11
N TRP A 2429 -12.46 38.72 -59.25
CA TRP A 2429 -11.81 37.76 -58.36
C TRP A 2429 -10.39 38.20 -58.14
N TRP A 2430 -9.70 37.53 -57.23
CA TRP A 2430 -8.36 37.97 -56.84
C TRP A 2430 -7.36 36.89 -57.15
N VAL A 2431 -6.20 37.30 -57.66
CA VAL A 2431 -5.13 36.39 -57.99
C VAL A 2431 -3.87 36.88 -57.30
N ILE A 2432 -3.26 36.02 -56.50
CA ILE A 2432 -2.01 36.38 -55.87
C ILE A 2432 -0.93 35.44 -56.35
N GLU A 2433 0.29 35.94 -56.41
CA GLU A 2433 1.42 35.15 -56.85
C GLU A 2433 2.65 35.60 -56.09
N LEU A 2434 3.70 34.80 -56.16
CA LEU A 2434 4.88 35.10 -55.38
C LEU A 2434 5.64 36.26 -56.01
N GLN A 2435 6.35 37.01 -55.18
CA GLN A 2435 6.97 38.24 -55.66
C GLN A 2435 8.00 37.97 -56.74
N ASP A 2436 8.84 36.97 -56.55
CA ASP A 2436 9.91 36.62 -57.49
C ASP A 2436 9.62 35.24 -58.06
N CYS A 2437 8.84 35.21 -59.14
CA CYS A 2437 8.40 33.97 -59.75
C CYS A 2437 8.87 33.91 -61.19
N LYS A 2438 9.36 32.74 -61.61
CA LYS A 2438 9.87 32.58 -62.97
C LYS A 2438 8.96 31.73 -63.85
N ALA A 2439 8.63 30.52 -63.42
CA ALA A 2439 7.83 29.63 -64.25
C ALA A 2439 6.67 28.98 -63.52
N ASP A 2440 6.71 28.90 -62.20
CA ASP A 2440 5.59 28.36 -61.43
C ASP A 2440 4.78 29.52 -60.86
N CYS A 2441 4.66 30.59 -61.64
CA CYS A 2441 4.04 31.81 -61.13
C CYS A 2441 2.63 31.55 -60.62
N ASN A 2442 1.98 30.50 -61.12
CA ASN A 2442 0.64 30.16 -60.67
C ASN A 2442 0.65 29.21 -59.50
N LEU A 2443 1.68 29.27 -58.67
CA LEU A 2443 1.76 28.33 -57.57
C LEU A 2443 2.63 28.92 -56.48
N LEU A 2444 2.24 28.70 -55.24
CA LEU A 2444 2.99 29.19 -54.09
C LEU A 2444 3.37 27.99 -53.23
N PRO A 2445 4.65 27.65 -53.09
CA PRO A 2445 5.03 26.57 -52.20
C PRO A 2445 5.08 27.05 -50.76
N MET A 2446 4.94 26.10 -49.84
CA MET A 2446 4.91 26.41 -48.42
C MET A 2446 5.38 25.17 -47.69
N VAL A 2447 6.61 25.18 -47.21
CA VAL A 2447 7.21 24.00 -46.59
C VAL A 2447 6.89 24.03 -45.11
N ILE A 2448 6.33 22.93 -44.60
CA ILE A 2448 5.91 22.86 -43.21
C ILE A 2448 6.45 21.59 -42.56
N PHE A 2449 7.02 21.76 -41.38
CA PHE A 2449 7.62 20.69 -40.58
C PHE A 2449 6.62 20.29 -39.50
N SER A 2450 6.18 19.05 -39.52
CA SER A 2450 5.20 18.57 -38.55
C SER A 2450 5.88 17.62 -37.56
N ASP A 2451 5.79 17.94 -36.27
CA ASP A 2451 6.34 17.06 -35.26
C ASP A 2451 5.55 15.77 -35.16
N LYS A 2452 6.25 14.68 -34.88
CA LYS A 2452 5.60 13.39 -34.70
C LYS A 2452 4.72 13.42 -33.46
N VAL A 2453 3.73 12.56 -33.45
CA VAL A 2453 2.76 12.54 -32.35
C VAL A 2453 2.64 11.12 -31.85
N SER A 2454 2.37 10.99 -30.55
CA SER A 2454 2.15 9.73 -29.89
C SER A 2454 0.88 9.82 -29.06
N PRO A 2455 0.22 8.70 -28.81
CA PRO A 2455 -1.01 8.73 -28.02
C PRO A 2455 -0.76 9.35 -26.66
N PRO A 2456 -1.74 10.11 -26.15
CA PRO A 2456 -1.51 10.86 -24.92
C PRO A 2456 -1.52 9.99 -23.68
N ALA A 2462 0.89 6.84 -19.14
CA ALA A 2462 1.89 6.09 -19.89
C ALA A 2462 3.14 6.93 -20.13
N GLY A 2463 4.22 6.59 -19.44
CA GLY A 2463 5.46 7.31 -19.62
C GLY A 2463 5.54 8.65 -18.93
N TYR A 2464 4.79 8.84 -17.85
CA TYR A 2464 4.80 10.10 -17.09
C TYR A 2464 5.24 9.79 -15.67
N GLY A 2465 6.33 10.43 -15.24
CA GLY A 2465 6.89 10.18 -13.92
C GLY A 2465 7.29 8.73 -13.73
N ILE A 2466 8.01 8.19 -14.71
CA ILE A 2466 8.36 6.77 -14.69
C ILE A 2466 9.22 6.46 -13.48
N VAL A 2467 10.09 7.40 -13.10
CA VAL A 2467 10.88 7.23 -11.89
C VAL A 2467 10.00 7.01 -10.68
N GLY A 2468 8.82 7.62 -10.65
CA GLY A 2468 7.85 7.26 -9.63
C GLY A 2468 7.65 5.77 -9.68
N LEU A 2469 7.04 5.28 -10.77
CA LEU A 2469 6.79 3.86 -10.94
C LEU A 2469 7.94 3.01 -10.41
N TYR A 2470 9.16 3.35 -10.84
CA TYR A 2470 10.37 2.67 -10.37
C TYR A 2470 10.46 2.67 -8.85
N VAL A 2471 10.30 3.83 -8.23
CA VAL A 2471 10.59 3.93 -6.80
C VAL A 2471 9.53 3.19 -6.01
N SER A 2472 8.28 3.33 -6.41
CA SER A 2472 7.23 2.64 -5.68
C SER A 2472 7.30 1.14 -5.89
N ILE A 2473 7.63 0.68 -7.09
CA ILE A 2473 7.73 -0.76 -7.27
C ILE A 2473 8.85 -1.33 -6.42
N VAL A 2474 10.01 -0.66 -6.43
CA VAL A 2474 11.13 -1.20 -5.66
C VAL A 2474 10.82 -1.15 -4.17
N LEU A 2475 10.09 -0.13 -3.70
CA LEU A 2475 9.80 -0.14 -2.28
C LEU A 2475 8.76 -1.19 -1.94
N VAL A 2476 7.86 -1.50 -2.88
CA VAL A 2476 6.97 -2.64 -2.70
C VAL A 2476 7.78 -3.93 -2.60
N VAL A 2477 8.82 -4.04 -3.42
CA VAL A 2477 9.73 -5.17 -3.33
C VAL A 2477 10.33 -5.24 -1.93
N GLY A 2478 10.76 -4.09 -1.41
CA GLY A 2478 11.26 -4.05 -0.05
C GLY A 2478 10.22 -4.53 0.95
N LYS A 2479 8.96 -4.12 0.74
CA LYS A 2479 7.91 -4.51 1.67
C LYS A 2479 7.77 -6.02 1.71
N PHE A 2480 7.67 -6.66 0.54
CA PHE A 2480 7.58 -8.11 0.52
C PHE A 2480 8.81 -8.77 1.11
N VAL A 2481 10.00 -8.28 0.74
CA VAL A 2481 11.20 -9.00 1.15
C VAL A 2481 11.35 -8.93 2.65
N ARG A 2482 11.22 -7.74 3.22
CA ARG A 2482 11.23 -7.63 4.67
C ARG A 2482 10.08 -8.41 5.27
N GLY A 2483 8.98 -8.57 4.54
CA GLY A 2483 7.87 -9.32 5.08
C GLY A 2483 8.24 -10.77 5.29
N PHE A 2484 9.04 -11.33 4.39
CA PHE A 2484 9.37 -12.74 4.54
C PHE A 2484 10.12 -13.00 5.84
N PHE A 2485 10.89 -12.03 6.32
CA PHE A 2485 11.76 -12.33 7.45
C PHE A 2485 11.84 -11.27 8.54
N SER A 2486 11.07 -10.18 8.47
CA SER A 2486 11.35 -8.98 9.24
C SER A 2486 11.77 -9.29 10.67
N GLU A 2487 10.88 -9.96 11.41
CA GLU A 2487 11.16 -10.32 12.79
C GLU A 2487 10.89 -11.79 13.01
N ILE A 2488 11.03 -12.60 11.96
CA ILE A 2488 10.63 -14.00 12.09
C ILE A 2488 11.59 -14.72 12.99
N SER A 2489 12.84 -14.25 13.05
CA SER A 2489 13.78 -14.81 14.02
C SER A 2489 13.24 -14.64 15.42
N HIS A 2490 12.37 -13.64 15.64
CA HIS A 2490 11.65 -13.61 16.89
C HIS A 2490 10.71 -14.80 17.01
N SER A 2491 10.08 -15.20 15.89
CA SER A 2491 9.14 -16.32 15.90
C SER A 2491 9.89 -17.65 15.80
N ILE A 2492 10.77 -17.84 16.76
CA ILE A 2492 11.62 -19.02 16.90
C ILE A 2492 11.39 -19.75 18.21
N MET A 2493 10.41 -19.32 19.00
CA MET A 2493 10.14 -20.00 20.30
C MET A 2493 8.93 -20.92 20.19
N PHE A 2494 8.36 -21.11 19.01
CA PHE A 2494 7.19 -21.96 18.87
C PHE A 2494 7.38 -23.21 18.04
N GLU A 2495 8.51 -23.38 17.37
CA GLU A 2495 8.69 -24.46 16.43
C GLU A 2495 9.59 -25.59 16.93
N GLU A 2496 10.01 -25.54 18.18
CA GLU A 2496 10.94 -26.49 18.77
C GLU A 2496 10.29 -27.67 19.47
N LEU A 2497 8.98 -27.74 19.55
CA LEU A 2497 8.38 -28.82 20.32
C LEU A 2497 8.64 -30.19 19.69
N PRO A 2498 8.97 -31.19 20.51
CA PRO A 2498 9.15 -32.54 19.95
C PRO A 2498 7.82 -33.15 19.59
N CYS A 2499 6.80 -32.88 20.38
CA CYS A 2499 5.46 -33.42 20.15
C CYS A 2499 4.49 -32.45 20.79
N VAL A 2500 3.61 -31.88 19.96
CA VAL A 2500 2.57 -30.98 20.44
C VAL A 2500 1.32 -31.83 20.66
N ASP A 2501 1.53 -33.15 20.70
CA ASP A 2501 0.46 -34.13 20.73
C ASP A 2501 -0.50 -33.90 21.89
N ARG A 2502 0.03 -33.77 23.10
CA ARG A 2502 -0.84 -33.57 24.24
C ARG A 2502 -1.59 -32.26 24.11
N ILE A 2503 -0.93 -31.26 23.53
CA ILE A 2503 -1.63 -30.00 23.27
C ILE A 2503 -2.80 -30.25 22.35
N LEU A 2504 -2.60 -31.05 21.29
CA LEU A 2504 -3.75 -31.43 20.46
C LEU A 2504 -4.84 -32.04 21.32
N LYS A 2505 -4.51 -33.05 22.10
CA LYS A 2505 -5.58 -33.76 22.77
C LYS A 2505 -6.34 -32.82 23.70
N LEU A 2506 -5.62 -31.96 24.42
CA LEU A 2506 -6.32 -31.03 25.31
C LEU A 2506 -7.12 -29.99 24.54
N CYS A 2507 -6.64 -29.52 23.39
CA CYS A 2507 -7.40 -28.52 22.66
C CYS A 2507 -8.66 -29.11 22.05
N GLN A 2508 -8.56 -30.29 21.46
CA GLN A 2508 -9.80 -30.95 21.11
C GLN A 2508 -10.62 -31.31 22.34
N ASP A 2509 -10.01 -31.41 23.53
CA ASP A 2509 -10.80 -31.65 24.73
C ASP A 2509 -11.62 -30.43 25.07
N ILE A 2510 -11.05 -29.24 24.90
CA ILE A 2510 -11.82 -28.03 25.15
C ILE A 2510 -12.94 -27.93 24.13
N PHE A 2511 -12.66 -28.34 22.91
CA PHE A 2511 -13.75 -28.42 21.95
C PHE A 2511 -14.81 -29.41 22.40
N LEU A 2512 -14.38 -30.58 22.89
CA LEU A 2512 -15.30 -31.59 23.37
C LEU A 2512 -16.23 -31.05 24.44
N VAL A 2513 -15.65 -30.46 25.48
CA VAL A 2513 -16.47 -29.90 26.53
C VAL A 2513 -17.32 -28.79 25.96
N ARG A 2514 -16.89 -28.19 24.85
CA ARG A 2514 -17.69 -27.17 24.21
C ARG A 2514 -19.02 -27.76 23.75
N GLU A 2515 -18.99 -28.86 22.98
CA GLU A 2515 -20.30 -29.38 22.59
C GLU A 2515 -21.03 -29.95 23.80
N THR A 2516 -20.32 -30.67 24.66
CA THR A 2516 -20.96 -31.18 25.86
C THR A 2516 -21.32 -30.08 26.84
N ARG A 2517 -20.83 -28.86 26.61
CA ARG A 2517 -21.29 -27.64 27.26
C ARG A 2517 -21.36 -27.79 28.78
N GLU A 2518 -20.19 -28.00 29.37
CA GLU A 2518 -20.00 -27.96 30.80
C GLU A 2518 -19.34 -26.64 31.21
N LEU A 2519 -19.61 -26.24 32.45
CA LEU A 2519 -19.45 -24.83 32.82
C LEU A 2519 -17.98 -24.47 33.02
N GLU A 2520 -17.36 -25.04 34.05
CA GLU A 2520 -16.04 -24.58 34.47
C GLU A 2520 -14.91 -25.21 33.69
N LEU A 2521 -15.16 -26.39 33.14
CA LEU A 2521 -14.11 -27.11 32.43
C LEU A 2521 -13.56 -26.26 31.31
N GLU A 2522 -14.44 -25.50 30.66
CA GLU A 2522 -14.02 -24.70 29.52
C GLU A 2522 -12.93 -23.72 29.91
N GLU A 2523 -13.26 -22.79 30.80
CA GLU A 2523 -12.29 -21.77 31.18
C GLU A 2523 -11.11 -22.41 31.87
N GLU A 2524 -11.35 -23.54 32.55
CA GLU A 2524 -10.28 -24.30 33.14
C GLU A 2524 -9.25 -24.71 32.11
N LEU A 2525 -9.70 -25.30 31.01
CA LEU A 2525 -8.77 -25.81 30.02
C LEU A 2525 -8.17 -24.70 29.19
N TYR A 2526 -8.90 -23.60 29.03
CA TYR A 2526 -8.30 -22.46 28.37
C TYR A 2526 -7.17 -21.88 29.21
N ALA A 2527 -7.39 -21.75 30.51
CA ALA A 2527 -6.32 -21.28 31.37
C ALA A 2527 -5.14 -22.24 31.39
N LYS A 2528 -5.38 -23.55 31.45
CA LYS A 2528 -4.25 -24.47 31.36
C LYS A 2528 -3.44 -24.25 30.09
N LEU A 2529 -4.09 -24.22 28.93
CA LEU A 2529 -3.34 -24.04 27.69
C LEU A 2529 -2.57 -22.72 27.74
N ILE A 2530 -3.18 -21.68 28.29
CA ILE A 2530 -2.49 -20.39 28.38
C ILE A 2530 -1.23 -20.52 29.25
N PHE A 2531 -1.34 -21.20 30.39
CA PHE A 2531 -0.16 -21.41 31.21
C PHE A 2531 0.88 -22.22 30.48
N LEU A 2532 0.44 -23.20 29.69
CA LEU A 2532 1.41 -23.99 28.96
C LEU A 2532 2.22 -23.07 28.08
N TYR A 2533 1.56 -22.10 27.44
CA TYR A 2533 2.26 -21.14 26.59
C TYR A 2533 3.24 -20.29 27.39
N ARG A 2534 2.88 -19.90 28.61
CA ARG A 2534 3.70 -18.91 29.30
C ARG A 2534 5.14 -19.36 29.50
N SER A 2535 5.34 -20.60 29.90
CA SER A 2535 6.70 -21.01 30.21
C SER A 2535 7.30 -21.86 29.11
N PRO A 2536 8.38 -21.42 28.47
CA PRO A 2536 9.06 -22.31 27.53
C PRO A 2536 9.56 -23.52 28.26
N GLU A 2537 10.15 -23.28 29.43
CA GLU A 2537 10.53 -24.36 30.33
C GLU A 2537 9.39 -25.35 30.42
N THR A 2538 8.16 -24.84 30.54
CA THR A 2538 7.00 -25.72 30.55
C THR A 2538 6.66 -26.26 29.17
N MET A 2539 6.86 -25.47 28.09
CA MET A 2539 6.66 -26.11 26.79
C MET A 2539 7.55 -27.32 26.61
N ILE A 2540 8.67 -27.37 27.32
CA ILE A 2540 9.65 -28.43 27.11
C ILE A 2540 9.67 -29.43 28.25
N LYS A 2541 8.96 -29.19 29.34
CA LYS A 2541 9.05 -30.09 30.49
C LYS A 2541 8.68 -31.52 30.08
N TRP A 2542 7.42 -31.77 29.75
CA TRP A 2542 7.03 -33.12 29.40
C TRP A 2542 6.99 -33.36 27.90
N THR A 2543 7.15 -32.33 27.07
CA THR A 2543 7.15 -32.54 25.63
C THR A 2543 8.39 -33.29 25.14
N ARG A 2544 9.41 -33.42 25.99
CA ARG A 2544 10.52 -34.29 25.68
C ARG A 2544 10.00 -35.65 25.27
N GLU A 2545 10.53 -36.18 24.18
CA GLU A 2545 9.91 -37.34 23.56
C GLU A 2545 9.94 -38.54 24.49
N ARG A 2546 8.94 -39.40 24.32
CA ARG A 2546 8.89 -40.64 25.10
C ARG A 2546 10.14 -41.46 24.86
N GLU A 2547 10.77 -41.91 25.94
CA GLU A 2547 12.02 -42.63 25.84
C GLU A 2547 11.78 -44.07 25.43
N GLU B 576 -84.11 1.06 57.42
CA GLU B 576 -83.10 0.83 56.40
C GLU B 576 -82.46 2.12 55.96
N LEU B 577 -81.49 2.02 55.04
CA LEU B 577 -80.84 3.23 54.55
C LEU B 577 -81.84 4.14 53.84
N VAL B 578 -82.72 3.55 53.03
CA VAL B 578 -83.76 4.34 52.39
C VAL B 578 -84.69 4.94 53.43
N THR B 579 -85.05 4.15 54.44
CA THR B 579 -85.90 4.66 55.51
C THR B 579 -85.24 5.80 56.27
N GLY B 580 -83.94 5.64 56.58
CA GLY B 580 -83.25 6.72 57.27
C GLY B 580 -83.18 7.98 56.45
N ILE B 581 -82.92 7.84 55.14
CA ILE B 581 -82.87 9.00 54.27
C ILE B 581 -84.22 9.69 54.22
N TYR B 582 -85.30 8.90 54.12
CA TYR B 582 -86.64 9.48 54.08
C TYR B 582 -86.93 10.23 55.39
N VAL B 583 -86.55 9.65 56.52
CA VAL B 583 -86.77 10.32 57.80
C VAL B 583 -86.01 11.63 57.83
N LYS B 584 -84.77 11.61 57.36
CA LYS B 584 -83.95 12.82 57.29
C LYS B 584 -84.43 13.78 56.21
N TYR B 585 -85.30 13.34 55.30
CA TYR B 585 -85.79 14.20 54.22
C TYR B 585 -87.01 14.98 54.68
N TRP B 586 -86.77 15.93 55.59
CA TRP B 586 -87.82 16.78 56.13
C TRP B 586 -87.80 18.18 55.57
N ILE B 587 -86.62 18.81 55.51
CA ILE B 587 -86.49 20.16 54.99
C ILE B 587 -86.85 20.23 53.52
N TYR B 588 -86.80 19.10 52.81
CA TYR B 588 -87.10 19.08 51.40
C TYR B 588 -88.51 19.58 51.10
N VAL B 589 -89.47 19.24 51.96
CA VAL B 589 -90.84 19.70 51.74
C VAL B 589 -90.90 21.23 51.83
N CYS B 590 -90.23 21.81 52.82
CA CYS B 590 -90.21 23.26 52.94
C CYS B 590 -89.54 23.90 51.72
N ALA B 591 -88.43 23.30 51.27
CA ALA B 591 -87.75 23.82 50.09
C ALA B 591 -88.65 23.77 48.86
N GLY B 592 -89.38 22.66 48.70
CA GLY B 592 -90.30 22.56 47.58
C GLY B 592 -91.40 23.61 47.66
N MET B 593 -91.91 23.85 48.86
CA MET B 593 -92.94 24.87 49.03
C MET B 593 -92.40 26.24 48.65
N PHE B 594 -91.18 26.55 49.06
CA PHE B 594 -90.57 27.82 48.69
C PHE B 594 -90.38 27.92 47.18
N ILE B 595 -89.95 26.82 46.56
CA ILE B 595 -89.73 26.81 45.11
C ILE B 595 -91.04 27.06 44.39
N VAL B 596 -92.12 26.43 44.85
CA VAL B 596 -93.42 26.65 44.25
C VAL B 596 -93.82 28.11 44.42
N VAL B 597 -93.55 28.67 45.60
CA VAL B 597 -93.85 30.06 45.86
C VAL B 597 -93.09 30.96 44.89
N SER B 598 -91.81 30.67 44.69
CA SER B 598 -90.93 31.52 43.92
C SER B 598 -91.02 31.23 42.42
N PHE B 599 -91.05 32.31 41.63
CA PHE B 599 -91.01 32.23 40.18
C PHE B 599 -92.12 31.33 39.62
N ALA B 600 -93.33 31.48 40.15
CA ALA B 600 -94.45 30.67 39.66
C ALA B 600 -95.07 31.33 38.43
N GLY B 601 -94.25 31.44 37.39
CA GLY B 601 -94.70 32.02 36.13
C GLY B 601 -95.33 33.38 36.35
N ARG B 602 -96.48 33.58 35.74
CA ARG B 602 -97.26 34.79 35.98
C ARG B 602 -97.77 34.74 37.40
N LEU B 603 -97.83 35.90 38.06
CA LEU B 603 -98.18 35.93 39.46
C LEU B 603 -99.69 36.17 39.61
N VAL B 604 -100.35 35.22 40.27
CA VAL B 604 -101.77 35.34 40.59
C VAL B 604 -101.82 36.09 41.90
N VAL B 605 -101.74 37.43 41.80
CA VAL B 605 -101.61 38.39 42.90
C VAL B 605 -102.01 37.82 44.25
N TYR B 606 -103.20 37.23 44.34
CA TYR B 606 -103.64 36.62 45.59
C TYR B 606 -102.74 35.45 45.97
N LYS B 607 -102.45 34.57 45.01
CA LYS B 607 -101.58 33.42 45.29
C LYS B 607 -100.17 33.87 45.66
N ILE B 608 -99.64 34.86 44.93
CA ILE B 608 -98.29 35.34 45.24
C ILE B 608 -98.26 35.95 46.63
N VAL B 609 -99.32 36.70 46.99
CA VAL B 609 -99.39 37.29 48.31
C VAL B 609 -99.43 36.21 49.37
N TYR B 610 -100.22 35.16 49.12
CA TYR B 610 -100.28 34.06 50.08
C TYR B 610 -98.91 33.41 50.25
N MET B 611 -98.20 33.20 49.13
CA MET B 611 -96.87 32.59 49.20
C MET B 611 -95.91 33.46 50.00
N PHE B 612 -95.93 34.76 49.75
CA PHE B 612 -95.05 35.67 50.49
C PHE B 612 -95.40 35.66 51.96
N LEU B 613 -96.70 35.67 52.28
CA LEU B 613 -97.13 35.64 53.66
C LEU B 613 -96.66 34.36 54.34
N PHE B 614 -96.75 33.24 53.62
CA PHE B 614 -96.30 31.98 54.18
C PHE B 614 -94.80 32.03 54.46
N LEU B 615 -94.03 32.58 53.53
CA LEU B 615 -92.59 32.69 53.75
C LEU B 615 -92.29 33.55 54.96
N LEU B 616 -92.97 34.69 55.07
CA LEU B 616 -92.76 35.58 56.20
C LEU B 616 -93.14 34.89 57.51
N CYS B 617 -94.25 34.18 57.52
CA CYS B 617 -94.67 33.45 58.71
C CYS B 617 -93.63 32.41 59.07
N LEU B 618 -93.08 31.73 58.06
CA LEU B 618 -92.05 30.73 58.33
C LEU B 618 -90.84 31.39 58.98
N THR B 619 -90.44 32.55 58.48
CA THR B 619 -89.32 33.26 59.09
C THR B 619 -89.65 33.65 60.52
N LEU B 620 -90.86 34.14 60.75
CA LEU B 620 -91.27 34.53 62.09
C LEU B 620 -91.20 33.35 63.03
N PHE B 621 -91.67 32.18 62.57
CA PHE B 621 -91.59 30.97 63.38
C PHE B 621 -90.14 30.59 63.62
N GLN B 622 -89.30 30.71 62.60
CA GLN B 622 -87.90 30.34 62.75
C GLN B 622 -87.26 31.17 63.86
N VAL B 623 -87.55 32.47 63.88
CA VAL B 623 -87.08 33.30 64.98
C VAL B 623 -87.73 32.82 66.28
N TYR B 624 -89.02 32.54 66.23
CA TYR B 624 -89.78 32.00 67.34
C TYR B 624 -89.33 30.60 67.72
N TYR B 625 -88.61 29.92 66.84
CA TYR B 625 -88.21 28.51 66.91
C TYR B 625 -88.69 27.75 68.15
N THR B 626 -88.44 28.27 69.34
CA THR B 626 -89.01 27.65 70.53
C THR B 626 -90.53 27.70 70.46
N LEU B 627 -91.07 28.87 70.13
CA LEU B 627 -92.51 28.95 69.87
C LEU B 627 -92.86 28.15 68.64
N TRP B 628 -92.01 28.19 67.62
CA TRP B 628 -92.25 27.38 66.43
C TRP B 628 -92.25 25.91 66.81
N ARG B 629 -91.33 25.51 67.70
CA ARG B 629 -91.33 24.14 68.18
C ARG B 629 -92.65 23.83 68.86
N LYS B 630 -93.20 24.79 69.59
CA LYS B 630 -94.50 24.59 70.21
C LYS B 630 -95.60 24.39 69.16
N LEU B 631 -95.53 25.13 68.05
CA LEU B 631 -96.58 25.08 67.01
C LEU B 631 -95.99 24.92 65.61
N LEU B 632 -95.25 23.84 65.37
CA LEU B 632 -94.67 23.62 64.05
C LEU B 632 -95.57 22.79 63.15
N ARG B 633 -96.09 21.66 63.67
CA ARG B 633 -96.98 20.84 62.87
C ARG B 633 -98.22 21.65 62.50
N VAL B 634 -98.71 22.46 63.44
CA VAL B 634 -99.86 23.30 63.15
C VAL B 634 -99.54 24.24 61.99
N PHE B 635 -98.32 24.78 61.99
CA PHE B 635 -97.91 25.65 60.91
C PHE B 635 -97.91 24.93 59.56
N TRP B 636 -97.38 23.71 59.53
CA TRP B 636 -97.40 22.95 58.29
C TRP B 636 -98.82 22.66 57.84
N TRP B 637 -99.68 22.27 58.78
CA TRP B 637 -101.07 22.00 58.43
C TRP B 637 -101.76 23.25 57.91
N LEU B 638 -101.49 24.40 58.52
CA LEU B 638 -102.07 25.65 58.06
C LEU B 638 -101.60 25.98 56.66
N VAL B 639 -100.32 25.75 56.38
CA VAL B 639 -99.81 26.00 55.03
C VAL B 639 -100.52 25.11 54.02
N VAL B 640 -100.72 23.84 54.37
CA VAL B 640 -101.42 22.93 53.49
C VAL B 640 -102.85 23.41 53.27
N ALA B 641 -103.49 23.86 54.35
CA ALA B 641 -104.86 24.36 54.26
C ALA B 641 -104.94 25.57 53.34
N TYR B 642 -103.98 26.50 53.45
CA TYR B 642 -103.98 27.67 52.59
C TYR B 642 -103.80 27.27 51.13
N THR B 643 -102.94 26.28 50.88
CA THR B 643 -102.76 25.81 49.51
C THR B 643 -104.06 25.20 48.98
N MET B 644 -104.74 24.41 49.81
CA MET B 644 -105.99 23.80 49.38
C MET B 644 -107.04 24.87 49.10
N LEU B 645 -107.08 25.90 49.95
CA LEU B 645 -108.03 26.98 49.75
C LEU B 645 -107.77 27.68 48.42
N VAL B 646 -106.49 27.93 48.11
CA VAL B 646 -106.15 28.59 46.85
C VAL B 646 -106.59 27.73 45.67
N LEU B 647 -106.33 26.42 45.72
CA LEU B 647 -106.74 25.55 44.62
C LEU B 647 -108.26 25.55 44.45
N ILE B 648 -108.98 25.48 45.58
CA ILE B 648 -110.44 25.47 45.52
C ILE B 648 -110.93 26.77 44.91
N ALA B 649 -110.31 27.90 45.30
CA ALA B 649 -110.68 29.17 44.73
C ALA B 649 -110.45 29.19 43.22
N VAL B 650 -109.33 28.60 42.79
CA VAL B 650 -109.04 28.55 41.36
C VAL B 650 -110.15 27.82 40.64
N TYR B 651 -110.62 26.72 41.22
CA TYR B 651 -111.75 26.01 40.62
C TYR B 651 -112.99 26.89 40.59
N THR B 652 -113.27 27.58 41.70
CA THR B 652 -114.49 28.37 41.81
C THR B 652 -114.56 29.49 40.78
N PHE B 653 -113.44 30.14 40.48
CA PHE B 653 -113.54 31.27 39.56
C PHE B 653 -113.95 30.87 38.16
N GLN B 654 -113.90 29.58 37.82
CA GLN B 654 -114.37 29.15 36.50
C GLN B 654 -115.83 29.52 36.30
N PHE B 655 -116.70 29.16 37.26
CA PHE B 655 -118.06 29.67 37.27
C PHE B 655 -118.06 31.20 37.28
N GLN B 656 -119.07 31.79 36.65
CA GLN B 656 -119.17 33.25 36.54
C GLN B 656 -120.18 33.90 37.48
N ASP B 657 -121.28 33.21 37.81
CA ASP B 657 -122.30 33.84 38.64
C ASP B 657 -121.80 34.15 40.04
N PHE B 658 -121.14 33.19 40.68
CA PHE B 658 -120.63 33.42 42.03
C PHE B 658 -119.58 34.50 42.10
N PRO B 659 -118.60 34.61 41.18
CA PRO B 659 -117.70 35.77 41.24
C PRO B 659 -118.44 37.09 41.12
N THR B 660 -119.48 37.16 40.29
CA THR B 660 -120.30 38.38 40.22
C THR B 660 -120.95 38.66 41.57
N TYR B 661 -121.47 37.61 42.22
CA TYR B 661 -122.04 37.76 43.55
C TYR B 661 -121.01 38.29 44.54
N TRP B 662 -119.79 37.74 44.47
CA TRP B 662 -118.71 38.18 45.36
C TRP B 662 -118.40 39.65 45.11
N ARG B 663 -118.38 40.06 43.85
CA ARG B 663 -118.14 41.46 43.52
C ARG B 663 -119.22 42.34 44.11
N ASN B 664 -120.48 41.90 44.00
CA ASN B 664 -121.59 42.68 44.52
C ASN B 664 -121.49 42.85 46.03
N LEU B 665 -121.20 41.76 46.74
CA LEU B 665 -121.10 41.84 48.20
C LEU B 665 -119.89 42.67 48.63
N THR B 666 -118.73 42.41 48.04
CA THR B 666 -117.51 43.14 48.41
C THR B 666 -117.56 44.59 47.95
N GLY B 667 -118.07 44.84 46.75
CA GLY B 667 -118.08 46.18 46.19
C GLY B 667 -116.90 46.54 45.30
N PHE B 668 -115.92 45.66 45.15
CA PHE B 668 -114.84 45.89 44.19
C PHE B 668 -115.10 45.11 42.91
N THR B 669 -114.48 45.59 41.84
CA THR B 669 -114.78 45.09 40.51
C THR B 669 -114.20 43.70 40.27
N ASP B 670 -114.88 42.95 39.41
CA ASP B 670 -114.36 41.68 38.92
C ASP B 670 -113.37 41.85 37.79
N GLU B 671 -113.17 43.09 37.33
CA GLU B 671 -112.22 43.37 36.27
C GLU B 671 -110.81 42.98 36.71
N GLN B 672 -110.47 43.23 37.98
CA GLN B 672 -109.18 42.80 38.53
C GLN B 672 -109.04 41.29 38.48
N LEU B 673 -110.09 40.56 38.89
CA LEU B 673 -110.06 39.11 38.82
C LEU B 673 -109.97 38.62 37.39
N GLY B 674 -110.68 39.28 36.47
CA GLY B 674 -110.57 38.94 35.07
C GLY B 674 -109.15 39.09 34.58
N ASP B 675 -108.47 40.14 35.04
CA ASP B 675 -107.05 40.28 34.72
C ASP B 675 -106.28 39.09 35.29
N LEU B 676 -106.62 38.67 36.51
CA LEU B 676 -106.00 37.49 37.08
C LEU B 676 -106.35 36.25 36.24
N GLY B 677 -107.61 36.14 35.80
CA GLY B 677 -108.01 35.07 34.90
C GLY B 677 -108.96 34.03 35.46
N LEU B 678 -110.27 34.30 35.41
CA LEU B 678 -111.28 33.37 35.89
C LEU B 678 -111.35 32.07 35.10
N GLU B 679 -110.59 31.91 34.03
CA GLU B 679 -110.76 30.81 33.11
C GLU B 679 -109.65 29.79 33.29
N GLN B 680 -109.94 28.53 32.92
CA GLN B 680 -108.96 27.46 32.99
C GLN B 680 -107.99 27.61 31.83
N PHE B 681 -106.79 28.09 32.10
CA PHE B 681 -105.85 28.44 31.04
C PHE B 681 -105.13 27.21 30.49
N SER B 682 -104.06 27.46 29.75
CA SER B 682 -103.45 26.45 28.89
C SER B 682 -102.86 25.30 29.70
N VAL B 683 -102.27 24.36 28.97
CA VAL B 683 -101.69 23.16 29.58
C VAL B 683 -100.61 23.53 30.57
N SER B 684 -99.80 24.55 30.25
CA SER B 684 -98.77 24.97 31.19
C SER B 684 -99.38 25.52 32.47
N GLU B 685 -100.40 26.37 32.34
CA GLU B 685 -101.03 26.95 33.51
C GLU B 685 -101.74 25.90 34.35
N LEU B 686 -102.49 24.99 33.70
CA LEU B 686 -103.19 23.95 34.44
C LEU B 686 -102.19 23.02 35.13
N PHE B 687 -101.12 22.65 34.42
CA PHE B 687 -100.11 21.78 35.00
C PHE B 687 -99.42 22.43 36.19
N SER B 688 -99.09 23.72 36.06
CA SER B 688 -98.45 24.43 37.17
C SER B 688 -99.38 24.51 38.37
N SER B 689 -100.66 24.84 38.15
CA SER B 689 -101.60 24.93 39.26
C SER B 689 -101.76 23.58 39.94
N ILE B 690 -101.86 22.51 39.16
CA ILE B 690 -101.99 21.17 39.74
C ILE B 690 -100.73 20.81 40.51
N LEU B 691 -99.56 21.14 39.95
CA LEU B 691 -98.31 20.82 40.61
C LEU B 691 -98.21 21.53 41.95
N ILE B 692 -98.60 22.80 42.00
CA ILE B 692 -98.60 23.53 43.25
C ILE B 692 -99.56 22.86 44.24
N PRO B 693 -100.81 22.61 43.91
CA PRO B 693 -101.65 21.84 44.84
C PRO B 693 -101.12 20.43 45.04
N GLY B 694 -100.63 19.80 43.97
CA GLY B 694 -100.05 18.48 44.11
C GLY B 694 -98.80 18.49 44.98
N PHE B 695 -97.95 19.49 44.81
CA PHE B 695 -96.79 19.60 45.68
C PHE B 695 -97.24 19.79 47.12
N PHE B 696 -98.28 20.59 47.32
CA PHE B 696 -98.81 20.79 48.66
C PHE B 696 -99.30 19.48 49.26
N LEU B 697 -99.98 18.67 48.44
CA LEU B 697 -100.45 17.38 48.92
C LEU B 697 -99.27 16.48 49.28
N LEU B 698 -98.23 16.47 48.45
CA LEU B 698 -97.06 15.65 48.74
C LEU B 698 -96.39 16.11 50.03
N ALA B 699 -96.29 17.42 50.22
CA ALA B 699 -95.71 17.95 51.44
C ALA B 699 -96.54 17.59 52.66
N CYS B 700 -97.86 17.67 52.53
CA CYS B 700 -98.74 17.28 53.64
C CYS B 700 -98.56 15.82 53.98
N ILE B 701 -98.42 14.98 52.95
CA ILE B 701 -98.19 13.56 53.19
C ILE B 701 -96.87 13.36 53.91
N LEU B 702 -95.84 14.09 53.50
CA LEU B 702 -94.54 14.00 54.18
C LEU B 702 -94.66 14.44 55.63
N GLN B 703 -95.42 15.52 55.87
CA GLN B 703 -95.64 16.01 57.22
C GLN B 703 -96.32 14.96 58.06
N LEU B 704 -97.33 14.30 57.50
CA LEU B 704 -97.99 13.23 58.23
C LEU B 704 -97.02 12.09 58.51
N HIS B 705 -96.16 11.77 57.53
CA HIS B 705 -95.20 10.69 57.71
C HIS B 705 -94.19 11.01 58.81
N TYR B 706 -93.69 12.23 58.87
CA TYR B 706 -92.68 12.62 59.86
C TYR B 706 -93.31 13.47 60.95
N PHE B 707 -93.23 12.99 62.19
CA PHE B 707 -93.76 13.71 63.33
C PHE B 707 -92.82 14.84 63.74
N HIS B 708 -93.36 15.78 64.52
CA HIS B 708 -92.52 16.88 65.01
C HIS B 708 -91.39 16.31 65.85
N ARG B 709 -91.69 15.32 66.67
CA ARG B 709 -90.64 14.66 67.44
C ARG B 709 -89.64 14.03 66.50
N PRO B 710 -90.05 13.42 65.38
CA PRO B 710 -89.05 12.88 64.46
C PRO B 710 -88.14 13.97 63.95
N PHE B 711 -88.68 15.16 63.71
CA PHE B 711 -87.85 16.29 63.28
C PHE B 711 -86.85 16.66 64.38
N MET B 712 -87.31 16.67 65.64
CA MET B 712 -86.41 17.01 66.73
C MET B 712 -85.27 16.01 66.81
N GLN B 713 -85.58 14.72 66.66
CA GLN B 713 -84.51 13.72 66.62
C GLN B 713 -83.64 13.93 65.38
N LEU B 714 -84.28 14.36 64.28
CA LEU B 714 -83.60 14.58 63.01
C LEU B 714 -82.52 15.65 63.13
N THR B 715 -82.67 16.57 64.08
CA THR B 715 -81.68 17.63 64.22
C THR B 715 -80.29 17.02 64.39
N ASP B 716 -80.17 15.97 65.20
CA ASP B 716 -78.91 15.27 65.29
C ASP B 716 -78.63 14.63 63.94
N LEU B 717 -77.38 14.70 63.49
CA LEU B 717 -77.03 14.17 62.17
C LEU B 717 -75.82 13.26 62.26
N GLU B 718 -75.72 12.36 61.28
CA GLU B 718 -74.61 11.42 61.21
C GLU B 718 -74.36 11.00 59.76
N LEU B 784 -64.80 -0.26 52.10
CA LEU B 784 -65.80 -0.23 53.16
C LEU B 784 -65.30 0.58 54.34
N ASP B 785 -64.14 0.19 54.88
CA ASP B 785 -63.56 0.89 56.03
C ASP B 785 -63.22 2.34 55.70
N LEU B 786 -62.70 2.59 54.49
CA LEU B 786 -62.33 3.94 54.11
C LEU B 786 -63.55 4.87 54.12
N ALA B 787 -64.70 4.38 53.67
CA ALA B 787 -65.90 5.21 53.69
C ALA B 787 -66.28 5.61 55.11
N ALA B 788 -66.21 4.67 56.06
CA ALA B 788 -66.53 4.99 57.45
C ALA B 788 -65.54 6.01 58.02
N SER B 789 -64.25 5.83 57.73
CA SER B 789 -63.26 6.78 58.22
C SER B 789 -63.51 8.16 57.63
N PHE B 790 -63.85 8.22 56.33
CA PHE B 790 -64.16 9.49 55.70
C PHE B 790 -65.38 10.13 56.34
N SER B 791 -66.39 9.33 56.66
CA SER B 791 -67.58 9.86 57.30
C SER B 791 -67.25 10.44 58.66
N ALA B 792 -66.40 9.75 59.43
CA ALA B 792 -66.02 10.28 60.74
C ALA B 792 -65.25 11.59 60.60
N VAL B 793 -64.33 11.65 59.63
CA VAL B 793 -63.57 12.88 59.41
C VAL B 793 -64.51 14.00 59.00
N LEU B 794 -65.48 13.68 58.14
CA LEU B 794 -66.46 14.67 57.70
C LEU B 794 -67.27 15.18 58.88
N THR B 795 -67.66 14.29 59.79
CA THR B 795 -68.41 14.72 60.97
C THR B 795 -67.57 15.67 61.81
N ARG B 796 -66.29 15.35 61.99
CA ARG B 796 -65.42 16.25 62.73
C ARG B 796 -65.34 17.60 62.04
N ILE B 797 -65.25 17.58 60.71
CA ILE B 797 -65.22 18.80 59.93
C ILE B 797 -66.48 19.61 60.19
N GLN B 798 -67.64 19.03 59.88
CA GLN B 798 -68.95 19.62 60.12
C GLN B 798 -69.02 20.28 61.49
N VAL B 799 -68.49 19.59 62.51
CA VAL B 799 -68.49 20.17 63.85
C VAL B 799 -67.64 21.42 63.87
N PHE B 800 -66.47 21.37 63.22
CA PHE B 800 -65.61 22.54 63.17
C PHE B 800 -66.30 23.69 62.44
N VAL B 801 -67.00 23.38 61.36
CA VAL B 801 -67.72 24.39 60.60
C VAL B 801 -68.77 25.02 61.50
N ARG B 802 -69.45 24.21 62.30
CA ARG B 802 -70.43 24.75 63.24
C ARG B 802 -69.75 25.68 64.21
N ARG B 803 -68.57 25.30 64.71
CA ARG B 803 -67.85 26.16 65.64
C ARG B 803 -67.49 27.49 64.99
N LEU B 804 -67.03 27.45 63.74
CA LEU B 804 -66.63 28.66 63.03
C LEU B 804 -67.82 29.39 62.44
N LEU B 805 -69.02 28.84 62.63
CA LEU B 805 -70.21 29.39 62.02
C LEU B 805 -70.47 30.81 62.44
N GLU B 806 -70.16 31.20 63.68
CA GLU B 806 -70.46 32.57 64.09
C GLU B 806 -69.71 33.59 63.22
N LEU B 807 -68.40 33.39 63.08
CA LEU B 807 -67.62 34.28 62.23
C LEU B 807 -68.04 34.16 60.78
N HIS B 808 -68.27 32.93 60.32
CA HIS B 808 -68.66 32.74 58.93
C HIS B 808 -69.99 33.41 58.65
N VAL B 809 -70.93 33.31 59.57
CA VAL B 809 -72.25 33.90 59.42
C VAL B 809 -72.14 35.42 59.37
N PHE B 810 -71.36 36.00 60.26
CA PHE B 810 -71.22 37.45 60.22
C PHE B 810 -70.62 37.88 58.90
N LYS B 811 -69.58 37.17 58.45
CA LYS B 811 -68.94 37.53 57.20
C LYS B 811 -69.90 37.38 56.03
N LEU B 812 -70.67 36.29 56.02
CA LEU B 812 -71.63 36.07 54.95
C LEU B 812 -72.69 37.15 54.92
N VAL B 813 -73.20 37.52 56.10
CA VAL B 813 -74.23 38.54 56.16
C VAL B 813 -73.67 39.84 55.60
N ALA B 814 -72.46 40.18 55.99
CA ALA B 814 -71.85 41.39 55.48
C ALA B 814 -71.65 41.31 53.98
N LEU B 815 -71.17 40.16 53.49
CA LEU B 815 -70.91 40.03 52.07
C LEU B 815 -72.18 40.19 51.26
N TYR B 816 -73.26 39.57 51.73
CA TYR B 816 -74.53 39.71 51.04
C TYR B 816 -74.99 41.15 51.05
N THR B 817 -74.85 41.81 52.20
CA THR B 817 -75.27 43.20 52.30
C THR B 817 -74.49 44.07 51.32
N VAL B 818 -73.17 43.90 51.29
CA VAL B 818 -72.33 44.69 50.42
C VAL B 818 -72.65 44.41 48.96
N TRP B 819 -72.82 43.14 48.61
CA TRP B 819 -73.11 42.81 47.23
C TRP B 819 -74.44 43.43 46.81
N VAL B 820 -75.43 43.34 47.68
CA VAL B 820 -76.74 43.91 47.37
C VAL B 820 -76.64 45.42 47.21
N ALA B 821 -75.92 46.08 48.13
CA ALA B 821 -75.77 47.52 48.04
C ALA B 821 -75.03 47.91 46.77
N LEU B 822 -74.00 47.16 46.41
CA LEU B 822 -73.24 47.45 45.19
C LEU B 822 -74.12 47.29 43.97
N LYS B 823 -74.92 46.22 43.93
CA LYS B 823 -75.82 46.04 42.82
C LYS B 823 -76.87 47.14 42.79
N GLU B 824 -77.43 47.46 43.95
CA GLU B 824 -78.43 48.52 44.04
C GLU B 824 -78.39 49.16 45.41
N VAL B 825 -78.59 50.46 45.44
CA VAL B 825 -78.63 51.24 46.68
C VAL B 825 -80.03 51.82 46.77
N SER B 826 -80.69 51.61 47.91
CA SER B 826 -82.06 52.04 48.06
C SER B 826 -82.36 52.29 49.52
N VAL B 827 -83.49 52.96 49.76
CA VAL B 827 -83.87 53.29 51.12
C VAL B 827 -84.03 52.01 51.92
N MET B 828 -83.46 52.02 53.13
CA MET B 828 -83.49 50.90 54.07
C MET B 828 -82.53 49.81 53.59
N ASN B 829 -82.31 49.72 52.28
CA ASN B 829 -81.45 48.68 51.75
C ASN B 829 -80.04 48.82 52.31
N LEU B 830 -79.40 49.93 52.02
CA LEU B 830 -78.09 50.18 52.61
C LEU B 830 -78.22 50.48 54.09
N LEU B 831 -79.31 51.16 54.46
CA LEU B 831 -79.50 51.56 55.85
C LEU B 831 -79.53 50.34 56.76
N LEU B 832 -80.17 49.27 56.31
CA LEU B 832 -80.20 48.06 57.13
C LEU B 832 -78.80 47.51 57.34
N VAL B 833 -78.00 47.50 56.27
CA VAL B 833 -76.63 47.00 56.40
C VAL B 833 -75.86 47.88 57.36
N VAL B 834 -76.06 49.19 57.25
CA VAL B 834 -75.35 50.12 58.13
C VAL B 834 -75.75 49.89 59.58
N LEU B 835 -77.05 49.70 59.81
CA LEU B 835 -77.51 49.43 61.16
C LEU B 835 -76.92 48.13 61.68
N TRP B 836 -76.85 47.12 60.82
CA TRP B 836 -76.26 45.86 61.24
C TRP B 836 -74.81 46.08 61.62
N ALA B 837 -74.08 46.86 60.81
CA ALA B 837 -72.71 47.19 61.16
C ALA B 837 -72.66 47.91 62.49
N PHE B 838 -73.65 48.75 62.76
CA PHE B 838 -73.73 49.41 64.05
C PHE B 838 -73.86 48.40 65.17
N ALA B 839 -74.64 47.36 64.95
CA ALA B 839 -74.92 46.39 65.99
C ALA B 839 -73.92 45.24 66.03
N LEU B 840 -72.98 45.18 65.09
CA LEU B 840 -71.98 44.11 65.17
C LEU B 840 -71.11 44.26 66.40
N PRO B 841 -70.64 45.45 66.81
CA PRO B 841 -69.72 45.50 67.95
C PRO B 841 -70.35 44.96 69.22
N TYR B 842 -71.58 45.35 69.52
CA TYR B 842 -72.18 44.86 70.74
C TYR B 842 -72.64 43.43 70.57
N PRO B 843 -72.20 42.52 71.43
CA PRO B 843 -72.59 41.10 71.31
C PRO B 843 -74.05 40.81 71.61
N ARG B 844 -74.54 41.31 72.75
CA ARG B 844 -75.88 40.94 73.21
C ARG B 844 -76.98 41.39 72.25
N PHE B 845 -76.90 42.62 71.73
CA PHE B 845 -77.88 43.04 70.73
C PHE B 845 -77.79 42.22 69.45
N ARG B 846 -76.59 41.74 69.12
CA ARG B 846 -76.35 41.09 67.84
C ARG B 846 -77.35 39.98 67.50
N PRO B 847 -77.73 39.07 68.40
CA PRO B 847 -78.79 38.12 68.00
C PRO B 847 -80.11 38.80 67.69
N MET B 848 -80.53 39.75 68.54
CA MET B 848 -81.73 40.51 68.27
C MET B 848 -81.55 41.32 67.00
N ALA B 849 -80.35 41.87 66.81
CA ALA B 849 -80.06 42.62 65.61
C ALA B 849 -80.20 41.75 64.38
N SER B 850 -79.73 40.50 64.44
CA SER B 850 -79.89 39.59 63.32
C SER B 850 -81.35 39.32 63.04
N CYS B 851 -82.14 39.11 64.10
CA CYS B 851 -83.56 38.88 63.91
C CYS B 851 -84.21 40.09 63.26
N LEU B 852 -83.75 41.28 63.62
CA LEU B 852 -84.39 42.48 63.13
C LEU B 852 -83.93 42.76 61.70
N SER B 853 -82.67 42.47 61.41
CA SER B 853 -82.17 42.57 60.06
C SER B 853 -82.93 41.63 59.14
N THR B 854 -83.19 40.41 59.62
CA THR B 854 -84.00 39.49 58.85
C THR B 854 -85.39 40.06 58.62
N VAL B 855 -85.96 40.68 59.65
CA VAL B 855 -87.29 41.28 59.51
C VAL B 855 -87.26 42.39 58.48
N TRP B 856 -86.22 43.22 58.52
CA TRP B 856 -86.10 44.31 57.56
C TRP B 856 -85.94 43.77 56.15
N THR B 857 -85.16 42.71 56.00
CA THR B 857 -85.00 42.09 54.68
C THR B 857 -86.34 41.57 54.18
N CYS B 858 -87.11 40.97 55.08
CA CYS B 858 -88.44 40.48 54.71
C CYS B 858 -89.33 41.64 54.28
N ILE B 859 -89.27 42.76 55.00
CA ILE B 859 -90.07 43.92 54.64
C ILE B 859 -89.66 44.43 53.26
N ILE B 860 -88.35 44.46 53.00
CA ILE B 860 -87.86 44.92 51.71
C ILE B 860 -88.33 43.99 50.60
N ILE B 861 -88.29 42.68 50.84
CA ILE B 861 -88.74 41.71 49.86
C ILE B 861 -90.23 41.90 49.60
N VAL B 862 -91.00 42.12 50.66
CA VAL B 862 -92.44 42.32 50.51
C VAL B 862 -92.71 43.55 49.69
N CYS B 863 -91.98 44.64 49.95
CA CYS B 863 -92.15 45.86 49.18
C CYS B 863 -91.81 45.62 47.72
N LYS B 864 -90.73 44.89 47.45
CA LYS B 864 -90.35 44.59 46.08
C LYS B 864 -91.43 43.79 45.39
N MET B 865 -91.99 42.80 46.09
CA MET B 865 -93.07 42.01 45.51
C MET B 865 -94.28 42.86 45.20
N LEU B 866 -94.65 43.76 46.12
CA LEU B 866 -95.75 44.68 45.86
C LEU B 866 -95.42 45.60 44.70
N TYR B 867 -94.18 46.09 44.65
CA TYR B 867 -93.71 46.97 43.59
C TYR B 867 -93.07 46.20 42.45
N GLN B 868 -93.44 44.94 42.25
CA GLN B 868 -92.86 44.15 41.17
C GLN B 868 -93.15 44.72 39.79
N LEU B 869 -94.23 45.50 39.68
CA LEU B 869 -94.60 46.13 38.42
C LEU B 869 -95.19 47.51 38.72
N LYS B 870 -95.13 48.39 37.73
CA LYS B 870 -95.65 49.74 37.84
C LYS B 870 -96.92 49.87 37.00
N ILE B 871 -97.97 50.42 37.60
CA ILE B 871 -99.29 50.49 36.98
C ILE B 871 -99.68 51.94 36.68
N VAL B 872 -99.49 52.84 37.64
CA VAL B 872 -100.00 54.20 37.51
C VAL B 872 -99.35 54.92 36.34
N ASN B 873 -98.02 54.90 36.28
CA ASN B 873 -97.25 55.63 35.29
C ASN B 873 -97.69 57.10 35.23
N PRO B 874 -97.71 57.80 36.38
CA PRO B 874 -98.15 59.19 36.49
C PRO B 874 -97.27 60.16 35.72
N PHE B 912 -89.05 56.06 39.52
CA PHE B 912 -88.88 57.00 40.61
C PHE B 912 -88.77 56.27 41.94
N GLY B 913 -87.56 55.84 42.26
CA GLY B 913 -87.33 55.08 43.48
C GLY B 913 -88.08 53.77 43.51
N VAL B 914 -88.38 53.22 42.33
CA VAL B 914 -89.15 51.99 42.20
C VAL B 914 -88.45 51.09 41.19
N ARG B 915 -88.37 49.80 41.52
CA ARG B 915 -87.76 48.84 40.60
C ARG B 915 -88.76 48.42 39.52
N LYS B 916 -89.83 47.73 39.92
CA LYS B 916 -90.88 47.29 39.00
C LYS B 916 -90.30 46.47 37.85
N GLY B 917 -89.31 45.63 38.17
CA GLY B 917 -88.67 44.82 37.15
C GLY B 917 -89.65 43.81 36.57
N TYR B 918 -89.69 43.73 35.24
CA TYR B 918 -90.59 42.78 34.60
C TYR B 918 -90.22 41.34 34.93
N PRO B 919 -88.96 40.93 34.82
CA PRO B 919 -88.62 39.55 35.20
C PRO B 919 -88.75 39.35 36.70
N ASN B 920 -88.20 40.30 37.46
CA ASN B 920 -88.25 40.27 38.92
C ASN B 920 -87.78 38.92 39.45
N LEU B 921 -86.74 38.38 38.81
CA LEU B 921 -86.24 37.07 39.18
C LEU B 921 -85.67 37.07 40.59
N GLY B 922 -84.84 38.07 40.91
CA GLY B 922 -84.23 38.11 42.22
C GLY B 922 -84.02 39.47 42.83
N TYR B 923 -85.09 40.25 43.00
CA TYR B 923 -84.94 41.57 43.59
C TYR B 923 -84.37 41.46 45.00
N ILE B 924 -84.92 40.57 45.82
CA ILE B 924 -84.39 40.30 47.14
C ILE B 924 -84.00 38.83 47.27
N GLN B 925 -84.01 38.09 46.16
CA GLN B 925 -83.76 36.65 46.23
C GLN B 925 -82.39 36.36 46.82
N ASN B 926 -81.37 37.11 46.40
CA ASN B 926 -80.08 36.93 47.04
C ASN B 926 -80.16 37.33 48.50
N HIS B 927 -80.80 38.47 48.79
CA HIS B 927 -80.93 38.92 50.17
C HIS B 927 -81.79 37.96 50.99
N LEU B 928 -82.92 37.53 50.43
CA LEU B 928 -83.78 36.59 51.15
C LEU B 928 -83.05 35.28 51.40
N GLN B 929 -82.33 34.81 50.39
CA GLN B 929 -81.57 33.57 50.53
C GLN B 929 -80.51 33.72 51.60
N ILE B 930 -79.83 34.86 51.63
CA ILE B 930 -78.80 35.09 52.64
C ILE B 930 -79.43 35.07 54.03
N LEU B 931 -80.57 35.73 54.20
CA LEU B 931 -81.23 35.75 55.50
C LEU B 931 -81.64 34.34 55.89
N LEU B 932 -82.17 33.58 54.94
CA LEU B 932 -82.57 32.20 55.23
C LEU B 932 -81.37 31.38 55.61
N LEU B 933 -80.25 31.56 54.91
CA LEU B 933 -79.03 30.82 55.23
C LEU B 933 -78.56 31.16 56.62
N LEU B 934 -78.63 32.44 57.00
CA LEU B 934 -78.23 32.83 58.35
C LEU B 934 -79.12 32.17 59.39
N VAL B 935 -80.42 32.17 59.16
CA VAL B 935 -81.33 31.53 60.09
C VAL B 935 -81.03 30.04 60.18
N PHE B 936 -80.77 29.44 59.02
CA PHE B 936 -80.43 28.02 58.98
C PHE B 936 -79.16 27.76 59.77
N GLU B 937 -78.19 28.65 59.64
CA GLU B 937 -76.96 28.52 60.40
C GLU B 937 -77.24 28.58 61.89
N ALA B 938 -78.14 29.49 62.29
CA ALA B 938 -78.49 29.61 63.69
C ALA B 938 -79.13 28.32 64.20
N VAL B 939 -80.08 27.78 63.44
CA VAL B 939 -80.74 26.54 63.84
C VAL B 939 -79.73 25.39 63.88
N VAL B 940 -78.83 25.35 62.91
CA VAL B 940 -77.79 24.33 62.90
C VAL B 940 -76.93 24.47 64.13
N TYR B 941 -76.65 25.71 64.52
CA TYR B 941 -75.89 25.96 65.74
C TYR B 941 -76.64 25.43 66.94
N ARG B 942 -77.95 25.61 66.96
CA ARG B 942 -78.73 25.09 68.07
C ARG B 942 -78.64 23.57 68.12
N ARG B 943 -78.75 22.92 66.96
CA ARG B 943 -78.61 21.47 66.91
C ARG B 943 -77.23 21.04 67.36
N GLN B 944 -76.20 21.77 66.93
CA GLN B 944 -74.84 21.46 67.33
C GLN B 944 -74.66 21.62 68.83
N GLU B 945 -75.26 22.65 69.41
CA GLU B 945 -75.20 22.85 70.85
C GLU B 945 -75.88 21.70 71.57
N HIS B 946 -77.02 21.25 71.05
CA HIS B 946 -77.68 20.10 71.66
C HIS B 946 -76.78 18.89 71.61
N TYR B 947 -76.11 18.67 70.48
CA TYR B 947 -75.17 17.56 70.42
C TYR B 947 -74.02 17.76 71.38
N ARG B 948 -73.53 18.99 71.50
CA ARG B 948 -72.44 19.27 72.41
C ARG B 948 -72.83 18.91 73.82
N ARG B 949 -74.10 19.10 74.17
CA ARG B 949 -74.57 18.63 75.47
C ARG B 949 -74.35 17.13 75.58
N GLN B 950 -74.60 16.40 74.49
CA GLN B 950 -74.27 14.98 74.44
C GLN B 950 -72.77 14.79 74.31
N HIS B 951 -72.23 13.83 75.07
CA HIS B 951 -70.80 13.57 75.08
C HIS B 951 -69.99 14.82 75.42
N GLY B 965 -48.78 21.79 77.67
CA GLY B 965 -48.51 23.06 77.00
C GLY B 965 -48.72 23.00 75.50
N THR B 966 -49.56 23.92 75.02
CA THR B 966 -49.85 24.00 73.60
C THR B 966 -48.61 24.39 72.79
N ARG B 967 -47.78 25.26 73.34
CA ARG B 967 -46.62 25.75 72.59
C ARG B 967 -45.67 24.62 72.24
N GLN B 968 -45.38 23.72 73.20
CA GLN B 968 -44.57 22.56 72.84
C GLN B 968 -45.33 21.68 71.85
N ARG B 969 -46.65 21.61 71.97
CA ARG B 969 -47.42 20.86 71.00
C ARG B 969 -47.12 21.37 69.59
N LEU B 970 -46.95 22.69 69.47
CA LEU B 970 -46.53 23.28 68.19
C LEU B 970 -45.30 22.57 67.65
N ASP B 971 -44.26 22.51 68.47
CA ASP B 971 -42.98 21.89 68.15
C ASP B 971 -43.11 20.46 67.65
N GLN B 972 -44.28 19.86 67.82
CA GLN B 972 -44.38 18.42 67.60
C GLN B 972 -44.56 18.03 66.13
N ASP B 973 -45.69 18.41 65.51
CA ASP B 973 -45.97 17.90 64.18
C ASP B 973 -46.74 18.93 63.35
N LEU B 974 -47.05 18.52 62.11
CA LEU B 974 -47.65 19.43 61.13
C LEU B 974 -49.03 19.90 61.58
N LEU B 975 -49.87 18.97 62.02
CA LEU B 975 -51.24 19.34 62.35
C LEU B 975 -51.27 20.33 63.50
N SER B 976 -50.48 20.06 64.54
CA SER B 976 -50.46 20.92 65.70
C SER B 976 -49.98 22.32 65.35
N CYS B 977 -48.83 22.41 64.68
CA CYS B 977 -48.28 23.71 64.35
C CYS B 977 -49.22 24.46 63.44
N LEU B 978 -49.81 23.80 62.46
CA LEU B 978 -50.73 24.47 61.56
C LEU B 978 -51.98 24.98 62.27
N LYS B 979 -52.61 24.15 63.09
CA LYS B 979 -53.84 24.59 63.77
C LYS B 979 -53.54 25.75 64.70
N TYR B 980 -52.47 25.62 65.47
CA TYR B 980 -52.05 26.69 66.34
C TYR B 980 -51.72 27.93 65.54
N PHE B 981 -51.02 27.73 64.43
CA PHE B 981 -50.59 28.83 63.60
C PHE B 981 -51.79 29.60 63.08
N ILE B 982 -52.79 28.89 62.58
CA ILE B 982 -53.94 29.57 61.98
C ILE B 982 -54.72 30.35 63.05
N ASN B 983 -55.18 29.65 64.10
CA ASN B 983 -56.04 30.36 65.04
C ASN B 983 -55.28 31.47 65.76
N PHE B 984 -54.09 31.15 66.25
CA PHE B 984 -53.29 32.14 66.95
C PHE B 984 -52.91 33.29 66.03
N PHE B 985 -52.52 32.97 64.80
CA PHE B 985 -52.09 33.99 63.87
C PHE B 985 -53.19 34.99 63.65
N PHE B 986 -54.40 34.52 63.36
CA PHE B 986 -55.41 35.53 63.12
C PHE B 986 -55.79 36.28 64.39
N TYR B 987 -55.95 35.59 65.53
CA TYR B 987 -56.45 36.37 66.66
C TYR B 987 -55.42 37.38 67.15
N LYS B 988 -54.13 37.08 67.02
CA LYS B 988 -53.12 38.01 67.50
C LYS B 988 -52.75 39.04 66.45
N PHE B 989 -52.70 38.62 65.20
CA PHE B 989 -52.22 39.43 64.10
C PHE B 989 -53.34 40.13 63.34
N GLY B 990 -54.54 40.14 63.91
CA GLY B 990 -55.60 40.86 63.24
C GLY B 990 -55.30 42.33 62.99
N LEU B 991 -54.40 42.93 63.78
CA LEU B 991 -53.97 44.29 63.46
C LEU B 991 -53.26 44.31 62.12
N GLU B 992 -52.35 43.37 61.92
CA GLU B 992 -51.65 43.29 60.66
C GLU B 992 -52.63 42.98 59.53
N ILE B 993 -53.59 42.09 59.81
CA ILE B 993 -54.57 41.68 58.83
C ILE B 993 -55.41 42.87 58.39
N CYS B 994 -55.86 43.68 59.35
CA CYS B 994 -56.62 44.86 59.02
C CYS B 994 -55.75 45.82 58.24
N PHE B 995 -54.48 45.89 58.61
CA PHE B 995 -53.58 46.77 57.88
C PHE B 995 -53.56 46.38 56.42
N LEU B 996 -53.50 45.08 56.16
CA LEU B 996 -53.57 44.59 54.79
C LEU B 996 -54.89 44.94 54.13
N MET B 997 -55.98 44.75 54.86
CA MET B 997 -57.26 45.03 54.25
C MET B 997 -57.34 46.50 53.87
N ALA B 998 -56.88 47.36 54.77
CA ALA B 998 -56.90 48.80 54.54
C ALA B 998 -56.02 49.16 53.36
N VAL B 999 -54.80 48.63 53.32
CA VAL B 999 -53.90 49.00 52.23
C VAL B 999 -54.47 48.56 50.89
N ASN B 1000 -54.99 47.34 50.82
CA ASN B 1000 -55.50 46.86 49.55
C ASN B 1000 -56.66 47.72 49.09
N VAL B 1001 -57.65 47.94 49.96
CA VAL B 1001 -58.78 48.75 49.53
C VAL B 1001 -58.34 50.16 49.19
N ILE B 1002 -57.45 50.74 49.99
CA ILE B 1002 -57.05 52.11 49.68
C ILE B 1002 -56.44 52.18 48.30
N GLY B 1003 -55.60 51.21 47.96
CA GLY B 1003 -55.03 51.22 46.62
C GLY B 1003 -56.10 51.06 45.55
N GLN B 1004 -57.03 50.13 45.76
CA GLN B 1004 -58.04 49.84 44.75
C GLN B 1004 -59.04 51.01 44.55
N ARG B 1005 -59.55 51.60 45.63
CA ARG B 1005 -60.50 52.71 45.54
C ARG B 1005 -59.91 54.06 45.05
N MET B 1006 -58.78 54.48 45.62
CA MET B 1006 -58.06 55.71 45.20
C MET B 1006 -58.90 57.00 45.28
N ASN B 1007 -59.71 57.25 46.31
CA ASN B 1007 -60.41 58.53 46.37
C ASN B 1007 -59.94 59.39 47.55
N PHE B 1008 -60.27 60.69 47.51
CA PHE B 1008 -59.74 61.63 48.50
C PHE B 1008 -60.21 61.38 49.95
N MET B 1009 -61.51 61.21 50.17
CA MET B 1009 -61.95 60.99 51.56
C MET B 1009 -61.43 59.68 52.10
N VAL B 1010 -61.39 58.69 51.21
CA VAL B 1010 -60.85 57.35 51.54
C VAL B 1010 -59.37 57.56 51.90
N ILE B 1011 -58.67 58.41 51.15
CA ILE B 1011 -57.26 58.64 51.41
C ILE B 1011 -57.09 59.33 52.76
N LEU B 1012 -57.98 60.27 53.10
CA LEU B 1012 -57.80 60.95 54.38
C LEU B 1012 -57.92 59.96 55.53
N HIS B 1013 -58.91 59.06 55.49
CA HIS B 1013 -58.91 58.14 56.63
C HIS B 1013 -57.67 57.25 56.58
N GLY B 1014 -57.19 56.92 55.39
CA GLY B 1014 -55.95 56.18 55.30
C GLY B 1014 -54.82 56.94 55.97
N CYS B 1015 -54.82 58.26 55.81
CA CYS B 1015 -53.86 59.11 56.50
C CYS B 1015 -54.03 58.96 58.00
N TRP B 1016 -55.27 58.86 58.46
CA TRP B 1016 -55.49 58.58 59.88
C TRP B 1016 -54.80 57.28 60.26
N LEU B 1017 -54.90 56.27 59.38
CA LEU B 1017 -54.26 54.99 59.65
C LEU B 1017 -52.75 55.13 59.77
N VAL B 1018 -52.13 55.90 58.88
CA VAL B 1018 -50.67 56.03 58.98
C VAL B 1018 -50.32 56.78 60.24
N ALA B 1019 -51.14 57.74 60.64
CA ALA B 1019 -50.90 58.41 61.91
C ALA B 1019 -50.95 57.39 63.03
N ILE B 1020 -51.88 56.44 62.92
CA ILE B 1020 -52.00 55.40 63.93
C ILE B 1020 -50.72 54.58 63.97
N LEU B 1021 -50.21 54.20 62.80
CA LEU B 1021 -49.00 53.38 62.78
C LEU B 1021 -47.81 54.12 63.38
N THR B 1022 -47.78 55.45 63.25
CA THR B 1022 -46.63 56.17 63.77
C THR B 1022 -46.34 55.78 65.21
N ARG B 1023 -47.39 55.65 66.01
CA ARG B 1023 -47.20 55.21 67.38
C ARG B 1023 -46.64 53.79 67.36
N ARG B 1024 -45.66 53.53 68.20
CA ARG B 1024 -45.04 52.21 68.23
C ARG B 1024 -45.47 51.38 69.41
N ARG B 1025 -46.42 51.86 70.21
CA ARG B 1025 -46.85 51.15 71.41
C ARG B 1025 -48.19 50.49 71.21
N ARG B 1026 -48.23 49.17 71.40
CA ARG B 1026 -49.43 48.40 71.15
C ARG B 1026 -50.58 48.87 72.04
N GLU B 1027 -50.29 49.09 73.32
CA GLU B 1027 -51.32 49.48 74.27
C GLU B 1027 -51.91 50.84 73.96
N ALA B 1028 -51.06 51.83 73.69
CA ALA B 1028 -51.58 53.17 73.40
C ALA B 1028 -52.39 53.18 72.13
N ILE B 1029 -51.89 52.49 71.10
CA ILE B 1029 -52.61 52.42 69.85
C ILE B 1029 -53.96 51.76 70.06
N ALA B 1030 -53.97 50.69 70.87
CA ALA B 1030 -55.20 50.00 71.18
C ALA B 1030 -56.18 50.93 71.88
N ARG B 1031 -55.68 51.75 72.80
CA ARG B 1031 -56.53 52.73 73.45
C ARG B 1031 -57.15 53.65 72.42
N LEU B 1032 -56.34 54.07 71.46
CA LEU B 1032 -56.84 54.96 70.42
C LEU B 1032 -57.87 54.30 69.51
N TRP B 1033 -57.77 53.00 69.26
CA TRP B 1033 -58.65 52.44 68.22
C TRP B 1033 -60.15 52.65 68.41
N PRO B 1034 -60.75 52.47 69.60
CA PRO B 1034 -62.23 52.55 69.65
C PRO B 1034 -62.80 53.86 69.14
N ASN B 1035 -62.14 54.97 69.45
CA ASN B 1035 -62.56 56.23 68.86
C ASN B 1035 -62.39 56.18 67.35
N TYR B 1036 -61.31 55.58 66.88
CA TYR B 1036 -61.17 55.46 65.43
C TYR B 1036 -62.27 54.61 64.84
N CYS B 1037 -62.74 53.61 65.59
CA CYS B 1037 -63.86 52.80 65.13
C CYS B 1037 -65.09 53.66 64.95
N LEU B 1038 -65.32 54.55 65.90
CA LEU B 1038 -66.47 55.49 65.79
C LEU B 1038 -66.24 56.36 64.55
N PHE B 1039 -64.99 56.81 64.33
CA PHE B 1039 -64.67 57.64 63.17
C PHE B 1039 -64.93 56.89 61.87
N LEU B 1040 -64.53 55.63 61.79
CA LEU B 1040 -64.75 54.86 60.58
C LEU B 1040 -66.24 54.68 60.32
N THR B 1041 -67.02 54.45 61.37
CA THR B 1041 -68.46 54.33 61.18
C THR B 1041 -69.02 55.62 60.61
N LEU B 1042 -68.58 56.75 61.15
CA LEU B 1042 -69.02 58.04 60.63
C LEU B 1042 -68.60 58.16 59.17
N PHE B 1043 -67.42 57.66 58.85
CA PHE B 1043 -66.97 57.66 57.46
C PHE B 1043 -67.91 56.85 56.60
N LEU B 1044 -68.37 55.71 57.12
CA LEU B 1044 -69.25 54.84 56.36
C LEU B 1044 -70.52 55.59 56.00
N LEU B 1045 -71.12 56.24 57.00
CA LEU B 1045 -72.34 56.99 56.73
C LEU B 1045 -72.07 58.14 55.76
N TYR B 1046 -70.97 58.86 55.96
CA TYR B 1046 -70.67 60.00 55.11
C TYR B 1046 -70.46 59.58 53.67
N GLN B 1047 -69.70 58.49 53.46
CA GLN B 1047 -69.45 58.04 52.11
C GLN B 1047 -70.74 57.60 51.45
N TYR B 1048 -71.61 56.87 52.17
CA TYR B 1048 -72.85 56.47 51.52
C TYR B 1048 -73.69 57.67 51.16
N LEU B 1049 -73.75 58.66 52.05
CA LEU B 1049 -74.54 59.84 51.72
C LEU B 1049 -73.99 60.52 50.48
N LEU B 1050 -72.66 60.56 50.35
CA LEU B 1050 -72.05 61.13 49.14
C LEU B 1050 -72.44 60.33 47.90
N CYS B 1051 -72.48 59.01 48.01
CA CYS B 1051 -72.90 58.21 46.87
C CYS B 1051 -74.33 58.54 46.46
N LEU B 1052 -75.18 58.80 47.46
CA LEU B 1052 -76.57 59.12 47.22
C LEU B 1052 -76.72 60.36 46.35
N GLY B 1053 -77.71 60.33 45.45
CA GLY B 1053 -77.98 61.42 44.52
C GLY B 1053 -79.41 61.37 44.07
N MET B 1054 -79.83 62.41 43.34
CA MET B 1054 -81.21 62.57 42.91
C MET B 1054 -82.17 62.41 44.08
N PRO B 1055 -82.25 63.38 44.99
CA PRO B 1055 -83.18 63.27 46.10
C PRO B 1055 -84.60 63.17 45.57
N PRO B 1056 -85.46 62.40 46.25
CA PRO B 1056 -86.81 62.16 45.71
C PRO B 1056 -87.66 63.42 45.61
N ALA B 1057 -87.31 64.50 46.31
CA ALA B 1057 -88.13 65.70 46.31
C ALA B 1057 -88.21 66.33 44.92
N LEU B 1058 -87.08 66.40 44.22
CA LEU B 1058 -87.01 67.07 42.92
C LEU B 1058 -86.71 66.06 41.82
N CYS B 1059 -87.55 66.05 40.78
CA CYS B 1059 -87.33 65.16 39.66
C CYS B 1059 -86.20 65.66 38.76
N ILE B 1060 -86.12 66.97 38.52
CA ILE B 1060 -85.10 67.50 37.63
C ILE B 1060 -83.76 67.53 38.36
N ASP B 1061 -82.69 67.80 37.61
CA ASP B 1061 -81.33 67.63 38.10
C ASP B 1061 -81.01 68.65 39.20
N TYR B 1062 -79.78 68.56 39.71
CA TYR B 1062 -79.37 69.31 40.90
C TYR B 1062 -79.26 70.80 40.59
N PRO B 1063 -79.60 71.66 41.56
CA PRO B 1063 -79.34 73.10 41.40
C PRO B 1063 -77.86 73.41 41.44
N TRP B 1064 -77.17 72.85 42.44
CA TRP B 1064 -75.75 73.13 42.60
C TRP B 1064 -74.96 72.62 41.40
N ARG B 1065 -75.27 71.42 40.91
CA ARG B 1065 -74.63 70.96 39.70
C ARG B 1065 -75.08 71.82 38.53
N TRP B 1066 -74.11 72.35 37.79
CA TRP B 1066 -74.38 73.44 36.87
C TRP B 1066 -73.68 73.22 35.54
N SER B 1067 -74.28 73.78 34.50
CA SER B 1067 -73.60 74.04 33.24
C SER B 1067 -73.15 75.48 33.13
N LYS B 1068 -73.26 76.25 34.22
CA LYS B 1068 -72.91 77.66 34.22
C LYS B 1068 -71.40 77.84 34.37
N ALA B 1069 -70.97 79.08 34.62
CA ALA B 1069 -69.57 79.43 34.76
C ALA B 1069 -69.05 79.23 36.18
N ILE B 1070 -69.69 78.36 36.95
CA ILE B 1070 -69.23 78.03 38.30
C ILE B 1070 -67.83 77.42 38.20
N PRO B 1071 -66.91 77.71 39.14
CA PRO B 1071 -65.53 77.26 38.97
C PRO B 1071 -65.38 75.76 38.78
N MET B 1072 -66.29 74.96 39.32
CA MET B 1072 -66.20 73.52 39.13
C MET B 1072 -66.46 73.17 37.67
N ASN B 1073 -66.02 71.99 37.27
CA ASN B 1073 -66.20 71.56 35.89
C ASN B 1073 -66.33 70.05 35.82
N SER B 1074 -66.08 69.48 34.64
CA SER B 1074 -66.20 68.05 34.41
C SER B 1074 -65.26 67.25 35.30
N ALA B 1075 -64.10 67.79 35.62
CA ALA B 1075 -63.15 67.04 36.43
C ALA B 1075 -63.73 66.70 37.80
N LEU B 1076 -64.37 67.68 38.45
CA LEU B 1076 -64.97 67.40 39.75
C LEU B 1076 -66.09 66.40 39.63
N ILE B 1077 -66.95 66.56 38.62
CA ILE B 1077 -68.07 65.65 38.47
C ILE B 1077 -67.58 64.23 38.23
N LYS B 1078 -66.49 64.08 37.47
CA LYS B 1078 -65.91 62.75 37.32
C LYS B 1078 -65.41 62.23 38.67
N TRP B 1079 -64.70 63.08 39.41
CA TRP B 1079 -64.31 62.69 40.75
C TRP B 1079 -65.48 62.61 41.72
N LEU B 1080 -66.47 63.50 41.58
CA LEU B 1080 -67.55 63.50 42.57
C LEU B 1080 -68.58 62.44 42.21
N TYR B 1081 -69.46 62.13 43.18
CA TYR B 1081 -70.46 61.07 43.00
C TYR B 1081 -71.85 61.68 43.03
N LEU B 1082 -72.46 61.83 41.86
CA LEU B 1082 -73.84 62.29 41.75
C LEU B 1082 -74.45 61.80 40.44
N PRO B 1083 -75.52 61.01 40.49
CA PRO B 1083 -76.18 60.59 39.26
C PRO B 1083 -76.77 61.79 38.54
N ASP B 1084 -76.72 61.75 37.21
CA ASP B 1084 -77.21 62.84 36.37
C ASP B 1084 -77.49 62.27 34.99
N PHE B 1085 -77.66 63.16 34.01
CA PHE B 1085 -77.71 62.71 32.62
C PHE B 1085 -76.44 62.00 32.22
N PHE B 1086 -75.30 62.35 32.85
CA PHE B 1086 -74.02 61.80 32.42
C PHE B 1086 -73.62 60.53 33.15
N ARG B 1087 -73.44 60.58 34.47
CA ARG B 1087 -72.87 59.42 35.14
C ARG B 1087 -73.23 59.40 36.62
N ALA B 1088 -73.19 58.19 37.17
CA ALA B 1088 -73.08 57.92 38.60
C ALA B 1088 -71.87 57.02 38.80
N PRO B 1089 -70.78 57.50 39.39
CA PRO B 1089 -69.49 56.81 39.23
C PRO B 1089 -69.33 55.50 39.97
N ASN B 1090 -68.09 55.00 39.97
CA ASN B 1090 -67.76 53.68 40.48
C ASN B 1090 -68.22 53.47 41.91
N SER B 1091 -68.62 52.23 42.18
CA SER B 1091 -69.10 51.82 43.49
C SER B 1091 -68.12 50.90 44.19
N THR B 1092 -66.84 51.04 43.86
CA THR B 1092 -65.79 50.32 44.57
C THR B 1092 -65.67 50.81 46.01
N ASN B 1093 -66.16 52.02 46.26
CA ASN B 1093 -66.10 52.57 47.61
C ASN B 1093 -66.80 51.66 48.60
N LEU B 1094 -67.93 51.07 48.20
CA LEU B 1094 -68.62 50.15 49.10
C LEU B 1094 -67.79 48.92 49.44
N ILE B 1095 -67.10 48.31 48.48
CA ILE B 1095 -66.30 47.13 48.85
C ILE B 1095 -65.19 47.55 49.81
N SER B 1096 -64.60 48.72 49.55
CA SER B 1096 -63.57 49.19 50.49
C SER B 1096 -64.19 49.39 51.87
N ASP B 1097 -65.38 49.95 51.90
CA ASP B 1097 -66.09 50.18 53.15
C ASP B 1097 -66.32 48.86 53.88
N PHE B 1098 -66.72 47.84 53.13
CA PHE B 1098 -66.82 46.49 53.67
C PHE B 1098 -65.55 46.09 54.39
N LEU B 1099 -64.42 46.35 53.76
CA LEU B 1099 -63.17 45.99 54.43
C LEU B 1099 -63.04 46.80 55.71
N LEU B 1100 -63.43 48.07 55.65
CA LEU B 1100 -63.31 48.95 56.80
C LEU B 1100 -64.13 48.43 57.98
N LEU B 1101 -65.40 48.14 57.73
CA LEU B 1101 -66.27 47.62 58.77
C LEU B 1101 -65.76 46.30 59.34
N LEU B 1102 -65.32 45.39 58.47
CA LEU B 1102 -64.86 44.11 58.99
C LEU B 1102 -63.64 44.33 59.85
N CYS B 1103 -62.76 45.24 59.44
CA CYS B 1103 -61.60 45.54 60.25
C CYS B 1103 -62.03 46.08 61.60
N ALA B 1104 -63.05 46.93 61.62
CA ALA B 1104 -63.54 47.43 62.90
C ALA B 1104 -63.98 46.28 63.79
N SER B 1105 -64.69 45.33 63.21
CA SER B 1105 -65.11 44.16 63.98
C SER B 1105 -63.90 43.38 64.46
N GLN B 1106 -62.93 43.18 63.59
CA GLN B 1106 -61.72 42.50 63.98
C GLN B 1106 -60.99 43.25 65.07
N GLN B 1107 -61.07 44.58 65.03
CA GLN B 1107 -60.48 45.37 66.10
C GLN B 1107 -61.18 45.08 67.42
N TRP B 1108 -62.50 44.90 67.38
CA TRP B 1108 -63.19 44.47 68.59
C TRP B 1108 -62.67 43.11 69.04
N GLN B 1109 -62.42 42.22 68.09
CA GLN B 1109 -61.78 40.96 68.47
C GLN B 1109 -60.42 41.21 69.11
N VAL B 1110 -59.70 42.20 68.61
CA VAL B 1110 -58.43 42.60 69.24
C VAL B 1110 -58.70 43.07 70.66
N PHE B 1111 -59.82 43.75 70.86
CA PHE B 1111 -60.20 44.13 72.21
C PHE B 1111 -60.32 42.89 73.07
N SER B 1112 -60.95 41.85 72.53
CA SER B 1112 -60.94 40.59 73.22
C SER B 1112 -59.53 40.04 73.34
N ALA B 1113 -58.61 40.49 72.49
CA ALA B 1113 -57.23 40.02 72.56
C ALA B 1113 -56.53 40.52 73.82
N GLU B 1114 -56.64 41.82 74.13
CA GLU B 1114 -56.01 42.21 75.40
C GLU B 1114 -56.74 41.56 76.57
N ARG B 1115 -58.03 41.36 76.42
CA ARG B 1115 -58.85 40.69 77.41
C ARG B 1115 -58.80 39.18 77.11
N THR B 1116 -59.75 38.41 77.65
CA THR B 1116 -59.79 36.96 77.45
C THR B 1116 -58.50 36.33 77.98
N GLU B 1117 -58.40 36.36 79.31
CA GLU B 1117 -57.17 35.93 79.97
C GLU B 1117 -56.83 34.50 79.60
N GLU B 1118 -57.84 33.63 79.53
CA GLU B 1118 -57.58 32.24 79.20
C GLU B 1118 -57.00 32.09 77.80
N TRP B 1119 -57.60 32.76 76.81
CA TRP B 1119 -57.07 32.66 75.45
C TRP B 1119 -55.72 33.33 75.33
N GLN B 1120 -55.57 34.53 75.92
CA GLN B 1120 -54.30 35.25 75.83
C GLN B 1120 -53.19 34.53 76.57
N ARG B 1121 -53.55 33.71 77.57
CA ARG B 1121 -52.57 33.04 78.39
C ARG B 1121 -51.58 32.28 77.53
N MET B 1122 -52.08 31.65 76.46
CA MET B 1122 -51.19 30.94 75.56
C MET B 1122 -50.19 31.92 74.94
N ALA B 1123 -50.65 33.11 74.59
CA ALA B 1123 -49.78 34.14 74.01
C ALA B 1123 -48.90 34.77 75.08
N GLY B 1135 -37.66 35.62 80.82
CA GLY B 1135 -39.02 35.45 80.33
C GLY B 1135 -39.07 34.69 79.02
N GLU B 1136 -39.60 35.34 77.98
CA GLU B 1136 -39.67 34.70 76.67
C GLU B 1136 -38.29 34.34 76.12
N PRO B 1137 -37.24 35.15 76.30
CA PRO B 1137 -35.95 34.76 75.74
C PRO B 1137 -35.47 33.41 76.26
N ASN B 1138 -35.78 33.06 77.50
CA ASN B 1138 -35.26 31.81 78.05
C ASN B 1138 -35.71 30.56 77.28
N PRO B 1139 -36.97 30.41 76.86
CA PRO B 1139 -37.33 29.17 76.13
C PRO B 1139 -36.66 29.02 74.78
N ILE B 1140 -36.47 30.12 74.03
CA ILE B 1140 -36.03 30.00 72.64
C ILE B 1140 -34.66 29.37 72.41
N PRO B 1141 -33.61 29.64 73.21
CA PRO B 1141 -32.26 29.18 72.83
C PRO B 1141 -32.16 27.68 72.56
N ASN B 1142 -32.99 26.87 73.21
CA ASN B 1142 -32.85 25.42 73.15
C ASN B 1142 -32.78 24.92 71.71
N PHE B 1143 -33.57 25.50 70.82
CA PHE B 1143 -33.54 25.05 69.42
C PHE B 1143 -32.44 25.75 68.63
N ILE B 1144 -31.19 25.43 68.97
CA ILE B 1144 -30.10 25.96 68.17
C ILE B 1144 -30.23 25.41 66.76
N HIS B 1145 -30.38 24.10 66.66
CA HIS B 1145 -30.71 23.42 65.45
C HIS B 1145 -31.61 22.28 65.93
N CYS B 1146 -32.84 22.62 66.30
CA CYS B 1146 -33.74 21.58 66.77
C CYS B 1146 -34.06 20.63 65.63
N ARG B 1147 -34.15 19.37 65.96
CA ARG B 1147 -34.35 18.37 64.93
C ARG B 1147 -35.81 18.23 64.52
N SER B 1148 -36.71 18.94 65.18
CA SER B 1148 -38.11 18.80 64.82
C SER B 1148 -38.30 19.18 63.35
N TYR B 1149 -39.12 18.40 62.66
CA TYR B 1149 -39.34 18.61 61.25
C TYR B 1149 -39.79 20.04 61.01
N LEU B 1150 -40.68 20.50 61.89
CA LEU B 1150 -41.15 21.88 61.88
C LEU B 1150 -40.01 22.84 62.19
N ASP B 1151 -39.15 22.47 63.13
CA ASP B 1151 -38.11 23.40 63.54
C ASP B 1151 -37.17 23.75 62.41
N MET B 1152 -36.78 22.77 61.59
CA MET B 1152 -35.83 23.12 60.54
C MET B 1152 -36.41 24.21 59.66
N LEU B 1153 -37.67 24.06 59.28
CA LEU B 1153 -38.27 25.08 58.43
C LEU B 1153 -38.38 26.40 59.17
N LYS B 1154 -38.75 26.38 60.45
CA LYS B 1154 -38.92 27.65 61.18
C LYS B 1154 -37.60 28.38 61.32
N VAL B 1155 -36.56 27.67 61.75
CA VAL B 1155 -35.27 28.30 61.96
C VAL B 1155 -34.70 28.80 60.64
N ALA B 1156 -34.86 28.00 59.57
CA ALA B 1156 -34.43 28.50 58.27
C ALA B 1156 -35.22 29.74 57.90
N VAL B 1157 -36.51 29.75 58.25
CA VAL B 1157 -37.33 30.90 57.94
C VAL B 1157 -36.74 32.14 58.56
N PHE B 1158 -36.26 32.03 59.78
CA PHE B 1158 -35.83 33.25 60.44
C PHE B 1158 -34.71 33.96 59.67
N ARG B 1159 -33.53 33.35 59.61
CA ARG B 1159 -32.38 33.98 58.99
C ARG B 1159 -32.51 34.04 57.47
N TYR B 1160 -32.85 32.92 56.86
CA TYR B 1160 -32.93 32.88 55.42
C TYR B 1160 -34.01 33.82 54.92
N LEU B 1161 -35.14 33.88 55.62
CA LEU B 1161 -36.17 34.87 55.33
C LEU B 1161 -35.67 36.28 55.54
N PHE B 1162 -34.77 36.54 56.48
CA PHE B 1162 -34.22 37.88 56.54
C PHE B 1162 -33.56 38.24 55.22
N TRP B 1163 -32.75 37.33 54.70
CA TRP B 1163 -32.18 37.58 53.38
C TRP B 1163 -33.28 37.68 52.34
N LEU B 1164 -34.29 36.82 52.45
CA LEU B 1164 -35.38 36.82 51.50
C LEU B 1164 -36.12 38.14 51.50
N VAL B 1165 -36.40 38.69 52.67
CA VAL B 1165 -37.15 39.92 52.72
C VAL B 1165 -36.34 41.04 52.10
N LEU B 1166 -35.05 41.09 52.40
CA LEU B 1166 -34.24 42.14 51.79
C LEU B 1166 -34.21 42.01 50.28
N VAL B 1167 -33.98 40.80 49.78
CA VAL B 1167 -33.92 40.64 48.33
C VAL B 1167 -35.28 40.94 47.70
N VAL B 1168 -36.35 40.42 48.28
CA VAL B 1168 -37.66 40.58 47.66
C VAL B 1168 -38.07 42.04 47.68
N VAL B 1169 -37.80 42.76 48.75
CA VAL B 1169 -38.15 44.17 48.71
C VAL B 1169 -37.36 44.85 47.61
N PHE B 1170 -36.10 44.43 47.42
CA PHE B 1170 -35.32 45.01 46.34
C PHE B 1170 -35.96 44.75 44.99
N VAL B 1171 -36.32 43.49 44.74
CA VAL B 1171 -36.89 43.16 43.45
C VAL B 1171 -38.24 43.83 43.28
N ALA B 1172 -38.99 43.97 44.38
CA ALA B 1172 -40.26 44.66 44.30
C ALA B 1172 -40.05 46.10 43.88
N GLY B 1173 -39.01 46.72 44.41
CA GLY B 1173 -38.69 48.07 43.99
C GLY B 1173 -38.32 48.13 42.52
N ALA B 1174 -37.59 47.13 42.04
CA ALA B 1174 -37.10 47.17 40.67
C ALA B 1174 -38.04 46.55 39.63
N THR B 1175 -39.07 45.81 40.04
CA THR B 1175 -39.92 45.13 39.06
C THR B 1175 -40.69 46.13 38.20
N ARG B 1176 -41.16 47.22 38.79
CA ARG B 1176 -41.87 48.22 38.03
C ARG B 1176 -40.99 49.44 37.93
N ILE B 1177 -41.19 50.21 36.87
CA ILE B 1177 -40.37 51.37 36.58
C ILE B 1177 -40.96 52.56 37.33
N SER B 1178 -40.22 53.09 38.28
CA SER B 1178 -40.67 54.28 39.01
C SER B 1178 -39.48 54.92 39.71
N ILE B 1179 -39.63 56.21 39.98
CA ILE B 1179 -38.65 56.89 40.80
C ILE B 1179 -38.68 56.30 42.20
N PHE B 1180 -39.87 55.95 42.65
CA PHE B 1180 -40.05 55.38 43.97
C PHE B 1180 -39.25 54.08 44.05
N GLY B 1181 -39.32 53.28 42.98
CA GLY B 1181 -38.57 52.06 42.92
C GLY B 1181 -37.06 52.29 42.98
N LEU B 1182 -36.57 53.29 42.25
CA LEU B 1182 -35.14 53.55 42.31
C LEU B 1182 -34.73 53.96 43.72
N GLY B 1183 -35.59 54.73 44.39
CA GLY B 1183 -35.31 55.07 45.77
C GLY B 1183 -35.24 53.83 46.64
N TYR B 1184 -36.15 52.89 46.41
CA TYR B 1184 -36.09 51.64 47.16
C TYR B 1184 -34.83 50.84 46.86
N LEU B 1185 -34.43 50.76 45.59
CA LEU B 1185 -33.23 50.01 45.27
C LEU B 1185 -31.98 50.63 45.90
N LEU B 1186 -31.87 51.96 45.84
CA LEU B 1186 -30.71 52.60 46.44
C LEU B 1186 -30.70 52.38 47.94
N ALA B 1187 -31.87 52.51 48.58
CA ALA B 1187 -31.95 52.25 50.00
C ALA B 1187 -31.55 50.80 50.29
N CYS B 1188 -31.94 49.89 49.40
CA CYS B 1188 -31.58 48.50 49.56
C CYS B 1188 -30.07 48.34 49.57
N PHE B 1189 -29.38 49.00 48.65
CA PHE B 1189 -27.93 48.87 48.68
C PHE B 1189 -27.39 49.45 49.97
N TYR B 1190 -27.93 50.59 50.40
CA TYR B 1190 -27.41 51.24 51.59
C TYR B 1190 -27.50 50.30 52.78
N LEU B 1191 -28.67 49.72 52.99
CA LEU B 1191 -28.83 48.76 54.08
C LEU B 1191 -27.98 47.53 53.81
N LEU B 1192 -27.90 47.14 52.55
CA LEU B 1192 -27.22 45.94 52.14
C LEU B 1192 -25.77 45.92 52.57
N LEU B 1193 -25.09 47.05 52.39
CA LEU B 1193 -23.69 47.05 52.76
C LEU B 1193 -23.51 46.87 54.25
N PHE B 1194 -24.37 47.52 55.05
CA PHE B 1194 -24.26 47.36 56.50
C PHE B 1194 -25.21 46.28 57.02
N GLY B 1195 -25.81 45.49 56.13
CA GLY B 1195 -26.82 44.54 56.57
C GLY B 1195 -26.34 43.63 57.67
N THR B 1196 -25.13 43.09 57.51
CA THR B 1196 -24.58 42.27 58.57
C THR B 1196 -24.41 43.09 59.83
N THR B 1197 -23.88 44.29 59.70
CA THR B 1197 -23.71 45.12 60.87
C THR B 1197 -25.05 45.53 61.47
N LEU B 1198 -26.03 45.88 60.61
CA LEU B 1198 -27.30 46.34 61.16
C LEU B 1198 -27.92 45.24 61.98
N LEU B 1199 -27.91 44.01 61.46
CA LEU B 1199 -28.46 42.92 62.25
C LEU B 1199 -27.62 42.73 63.50
N GLN B 1200 -26.30 42.86 63.37
CA GLN B 1200 -25.42 42.70 64.51
C GLN B 1200 -25.70 43.74 65.58
N LYS B 1201 -25.92 44.98 65.17
CA LYS B 1201 -26.15 46.07 66.11
C LYS B 1201 -27.54 45.96 66.76
N ASP B 1202 -27.68 46.65 67.88
CA ASP B 1202 -28.86 46.56 68.73
C ASP B 1202 -30.16 46.85 68.00
N THR B 1203 -31.18 46.08 68.41
CA THR B 1203 -32.49 46.12 67.80
C THR B 1203 -33.19 47.46 67.90
N ARG B 1204 -33.08 48.17 69.03
CA ARG B 1204 -33.90 49.38 69.17
C ARG B 1204 -33.59 50.41 68.09
N ALA B 1205 -32.30 50.69 67.88
CA ALA B 1205 -31.95 51.68 66.86
C ALA B 1205 -32.34 51.22 65.47
N GLN B 1206 -32.05 49.96 65.14
CA GLN B 1206 -32.37 49.46 63.82
C GLN B 1206 -33.86 49.48 63.58
N LEU B 1207 -34.64 49.05 64.56
CA LEU B 1207 -36.08 49.04 64.39
C LEU B 1207 -36.61 50.45 64.17
N VAL B 1208 -36.13 51.43 64.95
CA VAL B 1208 -36.68 52.79 64.76
C VAL B 1208 -36.32 53.33 63.38
N LEU B 1209 -35.05 53.19 62.99
CA LEU B 1209 -34.64 53.73 61.69
C LEU B 1209 -35.36 53.03 60.56
N TRP B 1210 -35.43 51.71 60.65
CA TRP B 1210 -36.11 50.97 59.63
C TRP B 1210 -37.58 51.37 59.60
N ASP B 1211 -38.17 51.58 60.78
CA ASP B 1211 -39.56 52.00 60.84
C ASP B 1211 -39.73 53.26 60.05
N CYS B 1212 -38.74 54.15 60.14
CA CYS B 1212 -38.77 55.34 59.31
C CYS B 1212 -38.79 54.92 57.85
N LEU B 1213 -38.04 53.86 57.53
CA LEU B 1213 -38.04 53.38 56.14
C LEU B 1213 -39.45 52.97 55.73
N ILE B 1214 -40.17 52.27 56.61
CA ILE B 1214 -41.55 51.92 56.31
C ILE B 1214 -42.38 53.18 56.18
N LEU B 1215 -42.07 54.18 57.01
CA LEU B 1215 -42.78 55.46 56.93
C LEU B 1215 -42.60 56.00 55.53
N TYR B 1216 -41.38 55.86 55.01
CA TYR B 1216 -41.09 56.25 53.64
C TYR B 1216 -41.95 55.47 52.67
N ASN B 1217 -42.10 54.17 52.92
CA ASN B 1217 -42.87 53.34 52.00
C ASN B 1217 -44.33 53.78 51.92
N VAL B 1218 -44.98 53.85 53.07
CA VAL B 1218 -46.39 54.26 53.11
C VAL B 1218 -46.54 55.69 52.63
N THR B 1219 -45.57 56.54 52.94
CA THR B 1219 -45.61 57.90 52.46
C THR B 1219 -45.66 57.92 50.94
N VAL B 1220 -44.85 57.05 50.30
CA VAL B 1220 -44.90 56.89 48.87
C VAL B 1220 -46.26 56.42 48.42
N ILE B 1221 -46.89 55.57 49.23
CA ILE B 1221 -48.22 55.10 48.87
C ILE B 1221 -49.15 56.30 48.73
N ILE B 1222 -49.11 57.17 49.73
CA ILE B 1222 -50.00 58.33 49.72
C ILE B 1222 -49.65 59.26 48.57
N SER B 1223 -48.36 59.45 48.32
CA SER B 1223 -47.91 60.35 47.28
C SER B 1223 -48.34 59.90 45.88
N LYS B 1224 -48.18 58.62 45.56
CA LYS B 1224 -48.70 58.16 44.27
C LYS B 1224 -50.21 58.26 44.20
N ASN B 1225 -50.91 57.99 45.30
CA ASN B 1225 -52.36 58.18 45.22
C ASN B 1225 -52.63 59.64 44.84
N MET B 1226 -51.87 60.56 45.43
CA MET B 1226 -52.06 61.97 45.14
C MET B 1226 -51.81 62.28 43.67
N LEU B 1227 -50.67 61.80 43.13
CA LEU B 1227 -50.33 62.09 41.75
C LEU B 1227 -51.34 61.48 40.81
N SER B 1228 -51.76 60.25 41.11
CA SER B 1228 -52.71 59.57 40.25
C SER B 1228 -54.04 60.30 40.22
N LEU B 1229 -54.53 60.72 41.38
CA LEU B 1229 -55.82 61.40 41.44
C LEU B 1229 -55.77 62.72 40.69
N LEU B 1230 -54.71 63.50 40.91
CA LEU B 1230 -54.61 64.77 40.21
C LEU B 1230 -54.50 64.55 38.71
N SER B 1231 -53.75 63.53 38.30
CA SER B 1231 -53.59 63.27 36.87
C SER B 1231 -54.93 62.89 36.24
N CYS B 1232 -55.70 62.03 36.92
CA CYS B 1232 -56.98 61.63 36.38
C CYS B 1232 -57.96 62.79 36.29
N VAL B 1233 -58.01 63.63 37.33
CA VAL B 1233 -59.01 64.70 37.36
C VAL B 1233 -58.79 65.70 36.22
N PHE B 1234 -57.54 66.08 35.98
CA PHE B 1234 -57.21 67.07 34.96
C PHE B 1234 -56.19 66.47 34.02
N VAL B 1235 -56.49 66.47 32.72
CA VAL B 1235 -55.56 65.96 31.72
C VAL B 1235 -55.07 67.01 30.74
N GLU B 1236 -55.86 68.06 30.49
CA GLU B 1236 -55.50 69.04 29.47
C GLU B 1236 -54.25 69.90 29.76
N GLN B 1237 -54.17 70.54 30.94
CA GLN B 1237 -52.98 71.35 31.24
C GLN B 1237 -51.76 70.45 31.41
N MET B 1238 -51.97 69.37 32.14
CA MET B 1238 -50.95 68.36 32.32
C MET B 1238 -50.57 67.74 31.00
N GLN B 1239 -51.51 67.47 30.11
CA GLN B 1239 -51.06 66.90 28.87
C GLN B 1239 -50.15 67.90 28.15
N SER B 1240 -50.56 69.17 28.11
CA SER B 1240 -49.80 70.18 27.36
C SER B 1240 -48.38 70.43 27.88
N ASN B 1241 -48.17 70.51 29.20
CA ASN B 1241 -46.82 70.76 29.73
C ASN B 1241 -46.18 69.46 30.21
N PHE B 1242 -46.99 68.63 30.73
CA PHE B 1242 -46.53 67.39 31.18
C PHE B 1242 -46.33 66.45 29.98
N CYS B 1243 -46.26 67.06 28.79
CA CYS B 1243 -45.89 66.32 27.56
C CYS B 1243 -44.41 65.92 27.74
N TRP B 1244 -43.61 66.87 28.23
CA TRP B 1244 -42.22 66.64 28.62
C TRP B 1244 -42.20 66.04 30.01
N VAL B 1245 -43.07 66.52 30.90
CA VAL B 1245 -43.03 65.89 32.21
C VAL B 1245 -43.39 64.40 32.13
N ILE B 1246 -44.24 64.00 31.18
CA ILE B 1246 -44.59 62.59 31.04
C ILE B 1246 -43.30 61.81 30.78
N GLN B 1247 -42.37 62.41 30.03
CA GLN B 1247 -41.04 61.80 29.92
C GLN B 1247 -40.43 61.75 31.30
N LEU B 1248 -40.62 62.82 32.07
CA LEU B 1248 -40.13 62.81 33.45
C LEU B 1248 -40.85 61.73 34.26
N PHE B 1249 -42.19 61.66 34.16
CA PHE B 1249 -43.01 60.68 34.88
C PHE B 1249 -44.21 60.27 34.03
N SER B 1250 -44.37 58.97 33.80
CA SER B 1250 -45.58 58.47 33.14
C SER B 1250 -46.75 58.50 34.10
N LEU B 1251 -47.93 58.86 33.61
CA LEU B 1251 -49.08 58.95 34.49
C LEU B 1251 -50.17 57.91 34.19
N VAL B 1252 -51.30 58.08 34.86
CA VAL B 1252 -52.40 57.13 35.01
C VAL B 1252 -53.35 57.07 33.82
N CYS B 1253 -54.28 56.12 33.89
CA CYS B 1253 -55.13 55.69 32.78
C CYS B 1253 -56.04 56.79 32.25
N THR B 1254 -56.79 56.47 31.18
CA THR B 1254 -57.58 57.49 30.49
C THR B 1254 -58.63 58.11 31.40
N VAL B 1255 -59.34 57.27 32.17
CA VAL B 1255 -60.35 57.77 33.08
C VAL B 1255 -59.94 57.43 34.50
N GLU B 1277 -54.00 43.27 37.78
CA GLU B 1277 -52.82 43.76 37.07
C GLU B 1277 -52.67 45.25 37.27
N ALA B 1278 -53.76 45.97 37.08
CA ALA B 1278 -53.73 47.41 37.25
C ALA B 1278 -53.57 47.75 38.71
N GLY B 1279 -53.34 49.03 38.98
CA GLY B 1279 -53.12 49.45 40.34
C GLY B 1279 -51.75 49.08 40.81
N ILE B 1280 -51.49 49.44 42.07
CA ILE B 1280 -50.17 49.27 42.67
C ILE B 1280 -50.15 47.90 43.34
N ILE B 1281 -49.94 46.88 42.53
CA ILE B 1281 -50.00 45.52 43.05
C ILE B 1281 -48.66 45.04 43.59
N TRP B 1282 -47.58 45.19 42.80
CA TRP B 1282 -46.28 44.66 43.22
C TRP B 1282 -45.82 45.31 44.52
N ASP B 1283 -45.93 46.63 44.58
CA ASP B 1283 -45.56 47.34 45.79
C ASP B 1283 -46.48 46.99 46.94
N SER B 1284 -47.79 46.94 46.70
CA SER B 1284 -48.69 46.65 47.80
C SER B 1284 -48.37 45.30 48.42
N ILE B 1285 -48.14 44.29 47.59
CA ILE B 1285 -47.80 42.98 48.12
C ILE B 1285 -46.45 43.03 48.83
N CYS B 1286 -45.49 43.82 48.32
CA CYS B 1286 -44.23 43.91 49.03
C CYS B 1286 -44.49 44.48 50.41
N PHE B 1287 -45.42 45.41 50.49
CA PHE B 1287 -45.85 45.96 51.77
C PHE B 1287 -46.41 44.86 52.67
N PHE B 1288 -47.24 43.98 52.13
CA PHE B 1288 -47.81 42.90 52.93
C PHE B 1288 -46.75 41.98 53.51
N PHE B 1289 -45.82 41.57 52.68
CA PHE B 1289 -44.73 40.75 53.17
C PHE B 1289 -43.86 41.56 54.12
N LEU B 1290 -43.65 42.83 53.81
CA LEU B 1290 -42.87 43.69 54.66
C LEU B 1290 -43.53 43.78 56.03
N LEU B 1291 -44.85 43.85 56.05
CA LEU B 1291 -45.52 43.89 57.34
C LEU B 1291 -45.28 42.59 58.06
N LEU B 1292 -45.32 41.47 57.35
CA LEU B 1292 -45.13 40.23 58.10
C LEU B 1292 -43.75 40.22 58.74
N GLN B 1293 -42.74 40.61 57.96
CA GLN B 1293 -41.37 40.59 58.47
C GLN B 1293 -41.11 41.59 59.60
N ARG B 1294 -41.72 42.79 59.57
CA ARG B 1294 -41.39 43.69 60.68
C ARG B 1294 -41.84 43.04 61.98
N ARG B 1295 -43.01 42.41 61.94
CA ARG B 1295 -43.52 41.73 63.13
C ARG B 1295 -42.54 40.64 63.53
N ILE B 1296 -41.99 39.94 62.55
CA ILE B 1296 -41.00 38.92 62.90
C ILE B 1296 -39.81 39.58 63.58
N PHE B 1297 -39.40 40.73 63.06
CA PHE B 1297 -38.28 41.46 63.59
C PHE B 1297 -38.55 41.91 65.02
N LEU B 1298 -39.77 42.34 65.27
CA LEU B 1298 -40.19 42.77 66.58
C LEU B 1298 -40.07 41.64 67.59
N SER B 1299 -40.48 40.44 67.19
CA SER B 1299 -40.34 39.30 68.07
C SER B 1299 -38.88 39.10 68.46
N HIS B 1300 -38.69 38.23 69.47
CA HIS B 1300 -37.42 38.02 70.12
C HIS B 1300 -36.74 36.74 69.67
N TYR B 1301 -37.19 36.13 68.57
CA TYR B 1301 -36.63 34.90 68.05
C TYR B 1301 -35.20 35.09 67.58
N PHE B 1302 -34.76 36.33 67.49
CA PHE B 1302 -33.44 36.76 67.02
C PHE B 1302 -32.32 36.37 67.95
N LEU B 1303 -32.64 35.90 69.15
CA LEU B 1303 -31.57 35.53 70.08
C LEU B 1303 -30.65 34.53 69.43
N HIS B 1304 -31.20 33.55 68.71
CA HIS B 1304 -30.35 32.60 68.02
C HIS B 1304 -29.51 33.35 67.00
N VAL B 1305 -30.18 34.28 66.31
CA VAL B 1305 -29.51 35.10 65.32
C VAL B 1305 -28.44 35.90 66.02
N SER B 1306 -28.74 36.33 67.25
CA SER B 1306 -27.80 37.16 67.95
C SER B 1306 -26.48 36.43 68.10
N ALA B 1307 -26.53 35.17 68.53
CA ALA B 1307 -25.28 34.41 68.61
C ALA B 1307 -24.53 34.51 67.30
N ASP B 1308 -25.25 34.31 66.20
CA ASP B 1308 -24.63 34.32 64.89
C ASP B 1308 -23.90 35.62 64.66
N LEU B 1309 -24.57 36.73 64.96
CA LEU B 1309 -23.97 38.02 64.70
C LEU B 1309 -22.71 38.21 65.52
N LYS B 1310 -22.79 37.94 66.83
CA LYS B 1310 -21.59 38.09 67.63
C LYS B 1310 -20.53 37.13 67.11
N ALA B 1311 -20.98 35.95 66.68
CA ALA B 1311 -20.08 34.93 66.17
C ALA B 1311 -19.19 35.50 65.08
N THR B 1312 -19.75 36.38 64.26
CA THR B 1312 -18.99 36.90 63.14
C THR B 1312 -17.66 37.47 63.62
N ALA B 1313 -17.72 38.16 64.76
CA ALA B 1313 -16.56 38.88 65.26
C ALA B 1313 -15.33 38.00 65.35
N LEU B 1314 -15.48 36.74 65.72
CA LEU B 1314 -14.27 35.98 65.95
C LEU B 1314 -13.90 34.94 64.89
N GLN B 1315 -14.62 34.80 63.77
CA GLN B 1315 -14.18 33.71 62.90
C GLN B 1315 -12.84 33.97 62.22
N ALA B 1316 -12.63 35.20 61.74
CA ALA B 1316 -11.59 35.40 60.74
C ALA B 1316 -10.24 34.90 61.20
N SER B 1317 -9.88 35.20 62.44
CA SER B 1317 -8.55 34.83 62.90
C SER B 1317 -8.36 33.33 62.81
N ARG B 1318 -9.33 32.57 63.31
CA ARG B 1318 -9.20 31.13 63.25
C ARG B 1318 -9.14 30.69 61.81
N GLY B 1319 -10.04 31.24 60.98
CA GLY B 1319 -10.04 30.83 59.60
C GLY B 1319 -8.75 31.27 58.96
N PHE B 1320 -8.28 32.47 59.31
CA PHE B 1320 -6.94 32.89 58.89
C PHE B 1320 -5.97 31.77 59.18
N ALA B 1321 -5.84 31.43 60.46
CA ALA B 1321 -4.93 30.35 60.82
C ALA B 1321 -5.32 29.08 60.08
N LEU B 1322 -6.62 28.77 60.07
CA LEU B 1322 -7.03 27.58 59.34
C LEU B 1322 -6.51 27.67 57.93
N TYR B 1323 -6.82 28.78 57.26
CA TYR B 1323 -6.32 29.03 55.92
C TYR B 1323 -4.81 28.87 55.84
N ASN B 1324 -4.06 29.64 56.63
CA ASN B 1324 -2.61 29.52 56.50
C ASN B 1324 -2.17 28.12 56.86
N ALA B 1325 -2.78 27.55 57.91
CA ALA B 1325 -2.42 26.19 58.29
C ALA B 1325 -2.69 25.26 57.14
N ALA B 1326 -3.82 25.44 56.46
CA ALA B 1326 -4.11 24.57 55.33
C ALA B 1326 -3.00 24.71 54.29
N ASN B 1327 -2.60 25.96 54.02
CA ASN B 1327 -1.52 26.14 53.07
C ASN B 1327 -0.27 25.49 53.62
N LEU B 1328 -0.02 25.69 54.91
CA LEU B 1328 1.11 25.06 55.54
C LEU B 1328 0.94 23.56 55.45
N LYS B 1329 -0.27 23.08 55.73
CA LYS B 1329 -0.48 21.66 55.65
C LYS B 1329 -0.21 21.20 54.25
N SER B 1330 -0.71 21.94 53.26
CA SER B 1330 -0.48 21.52 51.89
C SER B 1330 1.00 21.51 51.62
N ILE B 1331 1.68 22.60 51.96
CA ILE B 1331 3.11 22.61 51.69
C ILE B 1331 3.80 21.59 52.56
N ASN B 1332 3.38 21.49 53.83
CA ASN B 1332 4.05 20.48 54.65
C ASN B 1332 3.76 19.11 54.10
N PHE B 1333 2.51 18.88 53.67
CA PHE B 1333 2.20 17.57 53.12
C PHE B 1333 3.07 17.32 51.90
N HIS B 1334 3.28 18.37 51.12
CA HIS B 1334 4.07 18.24 49.90
C HIS B 1334 5.44 17.69 50.23
N ARG B 1335 6.01 18.14 51.35
CA ARG B 1335 7.37 17.70 51.61
C ARG B 1335 7.41 16.22 51.92
N GLN B 1336 6.41 15.68 52.63
CA GLN B 1336 6.54 14.27 52.93
C GLN B 1336 6.67 13.42 51.68
N ILE B 1337 6.01 13.78 50.58
CA ILE B 1337 6.13 12.87 49.45
C ILE B 1337 7.57 12.79 48.97
N GLU B 1338 8.29 13.92 48.92
CA GLU B 1338 9.69 13.76 48.48
C GLU B 1338 10.49 12.92 49.47
N GLU B 1339 10.28 13.05 50.79
CA GLU B 1339 11.07 12.11 51.59
C GLU B 1339 10.67 10.70 51.22
N LYS B 1340 9.39 10.50 50.88
CA LYS B 1340 8.97 9.20 50.39
C LYS B 1340 9.78 8.88 49.15
N SER B 1341 10.00 9.89 48.32
CA SER B 1341 10.90 9.75 47.17
C SER B 1341 12.28 9.37 47.67
N LEU B 1342 12.69 10.03 48.75
CA LEU B 1342 13.93 9.69 49.44
C LEU B 1342 13.85 8.27 49.93
N ALA B 1343 12.65 7.85 50.35
CA ALA B 1343 12.44 6.47 50.75
C ALA B 1343 12.77 5.50 49.62
N GLN B 1344 12.35 5.78 48.39
CA GLN B 1344 12.91 4.97 47.31
C GLN B 1344 14.41 5.04 47.35
N LEU B 1345 14.95 6.24 47.55
CA LEU B 1345 16.39 6.32 47.74
C LEU B 1345 16.79 5.48 48.95
N LYS B 1346 15.97 5.52 50.01
CA LYS B 1346 16.21 4.59 51.12
C LYS B 1346 16.02 3.17 50.63
N ARG B 1347 15.01 2.96 49.78
CA ARG B 1347 14.87 1.64 49.18
C ARG B 1347 16.11 1.37 48.35
N GLN B 1348 16.63 2.43 47.73
CA GLN B 1348 17.85 2.33 46.96
C GLN B 1348 18.98 1.79 47.81
N MET B 1349 19.10 2.27 49.03
CA MET B 1349 20.17 1.75 49.87
C MET B 1349 19.96 0.27 50.13
N LYS B 1350 18.71 -0.18 50.24
CA LYS B 1350 18.49 -1.61 50.45
C LYS B 1350 19.05 -2.45 49.29
N ARG B 1351 18.82 -2.06 48.03
CA ARG B 1351 19.45 -2.91 47.02
C ARG B 1351 20.96 -2.79 47.11
N ILE B 1352 21.45 -1.62 47.55
CA ILE B 1352 22.88 -1.46 47.76
C ILE B 1352 23.37 -2.51 48.75
N ARG B 1353 22.60 -2.76 49.82
CA ARG B 1353 22.98 -3.84 50.72
C ARG B 1353 22.98 -5.15 49.98
N ALA B 1354 22.00 -5.34 49.11
CA ALA B 1354 21.96 -6.56 48.31
C ALA B 1354 23.25 -6.70 47.52
N LYS B 1355 23.77 -5.58 47.05
CA LYS B 1355 25.02 -5.63 46.30
C LYS B 1355 26.14 -6.23 47.11
N GLN B 1356 26.35 -5.80 48.36
CA GLN B 1356 27.44 -6.41 49.11
C GLN B 1356 27.36 -7.94 49.14
N GLU B 1357 26.18 -8.53 49.39
CA GLU B 1357 26.21 -9.99 49.41
C GLU B 1357 26.58 -10.57 48.06
N LYS B 1358 26.11 -10.00 46.96
CA LYS B 1358 26.49 -10.62 45.70
C LYS B 1358 28.01 -10.60 45.53
N TYR B 1359 28.67 -9.48 45.85
CA TYR B 1359 30.12 -9.53 45.69
C TYR B 1359 30.73 -10.55 46.64
N ARG B 1360 30.28 -10.60 47.90
CA ARG B 1360 30.83 -11.63 48.77
C ARG B 1360 30.44 -12.98 48.20
N GLN B 1361 29.20 -13.09 47.72
CA GLN B 1361 28.76 -14.32 47.09
C GLN B 1361 29.58 -14.59 45.84
N SER B 1362 29.86 -13.55 45.05
CA SER B 1362 30.58 -13.76 43.80
C SER B 1362 31.97 -14.33 44.06
N GLN B 1363 32.70 -13.78 45.03
CA GLN B 1363 34.02 -14.30 45.32
C GLN B 1363 33.94 -15.73 45.82
N ALA B 1364 32.95 -16.03 46.67
CA ALA B 1364 32.73 -17.36 47.22
C ALA B 1364 34.00 -17.98 47.79
N LEU B 1401 30.29 5.68 36.16
CA LEU B 1401 30.29 6.33 34.83
C LEU B 1401 29.66 5.38 33.80
N ASP B 1402 29.47 4.12 34.16
CA ASP B 1402 28.87 3.13 33.23
C ASP B 1402 27.45 3.60 32.85
N HIS B 1403 27.35 4.35 31.77
CA HIS B 1403 26.02 4.87 31.34
C HIS B 1403 25.09 3.70 31.00
N ALA B 1404 25.58 2.70 30.28
CA ALA B 1404 24.74 1.52 29.90
C ALA B 1404 25.24 0.26 30.62
N THR B 1405 26.20 0.39 31.52
CA THR B 1405 26.76 -0.79 32.24
C THR B 1405 25.67 -1.49 33.05
N VAL B 1406 24.80 -0.72 33.70
CA VAL B 1406 23.69 -1.25 34.55
C VAL B 1406 22.65 -2.01 33.70
N ILE B 1407 22.50 -1.70 32.43
CA ILE B 1407 21.47 -2.37 31.57
C ILE B 1407 21.70 -3.87 31.56
N HIS B 1408 22.96 -4.32 31.50
CA HIS B 1408 23.27 -5.72 31.47
C HIS B 1408 23.87 -6.24 32.79
N SER B 1409 24.05 -5.39 33.81
CA SER B 1409 24.70 -5.82 35.05
C SER B 1409 23.75 -6.30 36.15
N GLY B 1410 22.46 -6.32 35.91
CA GLY B 1410 21.45 -6.71 36.89
C GLY B 1410 21.44 -8.12 37.45
N ASP B 1411 21.28 -8.25 38.76
CA ASP B 1411 21.22 -9.56 39.40
C ASP B 1411 19.74 -9.92 39.55
N TYR B 1412 19.49 -11.21 39.76
CA TYR B 1412 18.11 -11.65 39.90
C TYR B 1412 17.66 -12.03 41.30
N PHE B 1413 18.45 -12.80 42.07
CA PHE B 1413 17.94 -13.22 43.38
C PHE B 1413 17.73 -12.02 44.30
N LEU B 1414 18.68 -11.09 44.30
CA LEU B 1414 18.49 -9.84 45.02
C LEU B 1414 17.34 -9.06 44.41
N PHE B 1415 17.22 -9.16 43.09
CA PHE B 1415 16.19 -8.45 42.35
C PHE B 1415 14.80 -8.81 42.85
N GLU B 1416 14.57 -10.08 43.17
CA GLU B 1416 13.26 -10.51 43.64
C GLU B 1416 12.95 -9.79 44.94
N SER B 1417 11.69 -9.40 45.14
CA SER B 1417 11.34 -8.65 46.34
C SER B 1417 11.40 -9.51 47.60
N ASP B 1418 11.71 -8.86 48.71
CA ASP B 1418 11.81 -9.51 50.02
C ASP B 1418 10.53 -10.27 50.38
N ALA B 1437 -24.63 0.67 43.74
CA ALA B 1437 -24.71 1.58 42.60
C ALA B 1437 -25.00 0.83 41.31
N PHE B 1438 -24.20 1.12 40.29
CA PHE B 1438 -24.45 0.60 38.95
C PHE B 1438 -24.27 -0.90 38.86
N GLN B 1439 -23.64 -1.53 39.86
CA GLN B 1439 -23.38 -2.97 39.77
C GLN B 1439 -24.68 -3.74 39.60
N MET B 1440 -25.75 -3.26 40.23
CA MET B 1440 -27.06 -3.87 40.01
C MET B 1440 -27.49 -3.72 38.56
N ALA B 1441 -27.22 -2.56 37.94
CA ALA B 1441 -27.53 -2.37 36.53
C ALA B 1441 -26.77 -3.38 35.69
N TYR B 1442 -25.49 -3.57 36.02
CA TYR B 1442 -24.66 -4.57 35.36
C TYR B 1442 -25.29 -5.95 35.44
N GLN B 1443 -25.62 -6.40 36.64
CA GLN B 1443 -26.12 -7.76 36.79
C GLN B 1443 -27.47 -7.92 36.10
N ALA B 1444 -28.33 -6.91 36.21
CA ALA B 1444 -29.64 -6.97 35.57
C ALA B 1444 -29.53 -7.01 34.05
N TRP B 1445 -28.60 -6.25 33.49
CA TRP B 1445 -28.36 -6.39 32.06
C TRP B 1445 -27.80 -7.77 31.74
N VAL B 1446 -27.05 -8.34 32.68
CA VAL B 1446 -26.48 -9.66 32.47
C VAL B 1446 -27.48 -10.74 32.84
N THR B 1447 -27.86 -10.79 34.11
CA THR B 1447 -28.76 -11.82 34.61
C THR B 1447 -30.18 -11.28 34.67
N ASN B 1448 -31.11 -12.16 35.00
CA ASN B 1448 -32.46 -11.70 35.25
C ASN B 1448 -32.43 -10.70 36.40
N ALA B 1449 -33.06 -9.56 36.18
CA ALA B 1449 -33.12 -8.55 37.22
C ALA B 1449 -33.87 -9.03 38.45
N GLN B 1450 -34.68 -10.09 38.32
CA GLN B 1450 -35.34 -10.65 39.50
C GLN B 1450 -34.31 -11.13 40.50
N THR B 1451 -33.26 -11.78 40.01
CA THR B 1451 -32.14 -12.12 40.87
C THR B 1451 -31.49 -10.87 41.45
N VAL B 1452 -31.50 -9.77 40.70
CA VAL B 1452 -30.87 -8.55 41.19
C VAL B 1452 -31.65 -7.97 42.37
N LEU B 1453 -32.98 -7.92 42.27
CA LEU B 1453 -33.75 -7.45 43.41
C LEU B 1453 -33.69 -8.43 44.56
N ARG B 1454 -33.62 -9.73 44.27
CA ARG B 1454 -33.47 -10.66 45.37
C ARG B 1454 -32.16 -10.41 46.09
N GLN B 1455 -31.13 -10.02 45.33
CA GLN B 1455 -29.85 -9.66 45.94
C GLN B 1455 -29.98 -8.38 46.75
N ARG B 1456 -30.70 -7.40 46.23
CA ARG B 1456 -30.82 -6.13 46.95
C ARG B 1456 -31.55 -6.31 48.28
N ARG B 1457 -32.67 -7.02 48.28
CA ARG B 1457 -33.35 -7.15 49.57
C ARG B 1457 -32.62 -8.11 50.48
N GLU B 1458 -32.01 -9.18 49.96
CA GLU B 1458 -31.25 -10.02 50.88
C GLU B 1458 -30.06 -9.25 51.46
N ARG B 1459 -29.53 -8.30 50.70
CA ARG B 1459 -28.55 -7.38 51.29
C ARG B 1459 -29.19 -6.63 52.45
N ALA B 1460 -30.27 -5.92 52.17
CA ALA B 1460 -31.01 -5.24 53.22
C ALA B 1460 -31.14 -6.11 54.47
N ARG B 1461 -31.52 -7.38 54.26
CA ARG B 1461 -31.62 -8.34 55.35
C ARG B 1461 -30.29 -8.48 56.08
N GLN B 1462 -29.21 -8.68 55.32
CA GLN B 1462 -27.93 -9.01 55.96
C GLN B 1462 -27.41 -7.84 56.78
N GLU B 1463 -27.46 -6.63 56.22
CA GLU B 1463 -27.02 -5.47 56.99
C GLU B 1463 -27.93 -5.22 58.19
N ARG B 1464 -29.24 -5.35 58.03
CA ARG B 1464 -30.13 -5.13 59.16
C ARG B 1464 -29.88 -6.15 60.28
N ALA B 1465 -29.52 -7.37 59.91
CA ALA B 1465 -29.05 -8.30 60.93
C ALA B 1465 -27.70 -7.87 61.48
N GLU B 1466 -26.90 -7.18 60.67
CA GLU B 1466 -25.55 -6.82 61.07
C GLU B 1466 -25.54 -5.79 62.20
N GLN B 1467 -26.33 -4.72 62.08
CA GLN B 1467 -26.19 -3.69 63.13
C GLN B 1467 -26.65 -4.19 64.49
N LEU B 1468 -27.48 -5.23 64.54
CA LEU B 1468 -27.97 -5.74 65.80
C LEU B 1468 -27.35 -7.08 66.15
N GLY B 1490 -46.35 -20.34 32.78
CA GLY B 1490 -46.11 -19.43 33.89
C GLY B 1490 -46.87 -18.12 33.76
N ARG B 1491 -48.17 -18.23 33.49
CA ARG B 1491 -49.00 -17.04 33.30
C ARG B 1491 -49.00 -16.18 34.56
N SER B 1492 -49.16 -16.81 35.73
CA SER B 1492 -48.96 -16.10 36.98
C SER B 1492 -47.54 -15.56 37.07
N HIS B 1493 -46.57 -16.38 36.66
CA HIS B 1493 -45.20 -15.90 36.57
C HIS B 1493 -45.07 -14.78 35.55
N MET B 1494 -45.94 -14.75 34.53
CA MET B 1494 -45.85 -13.68 33.55
C MET B 1494 -46.25 -12.35 34.16
N MET B 1495 -47.42 -12.32 34.83
CA MET B 1495 -47.80 -11.08 35.52
C MET B 1495 -46.80 -10.75 36.62
N GLN B 1496 -46.21 -11.77 37.24
CA GLN B 1496 -45.19 -11.50 38.25
C GLN B 1496 -43.97 -10.83 37.64
N ARG B 1497 -43.50 -11.28 36.49
CA ARG B 1497 -42.36 -10.58 35.91
C ARG B 1497 -42.73 -9.16 35.53
N VAL B 1498 -43.93 -8.95 34.97
CA VAL B 1498 -44.28 -7.58 34.59
C VAL B 1498 -44.37 -6.66 35.81
N LEU B 1499 -45.02 -7.12 36.89
CA LEU B 1499 -45.07 -6.29 38.10
C LEU B 1499 -43.67 -6.04 38.61
N SER B 1500 -42.83 -7.08 38.56
CA SER B 1500 -41.46 -6.94 38.99
C SER B 1500 -40.76 -5.91 38.13
N THR B 1501 -41.08 -5.87 36.83
CA THR B 1501 -40.48 -4.92 35.92
C THR B 1501 -40.80 -3.50 36.35
N MET B 1502 -42.06 -3.27 36.73
CA MET B 1502 -42.44 -1.93 37.18
C MET B 1502 -41.67 -1.58 38.44
N GLN B 1503 -41.54 -2.55 39.34
CA GLN B 1503 -40.77 -2.32 40.55
C GLN B 1503 -39.30 -2.12 40.20
N PHE B 1504 -38.81 -2.85 39.19
CA PHE B 1504 -37.43 -2.74 38.78
C PHE B 1504 -37.13 -1.33 38.35
N LEU B 1505 -38.06 -0.75 37.59
CA LEU B 1505 -37.91 0.63 37.14
C LEU B 1505 -37.85 1.58 38.32
N TRP B 1506 -38.75 1.40 39.29
CA TRP B 1506 -38.72 2.29 40.45
C TRP B 1506 -37.41 2.13 41.23
N VAL B 1507 -36.98 0.88 41.44
CA VAL B 1507 -35.77 0.60 42.18
C VAL B 1507 -34.55 1.14 41.45
N LEU B 1508 -34.49 0.97 40.13
CA LEU B 1508 -33.35 1.48 39.38
C LEU B 1508 -33.29 2.99 39.46
N GLY B 1509 -34.44 3.68 39.33
CA GLY B 1509 -34.41 5.12 39.47
C GLY B 1509 -33.88 5.52 40.83
N GLN B 1510 -34.35 4.82 41.87
CA GLN B 1510 -33.89 5.10 43.22
C GLN B 1510 -32.38 4.87 43.32
N ALA B 1511 -31.89 3.80 42.71
CA ALA B 1511 -30.46 3.54 42.75
C ALA B 1511 -29.67 4.65 42.05
N THR B 1512 -30.17 5.11 40.89
CA THR B 1512 -29.45 6.16 40.18
C THR B 1512 -29.37 7.41 41.02
N VAL B 1513 -30.48 7.78 41.65
CA VAL B 1513 -30.43 8.98 42.47
C VAL B 1513 -29.46 8.77 43.62
N ASP B 1514 -29.43 7.55 44.20
CA ASP B 1514 -28.49 7.32 45.29
C ASP B 1514 -27.05 7.48 44.82
N GLY B 1515 -26.71 6.94 43.65
CA GLY B 1515 -25.34 7.08 43.17
C GLY B 1515 -24.94 8.53 42.91
N LEU B 1516 -25.84 9.28 42.28
CA LEU B 1516 -25.55 10.68 42.04
C LEU B 1516 -25.37 11.37 43.38
N THR B 1517 -26.22 11.00 44.34
CA THR B 1517 -26.16 11.54 45.67
C THR B 1517 -24.81 11.22 46.29
N ARG B 1518 -24.29 10.01 46.02
CA ARG B 1518 -22.99 9.63 46.57
C ARG B 1518 -21.93 10.57 46.06
N TRP B 1519 -21.98 10.90 44.76
CA TRP B 1519 -21.03 11.85 44.19
C TRP B 1519 -21.17 13.20 44.86
N LEU B 1520 -22.41 13.62 45.06
CA LEU B 1520 -22.66 14.88 45.71
C LEU B 1520 -22.10 14.83 47.12
N ARG B 1521 -22.27 13.68 47.78
CA ARG B 1521 -21.82 13.47 49.14
C ARG B 1521 -20.31 13.63 49.20
N ALA B 1522 -19.63 13.14 48.17
CA ALA B 1522 -18.18 13.29 48.12
C ALA B 1522 -17.85 14.76 48.14
N PHE B 1523 -18.62 15.56 47.39
CA PHE B 1523 -18.41 17.00 47.46
C PHE B 1523 -18.70 17.51 48.87
N THR B 1524 -19.72 16.94 49.50
CA THR B 1524 -20.13 17.39 50.82
C THR B 1524 -19.03 17.22 51.85
N LYS B 1525 -18.26 16.14 51.79
CA LYS B 1525 -17.22 15.99 52.81
C LYS B 1525 -16.18 17.11 52.75
N HIS B 1526 -15.71 17.47 51.55
CA HIS B 1526 -14.74 18.54 51.47
C HIS B 1526 -15.34 19.84 52.00
N HIS B 1527 -16.62 20.08 51.68
CA HIS B 1527 -17.22 21.30 52.23
C HIS B 1527 -17.43 21.17 53.73
N ARG B 1528 -17.74 19.96 54.18
CA ARG B 1528 -18.00 19.70 55.58
C ARG B 1528 -16.81 20.10 56.43
N THR B 1529 -15.61 19.81 55.95
CA THR B 1529 -14.44 20.23 56.72
C THR B 1529 -14.62 21.63 57.29
N MET B 1530 -15.11 22.52 56.44
CA MET B 1530 -15.42 23.86 56.91
C MET B 1530 -16.67 23.87 57.75
N SER B 1531 -17.71 23.13 57.32
CA SER B 1531 -18.98 23.22 58.00
C SER B 1531 -18.87 22.78 59.45
N ASP B 1532 -18.26 21.63 59.68
CA ASP B 1532 -18.12 21.08 61.02
C ASP B 1532 -17.16 21.91 61.86
N VAL B 1533 -16.03 22.40 61.31
CA VAL B 1533 -15.19 23.19 62.20
C VAL B 1533 -16.00 24.40 62.67
N LEU B 1534 -16.77 24.98 61.75
CA LEU B 1534 -17.61 26.11 62.11
C LEU B 1534 -18.64 25.72 63.15
N CYS B 1535 -19.24 24.53 63.03
CA CYS B 1535 -20.24 24.18 64.02
C CYS B 1535 -19.62 24.09 65.41
N ALA B 1536 -18.43 23.49 65.50
CA ALA B 1536 -17.81 23.34 66.82
C ALA B 1536 -17.55 24.71 67.42
N GLU B 1537 -16.98 25.62 66.62
CA GLU B 1537 -16.74 26.95 67.17
C GLU B 1537 -18.05 27.64 67.52
N ARG B 1538 -19.11 27.41 66.73
CA ARG B 1538 -20.39 28.01 67.07
C ARG B 1538 -20.86 27.52 68.43
N TYR B 1539 -20.68 26.24 68.72
CA TYR B 1539 -21.08 25.75 70.04
C TYR B 1539 -20.31 26.47 71.13
N LEU B 1540 -19.04 26.75 70.89
CA LEU B 1540 -18.29 27.49 71.89
C LEU B 1540 -18.96 28.84 72.10
N LEU B 1541 -19.40 29.46 71.02
CA LEU B 1541 -20.12 30.73 71.12
C LEU B 1541 -21.40 30.54 71.92
N THR B 1542 -22.07 29.41 71.73
CA THR B 1542 -23.30 29.14 72.45
C THR B 1542 -23.00 29.17 73.94
N GLN B 1543 -21.86 28.61 74.31
CA GLN B 1543 -21.45 28.64 75.70
C GLN B 1543 -21.28 30.08 76.14
N GLU B 1544 -20.72 30.91 75.27
CA GLU B 1544 -20.57 32.32 75.63
C GLU B 1544 -21.94 32.94 75.90
N LEU B 1545 -22.92 32.62 75.07
CA LEU B 1545 -24.26 33.16 75.32
C LEU B 1545 -24.79 32.72 76.67
N LEU B 1546 -24.68 31.42 76.97
CA LEU B 1546 -25.17 30.94 78.27
C LEU B 1546 -24.33 31.50 79.40
N ARG B 1547 -23.02 31.55 79.23
CA ARG B 1547 -22.11 32.11 80.22
C ARG B 1547 -21.49 33.32 79.53
N VAL B 1548 -21.89 34.51 80.00
CA VAL B 1548 -21.55 35.77 79.35
C VAL B 1548 -20.07 36.12 79.41
N GLY B 1549 -19.28 35.42 80.22
CA GLY B 1549 -17.87 35.75 80.41
C GLY B 1549 -16.98 35.88 79.18
N GLU B 1550 -15.67 36.01 79.40
CA GLU B 1550 -14.79 36.55 78.37
C GLU B 1550 -13.66 35.63 77.92
N VAL B 1551 -13.26 34.64 78.72
CA VAL B 1551 -12.04 33.90 78.40
C VAL B 1551 -12.26 33.11 77.12
N ARG B 1552 -11.52 33.46 76.06
CA ARG B 1552 -11.58 32.69 74.83
C ARG B 1552 -10.84 31.37 74.98
N ARG B 1553 -9.65 31.41 75.57
CA ARG B 1553 -8.86 30.19 75.69
C ARG B 1553 -9.55 29.15 76.58
N GLY B 1554 -10.27 29.59 77.61
CA GLY B 1554 -10.97 28.62 78.46
C GLY B 1554 -12.04 27.86 77.70
N VAL B 1555 -12.87 28.57 76.94
CA VAL B 1555 -13.89 27.89 76.16
C VAL B 1555 -13.21 26.99 75.15
N LEU B 1556 -12.08 27.44 74.61
CA LEU B 1556 -11.29 26.58 73.73
C LEU B 1556 -10.85 25.33 74.49
N ASP B 1557 -10.50 25.50 75.76
CA ASP B 1557 -10.05 24.38 76.58
C ASP B 1557 -11.12 23.33 76.71
N GLN B 1558 -12.39 23.74 76.85
CA GLN B 1558 -13.42 22.72 76.85
C GLN B 1558 -13.36 21.94 75.54
N LEU B 1559 -13.02 22.61 74.44
CA LEU B 1559 -12.77 21.92 73.20
C LEU B 1559 -11.32 21.48 73.18
N ALA B 1645 -0.70 21.60 69.02
CA ALA B 1645 -1.80 21.50 69.98
C ALA B 1645 -2.83 22.58 69.73
N SER B 1646 -2.38 23.71 69.21
CA SER B 1646 -3.26 24.82 68.91
C SER B 1646 -3.89 24.73 67.51
N GLU B 1647 -3.53 23.73 66.72
CA GLU B 1647 -4.02 23.58 65.35
C GLU B 1647 -4.24 22.11 65.03
N LEU B 1648 -5.51 21.69 64.90
CA LEU B 1648 -5.85 20.31 64.56
C LEU B 1648 -7.06 20.25 63.65
N LEU B 1649 -7.02 19.40 62.64
CA LEU B 1649 -8.23 19.10 61.88
C LEU B 1649 -9.26 18.40 62.75
N LEU B 1650 -8.81 17.44 63.54
CA LEU B 1650 -9.69 16.67 64.40
C LEU B 1650 -9.67 17.25 65.81
N ASP B 1651 -10.85 17.42 66.39
CA ASP B 1651 -10.98 17.92 67.76
C ASP B 1651 -12.05 17.07 68.44
N ARG B 1652 -11.62 15.99 69.08
CA ARG B 1652 -12.52 15.08 69.76
C ARG B 1652 -12.68 15.49 71.22
N ARG B 1653 -13.89 15.91 71.58
CA ARG B 1653 -14.11 16.50 72.90
C ARG B 1653 -15.53 16.16 73.34
N LEU B 1654 -16.05 16.91 74.30
CA LEU B 1654 -17.42 16.74 74.73
C LEU B 1654 -18.37 17.01 73.56
N HIS B 1655 -19.54 16.36 73.61
CA HIS B 1655 -20.50 16.46 72.52
C HIS B 1655 -21.89 16.77 73.04
N ILE B 1656 -22.58 17.65 72.35
CA ILE B 1656 -23.78 18.31 72.83
C ILE B 1656 -25.00 17.64 72.22
N PRO B 1657 -26.04 17.31 73.01
CA PRO B 1657 -27.07 16.40 72.48
C PRO B 1657 -27.73 16.84 71.19
N GLU B 1658 -28.05 18.14 71.06
CA GLU B 1658 -28.83 18.58 69.92
C GLU B 1658 -28.13 18.24 68.62
N LEU B 1659 -26.81 18.44 68.59
CA LEU B 1659 -26.09 18.21 67.35
C LEU B 1659 -26.24 16.77 66.91
N GLU B 1660 -26.05 15.82 67.83
CA GLU B 1660 -26.09 14.42 67.45
C GLU B 1660 -27.49 13.99 67.02
N GLU B 1661 -28.53 14.35 67.77
CA GLU B 1661 -29.81 13.90 67.24
C GLU B 1661 -30.05 14.54 65.88
N ALA B 1662 -29.59 15.78 65.70
CA ALA B 1662 -29.87 16.47 64.45
C ALA B 1662 -29.26 15.75 63.25
N GLU B 1663 -27.97 15.43 63.30
CA GLU B 1663 -27.44 14.77 62.11
C GLU B 1663 -27.98 13.35 62.00
N ARG B 1664 -28.18 12.65 63.13
CA ARG B 1664 -28.68 11.29 63.02
C ARG B 1664 -30.02 11.25 62.32
N PHE B 1665 -30.92 12.16 62.68
CA PHE B 1665 -32.18 12.24 61.98
C PHE B 1665 -31.97 12.60 60.53
N GLU B 1666 -31.18 13.65 60.26
CA GLU B 1666 -31.04 14.06 58.87
C GLU B 1666 -30.55 12.91 58.03
N ALA B 1667 -29.62 12.13 58.57
CA ALA B 1667 -29.11 10.98 57.84
C ALA B 1667 -30.21 9.96 57.64
N GLN B 1668 -31.07 9.76 58.64
CA GLN B 1668 -31.99 8.63 58.58
C GLN B 1668 -33.00 8.78 57.43
N GLN B 1669 -33.53 9.99 57.19
CA GLN B 1669 -34.52 10.11 56.13
C GLN B 1669 -33.86 10.63 54.87
N GLY B 1670 -34.35 10.16 53.73
CA GLY B 1670 -34.09 10.83 52.47
C GLY B 1670 -34.69 10.12 51.28
N ARG B 1671 -35.44 10.86 50.47
CA ARG B 1671 -35.85 10.40 49.16
C ARG B 1671 -35.37 11.36 48.08
N THR B 1672 -35.64 12.64 48.26
CA THR B 1672 -35.11 13.67 47.39
C THR B 1672 -34.56 14.81 48.21
N LEU B 1673 -34.86 14.85 49.51
CA LEU B 1673 -34.33 15.86 50.39
C LEU B 1673 -32.81 15.82 50.40
N ARG B 1674 -32.25 14.62 50.21
CA ARG B 1674 -30.80 14.51 50.12
C ARG B 1674 -30.28 15.41 49.02
N LEU B 1675 -31.00 15.46 47.90
CA LEU B 1675 -30.63 16.34 46.80
C LEU B 1675 -30.69 17.80 47.25
N LEU B 1676 -31.72 18.15 48.01
CA LEU B 1676 -31.87 19.52 48.43
C LEU B 1676 -30.70 19.94 49.31
N ARG B 1677 -30.34 19.09 50.27
CA ARG B 1677 -29.22 19.43 51.12
C ARG B 1677 -27.96 19.52 50.27
N ALA B 1678 -27.80 18.56 49.34
CA ALA B 1678 -26.63 18.57 48.48
C ALA B 1678 -26.54 19.86 47.71
N GLY B 1679 -27.68 20.37 47.26
CA GLY B 1679 -27.68 21.67 46.59
C GLY B 1679 -27.19 22.74 47.52
N TYR B 1680 -27.61 22.68 48.78
CA TYR B 1680 -27.22 23.69 49.76
C TYR B 1680 -25.70 23.74 49.95
N GLN B 1681 -25.11 22.59 50.26
CA GLN B 1681 -23.66 22.62 50.42
C GLN B 1681 -22.90 22.80 49.11
N CYS B 1682 -23.38 22.29 47.97
CA CYS B 1682 -22.59 22.53 46.77
C CYS B 1682 -22.56 24.01 46.45
N VAL B 1683 -23.71 24.67 46.55
CA VAL B 1683 -23.76 26.09 46.22
C VAL B 1683 -22.85 26.85 47.17
N ALA B 1684 -22.85 26.48 48.45
CA ALA B 1684 -21.94 27.17 49.36
C ALA B 1684 -20.50 26.92 48.95
N ALA B 1685 -20.18 25.70 48.54
CA ALA B 1685 -18.83 25.31 48.17
C ALA B 1685 -18.31 26.08 46.96
N HIS B 1686 -19.16 26.28 45.94
CA HIS B 1686 -18.68 26.90 44.70
C HIS B 1686 -18.11 28.29 44.95
N SER B 1687 -18.83 29.09 45.72
CA SER B 1687 -18.39 30.41 46.18
C SER B 1687 -18.25 31.50 45.11
N GLU B 1688 -17.51 31.26 44.02
CA GLU B 1688 -17.31 32.29 42.99
C GLU B 1688 -17.62 31.87 41.57
N LEU B 1689 -17.94 30.60 41.32
CA LEU B 1689 -18.07 30.13 39.94
C LEU B 1689 -19.21 30.84 39.21
N LEU B 1690 -20.34 31.00 39.88
CA LEU B 1690 -21.50 31.57 39.22
C LEU B 1690 -21.22 32.99 38.75
N CYS B 1691 -20.45 33.78 39.50
CA CYS B 1691 -20.19 35.14 39.04
C CYS B 1691 -19.53 35.09 37.69
N TYR B 1692 -18.60 34.14 37.52
CA TYR B 1692 -17.97 33.94 36.23
C TYR B 1692 -19.02 33.58 35.19
N PHE B 1693 -19.92 32.69 35.56
CA PHE B 1693 -20.92 32.23 34.60
C PHE B 1693 -21.75 33.39 34.11
N ILE B 1694 -22.21 34.20 35.04
CA ILE B 1694 -23.05 35.35 34.71
C ILE B 1694 -22.28 36.39 33.92
N ILE B 1695 -21.05 36.68 34.32
CA ILE B 1695 -20.33 37.69 33.60
C ILE B 1695 -20.13 37.27 32.16
N ILE B 1696 -19.74 36.01 31.95
CA ILE B 1696 -19.53 35.62 30.57
C ILE B 1696 -20.82 35.63 29.78
N LEU B 1697 -21.90 35.10 30.37
CA LEU B 1697 -23.14 35.02 29.61
C LEU B 1697 -23.68 36.38 29.26
N ASN B 1698 -23.65 37.32 30.20
CA ASN B 1698 -24.26 38.62 29.94
C ASN B 1698 -23.57 39.32 28.79
N HIS B 1699 -22.24 39.36 28.81
CA HIS B 1699 -21.54 40.04 27.72
C HIS B 1699 -21.71 39.29 26.41
N MET B 1700 -21.64 37.96 26.46
CA MET B 1700 -21.77 37.16 25.22
C MET B 1700 -23.16 37.39 24.60
N VAL B 1701 -24.22 37.46 25.41
CA VAL B 1701 -25.54 37.66 24.85
C VAL B 1701 -25.73 39.15 24.53
N THR B 1702 -25.26 40.03 25.41
CA THR B 1702 -25.33 41.45 25.12
C THR B 1702 -23.98 42.03 25.52
N ALA B 1703 -23.36 42.77 24.61
CA ALA B 1703 -22.01 43.28 24.82
C ALA B 1703 -22.00 44.77 24.55
N SER B 1704 -22.32 45.54 25.57
CA SER B 1704 -22.06 46.97 25.48
C SER B 1704 -20.64 47.23 25.93
N ALA B 1705 -20.19 48.46 25.71
CA ALA B 1705 -18.79 48.81 25.91
C ALA B 1705 -18.29 48.30 27.26
N ALA B 1706 -18.89 48.78 28.35
CA ALA B 1706 -18.45 48.35 29.67
C ALA B 1706 -18.66 46.87 29.87
N SER B 1707 -19.81 46.35 29.41
CA SER B 1707 -20.12 44.95 29.63
C SER B 1707 -19.09 44.03 29.02
N LEU B 1708 -18.38 44.49 28.00
CA LEU B 1708 -17.35 43.70 27.37
C LEU B 1708 -15.96 44.00 27.88
N VAL B 1709 -15.67 45.26 28.22
CA VAL B 1709 -14.34 45.58 28.72
C VAL B 1709 -14.12 45.02 30.12
N LEU B 1710 -15.13 45.10 30.99
CA LEU B 1710 -14.92 44.73 32.39
C LEU B 1710 -14.44 43.29 32.59
N PRO B 1711 -14.92 42.29 31.85
CA PRO B 1711 -14.52 40.92 32.18
C PRO B 1711 -13.04 40.65 32.07
N VAL B 1712 -12.35 41.10 31.02
CA VAL B 1712 -10.94 40.70 30.96
C VAL B 1712 -10.17 41.20 32.17
N LEU B 1713 -10.40 42.45 32.52
CA LEU B 1713 -9.71 43.06 33.69
C LEU B 1713 -10.10 42.30 34.95
N VAL B 1714 -11.37 41.95 35.12
CA VAL B 1714 -11.74 41.26 36.35
C VAL B 1714 -11.06 39.90 36.39
N PHE B 1715 -10.96 39.21 35.26
CA PHE B 1715 -10.24 37.92 35.31
C PHE B 1715 -8.80 38.12 35.70
N LEU B 1716 -8.12 39.08 35.06
CA LEU B 1716 -6.70 39.23 35.35
C LEU B 1716 -6.47 39.59 36.81
N TRP B 1717 -7.25 40.53 37.34
CA TRP B 1717 -7.09 40.90 38.73
C TRP B 1717 -7.41 39.72 39.62
N ALA B 1718 -8.48 39.00 39.29
CA ALA B 1718 -8.89 37.83 40.06
C ALA B 1718 -7.83 36.74 40.06
N MET B 1719 -7.25 36.45 38.90
CA MET B 1719 -6.23 35.41 38.87
C MET B 1719 -4.84 35.96 39.16
N LEU B 1720 -4.66 36.39 40.41
CA LEU B 1720 -3.36 36.90 40.80
C LEU B 1720 -2.86 36.30 42.12
N THR B 1721 -3.52 36.65 43.22
CA THR B 1721 -3.14 36.21 44.56
C THR B 1721 -4.24 35.33 45.15
N ILE B 1722 -3.84 34.17 45.65
CA ILE B 1722 -4.75 33.19 46.25
C ILE B 1722 -5.42 33.70 47.51
N PRO B 1723 -4.71 34.32 48.46
CA PRO B 1723 -5.40 34.75 49.68
C PRO B 1723 -6.47 35.78 49.43
N ARG B 1724 -6.19 36.80 48.65
CA ARG B 1724 -7.17 37.82 48.32
C ARG B 1724 -6.79 38.39 46.97
N PRO B 1725 -7.39 37.89 45.89
CA PRO B 1725 -7.04 38.36 44.55
C PRO B 1725 -7.32 39.83 44.32
N SER B 1726 -8.44 40.31 44.81
CA SER B 1726 -8.82 41.71 44.65
C SER B 1726 -9.07 42.28 46.03
N LYS B 1727 -8.26 43.25 46.44
CA LYS B 1727 -8.44 43.82 47.77
C LYS B 1727 -9.76 44.56 47.90
N ARG B 1728 -10.07 45.41 46.92
CA ARG B 1728 -11.29 46.20 46.91
C ARG B 1728 -12.00 46.15 45.57
N PHE B 1729 -11.44 45.43 44.62
CA PHE B 1729 -11.89 45.41 43.24
C PHE B 1729 -13.33 44.90 43.06
N TRP B 1730 -13.70 43.79 43.72
CA TRP B 1730 -15.06 43.28 43.55
C TRP B 1730 -16.07 44.41 43.67
N MET B 1731 -15.87 45.26 44.67
CA MET B 1731 -16.77 46.39 44.87
C MET B 1731 -16.75 47.32 43.68
N THR B 1732 -15.59 47.54 43.07
CA THR B 1732 -15.59 48.41 41.91
C THR B 1732 -16.47 47.82 40.81
N ALA B 1733 -16.38 46.51 40.61
CA ALA B 1733 -17.19 45.89 39.57
C ALA B 1733 -18.68 46.02 39.90
N ILE B 1734 -19.05 45.71 41.13
CA ILE B 1734 -20.46 45.75 41.50
C ILE B 1734 -20.99 47.17 41.44
N VAL B 1735 -20.20 48.15 41.90
CA VAL B 1735 -20.69 49.53 41.86
C VAL B 1735 -20.92 49.92 40.42
N PHE B 1736 -20.06 49.43 39.53
CA PHE B 1736 -20.29 49.72 38.13
C PHE B 1736 -21.64 49.16 37.72
N THR B 1737 -21.95 47.97 38.21
CA THR B 1737 -23.23 47.38 37.85
C THR B 1737 -24.42 48.21 38.33
N GLU B 1738 -24.41 48.70 39.57
CA GLU B 1738 -25.59 49.48 39.96
C GLU B 1738 -25.69 50.74 39.11
N VAL B 1739 -24.57 51.43 38.90
CA VAL B 1739 -24.69 52.67 38.16
C VAL B 1739 -25.17 52.38 36.74
N MET B 1740 -24.63 51.35 36.10
CA MET B 1740 -25.07 51.08 34.74
C MET B 1740 -26.55 50.73 34.70
N VAL B 1741 -27.05 49.94 35.66
CA VAL B 1741 -28.47 49.64 35.64
C VAL B 1741 -29.30 50.92 35.83
N VAL B 1742 -28.87 51.79 36.75
CA VAL B 1742 -29.54 53.07 36.92
C VAL B 1742 -29.54 53.84 35.60
N THR B 1743 -28.42 53.76 34.89
CA THR B 1743 -28.32 54.41 33.60
C THR B 1743 -29.36 53.83 32.66
N LYS B 1744 -29.55 52.52 32.72
CA LYS B 1744 -30.57 51.90 31.91
C LYS B 1744 -31.94 52.45 32.25
N TYR B 1745 -32.19 52.66 33.54
CA TYR B 1745 -33.49 53.15 33.97
C TYR B 1745 -33.74 54.52 33.39
N LEU B 1746 -32.76 55.40 33.47
CA LEU B 1746 -32.94 56.72 32.89
C LEU B 1746 -33.04 56.60 31.38
N PHE B 1747 -32.34 55.60 30.82
CA PHE B 1747 -32.36 55.36 29.38
C PHE B 1747 -33.77 55.10 28.88
N GLN B 1748 -34.57 54.34 29.62
CA GLN B 1748 -35.96 54.17 29.16
C GLN B 1748 -36.67 55.51 29.13
N PHE B 1749 -36.36 56.38 30.07
CA PHE B 1749 -37.00 57.68 30.19
C PHE B 1749 -36.59 58.61 29.05
N PRO B 1770 -30.96 61.35 19.35
CA PRO B 1770 -30.18 62.09 20.35
C PRO B 1770 -28.75 61.56 20.46
N PRO B 1771 -27.89 62.28 21.17
CA PRO B 1771 -26.51 61.80 21.35
C PRO B 1771 -26.44 60.49 22.10
N ARG B 1772 -27.47 60.13 22.87
CA ARG B 1772 -27.43 58.92 23.66
C ARG B 1772 -27.20 57.68 22.80
N ILE B 1773 -27.72 57.67 21.56
CA ILE B 1773 -27.53 56.53 20.69
C ILE B 1773 -26.06 56.26 20.41
N LEU B 1774 -25.22 57.32 20.40
CA LEU B 1774 -23.82 57.12 20.03
C LEU B 1774 -23.16 56.11 20.96
N GLY B 1775 -23.40 56.22 22.26
CA GLY B 1775 -22.86 55.25 23.19
C GLY B 1775 -23.28 53.84 22.81
N LEU B 1776 -22.44 52.87 23.16
CA LEU B 1776 -22.75 51.48 22.87
C LEU B 1776 -23.73 50.94 23.90
N GLU B 1777 -24.84 51.64 24.11
CA GLU B 1777 -25.92 51.16 24.93
C GLU B 1777 -27.22 51.29 24.15
N LYS B 1778 -27.96 50.18 24.06
CA LYS B 1778 -29.03 50.04 23.10
C LYS B 1778 -30.31 49.58 23.78
N THR B 1779 -31.45 49.86 23.15
CA THR B 1779 -32.72 49.40 23.69
C THR B 1779 -32.80 47.88 23.58
N ASP B 1780 -33.30 47.24 24.63
CA ASP B 1780 -33.39 45.79 24.72
C ASP B 1780 -34.27 45.39 25.90
N SER B 1781 -34.19 44.13 26.30
CA SER B 1781 -34.94 43.68 27.46
C SER B 1781 -34.51 44.49 28.67
N TYR B 1782 -35.48 44.80 29.53
CA TYR B 1782 -35.18 45.65 30.68
C TYR B 1782 -34.07 45.06 31.52
N ILE B 1783 -34.16 43.77 31.84
CA ILE B 1783 -33.10 43.09 32.56
C ILE B 1783 -33.29 41.61 32.37
N LYS B 1784 -32.22 40.85 32.54
CA LYS B 1784 -32.34 39.41 32.51
C LYS B 1784 -31.93 38.78 33.83
N TYR B 1785 -30.67 38.95 34.27
CA TYR B 1785 -30.28 38.39 35.56
C TYR B 1785 -29.27 39.23 36.34
N ASP B 1786 -29.07 40.51 36.00
CA ASP B 1786 -28.04 41.29 36.67
C ASP B 1786 -28.31 41.37 38.16
N LEU B 1787 -29.57 41.46 38.55
CA LEU B 1787 -29.87 41.51 39.96
C LEU B 1787 -29.36 40.24 40.62
N VAL B 1788 -29.55 39.10 39.94
CA VAL B 1788 -29.05 37.84 40.47
C VAL B 1788 -27.53 37.84 40.58
N GLN B 1789 -26.82 38.40 39.60
CA GLN B 1789 -25.36 38.45 39.73
C GLN B 1789 -24.98 39.26 40.95
N LEU B 1790 -25.65 40.40 41.12
CA LEU B 1790 -25.34 41.29 42.27
C LEU B 1790 -25.65 40.57 43.58
N MET B 1791 -26.78 39.85 43.68
CA MET B 1791 -27.09 39.18 44.93
C MET B 1791 -26.06 38.09 45.19
N ALA B 1792 -25.65 37.39 44.14
CA ALA B 1792 -24.67 36.33 44.32
C ALA B 1792 -23.37 36.93 44.83
N LEU B 1793 -22.95 38.06 44.27
CA LEU B 1793 -21.70 38.68 44.71
C LEU B 1793 -21.82 39.12 46.16
N PHE B 1794 -22.98 39.64 46.54
CA PHE B 1794 -23.14 40.03 47.93
C PHE B 1794 -23.02 38.79 48.80
N PHE B 1795 -23.63 37.69 48.37
CA PHE B 1795 -23.47 36.48 49.15
C PHE B 1795 -21.98 36.14 49.23
N HIS B 1796 -21.24 36.40 48.17
CA HIS B 1796 -19.82 36.11 48.22
C HIS B 1796 -19.13 36.90 49.33
N ARG B 1797 -19.47 38.17 49.48
CA ARG B 1797 -18.85 38.90 50.58
C ARG B 1797 -19.31 38.29 51.90
N SER B 1798 -20.58 37.95 52.01
CA SER B 1798 -21.05 37.38 53.26
C SER B 1798 -20.32 36.09 53.59
N GLN B 1799 -20.13 35.21 52.61
CA GLN B 1799 -19.39 33.99 52.89
C GLN B 1799 -17.95 34.29 53.26
N LEU B 1800 -17.29 35.22 52.58
CA LEU B 1800 -15.92 35.51 52.96
C LEU B 1800 -15.89 36.02 54.39
N LEU B 1801 -16.82 36.90 54.74
CA LEU B 1801 -16.88 37.42 56.10
C LEU B 1801 -17.23 36.33 57.09
N CYS B 1802 -18.20 35.46 56.76
CA CYS B 1802 -18.59 34.40 57.68
C CYS B 1802 -17.41 33.48 57.92
N TYR B 1803 -16.73 33.10 56.84
CA TYR B 1803 -15.52 32.31 56.98
C TYR B 1803 -14.46 33.18 57.64
N GLY B 1804 -14.43 34.46 57.26
CA GLY B 1804 -13.53 35.46 57.79
C GLY B 1804 -12.35 35.82 56.92
N LEU B 1805 -12.46 36.97 56.25
CA LEU B 1805 -11.40 37.49 55.40
C LEU B 1805 -11.53 39.00 55.34
N TRP B 1806 -10.41 39.66 55.03
CA TRP B 1806 -10.43 41.12 54.94
C TRP B 1806 -11.23 41.55 53.72
N ASP B 1807 -11.92 42.68 53.88
CA ASP B 1807 -12.72 43.41 52.88
C ASP B 1807 -14.09 43.72 53.46
N ARG B 1941 16.05 70.52 53.72
CA ARG B 1941 16.80 70.28 52.49
C ARG B 1941 16.23 69.13 51.66
N ARG B 1942 17.03 68.09 51.53
CA ARG B 1942 16.70 66.89 50.76
C ARG B 1942 15.60 66.05 51.38
N LEU B 1943 15.19 66.35 52.62
CA LEU B 1943 14.31 65.44 53.34
C LEU B 1943 12.97 65.28 52.64
N GLN B 1944 12.32 66.38 52.27
CA GLN B 1944 11.00 66.29 51.66
C GLN B 1944 11.07 65.63 50.28
N SER B 1945 12.08 65.98 49.48
CA SER B 1945 12.20 65.40 48.15
C SER B 1945 12.40 63.88 48.21
N PHE B 1946 13.29 63.42 49.10
CA PHE B 1946 13.44 61.99 49.24
C PHE B 1946 12.18 61.33 49.82
N CYS B 1947 11.48 62.00 50.73
CA CYS B 1947 10.25 61.41 51.24
C CYS B 1947 9.22 61.23 50.13
N VAL B 1948 9.07 62.24 49.27
CA VAL B 1948 8.13 62.14 48.15
C VAL B 1948 8.54 61.02 47.19
N SER B 1949 9.83 60.94 46.89
CA SER B 1949 10.29 59.87 45.99
C SER B 1949 10.06 58.50 46.61
N LEU B 1950 10.28 58.38 47.92
CA LEU B 1950 10.04 57.10 48.58
C LEU B 1950 8.55 56.75 48.58
N ALA B 1951 7.69 57.75 48.76
CA ALA B 1951 6.26 57.48 48.70
C ALA B 1951 5.86 56.99 47.31
N GLN B 1952 6.38 57.64 46.27
CA GLN B 1952 6.09 57.18 44.91
C GLN B 1952 6.59 55.76 44.69
N SER B 1953 7.75 55.44 45.28
CA SER B 1953 8.27 54.07 45.18
C SER B 1953 7.36 53.09 45.89
N PHE B 1954 6.86 53.46 47.08
CA PHE B 1954 5.96 52.58 47.82
C PHE B 1954 4.61 52.44 47.15
N TYR B 1955 4.25 53.33 46.22
CA TYR B 1955 3.05 53.08 45.42
C TYR B 1955 3.35 52.21 44.19
N GLN B 1956 4.11 52.74 43.24
CA GLN B 1956 4.21 51.94 42.02
C GLN B 1956 5.32 50.88 42.05
N PRO B 1957 6.57 51.22 42.39
CA PRO B 1957 7.58 50.16 42.52
C PRO B 1957 7.22 49.13 43.56
N LEU B 1958 6.57 49.53 44.65
CA LEU B 1958 6.12 48.54 45.61
C LEU B 1958 5.13 47.59 44.94
N GLN B 1959 4.25 48.12 44.07
CA GLN B 1959 3.33 47.27 43.34
C GLN B 1959 4.09 46.30 42.46
N ARG B 1960 5.18 46.76 41.85
CA ARG B 1960 6.01 45.84 41.08
C ARG B 1960 6.52 44.73 41.99
N PHE B 1961 6.93 45.10 43.20
CA PHE B 1961 7.37 44.08 44.16
C PHE B 1961 6.22 43.14 44.50
N PHE B 1962 4.98 43.66 44.55
CA PHE B 1962 3.83 42.78 44.76
C PHE B 1962 3.76 41.76 43.63
N HIS B 1963 4.01 42.21 42.41
CA HIS B 1963 4.02 41.27 41.30
C HIS B 1963 5.13 40.24 41.51
N ASP B 1964 6.29 40.70 41.99
CA ASP B 1964 7.41 39.79 42.23
C ASP B 1964 7.03 38.74 43.25
N ILE B 1965 6.42 39.15 44.35
CA ILE B 1965 6.03 38.19 45.38
C ILE B 1965 4.95 37.29 44.79
N LEU B 1966 4.15 37.86 43.89
CA LEU B 1966 3.18 37.06 43.17
C LEU B 1966 3.89 36.00 42.39
N HIS B 1967 5.02 36.36 41.81
CA HIS B 1967 5.80 35.44 41.02
C HIS B 1967 6.81 34.66 41.84
N THR B 1968 6.85 34.91 43.15
CA THR B 1968 7.77 34.20 44.03
C THR B 1968 7.38 32.73 44.16
N LYS B 1969 8.36 31.95 44.54
CA LYS B 1969 8.22 30.52 44.74
C LYS B 1969 7.44 30.20 46.02
N TYR B 1970 7.02 28.94 46.11
CA TYR B 1970 6.34 28.15 47.16
C TYR B 1970 4.82 28.22 47.38
N ARG B 1971 4.00 28.99 46.66
CA ARG B 1971 2.57 28.84 46.92
C ARG B 1971 2.14 27.43 46.56
N ALA B 1972 1.38 26.78 47.44
CA ALA B 1972 1.05 25.36 47.27
C ALA B 1972 -0.43 25.09 47.06
N ALA B 1973 -0.73 24.44 45.93
CA ALA B 1973 -2.05 23.93 45.55
C ALA B 1973 -1.82 22.65 44.76
N THR B 1974 -2.83 21.77 44.73
CA THR B 1974 -2.70 20.52 43.98
C THR B 1974 -2.58 20.77 42.48
N ASP B 1975 -1.78 19.92 41.82
CA ASP B 1975 -1.46 20.04 40.40
C ASP B 1975 -2.20 19.00 39.57
N VAL B 1976 -2.94 19.43 38.56
CA VAL B 1976 -3.62 18.47 37.68
C VAL B 1976 -3.42 18.81 36.20
N TYR B 1977 -2.25 18.49 35.65
CA TYR B 1977 -1.94 18.83 34.26
C TYR B 1977 -2.90 18.20 33.27
N ALA B 1978 -3.34 16.97 33.56
CA ALA B 1978 -4.10 16.23 32.57
C ALA B 1978 -5.44 16.89 32.30
N LEU B 1979 -6.07 17.45 33.34
CA LEU B 1979 -7.31 18.15 33.06
C LEU B 1979 -7.08 19.29 32.08
N MET B 1980 -5.96 20.01 32.22
CA MET B 1980 -5.70 21.06 31.24
C MET B 1980 -5.53 20.49 29.84
N PHE B 1981 -4.75 19.42 29.71
CA PHE B 1981 -4.51 18.91 28.38
C PHE B 1981 -5.81 18.42 27.73
N LEU B 1982 -6.62 17.69 28.48
CA LEU B 1982 -7.89 17.22 27.94
C LEU B 1982 -8.83 18.38 27.64
N ALA B 1983 -8.86 19.38 28.51
CA ALA B 1983 -9.70 20.54 28.24
C ALA B 1983 -9.28 21.19 26.94
N ASP B 1984 -7.97 21.27 26.72
CA ASP B 1984 -7.45 21.88 25.51
C ASP B 1984 -7.89 21.10 24.29
N ILE B 1985 -7.74 19.78 24.33
CA ILE B 1985 -8.13 19.00 23.17
C ILE B 1985 -9.61 19.17 22.91
N VAL B 1986 -10.40 19.23 23.99
CA VAL B 1986 -11.81 19.48 23.83
C VAL B 1986 -12.02 20.81 23.14
N ASP B 1987 -11.19 21.80 23.49
CA ASP B 1987 -11.31 23.11 22.87
C ASP B 1987 -11.08 22.99 21.36
N ILE B 1988 -10.09 22.20 20.96
CA ILE B 1988 -9.90 21.99 19.53
C ILE B 1988 -11.13 21.33 18.94
N ILE B 1989 -11.71 20.38 19.66
CA ILE B 1989 -12.90 19.71 19.16
C ILE B 1989 -14.00 20.72 18.91
N ILE B 1990 -14.13 21.66 19.83
CA ILE B 1990 -15.13 22.71 19.71
C ILE B 1990 -14.85 23.54 18.47
N ILE B 1991 -13.59 23.89 18.27
CA ILE B 1991 -13.22 24.74 17.15
C ILE B 1991 -13.54 24.03 15.84
N ILE B 1992 -13.13 22.77 15.75
CA ILE B 1992 -13.34 22.02 14.52
C ILE B 1992 -14.83 21.84 14.26
N PHE B 1993 -15.61 21.66 15.31
CA PHE B 1993 -17.04 21.56 15.11
C PHE B 1993 -17.54 22.82 14.42
N GLY B 1994 -17.04 23.97 14.88
CA GLY B 1994 -17.42 25.22 14.26
C GLY B 1994 -16.74 25.41 12.92
N PHE B 1995 -17.01 24.55 11.95
CA PHE B 1995 -16.49 24.78 10.60
C PHE B 1995 -17.59 24.86 9.55
N TRP B 1996 -18.50 23.88 9.54
CA TRP B 1996 -19.55 23.87 8.53
C TRP B 1996 -20.50 25.03 8.74
N ALA B 1997 -20.69 25.44 9.99
CA ALA B 1997 -21.61 26.53 10.28
C ALA B 1997 -21.21 27.78 9.52
N PHE B 1998 -19.91 28.02 9.37
CA PHE B 1998 -19.45 29.14 8.57
C PHE B 1998 -19.98 29.04 7.16
N GLY B 1999 -19.98 27.83 6.60
CA GLY B 1999 -20.58 27.63 5.30
C GLY B 1999 -22.09 27.84 5.38
N LYS B 2000 -22.75 27.56 4.27
CA LYS B 2000 -24.20 27.62 4.20
C LYS B 2000 -24.85 26.39 4.80
N HIS B 2001 -24.09 25.62 5.57
CA HIS B 2001 -24.48 24.29 6.05
C HIS B 2001 -24.06 24.15 7.50
N SER B 2002 -24.93 24.52 8.43
CA SER B 2002 -24.59 24.39 9.85
C SER B 2002 -25.07 23.04 10.39
N ALA B 2003 -24.76 21.96 9.66
CA ALA B 2003 -25.24 20.65 10.05
C ALA B 2003 -24.21 19.53 9.85
N ALA B 2004 -22.95 19.87 9.62
CA ALA B 2004 -21.89 18.88 9.37
C ALA B 2004 -22.27 17.97 8.22
N THR B 2005 -22.53 18.59 7.08
CA THR B 2005 -23.01 17.88 5.89
C THR B 2005 -21.84 17.17 5.23
N ASP B 2006 -22.05 16.68 4.01
CA ASP B 2006 -21.00 15.94 3.32
C ASP B 2006 -19.82 16.85 3.00
N ILE B 2007 -18.66 16.22 2.77
CA ILE B 2007 -17.42 16.96 2.52
C ILE B 2007 -17.47 17.73 1.21
N ALA B 2008 -18.32 17.31 0.27
CA ALA B 2008 -18.36 17.94 -1.05
C ALA B 2008 -18.65 19.43 -0.93
N SER B 2009 -19.55 19.81 -0.02
CA SER B 2009 -19.82 21.23 0.18
C SER B 2009 -18.57 21.97 0.62
N SER B 2010 -17.79 21.37 1.53
CA SER B 2010 -16.54 22.00 1.95
C SER B 2010 -15.61 22.16 0.76
N LEU B 2011 -15.58 21.16 -0.12
CA LEU B 2011 -14.75 21.23 -1.32
C LEU B 2011 -15.21 22.37 -2.22
N SER B 2012 -16.52 22.58 -2.31
CA SER B 2012 -17.10 23.51 -3.27
C SER B 2012 -17.47 24.87 -2.70
N ASP B 2013 -17.10 25.18 -1.45
CA ASP B 2013 -17.48 26.45 -0.85
C ASP B 2013 -16.28 27.37 -0.61
N ASP B 2014 -15.29 26.94 0.17
CA ASP B 2014 -14.14 27.76 0.55
C ASP B 2014 -14.57 29.18 0.97
N GLN B 2015 -15.51 29.22 1.91
CA GLN B 2015 -16.11 30.47 2.38
C GLN B 2015 -15.16 31.13 3.37
N VAL B 2016 -14.13 31.78 2.83
CA VAL B 2016 -13.16 32.55 3.62
C VAL B 2016 -12.52 31.62 4.64
N PRO B 2017 -11.69 30.66 4.19
CA PRO B 2017 -11.13 29.67 5.12
C PRO B 2017 -9.88 30.09 5.89
N GLN B 2018 -9.35 31.30 5.70
CA GLN B 2018 -8.11 31.67 6.40
C GLN B 2018 -8.27 31.59 7.91
N ALA B 2019 -9.44 32.00 8.40
CA ALA B 2019 -9.67 31.99 9.84
C ALA B 2019 -9.50 30.58 10.41
N PHE B 2020 -9.98 29.56 9.70
CA PHE B 2020 -9.84 28.21 10.21
C PHE B 2020 -8.38 27.85 10.40
N LEU B 2021 -7.55 28.15 9.40
CA LEU B 2021 -6.15 27.82 9.50
C LEU B 2021 -5.47 28.62 10.61
N PHE B 2022 -5.78 29.91 10.73
CA PHE B 2022 -5.13 30.68 11.78
C PHE B 2022 -5.47 30.14 13.15
N MET B 2023 -6.75 29.84 13.38
CA MET B 2023 -7.15 29.35 14.68
C MET B 2023 -6.50 28.02 14.98
N LEU B 2024 -6.49 27.11 14.00
CA LEU B 2024 -5.90 25.80 14.25
C LEU B 2024 -4.41 25.91 14.51
N LEU B 2025 -3.71 26.77 13.77
CA LEU B 2025 -2.29 26.93 14.00
C LEU B 2025 -2.05 27.46 15.41
N VAL B 2026 -2.87 28.42 15.82
CA VAL B 2026 -2.70 29.03 17.13
C VAL B 2026 -2.92 28.00 18.22
N GLN B 2027 -3.97 27.19 18.08
CA GLN B 2027 -4.24 26.19 19.11
C GLN B 2027 -3.15 25.12 19.16
N PHE B 2028 -2.61 24.68 18.03
CA PHE B 2028 -1.49 23.75 18.11
C PHE B 2028 -0.29 24.38 18.79
N GLY B 2029 0.04 25.62 18.42
CA GLY B 2029 1.12 26.30 19.12
C GLY B 2029 0.81 26.38 20.60
N THR B 2030 -0.47 26.56 20.93
CA THR B 2030 -0.89 26.64 22.31
C THR B 2030 -0.60 25.33 23.03
N MET B 2031 -0.90 24.21 22.39
CA MET B 2031 -0.62 22.92 23.01
C MET B 2031 0.88 22.75 23.19
N VAL B 2032 1.64 23.16 22.18
CA VAL B 2032 3.10 23.00 22.27
C VAL B 2032 3.63 23.79 23.46
N ILE B 2033 3.21 25.04 23.57
CA ILE B 2033 3.70 25.89 24.63
C ILE B 2033 3.21 25.40 25.98
N ASP B 2034 1.98 24.89 26.04
CA ASP B 2034 1.47 24.42 27.34
C ASP B 2034 2.32 23.26 27.83
N ARG B 2035 2.67 22.35 26.93
CA ARG B 2035 3.53 21.26 27.34
C ARG B 2035 4.90 21.78 27.74
N ALA B 2036 5.41 22.77 26.99
CA ALA B 2036 6.72 23.33 27.30
C ALA B 2036 6.73 23.96 28.68
N LEU B 2037 5.67 24.70 29.00
CA LEU B 2037 5.54 25.30 30.32
C LEU B 2037 5.43 24.21 31.38
N TYR B 2038 4.68 23.16 31.07
CA TYR B 2038 4.51 22.06 32.00
C TYR B 2038 5.85 21.45 32.37
N LEU B 2039 6.67 21.19 31.36
CA LEU B 2039 7.97 20.57 31.58
C LEU B 2039 9.00 21.53 32.19
N ARG B 2040 9.07 22.79 31.76
CA ARG B 2040 10.08 23.67 32.35
C ARG B 2040 9.55 24.63 33.40
N LYS B 2041 8.24 24.79 33.54
CA LYS B 2041 7.64 25.72 34.49
C LYS B 2041 8.39 27.04 34.63
N THR B 2042 8.41 27.84 33.57
CA THR B 2042 9.03 29.16 33.63
C THR B 2042 7.93 30.18 33.39
N VAL B 2043 7.98 31.28 34.13
CA VAL B 2043 6.87 32.21 34.22
C VAL B 2043 6.58 32.88 32.88
N LEU B 2044 7.61 33.20 32.09
CA LEU B 2044 7.35 33.96 30.88
C LEU B 2044 6.33 33.23 30.01
N GLY B 2045 6.41 31.90 29.94
CA GLY B 2045 5.43 31.17 29.16
C GLY B 2045 4.03 31.40 29.69
N LYS B 2046 3.88 31.43 31.01
CA LYS B 2046 2.57 31.63 31.61
C LYS B 2046 1.99 32.97 31.21
N LEU B 2047 2.80 34.00 31.36
CA LEU B 2047 2.37 35.34 30.99
C LEU B 2047 2.09 35.42 29.50
N ALA B 2048 2.94 34.77 28.70
CA ALA B 2048 2.73 34.78 27.26
C ALA B 2048 1.38 34.17 26.96
N PHE B 2049 1.06 33.07 27.65
CA PHE B 2049 -0.22 32.41 27.43
C PHE B 2049 -1.37 33.35 27.70
N GLN B 2050 -1.36 34.01 28.85
CA GLN B 2050 -2.47 34.87 29.18
C GLN B 2050 -2.56 36.07 28.25
N VAL B 2051 -1.42 36.71 27.98
CA VAL B 2051 -1.49 37.88 27.12
C VAL B 2051 -1.94 37.49 25.72
N VAL B 2052 -1.40 36.41 25.18
CA VAL B 2052 -1.76 36.09 23.80
C VAL B 2052 -3.24 35.78 23.71
N LEU B 2053 -3.76 35.02 24.68
CA LEU B 2053 -5.18 34.69 24.62
C LEU B 2053 -6.04 35.93 24.71
N VAL B 2054 -5.73 36.84 25.64
CA VAL B 2054 -6.59 38.01 25.78
C VAL B 2054 -6.52 38.86 24.52
N VAL B 2055 -5.32 39.11 23.99
CA VAL B 2055 -5.27 39.95 22.81
C VAL B 2055 -5.97 39.27 21.65
N ALA B 2056 -5.81 37.94 21.51
CA ALA B 2056 -6.43 37.27 20.38
C ALA B 2056 -7.93 37.39 20.44
N ILE B 2057 -8.51 37.14 21.61
CA ILE B 2057 -9.97 37.20 21.72
C ILE B 2057 -10.46 38.62 21.44
N HIS B 2058 -9.81 39.60 22.06
CA HIS B 2058 -10.29 40.98 21.92
C HIS B 2058 -10.11 41.53 20.52
N ILE B 2059 -8.94 41.33 19.91
CA ILE B 2059 -8.72 41.88 18.57
C ILE B 2059 -9.51 41.11 17.53
N TRP B 2060 -9.51 39.78 17.61
CA TRP B 2060 -10.13 38.98 16.58
C TRP B 2060 -11.64 39.17 16.61
N MET B 2061 -12.22 39.28 17.79
CA MET B 2061 -13.65 39.41 17.94
C MET B 2061 -13.99 40.66 18.74
N PHE B 2062 -15.25 40.77 19.13
CA PHE B 2062 -15.77 41.74 20.09
C PHE B 2062 -15.93 43.13 19.49
N PHE B 2063 -16.32 43.22 18.22
CA PHE B 2063 -16.75 44.49 17.64
C PHE B 2063 -17.60 44.19 16.39
N ILE B 2064 -17.79 45.20 15.53
CA ILE B 2064 -18.62 45.02 14.35
C ILE B 2064 -17.97 44.09 13.33
N LEU B 2065 -16.65 44.11 13.21
CA LEU B 2065 -15.99 43.26 12.21
C LEU B 2065 -16.26 41.78 12.40
N PRO B 2066 -16.30 41.25 13.62
CA PRO B 2066 -16.64 39.82 13.77
C PRO B 2066 -17.96 39.47 13.10
N ALA B 2067 -18.92 40.38 13.12
CA ALA B 2067 -20.21 40.18 12.50
C ALA B 2067 -20.09 40.20 10.98
N VAL B 2068 -18.86 40.07 10.47
CA VAL B 2068 -18.65 39.94 9.04
C VAL B 2068 -19.35 38.69 8.53
N THR B 2069 -19.25 37.60 9.28
CA THR B 2069 -20.13 36.48 9.04
C THR B 2069 -21.50 36.82 9.60
N GLU B 2070 -22.54 36.22 9.03
CA GLU B 2070 -23.91 36.53 9.43
C GLU B 2070 -24.20 35.85 10.75
N ARG B 2071 -23.48 36.30 11.77
CA ARG B 2071 -23.54 35.74 13.12
C ARG B 2071 -23.58 36.87 14.14
N MET B 2072 -24.49 37.84 13.94
CA MET B 2072 -24.51 38.96 14.87
C MET B 2072 -24.87 38.43 16.26
N PHE B 2073 -26.12 38.00 16.45
CA PHE B 2073 -26.55 37.23 17.61
C PHE B 2073 -27.32 35.97 17.28
N SER B 2074 -27.79 35.79 16.04
CA SER B 2074 -28.74 34.73 15.73
C SER B 2074 -28.21 33.35 16.09
N GLN B 2075 -27.17 32.90 15.40
CA GLN B 2075 -26.42 31.71 15.78
C GLN B 2075 -25.10 32.07 16.41
N ASN B 2076 -24.97 33.31 16.88
CA ASN B 2076 -23.74 33.77 17.49
C ASN B 2076 -23.58 33.28 18.92
N ALA B 2077 -23.75 31.98 19.12
CA ALA B 2077 -23.50 31.36 20.41
C ALA B 2077 -22.44 30.29 20.35
N VAL B 2078 -22.27 29.64 19.21
CA VAL B 2078 -21.28 28.58 19.09
C VAL B 2078 -19.86 29.14 19.24
N ALA B 2079 -19.57 30.25 18.57
CA ALA B 2079 -18.27 30.87 18.79
C ALA B 2079 -18.17 31.30 20.24
N GLN B 2080 -19.28 31.79 20.79
CA GLN B 2080 -19.34 32.11 22.21
C GLN B 2080 -19.17 30.86 23.04
N LEU B 2081 -19.71 29.73 22.57
CA LEU B 2081 -19.52 28.48 23.30
C LEU B 2081 -18.03 28.20 23.41
N TRP B 2082 -17.33 28.38 22.30
CA TRP B 2082 -15.89 28.26 22.26
C TRP B 2082 -15.26 29.28 23.18
N TYR B 2083 -15.82 30.47 23.21
CA TYR B 2083 -15.30 31.52 24.05
C TYR B 2083 -15.31 31.15 25.50
N PHE B 2084 -16.45 30.67 26.00
CA PHE B 2084 -16.46 30.40 27.43
C PHE B 2084 -15.57 29.23 27.73
N VAL B 2085 -15.53 28.22 26.85
CA VAL B 2085 -14.70 27.06 27.17
C VAL B 2085 -13.26 27.49 27.32
N LYS B 2086 -12.77 28.31 26.39
CA LYS B 2086 -11.42 28.82 26.57
C LYS B 2086 -11.32 29.61 27.86
N CYS B 2087 -12.35 30.39 28.19
CA CYS B 2087 -12.28 31.20 29.39
C CYS B 2087 -12.11 30.35 30.64
N ILE B 2088 -12.90 29.28 30.75
CA ILE B 2088 -12.79 28.43 31.93
C ILE B 2088 -11.42 27.80 31.94
N TYR B 2089 -10.97 27.37 30.77
CA TYR B 2089 -9.65 26.76 30.70
C TYR B 2089 -8.58 27.72 31.16
N PHE B 2090 -8.67 28.95 30.73
CA PHE B 2090 -7.66 29.93 31.09
C PHE B 2090 -7.68 30.18 32.58
N ALA B 2091 -8.87 30.26 33.15
CA ALA B 2091 -8.98 30.50 34.59
C ALA B 2091 -8.37 29.34 35.37
N LEU B 2092 -8.71 28.12 35.00
CA LEU B 2092 -8.13 26.99 35.71
C LEU B 2092 -6.63 26.92 35.46
N SER B 2093 -6.19 27.32 34.27
CA SER B 2093 -4.77 27.38 33.99
C SER B 2093 -4.09 28.35 34.95
N ALA B 2094 -4.70 29.49 35.18
CA ALA B 2094 -4.17 30.46 36.13
C ALA B 2094 -4.13 29.88 37.53
N TYR B 2095 -5.16 29.14 37.91
CA TYR B 2095 -5.17 28.49 39.20
C TYR B 2095 -3.97 27.57 39.31
N GLN B 2096 -3.71 26.85 38.22
CA GLN B 2096 -2.55 25.97 38.16
C GLN B 2096 -1.28 26.81 38.30
N ILE B 2097 -1.27 28.01 37.71
CA ILE B 2097 -0.11 28.86 37.90
C ILE B 2097 0.05 29.15 39.38
N ARG B 2098 -1.08 29.37 40.06
CA ARG B 2098 -1.01 29.66 41.48
C ARG B 2098 -0.37 28.49 42.23
N CYS B 2099 -0.77 27.26 41.87
CA CYS B 2099 -0.13 26.12 42.52
C CYS B 2099 1.29 25.90 42.04
N GLY B 2100 1.53 26.05 40.74
CA GLY B 2100 2.87 25.79 40.24
C GLY B 2100 3.18 24.33 40.52
N TYR B 2101 4.37 24.09 41.08
CA TYR B 2101 4.84 22.77 41.49
C TYR B 2101 4.76 21.66 40.44
N PRO B 2102 5.08 21.91 39.19
CA PRO B 2102 5.00 20.82 38.21
C PRO B 2102 5.94 19.69 38.51
N THR B 2103 7.10 19.98 39.11
CA THR B 2103 8.06 18.92 39.35
C THR B 2103 7.45 17.79 40.15
N ARG B 2104 6.67 18.10 41.19
CA ARG B 2104 6.02 17.03 41.93
C ARG B 2104 4.79 16.60 41.12
N ILE B 2105 4.71 15.31 40.78
CA ILE B 2105 3.65 14.78 39.92
C ILE B 2105 3.18 13.42 40.45
N LEU B 2106 1.98 13.05 40.01
CA LEU B 2106 1.31 11.80 40.28
C LEU B 2106 0.17 11.75 39.27
N GLY B 2107 -0.28 10.54 38.96
CA GLY B 2107 -1.31 10.40 37.94
C GLY B 2107 -2.56 11.18 38.28
N ASN B 2108 -3.22 11.68 37.23
CA ASN B 2108 -4.44 12.48 37.40
C ASN B 2108 -5.48 11.66 38.14
N PHE B 2109 -5.93 12.18 39.28
CA PHE B 2109 -6.93 11.47 40.07
C PHE B 2109 -8.22 11.22 39.29
N LEU B 2110 -8.57 12.13 38.39
CA LEU B 2110 -9.67 11.85 37.48
C LEU B 2110 -9.35 10.67 36.58
N THR B 2111 -8.13 10.63 36.02
CA THR B 2111 -7.69 9.43 35.33
C THR B 2111 -7.45 8.29 36.32
N LYS B 2112 -6.94 8.61 37.51
CA LYS B 2112 -6.66 7.63 38.55
C LYS B 2112 -7.91 7.08 39.19
N LYS B 2113 -9.09 7.57 38.84
CA LYS B 2113 -10.28 6.84 39.25
C LYS B 2113 -10.56 5.65 38.33
N TYR B 2114 -9.94 5.63 37.15
CA TYR B 2114 -9.77 4.42 36.37
C TYR B 2114 -11.11 3.81 35.97
N ASN B 2115 -12.18 4.59 35.96
CA ASN B 2115 -13.50 4.04 35.69
C ASN B 2115 -13.58 3.49 34.27
N HIS B 2116 -14.47 2.52 34.08
CA HIS B 2116 -14.66 1.97 32.74
C HIS B 2116 -15.00 3.09 31.77
N LEU B 2117 -15.75 4.08 32.23
CA LEU B 2117 -15.94 5.28 31.41
C LEU B 2117 -14.62 6.02 31.24
N ASN B 2118 -13.84 6.13 32.33
CA ASN B 2118 -12.52 6.72 32.22
C ASN B 2118 -11.66 5.90 31.28
N LEU B 2119 -11.77 4.58 31.39
CA LEU B 2119 -10.96 3.73 30.54
C LEU B 2119 -11.35 3.93 29.08
N PHE B 2120 -12.65 4.02 28.79
CA PHE B 2120 -13.09 4.25 27.41
C PHE B 2120 -12.60 5.58 26.89
N LEU B 2121 -12.73 6.63 27.71
CA LEU B 2121 -12.31 7.95 27.24
C LEU B 2121 -10.81 7.95 26.97
N PHE B 2122 -10.02 7.37 27.88
CA PHE B 2122 -8.58 7.40 27.66
C PHE B 2122 -8.22 6.58 26.44
N GLN B 2123 -8.81 5.39 26.28
CA GLN B 2123 -8.45 4.59 25.12
C GLN B 2123 -8.82 5.31 23.84
N GLY B 2124 -9.98 5.97 23.82
CA GLY B 2124 -10.34 6.74 22.65
C GLY B 2124 -9.33 7.83 22.37
N PHE B 2125 -8.83 8.47 23.43
CA PHE B 2125 -7.74 9.41 23.28
C PHE B 2125 -6.52 8.72 22.68
N ARG B 2126 -6.35 7.46 23.03
CA ARG B 2126 -5.23 6.61 22.69
C ARG B 2126 -5.36 5.98 21.30
N LEU B 2127 -6.51 6.07 20.66
CA LEU B 2127 -6.70 5.54 19.33
C LEU B 2127 -6.59 6.59 18.24
N VAL B 2128 -6.40 7.85 18.58
CA VAL B 2128 -6.42 8.87 17.53
C VAL B 2128 -5.08 8.86 16.82
N PRO B 2129 -5.04 9.19 15.54
CA PRO B 2129 -3.77 9.20 14.83
C PRO B 2129 -2.82 10.25 15.35
N PHE B 2130 -1.52 10.00 15.15
CA PHE B 2130 -0.43 10.95 15.32
C PHE B 2130 -0.08 11.24 16.78
N LEU B 2131 -0.82 10.71 17.75
CA LEU B 2131 -0.55 11.08 19.13
C LEU B 2131 0.84 10.60 19.56
N VAL B 2132 1.18 9.38 19.16
CA VAL B 2132 2.36 8.71 19.71
C VAL B 2132 3.63 9.50 19.43
N GLU B 2133 3.85 9.87 18.16
CA GLU B 2133 5.10 10.52 17.87
C GLU B 2133 5.18 11.87 18.54
N LEU B 2134 4.10 12.65 18.53
CA LEU B 2134 4.18 13.97 19.11
C LEU B 2134 4.49 13.89 20.61
N ARG B 2135 3.76 13.04 21.33
CA ARG B 2135 4.02 12.94 22.77
C ARG B 2135 5.41 12.43 23.04
N ALA B 2136 5.82 11.38 22.32
CA ALA B 2136 7.12 10.79 22.55
C ALA B 2136 8.22 11.79 22.23
N VAL B 2137 8.12 12.47 21.09
CA VAL B 2137 9.21 13.36 20.71
C VAL B 2137 9.33 14.49 21.71
N MET B 2138 8.21 15.11 22.07
CA MET B 2138 8.28 16.25 22.97
C MET B 2138 8.82 15.83 24.32
N ASP B 2139 8.28 14.76 24.89
CA ASP B 2139 8.77 14.36 26.20
C ASP B 2139 10.25 13.97 26.11
N TRP B 2140 10.63 13.29 25.03
CA TRP B 2140 12.01 12.84 24.89
C TRP B 2140 12.97 14.02 24.90
N VAL B 2141 12.66 15.07 24.13
CA VAL B 2141 13.57 16.21 24.13
C VAL B 2141 13.53 16.90 25.47
N TRP B 2142 12.36 16.96 26.07
CA TRP B 2142 12.20 17.78 27.25
C TRP B 2142 12.42 17.03 28.54
N THR B 2143 12.70 15.73 28.48
CA THR B 2143 13.04 15.00 29.68
C THR B 2143 14.55 14.89 29.70
N ASP B 2144 15.12 15.14 30.87
CA ASP B 2144 16.52 15.58 30.95
C ASP B 2144 17.44 14.55 31.59
N THR B 2145 17.15 13.27 31.41
CA THR B 2145 17.99 12.22 31.99
C THR B 2145 18.59 11.38 30.89
N THR B 2146 19.50 10.50 31.28
CA THR B 2146 19.97 9.47 30.37
C THR B 2146 18.79 8.70 29.80
N LEU B 2147 18.64 8.79 28.48
CA LEU B 2147 17.51 8.17 27.81
C LEU B 2147 17.75 8.09 26.31
N SER B 2148 17.56 6.91 25.75
CA SER B 2148 17.57 6.71 24.32
C SER B 2148 16.15 6.77 23.81
N LEU B 2149 16.02 7.11 22.52
CA LEU B 2149 14.69 7.16 21.94
C LEU B 2149 14.03 5.80 22.06
N SER B 2150 14.82 4.74 21.87
CA SER B 2150 14.28 3.39 21.92
C SER B 2150 13.70 3.06 23.28
N ASN B 2151 14.45 3.37 24.34
CA ASN B 2151 13.99 2.99 25.67
C ASN B 2151 12.70 3.73 26.02
N TRP B 2152 12.68 5.03 25.79
CA TRP B 2152 11.53 5.83 26.16
C TRP B 2152 10.30 5.42 25.35
N MET B 2153 10.46 5.26 24.04
CA MET B 2153 9.33 4.92 23.18
C MET B 2153 8.79 3.55 23.57
N CYS B 2154 9.70 2.64 23.91
CA CYS B 2154 9.29 1.34 24.39
C CYS B 2154 8.48 1.52 25.66
N VAL B 2155 8.90 2.46 26.52
CA VAL B 2155 8.15 2.72 27.74
C VAL B 2155 6.72 3.16 27.43
N GLU B 2156 6.51 4.01 26.42
CA GLU B 2156 5.11 4.30 26.11
C GLU B 2156 4.38 3.03 25.71
N ASP B 2157 5.04 2.16 24.97
CA ASP B 2157 4.38 0.90 24.63
C ASP B 2157 4.05 0.12 25.91
N ILE B 2158 4.99 0.14 26.85
CA ILE B 2158 4.84 -0.51 28.14
C ILE B 2158 3.64 0.05 28.87
N TYR B 2159 3.49 1.36 28.82
CA TYR B 2159 2.31 1.99 29.38
C TYR B 2159 1.05 1.51 28.69
N ALA B 2160 1.08 1.36 27.38
CA ALA B 2160 -0.13 0.93 26.69
C ALA B 2160 -0.60 -0.44 27.17
N ASN B 2161 0.31 -1.43 27.18
CA ASN B 2161 -0.13 -2.73 27.67
C ASN B 2161 -0.50 -2.66 29.14
N ILE B 2162 0.27 -1.92 29.93
CA ILE B 2162 0.02 -1.87 31.36
C ILE B 2162 -1.37 -1.32 31.64
N PHE B 2163 -1.73 -0.21 31.00
CA PHE B 2163 -3.05 0.31 31.32
C PHE B 2163 -4.09 -0.68 30.85
N ILE B 2164 -3.86 -1.33 29.71
CA ILE B 2164 -4.88 -2.23 29.19
C ILE B 2164 -5.16 -3.35 30.18
N ILE B 2165 -4.09 -3.96 30.69
CA ILE B 2165 -4.25 -5.08 31.61
C ILE B 2165 -4.85 -4.62 32.93
N LYS B 2166 -4.41 -3.47 33.43
CA LYS B 2166 -5.06 -2.91 34.60
C LYS B 2166 -6.52 -2.60 34.34
N CYS B 2167 -6.84 -2.11 33.14
CA CYS B 2167 -8.23 -1.81 32.81
C CYS B 2167 -9.07 -3.06 32.90
N SER B 2168 -8.53 -4.17 32.40
CA SER B 2168 -9.25 -5.43 32.50
C SER B 2168 -9.45 -5.82 33.94
N ARG B 2169 -8.41 -5.67 34.76
CA ARG B 2169 -8.53 -6.04 36.17
C ARG B 2169 -9.58 -5.19 36.85
N GLU B 2170 -9.56 -3.90 36.56
CA GLU B 2170 -10.50 -2.96 37.17
C GLU B 2170 -11.92 -3.30 36.79
N THR B 2171 -12.13 -3.59 35.51
CA THR B 2171 -13.45 -3.94 35.05
C THR B 2171 -13.93 -5.22 35.72
N GLU B 2172 -13.08 -6.24 35.77
CA GLU B 2172 -13.50 -7.49 36.40
C GLU B 2172 -13.80 -7.29 37.87
N LYS B 2173 -13.02 -6.44 38.55
CA LYS B 2173 -13.31 -6.18 39.95
C LYS B 2173 -14.69 -5.54 40.10
N LYS B 2174 -15.02 -4.56 39.26
CA LYS B 2174 -16.30 -3.93 39.46
C LYS B 2174 -17.38 -4.52 38.55
N TYR B 2175 -17.00 -5.29 37.52
CA TYR B 2175 -17.94 -5.90 36.57
C TYR B 2175 -17.58 -7.38 36.36
N PRO B 2176 -17.81 -8.23 37.36
CA PRO B 2176 -17.49 -9.65 37.17
C PRO B 2176 -18.70 -10.43 36.66
N GLN B 2177 -18.56 -11.04 35.49
CA GLN B 2177 -19.68 -11.80 34.95
C GLN B 2177 -20.01 -12.99 35.84
N PRO B 2178 -21.29 -13.21 36.13
CA PRO B 2178 -21.69 -14.34 36.97
C PRO B 2178 -21.39 -15.69 36.31
N LYS B 2179 -20.87 -16.65 37.08
CA LYS B 2179 -20.60 -17.96 36.48
C LYS B 2179 -21.88 -18.63 36.04
N GLY B 2180 -21.81 -19.31 34.91
CA GLY B 2180 -22.92 -20.02 34.32
C GLY B 2180 -23.72 -19.25 33.30
N GLN B 2181 -23.45 -17.96 33.13
CA GLN B 2181 -24.14 -17.24 32.06
C GLN B 2181 -23.69 -17.85 30.74
N LYS B 2182 -22.40 -18.16 30.67
CA LYS B 2182 -21.64 -18.83 29.64
C LYS B 2182 -21.38 -17.81 28.55
N LYS B 2183 -22.47 -17.23 28.03
CA LYS B 2183 -22.50 -16.19 27.00
C LYS B 2183 -23.90 -15.61 27.01
N LYS B 2184 -24.05 -14.46 26.38
CA LYS B 2184 -25.34 -13.85 26.18
C LYS B 2184 -25.59 -13.81 24.68
N LYS B 2185 -26.80 -14.20 24.26
CA LYS B 2185 -27.02 -14.44 22.84
C LYS B 2185 -27.02 -13.14 22.04
N ILE B 2186 -27.55 -12.06 22.61
CA ILE B 2186 -27.81 -10.86 21.83
C ILE B 2186 -26.51 -10.25 21.35
N VAL B 2187 -25.49 -10.24 22.21
CA VAL B 2187 -24.25 -9.59 21.85
C VAL B 2187 -23.56 -10.35 20.73
N LYS B 2188 -23.66 -11.67 20.72
CA LYS B 2188 -23.14 -12.41 19.58
C LYS B 2188 -23.93 -12.11 18.33
N TYR B 2189 -25.27 -12.01 18.47
CA TYR B 2189 -26.04 -11.56 17.32
C TYR B 2189 -25.45 -10.27 16.76
N GLY B 2190 -25.23 -9.30 17.63
CA GLY B 2190 -24.78 -8.00 17.19
C GLY B 2190 -23.42 -8.02 16.53
N MET B 2191 -22.41 -8.53 17.24
CA MET B 2191 -21.05 -8.51 16.70
C MET B 2191 -20.96 -9.36 15.44
N GLY B 2192 -21.54 -10.56 15.47
CA GLY B 2192 -21.47 -11.42 14.31
C GLY B 2192 -22.16 -10.77 13.13
N GLY B 2193 -23.34 -10.17 13.36
CA GLY B 2193 -24.06 -9.55 12.28
C GLY B 2193 -23.27 -8.42 11.65
N LEU B 2194 -22.68 -7.57 12.49
CA LEU B 2194 -21.90 -6.47 11.92
C LEU B 2194 -20.72 -6.99 11.13
N ILE B 2195 -20.03 -8.00 11.66
CA ILE B 2195 -18.86 -8.53 10.96
C ILE B 2195 -19.27 -9.13 9.63
N ILE B 2196 -20.32 -9.95 9.65
CA ILE B 2196 -20.75 -10.63 8.45
C ILE B 2196 -21.23 -9.64 7.41
N LEU B 2197 -22.00 -8.64 7.83
CA LEU B 2197 -22.51 -7.68 6.87
C LEU B 2197 -21.38 -6.92 6.23
N PHE B 2198 -20.40 -6.51 7.04
CA PHE B 2198 -19.29 -5.74 6.50
C PHE B 2198 -18.52 -6.57 5.48
N LEU B 2199 -18.17 -7.81 5.85
CA LEU B 2199 -17.39 -8.65 4.95
C LEU B 2199 -18.17 -9.04 3.70
N ILE B 2200 -19.43 -9.43 3.84
CA ILE B 2200 -20.17 -9.84 2.64
C ILE B 2200 -20.38 -8.64 1.72
N ALA B 2201 -20.66 -7.47 2.30
CA ALA B 2201 -20.88 -6.29 1.48
C ALA B 2201 -19.62 -5.94 0.72
N ILE B 2202 -18.47 -5.97 1.39
CA ILE B 2202 -17.24 -5.67 0.67
C ILE B 2202 -16.97 -6.72 -0.39
N ILE B 2203 -17.27 -7.99 -0.09
CA ILE B 2203 -17.00 -9.05 -1.06
C ILE B 2203 -17.79 -8.85 -2.34
N TRP B 2204 -19.07 -8.51 -2.23
CA TRP B 2204 -19.85 -8.34 -3.45
C TRP B 2204 -19.99 -6.91 -3.93
N PHE B 2205 -19.34 -5.94 -3.28
CA PHE B 2205 -19.52 -4.56 -3.71
C PHE B 2205 -19.11 -4.34 -5.15
N PRO B 2206 -17.99 -4.89 -5.64
CA PRO B 2206 -17.64 -4.66 -7.04
C PRO B 2206 -18.53 -5.53 -7.88
N LEU B 2207 -18.79 -6.74 -7.38
CA LEU B 2207 -19.61 -7.69 -8.11
C LEU B 2207 -21.01 -7.13 -8.31
N LEU B 2208 -21.64 -6.67 -7.23
CA LEU B 2208 -22.99 -6.11 -7.38
C LEU B 2208 -22.95 -4.84 -8.21
N PHE B 2209 -21.90 -4.04 -8.06
CA PHE B 2209 -21.84 -2.77 -8.79
C PHE B 2209 -21.75 -3.01 -10.29
N MET B 2210 -20.90 -3.94 -10.70
CA MET B 2210 -20.78 -4.26 -12.13
C MET B 2210 -21.97 -5.05 -12.62
N SER B 2211 -22.64 -5.78 -11.74
CA SER B 2211 -23.78 -6.57 -12.16
C SER B 2211 -24.95 -5.68 -12.53
N LEU B 2212 -25.30 -4.75 -11.64
CA LEU B 2212 -26.49 -3.93 -11.82
C LEU B 2212 -26.13 -2.51 -12.26
N ILE B 2213 -25.29 -1.82 -11.50
CA ILE B 2213 -24.99 -0.42 -11.79
C ILE B 2213 -24.03 -0.30 -12.96
N ARG B 2214 -22.83 -0.87 -12.82
CA ARG B 2214 -21.77 -0.86 -13.84
C ARG B 2214 -21.73 0.40 -14.69
N VAL B 2216 -20.44 2.20 -16.76
CA VAL B 2216 -20.76 3.12 -17.84
C VAL B 2216 -22.00 2.64 -18.57
N VAL B 2217 -22.89 3.58 -18.90
CA VAL B 2217 -24.14 3.27 -19.59
C VAL B 2217 -24.13 3.97 -20.94
N GLY B 2218 -24.45 3.20 -21.98
CA GLY B 2218 -24.46 3.75 -23.32
C GLY B 2218 -25.49 4.84 -23.53
N VAL B 2219 -25.03 6.00 -23.99
CA VAL B 2219 -25.90 7.11 -24.33
C VAL B 2219 -25.90 7.24 -25.84
N VAL B 2220 -27.07 7.27 -26.45
CA VAL B 2220 -27.16 7.34 -27.90
C VAL B 2220 -26.72 8.73 -28.36
N ASN B 2221 -25.80 8.78 -29.31
CA ASN B 2221 -25.46 10.03 -29.97
C ASN B 2221 -25.86 9.90 -31.42
N GLN B 2222 -26.64 10.86 -31.88
CA GLN B 2222 -27.26 10.83 -33.16
C GLN B 2222 -26.81 12.07 -33.94
N PRO B 2223 -26.30 11.93 -35.15
CA PRO B 2223 -25.68 13.06 -35.83
C PRO B 2223 -26.65 14.21 -36.01
N ILE B 2224 -26.31 15.35 -35.43
CA ILE B 2224 -27.18 16.52 -35.57
C ILE B 2224 -26.92 17.28 -36.85
N ASP B 2225 -25.93 16.88 -37.64
CA ASP B 2225 -25.73 17.53 -38.93
C ASP B 2225 -25.04 16.56 -39.85
N VAL B 2226 -25.44 16.54 -41.12
CA VAL B 2226 -24.75 15.75 -42.12
C VAL B 2226 -24.47 16.64 -43.32
N THR B 2227 -23.21 16.65 -43.76
CA THR B 2227 -22.78 17.47 -44.88
C THR B 2227 -22.13 16.61 -45.94
N VAL B 2228 -22.57 16.75 -47.18
CA VAL B 2228 -22.07 15.95 -48.28
C VAL B 2228 -21.60 16.88 -49.38
N THR B 2229 -20.41 16.62 -49.91
CA THR B 2229 -19.83 17.46 -50.94
C THR B 2229 -19.31 16.61 -52.09
N LEU B 2230 -19.69 16.97 -53.29
CA LEU B 2230 -19.18 16.36 -54.52
C LEU B 2230 -18.21 17.31 -55.18
N LYS B 2231 -16.95 16.88 -55.34
CA LYS B 2231 -15.86 17.74 -55.79
C LYS B 2231 -15.04 17.05 -56.86
N LEU B 2232 -14.78 17.75 -57.96
CA LEU B 2232 -14.07 17.20 -59.10
C LEU B 2232 -12.66 17.75 -59.19
N GLY B 2233 -11.67 16.87 -59.17
CA GLY B 2233 -10.31 17.35 -59.29
C GLY B 2233 -9.96 18.18 -58.09
N GLY B 2234 -9.57 19.43 -58.34
CA GLY B 2234 -9.31 20.37 -57.27
C GLY B 2234 -9.90 21.72 -57.60
N TYR B 2235 -10.93 21.72 -58.43
CA TYR B 2235 -11.47 22.97 -58.94
C TYR B 2235 -12.49 23.61 -58.02
N GLU B 2236 -13.57 22.94 -57.77
CA GLU B 2236 -14.58 23.57 -56.93
C GLU B 2236 -15.60 22.53 -56.54
N PRO B 2237 -16.08 22.54 -55.34
CA PRO B 2237 -17.17 21.62 -55.01
C PRO B 2237 -18.33 21.83 -55.95
N LEU B 2238 -18.61 20.86 -56.80
CA LEU B 2238 -19.76 21.01 -57.67
C LEU B 2238 -21.04 20.99 -56.87
N PHE B 2239 -21.04 20.33 -55.73
CA PHE B 2239 -22.28 20.25 -54.98
C PHE B 2239 -21.96 20.17 -53.51
N THR B 2240 -22.79 20.81 -52.68
CA THR B 2240 -22.59 20.73 -51.25
C THR B 2240 -23.91 20.96 -50.54
N MET B 2241 -24.31 20.01 -49.71
CA MET B 2241 -25.58 20.09 -49.02
C MET B 2241 -25.42 19.62 -47.60
N SER B 2242 -26.06 20.32 -46.68
CA SER B 2242 -26.01 19.96 -45.27
C SER B 2242 -27.43 19.96 -44.74
N ALA B 2243 -27.80 18.88 -44.05
CA ALA B 2243 -29.12 18.75 -43.46
C ALA B 2243 -28.94 18.50 -41.98
N GLN B 2244 -29.65 19.27 -41.14
CA GLN B 2244 -29.49 19.09 -39.70
C GLN B 2244 -30.76 18.72 -38.94
N GLN B 2245 -31.73 19.61 -38.78
CA GLN B 2245 -32.77 19.19 -37.85
C GLN B 2245 -33.93 18.44 -38.49
N PRO B 2246 -34.56 18.96 -39.52
CA PRO B 2246 -35.81 18.35 -39.97
C PRO B 2246 -35.56 17.26 -41.01
N SER B 2247 -34.40 17.29 -41.63
CA SER B 2247 -34.06 16.32 -42.66
C SER B 2247 -33.32 15.12 -42.12
N ILE B 2248 -33.06 15.08 -40.83
CA ILE B 2248 -32.49 13.91 -40.17
C ILE B 2248 -33.67 13.22 -39.49
N VAL B 2249 -34.19 12.17 -40.11
CA VAL B 2249 -35.36 11.46 -39.61
C VAL B 2249 -34.87 10.23 -38.85
N PRO B 2250 -35.06 10.15 -37.53
CA PRO B 2250 -34.72 8.94 -36.81
C PRO B 2250 -35.63 7.79 -37.20
N PHE B 2251 -35.08 6.58 -37.16
CA PHE B 2251 -35.86 5.41 -37.51
C PHE B 2251 -36.98 5.17 -36.52
N THR B 2252 -38.18 4.97 -37.04
CA THR B 2252 -39.29 4.47 -36.27
C THR B 2252 -39.18 2.95 -36.18
N PRO B 2253 -39.78 2.33 -35.17
CA PRO B 2253 -39.74 0.87 -35.09
C PRO B 2253 -40.30 0.20 -36.32
N GLN B 2254 -41.35 0.78 -36.91
CA GLN B 2254 -41.91 0.19 -38.11
C GLN B 2254 -40.91 0.23 -39.25
N ALA B 2255 -40.19 1.35 -39.40
CA ALA B 2255 -39.16 1.44 -40.42
C ALA B 2255 -38.05 0.44 -40.16
N TYR B 2256 -37.67 0.27 -38.88
CA TYR B 2256 -36.65 -0.70 -38.55
C TYR B 2256 -37.10 -2.09 -38.95
N GLU B 2257 -38.37 -2.39 -38.72
CA GLU B 2257 -38.91 -3.67 -39.13
C GLU B 2257 -38.84 -3.83 -40.65
N GLU B 2258 -39.16 -2.77 -41.38
CA GLU B 2258 -39.09 -2.84 -42.83
C GLU B 2258 -37.67 -3.12 -43.28
N LEU B 2259 -36.71 -2.45 -42.65
CA LEU B 2259 -35.32 -2.68 -43.01
C LEU B 2259 -34.90 -4.11 -42.73
N SER B 2260 -35.31 -4.65 -41.59
CA SER B 2260 -34.94 -6.02 -41.28
C SER B 2260 -35.55 -6.99 -42.28
N GLN B 2261 -36.81 -6.75 -42.65
CA GLN B 2261 -37.46 -7.63 -43.62
C GLN B 2261 -36.74 -7.57 -44.95
N GLN B 2262 -36.28 -6.38 -45.34
CA GLN B 2262 -35.61 -6.26 -46.63
C GLN B 2262 -34.30 -7.03 -46.63
N PHE B 2263 -33.56 -7.00 -45.52
CA PHE B 2263 -32.29 -7.68 -45.42
C PHE B 2263 -32.39 -8.93 -44.55
N ASP B 2264 -33.51 -9.62 -44.61
CA ASP B 2264 -33.71 -10.77 -43.75
C ASP B 2264 -33.00 -12.03 -44.26
N PRO B 2265 -33.03 -12.34 -45.56
CA PRO B 2265 -32.30 -13.54 -46.02
C PRO B 2265 -30.83 -13.55 -45.67
N TYR B 2266 -30.16 -12.42 -45.74
CA TYR B 2266 -28.72 -12.41 -45.55
C TYR B 2266 -28.38 -12.58 -44.07
N PRO B 2267 -27.49 -13.49 -43.73
CA PRO B 2267 -27.12 -13.67 -42.31
C PRO B 2267 -26.27 -12.55 -41.72
N LEU B 2268 -25.21 -12.14 -42.40
CA LEU B 2268 -24.33 -11.11 -41.85
C LEU B 2268 -25.08 -9.80 -41.71
N ALA B 2269 -25.83 -9.43 -42.73
CA ALA B 2269 -26.61 -8.20 -42.66
C ALA B 2269 -27.61 -8.27 -41.52
N MET B 2270 -28.28 -9.41 -41.37
CA MET B 2270 -29.27 -9.53 -40.32
C MET B 2270 -28.65 -9.39 -38.94
N GLN B 2271 -27.50 -10.03 -38.70
CA GLN B 2271 -26.89 -9.86 -37.39
C GLN B 2271 -26.48 -8.41 -37.17
N PHE B 2272 -25.94 -7.76 -38.20
CA PHE B 2272 -25.52 -6.37 -38.04
C PHE B 2272 -26.69 -5.47 -37.68
N ILE B 2273 -27.80 -5.58 -38.42
CA ILE B 2273 -28.94 -4.74 -38.12
C ILE B 2273 -29.51 -5.06 -36.76
N SER B 2274 -29.54 -6.35 -36.40
CA SER B 2274 -30.05 -6.72 -35.09
C SER B 2274 -29.22 -6.07 -34.00
N GLN B 2275 -27.93 -5.88 -34.24
CA GLN B 2275 -27.07 -5.28 -33.23
C GLN B 2275 -27.54 -3.88 -32.81
N TYR B 2276 -28.13 -3.11 -33.72
CA TYR B 2276 -28.51 -1.72 -33.44
C TYR B 2276 -29.98 -1.56 -33.05
N SER B 2277 -30.22 -0.67 -32.09
CA SER B 2277 -31.55 -0.29 -31.67
C SER B 2277 -32.26 0.51 -32.75
N PRO B 2278 -33.59 0.43 -32.85
CA PRO B 2278 -34.30 1.21 -33.85
C PRO B 2278 -34.16 2.71 -33.70
N GLU B 2279 -34.02 3.22 -32.48
CA GLU B 2279 -33.89 4.66 -32.29
C GLU B 2279 -32.44 5.12 -32.35
N ASP B 2280 -31.60 4.33 -32.98
CA ASP B 2280 -30.17 4.59 -33.05
C ASP B 2280 -29.70 4.73 -34.48
N ILE B 2281 -30.59 4.59 -35.44
CA ILE B 2281 -30.26 4.68 -36.85
C ILE B 2281 -31.09 5.80 -37.45
N VAL B 2282 -30.47 6.62 -38.30
CA VAL B 2282 -31.18 7.78 -38.84
C VAL B 2282 -31.03 7.85 -40.33
N THR B 2283 -32.07 8.35 -40.98
CA THR B 2283 -32.06 8.54 -42.42
C THR B 2283 -31.87 10.01 -42.71
N ALA B 2284 -30.86 10.34 -43.50
CA ALA B 2284 -30.56 11.72 -43.85
C ALA B 2284 -31.15 11.99 -45.22
N GLN B 2285 -32.19 12.81 -45.26
CA GLN B 2285 -32.86 13.13 -46.52
C GLN B 2285 -32.18 14.32 -47.20
N ILE B 2286 -30.95 14.09 -47.67
CA ILE B 2286 -30.21 15.19 -48.26
C ILE B 2286 -30.85 15.58 -49.57
N GLU B 2287 -31.09 16.88 -49.75
CA GLU B 2287 -31.76 17.38 -50.93
C GLU B 2287 -30.82 17.31 -52.13
N GLY B 2288 -31.39 17.05 -53.29
CA GLY B 2288 -30.54 17.00 -54.46
C GLY B 2288 -30.47 18.31 -55.16
N SER B 2289 -31.60 18.90 -55.50
CA SER B 2289 -31.62 20.08 -56.34
C SER B 2289 -31.50 21.38 -55.56
N SER B 2290 -31.67 21.34 -54.26
CA SER B 2290 -31.72 22.58 -53.50
C SER B 2290 -30.34 23.11 -53.15
N GLY B 2291 -29.48 23.27 -54.16
CA GLY B 2291 -28.13 23.75 -53.96
C GLY B 2291 -28.00 25.25 -54.16
N ALA B 2292 -26.77 25.72 -54.05
CA ALA B 2292 -26.43 27.12 -54.22
C ALA B 2292 -25.70 27.34 -55.54
N LEU B 2293 -25.53 28.59 -55.91
CA LEU B 2293 -24.90 28.91 -57.18
C LEU B 2293 -23.50 28.36 -57.23
N TRP B 2294 -23.12 27.82 -58.36
CA TRP B 2294 -21.76 27.34 -58.55
C TRP B 2294 -20.90 28.56 -58.80
N ARG B 2295 -19.93 28.80 -57.94
CA ARG B 2295 -19.05 29.96 -58.04
C ARG B 2295 -17.68 29.48 -58.45
N ILE B 2296 -17.27 29.83 -59.66
CA ILE B 2296 -15.95 29.46 -60.10
C ILE B 2296 -15.46 30.56 -61.01
N SER B 2297 -14.20 30.91 -60.87
CA SER B 2297 -13.68 31.96 -61.71
C SER B 2297 -13.70 31.50 -63.16
N PRO B 2298 -13.97 32.38 -64.11
CA PRO B 2298 -14.04 31.98 -65.49
C PRO B 2298 -12.77 31.32 -65.98
N PRO B 2299 -11.58 31.80 -65.61
CA PRO B 2299 -10.38 31.06 -66.01
C PRO B 2299 -10.34 29.65 -65.47
N SER B 2300 -10.77 29.44 -64.24
CA SER B 2300 -10.70 28.09 -63.71
C SER B 2300 -11.76 27.20 -64.33
N ARG B 2301 -12.92 27.74 -64.68
CA ARG B 2301 -13.89 26.91 -65.38
C ARG B 2301 -13.42 26.57 -66.78
N ALA B 2302 -12.82 27.53 -67.48
CA ALA B 2302 -12.31 27.22 -68.81
C ALA B 2302 -11.23 26.16 -68.73
N GLN B 2303 -10.35 26.27 -67.75
CA GLN B 2303 -9.34 25.25 -67.57
C GLN B 2303 -9.96 23.90 -67.22
N MET B 2304 -11.02 23.89 -66.41
CA MET B 2304 -11.74 22.65 -66.16
C MET B 2304 -12.20 22.02 -67.46
N LYS B 2305 -12.88 22.79 -68.30
CA LYS B 2305 -13.40 22.20 -69.52
C LYS B 2305 -12.29 21.72 -70.42
N GLN B 2306 -11.23 22.51 -70.57
CA GLN B 2306 -10.14 22.12 -71.44
C GLN B 2306 -9.42 20.87 -70.93
N GLU B 2307 -9.15 20.81 -69.63
CA GLU B 2307 -8.49 19.62 -69.09
C GLU B 2307 -9.40 18.42 -69.14
N LEU B 2308 -10.70 18.65 -69.05
CA LEU B 2308 -11.63 17.54 -69.10
C LEU B 2308 -11.72 16.99 -70.52
N TYR B 2309 -11.53 17.84 -71.53
CA TYR B 2309 -11.51 17.34 -72.90
C TYR B 2309 -10.17 16.73 -73.27
N ASN B 2310 -9.12 17.53 -73.27
CA ASN B 2310 -7.82 17.13 -73.80
C ASN B 2310 -6.86 16.72 -72.71
N GLY B 2311 -7.36 16.10 -71.66
CA GLY B 2311 -6.50 15.69 -70.59
C GLY B 2311 -5.84 14.35 -70.86
N THR B 2312 -4.65 14.19 -70.31
CA THR B 2312 -3.93 12.92 -70.39
C THR B 2312 -3.95 12.15 -69.09
N ALA B 2313 -3.72 12.82 -67.97
CA ALA B 2313 -3.77 12.17 -66.68
C ALA B 2313 -5.21 11.97 -66.25
N ASP B 2314 -5.48 10.85 -65.59
CA ASP B 2314 -6.82 10.59 -65.08
C ASP B 2314 -7.19 11.65 -64.05
N ILE B 2315 -8.46 12.03 -64.04
CA ILE B 2315 -8.95 13.08 -63.16
C ILE B 2315 -9.77 12.43 -62.06
N THR B 2316 -9.59 12.89 -60.83
CA THR B 2316 -10.30 12.29 -59.72
C THR B 2316 -11.63 12.97 -59.51
N LEU B 2317 -12.53 12.28 -58.85
CA LEU B 2317 -13.84 12.84 -58.51
C LEU B 2317 -14.25 12.24 -57.19
N ARG B 2318 -14.36 13.05 -56.15
CA ARG B 2318 -14.58 12.50 -54.83
C ARG B 2318 -15.91 12.96 -54.28
N PHE B 2319 -16.49 12.10 -53.46
CA PHE B 2319 -17.78 12.33 -52.84
C PHE B 2319 -17.58 12.15 -51.35
N THR B 2320 -17.66 13.23 -50.58
CA THR B 2320 -17.26 13.19 -49.19
C THR B 2320 -18.44 13.43 -48.28
N TRP B 2321 -18.60 12.60 -47.27
CA TRP B 2321 -19.63 12.79 -46.26
C TRP B 2321 -18.99 13.13 -44.93
N ASN B 2322 -19.69 13.93 -44.13
CA ASN B 2322 -19.17 14.39 -42.86
C ASN B 2322 -20.30 14.60 -41.89
N PHE B 2323 -20.33 13.82 -40.81
CA PHE B 2323 -21.37 13.89 -39.80
C PHE B 2323 -20.88 14.62 -38.57
N GLN B 2324 -21.63 15.61 -38.13
CA GLN B 2324 -21.37 16.30 -36.88
C GLN B 2324 -22.36 15.83 -35.84
N ARG B 2325 -21.84 15.37 -34.71
CA ARG B 2325 -22.66 14.82 -33.64
C ARG B 2325 -22.51 15.70 -32.41
N ASP B 2326 -23.56 15.73 -31.60
CA ASP B 2326 -23.57 16.59 -30.43
C ASP B 2326 -22.47 16.19 -29.47
N LEU B 2327 -21.75 17.18 -28.98
CA LEU B 2327 -20.65 16.90 -28.07
C LEU B 2327 -21.08 16.92 -26.62
N ALA B 2328 -22.30 17.34 -26.32
CA ALA B 2328 -22.76 17.37 -24.94
C ALA B 2328 -23.12 16.00 -24.41
N LYS B 2329 -23.26 14.99 -25.26
CA LYS B 2329 -23.60 13.65 -24.84
C LYS B 2329 -22.38 12.80 -24.53
N GLY B 2330 -21.27 13.41 -24.18
CA GLY B 2330 -20.08 12.63 -23.99
C GLY B 2330 -19.43 12.32 -25.32
N GLY B 2331 -18.39 11.52 -25.26
CA GLY B 2331 -17.66 11.20 -26.46
C GLY B 2331 -16.64 12.27 -26.74
N THR B 2332 -15.53 11.91 -27.38
CA THR B 2332 -14.45 12.84 -27.61
C THR B 2332 -14.48 13.42 -29.02
N VAL B 2333 -14.44 12.57 -30.05
CA VAL B 2333 -14.42 13.07 -31.41
C VAL B 2333 -15.80 13.60 -31.76
N GLU B 2334 -15.83 14.75 -32.41
CA GLU B 2334 -17.07 15.47 -32.67
C GLU B 2334 -17.45 15.51 -34.12
N TYR B 2335 -16.55 15.17 -35.04
CA TYR B 2335 -16.82 15.06 -36.46
C TYR B 2335 -16.38 13.69 -36.94
N THR B 2336 -17.19 13.05 -37.78
CA THR B 2336 -16.83 11.76 -38.38
C THR B 2336 -17.02 11.85 -39.88
N ASN B 2337 -15.93 11.77 -40.62
CA ASN B 2337 -15.98 12.05 -42.05
C ASN B 2337 -15.24 11.00 -42.84
N GLU B 2338 -15.65 10.82 -44.08
CA GLU B 2338 -14.96 9.89 -44.96
C GLU B 2338 -15.33 10.18 -46.40
N LYS B 2339 -14.45 9.84 -47.32
CA LYS B 2339 -14.64 10.16 -48.72
C LYS B 2339 -14.59 8.90 -49.57
N HIS B 2340 -15.35 8.90 -50.65
CA HIS B 2340 -15.28 7.86 -51.66
C HIS B 2340 -14.73 8.48 -52.92
N THR B 2341 -13.61 7.95 -53.41
CA THR B 2341 -12.89 8.52 -54.52
C THR B 2341 -13.13 7.68 -55.75
N LEU B 2342 -13.46 8.30 -56.86
CA LEU B 2342 -13.68 7.60 -58.10
C LEU B 2342 -12.78 8.20 -59.16
N GLU B 2343 -12.07 7.36 -59.89
CA GLU B 2343 -11.15 7.84 -60.89
C GLU B 2343 -11.84 7.96 -62.23
N LEU B 2344 -11.30 8.81 -63.10
CA LEU B 2344 -11.81 8.97 -64.44
C LEU B 2344 -10.62 8.87 -65.38
N ALA B 2345 -10.52 7.76 -66.10
CA ALA B 2345 -9.44 7.59 -67.05
C ALA B 2345 -9.66 8.51 -68.25
N PRO B 2346 -8.58 8.95 -68.88
CA PRO B 2346 -8.72 9.87 -70.02
C PRO B 2346 -9.54 9.26 -71.13
N ASN B 2347 -10.34 10.10 -71.76
CA ASN B 2347 -11.17 9.77 -72.92
C ASN B 2347 -12.17 8.67 -72.63
N SER B 2348 -12.39 8.34 -71.36
CA SER B 2348 -13.44 7.39 -71.05
C SER B 2348 -14.78 8.05 -71.32
N THR B 2349 -15.84 7.25 -71.28
CA THR B 2349 -17.15 7.80 -71.65
C THR B 2349 -17.62 8.85 -70.67
N ALA B 2350 -17.34 8.67 -69.38
CA ALA B 2350 -17.84 9.63 -68.41
C ALA B 2350 -17.13 10.97 -68.53
N ARG B 2351 -15.81 10.96 -68.69
CA ARG B 2351 -15.10 12.23 -68.78
C ARG B 2351 -15.51 12.99 -70.02
N ARG B 2352 -15.63 12.30 -71.15
CA ARG B 2352 -16.09 12.98 -72.35
C ARG B 2352 -17.51 13.48 -72.17
N GLN B 2353 -18.33 12.72 -71.45
CA GLN B 2353 -19.70 13.17 -71.22
C GLN B 2353 -19.73 14.44 -70.39
N LEU B 2354 -18.89 14.54 -69.36
CA LEU B 2354 -18.85 15.78 -68.58
C LEU B 2354 -18.34 16.94 -69.41
N ALA B 2355 -17.33 16.71 -70.23
CA ALA B 2355 -16.86 17.80 -71.05
C ALA B 2355 -17.96 18.28 -71.97
N GLN B 2356 -18.80 17.36 -72.44
CA GLN B 2356 -19.97 17.79 -73.20
C GLN B 2356 -20.97 18.52 -72.33
N LEU B 2357 -21.09 18.10 -71.07
CA LEU B 2357 -22.08 18.69 -70.18
C LEU B 2357 -21.81 20.17 -69.94
N LEU B 2358 -20.55 20.51 -69.76
CA LEU B 2358 -20.22 21.92 -69.51
C LEU B 2358 -20.45 22.80 -70.74
N GLU B 2359 -20.76 22.23 -71.90
CA GLU B 2359 -20.86 23.03 -73.11
C GLU B 2359 -22.08 23.93 -73.12
N GLY B 2360 -23.04 23.72 -72.23
CA GLY B 2360 -24.24 24.52 -72.23
C GLY B 2360 -25.45 23.87 -72.85
N ARG B 2361 -25.46 22.55 -72.95
CA ARG B 2361 -26.62 21.86 -73.49
C ARG B 2361 -27.81 22.07 -72.57
N PRO B 2362 -29.00 22.18 -73.10
CA PRO B 2362 -30.17 22.40 -72.25
C PRO B 2362 -30.54 21.20 -71.40
N ASP B 2363 -30.59 19.99 -71.97
CA ASP B 2363 -31.08 18.86 -71.20
C ASP B 2363 -30.14 17.66 -71.24
N GLN B 2364 -28.86 17.90 -71.39
CA GLN B 2364 -27.89 16.82 -71.26
C GLN B 2364 -27.79 16.38 -69.81
N SER B 2365 -27.38 15.13 -69.60
CA SER B 2365 -27.22 14.61 -68.26
C SER B 2365 -26.09 13.60 -68.27
N VAL B 2366 -25.50 13.36 -67.11
CA VAL B 2366 -24.46 12.34 -67.01
C VAL B 2366 -24.83 11.42 -65.86
N VAL B 2367 -24.34 10.19 -65.92
CA VAL B 2367 -24.60 9.19 -64.90
C VAL B 2367 -23.26 8.61 -64.48
N ILE B 2368 -22.91 8.80 -63.21
CA ILE B 2368 -21.69 8.22 -62.65
C ILE B 2368 -22.09 6.96 -61.89
N PRO B 2369 -21.65 5.78 -62.31
CA PRO B 2369 -22.05 4.56 -61.63
C PRO B 2369 -21.34 4.40 -60.31
N HIS B 2370 -22.07 3.87 -59.32
CA HIS B 2370 -21.47 3.37 -58.10
C HIS B 2370 -20.69 4.45 -57.35
N LEU B 2371 -21.41 5.47 -56.91
CA LEU B 2371 -20.79 6.59 -56.24
C LEU B 2371 -21.40 6.94 -54.90
N PHE B 2372 -22.64 6.56 -54.62
CA PHE B 2372 -23.32 7.01 -53.42
C PHE B 2372 -23.56 5.85 -52.49
N PRO B 2373 -22.70 5.62 -51.50
CA PRO B 2373 -22.93 4.52 -50.56
C PRO B 2373 -24.12 4.80 -49.66
N LYS B 2374 -25.15 3.96 -49.77
CA LYS B 2374 -26.39 4.26 -49.09
C LYS B 2374 -26.31 4.02 -47.59
N TYR B 2375 -25.67 2.95 -47.16
CA TYR B 2375 -25.63 2.60 -45.75
C TYR B 2375 -24.25 2.93 -45.18
N ILE B 2376 -24.22 3.84 -44.20
CA ILE B 2376 -22.97 4.26 -43.60
C ILE B 2376 -23.02 4.01 -42.12
N ARG B 2377 -21.86 3.86 -41.52
CA ARG B 2377 -21.73 3.65 -40.09
C ARG B 2377 -20.89 4.76 -39.49
N ALA B 2378 -21.33 5.28 -38.35
CA ALA B 2378 -20.67 6.39 -37.68
C ALA B 2378 -20.20 5.96 -36.32
N PRO B 2379 -18.99 5.48 -36.20
CA PRO B 2379 -18.52 5.00 -34.90
C PRO B 2379 -18.11 6.14 -34.01
N ASN B 2380 -17.58 5.82 -32.85
CA ASN B 2380 -17.04 6.83 -31.95
C ASN B 2380 -15.65 7.27 -32.35
N GLY B 2381 -15.21 6.93 -33.55
CA GLY B 2381 -13.95 7.40 -34.08
C GLY B 2381 -14.18 8.17 -35.35
N PRO B 2382 -13.18 8.81 -35.86
CA PRO B 2382 -13.33 9.66 -37.03
C PRO B 2382 -13.25 8.90 -38.35
N GLU B 2383 -13.95 7.77 -38.44
CA GLU B 2383 -13.98 6.98 -39.67
C GLU B 2383 -15.40 6.53 -39.94
N ALA B 2384 -16.14 7.29 -40.72
CA ALA B 2384 -17.50 6.91 -41.10
C ALA B 2384 -17.46 6.01 -42.33
N ASN B 2385 -16.91 4.84 -42.14
CA ASN B 2385 -16.78 3.90 -43.25
C ASN B 2385 -18.15 3.39 -43.67
N PRO B 2386 -18.36 3.19 -44.97
CA PRO B 2386 -19.61 2.58 -45.42
C PRO B 2386 -19.70 1.19 -44.86
N VAL B 2387 -20.93 0.74 -44.55
CA VAL B 2387 -21.06 -0.58 -43.98
C VAL B 2387 -20.49 -1.57 -44.96
N LYS B 2388 -19.56 -2.39 -44.49
CA LYS B 2388 -18.92 -3.39 -45.34
C LYS B 2388 -19.87 -4.52 -45.64
N GLN B 2389 -20.79 -4.77 -44.72
CA GLN B 2389 -21.62 -5.96 -44.70
C GLN B 2389 -22.86 -5.79 -45.56
N LEU B 2390 -23.62 -4.72 -45.34
CA LEU B 2390 -24.83 -4.50 -46.11
C LEU B 2390 -24.53 -4.31 -47.59
N GLN B 2391 -23.28 -3.99 -47.92
CA GLN B 2391 -22.84 -3.81 -49.32
C GLN B 2391 -21.62 -4.68 -49.53
N PRO B 2392 -21.82 -5.99 -49.63
CA PRO B 2392 -20.68 -6.91 -49.72
C PRO B 2392 -19.76 -6.66 -50.90
N ASP B 2393 -20.32 -6.29 -52.05
CA ASP B 2393 -19.49 -6.06 -53.23
C ASP B 2393 -18.56 -4.88 -53.01
N GLU B 2394 -19.06 -3.85 -52.33
CA GLU B 2394 -18.27 -2.70 -51.89
C GLU B 2394 -17.93 -1.78 -53.06
N GLU B 2395 -18.22 -2.20 -54.25
CA GLU B 2395 -18.07 -1.33 -55.41
C GLU B 2395 -19.25 -1.39 -56.35
N GLU B 2396 -19.96 -2.50 -56.38
CA GLU B 2396 -21.12 -2.65 -57.24
C GLU B 2396 -22.39 -2.42 -56.46
N ASP B 2397 -22.31 -2.38 -55.14
CA ASP B 2397 -23.47 -2.09 -54.32
C ASP B 2397 -23.65 -0.61 -54.08
N TYR B 2398 -22.70 0.21 -54.48
CA TYR B 2398 -22.87 1.65 -54.38
C TYR B 2398 -23.86 2.11 -55.44
N LEU B 2399 -24.75 3.01 -55.04
CA LEU B 2399 -25.74 3.52 -55.98
C LEU B 2399 -25.10 4.42 -57.02
N GLY B 2400 -25.72 4.51 -58.18
CA GLY B 2400 -25.29 5.46 -59.18
C GLY B 2400 -25.92 6.81 -58.97
N VAL B 2401 -25.29 7.85 -59.51
CA VAL B 2401 -25.74 9.22 -59.32
C VAL B 2401 -25.84 9.91 -60.67
N ARG B 2402 -26.97 10.55 -60.93
CA ARG B 2402 -27.16 11.32 -62.16
C ARG B 2402 -26.85 12.78 -61.86
N ILE B 2403 -25.81 13.29 -62.48
CA ILE B 2403 -25.38 14.66 -62.31
C ILE B 2403 -25.89 15.48 -63.48
N GLN B 2404 -26.24 16.73 -63.21
CA GLN B 2404 -26.72 17.60 -64.25
C GLN B 2404 -26.36 19.04 -63.89
N LEU B 2405 -26.26 19.88 -64.91
CA LEU B 2405 -25.92 21.28 -64.74
C LEU B 2405 -27.05 22.15 -65.25
N ARG B 2406 -27.46 23.12 -64.46
CA ARG B 2406 -28.57 24.00 -64.80
C ARG B 2406 -28.04 25.39 -65.07
N ARG B 2407 -28.55 26.01 -66.12
CA ARG B 2407 -28.18 27.38 -66.49
C ARG B 2407 -29.34 28.32 -66.26
N GLU B 2408 -29.02 29.60 -66.16
CA GLU B 2408 -30.05 30.61 -66.00
C GLU B 2408 -29.50 31.90 -66.58
N GLN B 2409 -30.11 32.39 -67.64
CA GLN B 2409 -29.60 33.58 -68.31
C GLN B 2409 -29.72 34.79 -67.41
N VAL B 2410 -28.71 35.66 -67.45
CA VAL B 2410 -28.76 36.95 -66.78
C VAL B 2410 -28.24 38.00 -67.74
N GLY B 2411 -28.94 39.12 -67.83
CA GLY B 2411 -28.54 40.18 -68.72
C GLY B 2411 -29.69 40.64 -69.60
N GLY B 2420 -21.13 41.09 -74.27
CA GLY B 2420 -21.31 40.09 -73.23
C GLY B 2420 -20.56 38.79 -73.49
N THR B 2421 -19.72 38.41 -72.55
CA THR B 2421 -18.95 37.17 -72.65
C THR B 2421 -19.91 36.00 -72.70
N LYS B 2422 -19.57 34.97 -73.47
CA LYS B 2422 -20.51 33.87 -73.66
C LYS B 2422 -20.62 32.97 -72.43
N ALA B 2423 -19.55 32.31 -72.04
CA ALA B 2423 -19.68 31.34 -70.96
C ALA B 2423 -19.93 31.96 -69.60
N SER B 2424 -19.35 33.12 -69.32
CA SER B 2424 -19.58 33.78 -68.04
C SER B 2424 -20.86 34.58 -68.03
N ASP B 2425 -21.64 34.55 -69.10
CA ASP B 2425 -22.80 35.40 -69.19
C ASP B 2425 -23.93 34.99 -68.28
N PHE B 2426 -23.90 33.81 -67.68
CA PHE B 2426 -25.10 33.47 -66.91
C PHE B 2426 -24.88 32.38 -65.89
N LEU B 2427 -25.82 32.34 -64.95
CA LEU B 2427 -25.68 31.61 -63.70
C LEU B 2427 -25.65 30.11 -63.95
N GLU B 2428 -24.90 29.41 -63.14
CA GLU B 2428 -24.81 27.97 -63.24
C GLU B 2428 -24.99 27.37 -61.86
N TRP B 2429 -25.66 26.25 -61.79
CA TRP B 2429 -25.61 25.47 -60.55
C TRP B 2429 -25.73 24.00 -60.90
N TRP B 2430 -25.56 23.15 -59.91
CA TRP B 2430 -25.49 21.71 -60.17
C TRP B 2430 -26.60 21.01 -59.43
N VAL B 2431 -27.23 20.05 -60.09
CA VAL B 2431 -28.31 19.28 -59.50
C VAL B 2431 -27.97 17.81 -59.66
N ILE B 2432 -27.93 17.08 -58.55
CA ILE B 2432 -27.68 15.66 -58.63
C ILE B 2432 -28.89 14.93 -58.09
N GLU B 2433 -29.13 13.74 -58.61
CA GLU B 2433 -30.26 12.94 -58.19
C GLU B 2433 -29.86 11.47 -58.28
N LEU B 2434 -30.66 10.62 -57.66
CA LEU B 2434 -30.31 9.22 -57.61
C LEU B 2434 -30.55 8.57 -58.97
N GLN B 2435 -29.77 7.54 -59.26
CA GLN B 2435 -29.80 6.95 -60.60
C GLN B 2435 -31.18 6.39 -60.93
N ASP B 2436 -31.77 5.66 -60.00
CA ASP B 2436 -33.08 5.03 -60.20
C ASP B 2436 -34.08 5.67 -59.25
N CYS B 2437 -34.70 6.74 -59.71
CA CYS B 2437 -35.62 7.52 -58.90
C CYS B 2437 -36.99 7.57 -59.57
N LYS B 2438 -38.04 7.40 -58.77
CA LYS B 2438 -39.39 7.41 -59.30
C LYS B 2438 -40.19 8.65 -58.93
N ALA B 2439 -40.28 8.98 -57.66
CA ALA B 2439 -41.10 10.11 -57.24
C ALA B 2439 -40.40 11.03 -56.26
N ASP B 2440 -39.38 10.58 -55.55
CA ASP B 2440 -38.60 11.43 -54.66
C ASP B 2440 -37.32 11.85 -55.36
N CYS B 2441 -37.40 12.08 -56.67
CA CYS B 2441 -36.22 12.34 -57.45
C CYS B 2441 -35.42 13.51 -56.92
N ASN B 2442 -36.08 14.42 -56.21
CA ASN B 2442 -35.40 15.58 -55.63
C ASN B 2442 -34.91 15.30 -54.24
N LEU B 2443 -34.57 14.05 -53.94
CA LEU B 2443 -34.14 13.74 -52.59
C LEU B 2443 -33.29 12.49 -52.62
N LEU B 2444 -32.25 12.47 -51.82
CA LEU B 2444 -31.36 11.33 -51.72
C LEU B 2444 -31.35 10.83 -50.28
N PRO B 2445 -31.84 9.64 -49.98
CA PRO B 2445 -31.75 9.14 -48.62
C PRO B 2445 -30.38 8.55 -48.35
N MET B 2446 -30.03 8.50 -47.07
CA MET B 2446 -28.72 8.01 -46.66
C MET B 2446 -28.88 7.50 -45.24
N VAL B 2447 -28.91 6.18 -45.09
CA VAL B 2447 -29.16 5.57 -43.78
C VAL B 2447 -27.83 5.39 -43.08
N ILE B 2448 -27.74 5.88 -41.84
CA ILE B 2448 -26.50 5.82 -41.09
C ILE B 2448 -26.76 5.26 -39.70
N PHE B 2449 -25.91 4.31 -39.30
CA PHE B 2449 -25.97 3.64 -38.01
C PHE B 2449 -24.94 4.26 -37.09
N SER B 2450 -25.37 4.85 -35.99
CA SER B 2450 -24.47 5.49 -35.06
C SER B 2450 -24.34 4.66 -33.79
N ASP B 2451 -23.12 4.28 -33.43
CA ASP B 2451 -22.90 3.53 -32.21
C ASP B 2451 -23.14 4.41 -30.99
N LYS B 2452 -23.67 3.80 -29.94
CA LYS B 2452 -23.89 4.52 -28.69
C LYS B 2452 -22.57 4.92 -28.08
N VAL B 2453 -22.60 5.96 -27.27
CA VAL B 2453 -21.39 6.50 -26.68
C VAL B 2453 -21.59 6.64 -25.18
N SER B 2454 -20.51 6.47 -24.45
CA SER B 2454 -20.48 6.62 -23.00
C SER B 2454 -19.33 7.53 -22.62
N PRO B 2455 -19.40 8.20 -21.49
CA PRO B 2455 -18.33 9.09 -21.08
C PRO B 2455 -17.01 8.33 -20.98
N PRO B 2456 -15.91 8.97 -21.35
CA PRO B 2456 -14.63 8.27 -21.42
C PRO B 2456 -14.04 7.97 -20.06
N ALA B 2462 -12.66 4.62 -15.24
CA ALA B 2462 -13.96 4.03 -14.99
C ALA B 2462 -14.21 2.84 -15.91
N GLY B 2463 -14.19 1.64 -15.33
CA GLY B 2463 -14.44 0.44 -16.11
C GLY B 2463 -13.28 -0.02 -16.95
N TYR B 2464 -12.05 0.28 -16.56
CA TYR B 2464 -10.86 -0.13 -17.29
C TYR B 2464 -9.99 -0.98 -16.37
N GLY B 2465 -9.73 -2.22 -16.77
CA GLY B 2465 -8.98 -3.15 -15.95
C GLY B 2465 -9.64 -3.39 -14.61
N ILE B 2466 -10.94 -3.67 -14.64
CA ILE B 2466 -11.71 -3.82 -13.41
C ILE B 2466 -11.17 -4.98 -12.59
N VAL B 2467 -10.72 -6.04 -13.27
CA VAL B 2467 -10.12 -7.17 -12.58
C VAL B 2467 -8.92 -6.72 -11.76
N GLY B 2468 -8.20 -5.70 -12.23
CA GLY B 2468 -7.19 -5.09 -11.38
C GLY B 2468 -7.86 -4.69 -10.08
N LEU B 2469 -8.75 -3.69 -10.15
CA LEU B 2469 -9.47 -3.22 -8.98
C LEU B 2469 -9.84 -4.36 -8.04
N TYR B 2470 -10.46 -5.40 -8.59
CA TYR B 2470 -10.82 -6.59 -7.83
C TYR B 2470 -9.62 -7.19 -7.10
N VAL B 2471 -8.52 -7.40 -7.82
CA VAL B 2471 -7.41 -8.16 -7.23
C VAL B 2471 -6.75 -7.33 -6.15
N SER B 2472 -6.56 -6.04 -6.41
CA SER B 2472 -5.92 -5.22 -5.40
C SER B 2472 -6.82 -5.02 -4.19
N ILE B 2473 -8.12 -4.87 -4.38
CA ILE B 2473 -8.98 -4.71 -3.21
C ILE B 2473 -8.95 -5.97 -2.36
N VAL B 2474 -9.05 -7.15 -3.01
CA VAL B 2474 -9.06 -8.37 -2.22
C VAL B 2474 -7.73 -8.58 -1.53
N LEU B 2475 -6.62 -8.19 -2.16
CA LEU B 2475 -5.36 -8.38 -1.45
C LEU B 2475 -5.21 -7.38 -0.31
N VAL B 2476 -5.80 -6.19 -0.46
CA VAL B 2476 -5.88 -5.27 0.67
C VAL B 2476 -6.68 -5.90 1.81
N VAL B 2477 -7.76 -6.59 1.46
CA VAL B 2477 -8.53 -7.32 2.44
C VAL B 2477 -7.65 -8.33 3.15
N GLY B 2478 -6.84 -9.05 2.38
CA GLY B 2478 -5.89 -9.97 2.97
C GLY B 2478 -4.93 -9.27 3.92
N LYS B 2479 -4.47 -8.09 3.52
CA LYS B 2479 -3.54 -7.36 4.37
C LYS B 2479 -4.15 -7.04 5.71
N PHE B 2480 -5.36 -6.48 5.71
CA PHE B 2480 -6.03 -6.20 6.98
C PHE B 2480 -6.30 -7.47 7.78
N VAL B 2481 -6.78 -8.51 7.12
CA VAL B 2481 -7.21 -9.67 7.88
C VAL B 2481 -6.01 -10.32 8.53
N ARG B 2482 -4.94 -10.54 7.78
CA ARG B 2482 -3.72 -11.05 8.38
C ARG B 2482 -3.19 -10.08 9.40
N GLY B 2483 -3.47 -8.79 9.25
CA GLY B 2483 -2.99 -7.83 10.22
C GLY B 2483 -3.63 -8.06 11.57
N PHE B 2484 -4.90 -8.43 11.59
CA PHE B 2484 -5.55 -8.60 12.88
C PHE B 2484 -4.88 -9.70 13.70
N PHE B 2485 -4.31 -10.71 13.04
CA PHE B 2485 -3.84 -11.86 13.79
C PHE B 2485 -2.49 -12.43 13.39
N SER B 2486 -1.77 -11.82 12.45
CA SER B 2486 -0.68 -12.51 11.75
C SER B 2486 0.19 -13.32 12.69
N GLU B 2487 0.78 -12.66 13.67
CA GLU B 2487 1.64 -13.33 14.64
C GLU B 2487 1.23 -12.96 16.05
N ILE B 2488 -0.04 -12.64 16.25
CA ILE B 2488 -0.45 -12.12 17.55
C ILE B 2488 -0.40 -13.23 18.57
N SER B 2489 -0.56 -14.47 18.12
CA SER B 2489 -0.37 -15.59 19.03
C SER B 2489 1.04 -15.58 19.58
N HIS B 2490 1.97 -14.96 18.87
CA HIS B 2490 3.27 -14.71 19.47
C HIS B 2490 3.14 -13.71 20.61
N SER B 2491 2.26 -12.71 20.46
CA SER B 2491 2.08 -11.69 21.49
C SER B 2491 1.12 -12.18 22.57
N ILE B 2492 1.49 -13.30 23.15
CA ILE B 2492 0.77 -13.99 24.21
C ILE B 2492 1.57 -14.11 25.49
N MET B 2493 2.75 -13.52 25.54
CA MET B 2493 3.58 -13.61 26.77
C MET B 2493 3.50 -12.31 27.59
N PHE B 2494 2.64 -11.37 27.22
CA PHE B 2494 2.56 -10.12 27.95
C PHE B 2494 1.23 -9.85 28.64
N GLU B 2495 0.21 -10.68 28.40
CA GLU B 2495 -1.13 -10.39 28.89
C GLU B 2495 -1.57 -11.24 30.08
N GLU B 2496 -0.67 -12.06 30.61
CA GLU B 2496 -0.96 -13.00 31.68
C GLU B 2496 -0.72 -12.48 33.08
N LEU B 2497 -0.21 -11.27 33.25
CA LEU B 2497 0.11 -10.82 34.60
C LEU B 2497 -1.13 -10.68 35.47
N PRO B 2498 -1.06 -11.13 36.73
CA PRO B 2498 -2.19 -10.93 37.64
C PRO B 2498 -2.31 -9.49 38.06
N CYS B 2499 -1.17 -8.83 38.26
CA CYS B 2499 -1.14 -7.44 38.68
C CYS B 2499 0.17 -6.87 38.19
N VAL B 2500 0.08 -5.85 37.33
CA VAL B 2500 1.24 -5.14 36.83
C VAL B 2500 1.46 -3.95 37.74
N ASP B 2501 0.81 -3.99 38.91
CA ASP B 2501 0.76 -2.86 39.83
C ASP B 2501 2.14 -2.39 40.23
N ARG B 2502 3.00 -3.29 40.67
CA ARG B 2502 4.32 -2.88 41.09
C ARG B 2502 5.09 -2.32 39.92
N ILE B 2503 4.86 -2.86 38.73
CA ILE B 2503 5.48 -2.29 37.54
C ILE B 2503 5.02 -0.85 37.37
N LEU B 2504 3.73 -0.59 37.55
CA LEU B 2504 3.28 0.80 37.54
C LEU B 2504 4.07 1.62 38.54
N LYS B 2505 4.12 1.18 39.79
CA LYS B 2505 4.71 2.06 40.79
C LYS B 2505 6.16 2.34 40.44
N LEU B 2506 6.90 1.32 40.00
CA LEU B 2506 8.30 1.56 39.65
C LEU B 2506 8.46 2.43 38.41
N CYS B 2507 7.56 2.30 37.43
CA CYS B 2507 7.69 3.11 36.23
C CYS B 2507 7.37 4.58 36.51
N GLN B 2508 6.31 4.83 37.27
CA GLN B 2508 6.16 6.20 37.73
C GLN B 2508 7.28 6.59 38.68
N ASP B 2509 7.98 5.64 39.30
CA ASP B 2509 9.11 6.01 40.13
C ASP B 2509 10.26 6.51 39.26
N ILE B 2510 10.46 5.88 38.11
CA ILE B 2510 11.50 6.36 37.22
C ILE B 2510 11.12 7.73 36.70
N PHE B 2511 9.84 7.94 36.46
CA PHE B 2511 9.40 9.27 36.11
C PHE B 2511 9.68 10.25 37.26
N LEU B 2512 9.39 9.83 38.49
CA LEU B 2512 9.63 10.68 39.66
C LEU B 2512 11.08 11.11 39.74
N VAL B 2513 11.99 10.15 39.69
CA VAL B 2513 13.40 10.49 39.75
C VAL B 2513 13.74 11.34 38.55
N ARG B 2514 12.97 11.21 37.47
CA ARG B 2514 13.21 12.05 36.30
C ARG B 2514 13.03 13.52 36.66
N GLU B 2515 11.89 13.89 37.26
CA GLU B 2515 11.79 15.31 37.59
C GLU B 2515 12.75 15.67 38.71
N THR B 2516 12.87 14.80 39.71
CA THR B 2516 13.82 15.08 40.77
C THR B 2516 15.26 14.96 40.30
N ARG B 2517 15.47 14.41 39.09
CA ARG B 2517 16.74 14.47 38.37
C ARG B 2517 17.91 14.05 39.23
N GLU B 2518 17.89 12.78 39.64
CA GLU B 2518 19.01 12.12 40.28
C GLU B 2518 19.72 11.22 39.30
N LEU B 2519 21.01 10.99 39.55
CA LEU B 2519 21.91 10.54 38.49
C LEU B 2519 21.73 9.05 38.20
N GLU B 2520 22.07 8.19 39.16
CA GLU B 2520 22.17 6.78 38.89
C GLU B 2520 20.85 6.06 39.01
N LEU B 2521 19.93 6.63 39.79
CA LEU B 2521 18.66 5.98 40.04
C LEU B 2521 17.94 5.73 38.73
N GLU B 2522 18.07 6.66 37.79
CA GLU B 2522 17.38 6.54 36.52
C GLU B 2522 17.77 5.27 35.79
N GLU B 2523 19.04 5.16 35.43
CA GLU B 2523 19.48 4.00 34.67
C GLU B 2523 19.33 2.74 35.50
N GLU B 2524 19.44 2.89 36.82
CA GLU B 2524 19.19 1.79 37.73
C GLU B 2524 17.79 1.22 37.54
N LEU B 2525 16.79 2.09 37.55
CA LEU B 2525 15.42 1.61 37.47
C LEU B 2525 15.05 1.18 36.07
N TYR B 2526 15.70 1.77 35.07
CA TYR B 2526 15.48 1.28 33.71
C TYR B 2526 16.03 -0.12 33.56
N ALA B 2527 17.22 -0.37 34.09
CA ALA B 2527 17.77 -1.71 34.04
C ALA B 2527 16.92 -2.70 34.82
N LYS B 2528 16.44 -2.33 36.02
CA LYS B 2528 15.54 -3.24 36.71
C LYS B 2528 14.33 -3.60 35.87
N LEU B 2529 13.63 -2.60 35.33
CA LEU B 2529 12.46 -2.92 34.53
C LEU B 2529 12.83 -3.83 33.37
N ILE B 2530 13.98 -3.58 32.74
CA ILE B 2530 14.40 -4.42 31.63
C ILE B 2530 14.61 -5.86 32.10
N PHE B 2531 15.26 -6.05 33.25
CA PHE B 2531 15.41 -7.40 33.77
C PHE B 2531 14.07 -8.02 34.08
N LEU B 2532 13.13 -7.22 34.58
CA LEU B 2532 11.83 -7.80 34.87
C LEU B 2532 11.26 -8.39 33.59
N TYR B 2533 11.42 -7.67 32.48
CA TYR B 2533 10.93 -8.17 31.19
C TYR B 2533 11.63 -9.46 30.78
N ARG B 2534 12.93 -9.58 31.05
CA ARG B 2534 13.67 -10.70 30.47
C ARG B 2534 13.11 -12.05 30.89
N SER B 2535 12.78 -12.22 32.16
CA SER B 2535 12.37 -13.54 32.60
C SER B 2535 10.87 -13.62 32.79
N PRO B 2536 10.18 -14.48 32.04
CA PRO B 2536 8.76 -14.68 32.34
C PRO B 2536 8.61 -15.24 33.72
N GLU B 2537 9.47 -16.21 34.04
CA GLU B 2537 9.55 -16.72 35.40
C GLU B 2537 9.58 -15.55 36.37
N THR B 2538 10.33 -14.51 36.05
CA THR B 2538 10.34 -13.32 36.88
C THR B 2538 9.10 -12.48 36.69
N MET B 2539 8.51 -12.40 35.48
CA MET B 2539 7.24 -11.70 35.42
C MET B 2539 6.21 -12.33 36.34
N ILE B 2540 6.37 -13.60 36.68
CA ILE B 2540 5.36 -14.30 37.45
C ILE B 2540 5.80 -14.58 38.88
N LYS B 2541 7.06 -14.30 39.23
CA LYS B 2541 7.53 -14.65 40.56
C LYS B 2541 6.68 -13.99 41.63
N TRP B 2542 6.74 -12.67 41.76
CA TRP B 2542 5.95 -12.00 42.79
C TRP B 2542 4.62 -11.45 42.29
N THR B 2543 4.39 -11.45 40.97
CA THR B 2543 3.12 -10.94 40.46
C THR B 2543 1.94 -11.85 40.82
N ARG B 2544 2.21 -13.06 41.29
CA ARG B 2544 1.15 -13.89 41.85
C ARG B 2544 0.37 -13.09 42.88
N GLU B 2545 -0.95 -13.15 42.79
CA GLU B 2545 -1.77 -12.22 43.53
C GLU B 2545 -1.59 -12.40 45.03
N ARG B 2546 -1.78 -11.30 45.76
CA ARG B 2546 -1.69 -11.35 47.22
C ARG B 2546 -2.72 -12.33 47.76
N GLU B 2547 -2.26 -13.22 48.64
CA GLU B 2547 -3.12 -14.26 49.15
C GLU B 2547 -4.05 -13.71 50.24
N GLU C 576 76.70 59.47 30.84
CA GLU C 576 75.40 58.90 30.51
C GLU C 576 75.43 58.28 29.13
N LEU C 577 74.30 57.70 28.73
CA LEU C 577 74.22 57.10 27.40
C LEU C 577 74.43 58.15 26.32
N VAL C 578 73.80 59.32 26.49
CA VAL C 578 74.01 60.40 25.54
C VAL C 578 75.46 60.84 25.56
N THR C 579 76.04 60.94 26.75
CA THR C 579 77.45 61.33 26.86
C THR C 579 78.36 60.30 26.20
N GLY C 580 78.09 59.01 26.42
CA GLY C 580 78.90 57.99 25.78
C GLY C 580 78.80 58.03 24.27
N ILE C 581 77.59 58.25 23.75
CA ILE C 581 77.40 58.34 22.32
C ILE C 581 78.15 59.54 21.76
N TYR C 582 78.09 60.67 22.45
CA TYR C 582 78.80 61.86 21.99
C TYR C 582 80.31 61.61 21.98
N VAL C 583 80.82 60.94 23.02
CA VAL C 583 82.25 60.65 23.06
C VAL C 583 82.62 59.75 21.88
N LYS C 584 81.79 58.75 21.61
CA LYS C 584 82.01 57.86 20.48
C LYS C 584 81.75 58.53 19.15
N TYR C 585 81.12 59.71 19.14
CA TYR C 585 80.81 60.41 17.89
C TYR C 585 81.98 61.30 17.48
N TRP C 586 83.07 60.64 17.08
CA TRP C 586 84.28 61.35 16.66
C TRP C 586 84.47 61.33 15.15
N ILE C 587 84.30 60.17 14.52
CA ILE C 587 84.47 60.04 13.07
C ILE C 587 83.43 60.85 12.32
N TYR C 588 82.31 61.18 12.97
CA TYR C 588 81.25 61.93 12.32
C TYR C 588 81.74 63.29 11.81
N VAL C 589 82.61 63.95 12.57
CA VAL C 589 83.15 65.24 12.13
C VAL C 589 83.95 65.07 10.84
N CYS C 590 84.78 64.04 10.77
CA CYS C 590 85.55 63.80 9.56
C CYS C 590 84.62 63.49 8.38
N ALA C 591 83.59 62.69 8.64
CA ALA C 591 82.65 62.37 7.57
C ALA C 591 81.92 63.62 7.07
N GLY C 592 81.54 64.49 7.99
CA GLY C 592 80.91 65.74 7.60
C GLY C 592 81.84 66.61 6.78
N MET C 593 83.12 66.65 7.17
CA MET C 593 84.09 67.44 6.40
C MET C 593 84.22 66.88 5.00
N PHE C 594 84.28 65.55 4.86
CA PHE C 594 84.36 64.95 3.55
C PHE C 594 83.11 65.26 2.72
N ILE C 595 81.94 65.19 3.36
CA ILE C 595 80.69 65.47 2.66
C ILE C 595 80.68 66.90 2.16
N VAL C 596 81.14 67.84 2.99
CA VAL C 596 81.21 69.23 2.56
C VAL C 596 82.16 69.36 1.39
N VAL C 597 83.29 68.64 1.46
CA VAL C 597 84.26 68.66 0.38
C VAL C 597 83.62 68.15 -0.91
N SER C 598 82.87 67.06 -0.81
CA SER C 598 82.33 66.38 -1.98
C SER C 598 81.01 67.00 -2.44
N PHE C 599 80.89 67.15 -3.76
CA PHE C 599 79.65 67.61 -4.39
C PHE C 599 79.18 68.94 -3.82
N ALA C 600 80.10 69.88 -3.64
CA ALA C 600 79.72 71.19 -3.11
C ALA C 600 79.25 72.09 -4.25
N GLY C 601 78.17 71.66 -4.89
CA GLY C 601 77.58 72.42 -5.98
C GLY C 601 78.60 72.75 -7.03
N ARG C 602 78.61 74.01 -7.44
CA ARG C 602 79.63 74.51 -8.34
C ARG C 602 80.95 74.52 -7.60
N LEU C 603 82.04 74.20 -8.29
CA LEU C 603 83.33 74.07 -7.62
C LEU C 603 84.08 75.39 -7.69
N VAL C 604 84.41 75.91 -6.50
CA VAL C 604 85.22 77.12 -6.38
C VAL C 604 86.67 76.64 -6.42
N VAL C 605 87.17 76.43 -7.63
CA VAL C 605 88.46 75.82 -7.95
C VAL C 605 89.43 75.81 -6.78
N TYR C 606 89.65 76.98 -6.16
CA TYR C 606 90.54 77.05 -5.01
C TYR C 606 89.99 76.23 -3.85
N LYS C 607 88.69 76.39 -3.56
CA LYS C 607 88.08 75.64 -2.46
C LYS C 607 88.09 74.15 -2.74
N ILE C 608 87.77 73.76 -3.98
CA ILE C 608 87.78 72.33 -4.32
C ILE C 608 89.18 71.77 -4.19
N VAL C 609 90.19 72.54 -4.61
CA VAL C 609 91.57 72.09 -4.50
C VAL C 609 91.94 71.92 -3.04
N TYR C 610 91.52 72.87 -2.20
CA TYR C 610 91.81 72.75 -0.77
C TYR C 610 91.16 71.51 -0.18
N MET C 611 89.91 71.24 -0.58
CA MET C 611 89.22 70.05 -0.08
C MET C 611 89.93 68.78 -0.50
N PHE C 612 90.33 68.70 -1.76
CA PHE C 612 91.04 67.52 -2.24
C PHE C 612 92.37 67.36 -1.51
N LEU C 613 93.08 68.47 -1.30
CA LEU C 613 94.35 68.42 -0.59
C LEU C 613 94.13 67.92 0.84
N PHE C 614 93.06 68.40 1.48
CA PHE C 614 92.77 67.94 2.82
C PHE C 614 92.48 66.45 2.84
N LEU C 615 91.72 65.96 1.87
CA LEU C 615 91.43 64.53 1.81
C LEU C 615 92.72 63.73 1.63
N LEU C 616 93.59 64.20 0.72
CA LEU C 616 94.84 63.51 0.48
C LEU C 616 95.72 63.51 1.72
N CYS C 617 95.78 64.65 2.41
CA CYS C 617 96.56 64.73 3.63
C CYS C 617 96.00 63.78 4.67
N LEU C 618 94.67 63.68 4.76
CA LEU C 618 94.06 62.76 5.70
C LEU C 618 94.45 61.33 5.39
N THR C 619 94.47 60.97 4.11
CA THR C 619 94.89 59.63 3.73
C THR C 619 96.36 59.41 4.08
N LEU C 620 97.19 60.41 3.83
CA LEU C 620 98.60 60.30 4.15
C LEU C 620 98.79 60.08 5.64
N PHE C 621 98.05 60.81 6.45
CA PHE C 621 98.10 60.63 7.90
C PHE C 621 97.61 59.25 8.28
N GLN C 622 96.54 58.78 7.64
CA GLN C 622 96.00 57.47 7.97
C GLN C 622 97.06 56.39 7.74
N VAL C 623 97.78 56.49 6.63
CA VAL C 623 98.91 55.59 6.42
C VAL C 623 99.96 55.82 7.49
N TYR C 624 100.24 57.09 7.77
CA TYR C 624 101.17 57.50 8.82
C TYR C 624 100.67 57.14 10.21
N TYR C 625 99.37 56.84 10.35
CA TYR C 625 98.63 56.62 11.59
C TYR C 625 99.45 56.76 12.88
N THR C 626 100.58 56.06 12.98
CA THR C 626 101.45 56.28 14.13
C THR C 626 101.97 57.72 14.12
N LEU C 627 102.43 58.19 12.97
CA LEU C 627 102.76 59.60 12.84
C LEU C 627 101.51 60.45 12.97
N TRP C 628 100.40 59.99 12.40
CA TRP C 628 99.14 60.71 12.55
C TRP C 628 98.75 60.77 14.02
N ARG C 629 98.98 59.67 14.75
CA ARG C 629 98.72 59.69 16.18
C ARG C 629 99.60 60.74 16.85
N LYS C 630 100.84 60.88 16.38
CA LYS C 630 101.70 61.92 16.92
C LYS C 630 101.13 63.31 16.64
N LEU C 631 100.56 63.53 15.46
CA LEU C 631 100.07 64.86 15.05
C LEU C 631 98.64 64.79 14.49
N LEU C 632 97.69 64.32 15.29
CA LEU C 632 96.31 64.24 14.81
C LEU C 632 95.50 65.49 15.15
N ARG C 633 95.59 65.94 16.41
CA ARG C 633 94.87 67.15 16.79
C ARG C 633 95.37 68.33 15.97
N VAL C 634 96.69 68.37 15.73
CA VAL C 634 97.25 69.44 14.92
C VAL C 634 96.64 69.39 13.52
N PHE C 635 96.45 68.18 12.99
CA PHE C 635 95.84 68.03 11.68
C PHE C 635 94.42 68.58 11.66
N TRP C 636 93.64 68.26 12.70
CA TRP C 636 92.28 68.78 12.76
C TRP C 636 92.27 70.30 12.87
N TRP C 637 93.17 70.84 13.70
CA TRP C 637 93.25 72.30 13.84
C TRP C 637 93.64 72.95 12.53
N LEU C 638 94.58 72.34 11.81
CA LEU C 638 95.00 72.88 10.52
C LEU C 638 93.84 72.85 9.53
N VAL C 639 93.05 71.78 9.53
CA VAL C 639 91.90 71.72 8.64
C VAL C 639 90.92 72.83 8.97
N VAL C 640 90.68 73.06 10.25
CA VAL C 640 89.78 74.13 10.67
C VAL C 640 90.33 75.48 10.22
N ALA C 641 91.65 75.66 10.36
CA ALA C 641 92.29 76.91 9.95
C ALA C 641 92.14 77.13 8.45
N TYR C 642 92.32 76.08 7.65
CA TYR C 642 92.17 76.22 6.21
C TYR C 642 90.74 76.57 5.85
N THR C 643 89.77 75.98 6.55
CA THR C 643 88.37 76.33 6.30
C THR C 643 88.11 77.79 6.63
N MET C 644 88.66 78.26 7.76
CA MET C 644 88.47 79.65 8.15
C MET C 644 89.10 80.58 7.13
N LEU C 645 90.29 80.22 6.64
CA LEU C 645 90.96 81.03 5.65
C LEU C 645 90.12 81.13 4.38
N VAL C 646 89.52 80.01 3.96
CA VAL C 646 88.69 80.03 2.76
C VAL C 646 87.49 80.93 2.95
N LEU C 647 86.83 80.84 4.11
CA LEU C 647 85.68 81.70 4.36
C LEU C 647 86.08 83.18 4.36
N ILE C 648 87.21 83.49 5.00
CA ILE C 648 87.67 84.86 5.05
C ILE C 648 87.96 85.36 3.64
N ALA C 649 88.57 84.51 2.81
CA ALA C 649 88.85 84.88 1.44
C ALA C 649 87.54 85.16 0.70
N VAL C 650 86.52 84.33 0.94
CA VAL C 650 85.24 84.54 0.28
C VAL C 650 84.71 85.91 0.63
N TYR C 651 84.83 86.31 1.90
CA TYR C 651 84.41 87.64 2.28
C TYR C 651 85.23 88.71 1.56
N THR C 652 86.55 88.51 1.51
CA THR C 652 87.44 89.52 0.93
C THR C 652 87.16 89.78 -0.55
N PHE C 653 86.81 88.74 -1.31
CA PHE C 653 86.64 89.00 -2.74
C PHE C 653 85.45 89.89 -3.04
N GLN C 654 84.56 90.12 -2.08
CA GLN C 654 83.45 91.05 -2.32
C GLN C 654 83.98 92.44 -2.67
N PHE C 655 84.89 92.98 -1.85
CA PHE C 655 85.61 94.18 -2.22
C PHE C 655 86.33 93.97 -3.56
N GLN C 656 86.46 95.06 -4.32
CA GLN C 656 87.09 94.99 -5.65
C GLN C 656 88.50 95.55 -5.71
N ASP C 657 88.85 96.55 -4.90
CA ASP C 657 90.17 97.16 -5.01
C ASP C 657 91.28 96.18 -4.63
N PHE C 658 91.11 95.48 -3.51
CA PHE C 658 92.13 94.53 -3.08
C PHE C 658 92.32 93.37 -4.05
N PRO C 659 91.29 92.76 -4.63
CA PRO C 659 91.56 91.74 -5.66
C PRO C 659 92.35 92.30 -6.85
N THR C 660 92.07 93.54 -7.26
CA THR C 660 92.87 94.16 -8.32
C THR C 660 94.32 94.31 -7.88
N TYR C 661 94.54 94.70 -6.62
CA TYR C 661 95.89 94.77 -6.09
C TYR C 661 96.57 93.42 -6.12
N TRP C 662 95.84 92.37 -5.74
CA TRP C 662 96.38 91.01 -5.74
C TRP C 662 96.76 90.62 -7.16
N ARG C 663 95.91 90.96 -8.13
CA ARG C 663 96.21 90.66 -9.53
C ARG C 663 97.49 91.37 -9.96
N ASN C 664 97.63 92.63 -9.56
CA ASN C 664 98.81 93.40 -9.94
C ASN C 664 100.08 92.78 -9.37
N LEU C 665 100.05 92.42 -8.09
CA LEU C 665 101.24 91.83 -7.47
C LEU C 665 101.55 90.45 -8.05
N THR C 666 100.53 89.59 -8.16
CA THR C 666 100.74 88.24 -8.67
C THR C 666 101.07 88.25 -10.16
N GLY C 667 100.39 89.08 -10.94
CA GLY C 667 100.56 89.11 -12.37
C GLY C 667 99.60 88.26 -13.17
N PHE C 668 98.72 87.51 -12.53
CA PHE C 668 97.67 86.79 -13.24
C PHE C 668 96.35 87.55 -13.17
N THR C 669 95.49 87.27 -14.13
CA THR C 669 94.28 88.05 -14.31
C THR C 669 93.25 87.76 -13.25
N ASP C 670 92.42 88.78 -12.97
CA ASP C 670 91.26 88.63 -12.12
C ASP C 670 90.07 88.05 -12.86
N GLU C 671 90.21 87.86 -14.17
CA GLU C 671 89.14 87.27 -14.98
C GLU C 671 88.81 85.87 -14.50
N GLN C 672 89.84 85.10 -14.12
CA GLN C 672 89.63 83.77 -13.54
C GLN C 672 88.84 83.85 -12.25
N LEU C 673 89.21 84.78 -11.38
CA LEU C 673 88.47 84.96 -10.13
C LEU C 673 87.04 85.41 -10.40
N GLY C 674 86.86 86.30 -11.38
CA GLY C 674 85.52 86.71 -11.76
C GLY C 674 84.70 85.52 -12.20
N ASP C 675 85.32 84.59 -12.93
CA ASP C 675 84.62 83.36 -13.27
C ASP C 675 84.26 82.61 -12.00
N LEU C 676 85.18 82.57 -11.03
CA LEU C 676 84.87 81.97 -9.74
C LEU C 676 83.74 82.73 -9.05
N GLY C 677 83.77 84.06 -9.11
CA GLY C 677 82.68 84.87 -8.58
C GLY C 677 82.98 85.72 -7.35
N LEU C 678 83.52 86.92 -7.55
CA LEU C 678 83.85 87.82 -6.46
C LEU C 678 82.62 88.33 -5.70
N GLU C 679 81.41 87.98 -6.12
CA GLU C 679 80.20 88.59 -5.58
C GLU C 679 79.48 87.62 -4.65
N GLN C 680 78.71 88.18 -3.72
CA GLN C 680 77.91 87.37 -2.79
C GLN C 680 76.69 86.84 -3.52
N PHE C 681 76.72 85.56 -3.88
CA PHE C 681 75.69 85.00 -4.74
C PHE C 681 74.42 84.66 -3.97
N SER C 682 73.56 83.87 -4.59
CA SER C 682 72.18 83.71 -4.15
C SER C 682 72.09 83.04 -2.79
N VAL C 683 70.85 82.85 -2.35
CA VAL C 683 70.58 82.27 -1.03
C VAL C 683 71.18 80.88 -0.93
N SER C 684 71.10 80.09 -2.01
CA SER C 684 71.70 78.76 -1.99
C SER C 684 73.21 78.85 -1.82
N GLU C 685 73.86 79.73 -2.58
CA GLU C 685 75.31 79.87 -2.49
C GLU C 685 75.74 80.38 -1.13
N LEU C 686 75.06 81.41 -0.61
CA LEU C 686 75.42 81.95 0.69
C LEU C 686 75.20 80.92 1.79
N PHE C 687 74.07 80.20 1.72
CA PHE C 687 73.78 79.18 2.71
C PHE C 687 74.81 78.06 2.68
N SER C 688 75.19 77.62 1.46
CA SER C 688 76.19 76.57 1.36
C SER C 688 77.53 77.02 1.91
N SER C 689 77.95 78.25 1.57
CA SER C 689 79.23 78.75 2.07
C SER C 689 79.21 78.84 3.59
N ILE C 690 78.11 79.34 4.16
CA ILE C 690 78.01 79.44 5.61
C ILE C 690 78.02 78.06 6.24
N LEU C 691 77.31 77.11 5.62
CA LEU C 691 77.25 75.76 6.16
C LEU C 691 78.64 75.14 6.18
N ILE C 692 79.41 75.32 5.10
CA ILE C 692 80.77 74.81 5.08
C ILE C 692 81.59 75.46 6.18
N PRO C 693 81.64 76.78 6.31
CA PRO C 693 82.33 77.36 7.47
C PRO C 693 81.66 76.97 8.77
N GLY C 694 80.32 76.96 8.78
CA GLY C 694 79.62 76.52 9.98
C GLY C 694 79.89 75.08 10.33
N PHE C 695 79.92 74.21 9.33
CA PHE C 695 80.27 72.82 9.59
C PHE C 695 81.68 72.74 10.14
N PHE C 696 82.59 73.54 9.59
CA PHE C 696 83.96 73.56 10.08
C PHE C 696 83.99 74.00 11.55
N LEU C 697 83.20 75.00 11.89
CA LEU C 697 83.14 75.45 13.28
C LEU C 697 82.60 74.36 14.19
N LEU C 698 81.57 73.65 13.74
CA LEU C 698 81.01 72.57 14.54
C LEU C 698 82.03 71.47 14.72
N ALA C 699 82.76 71.14 13.66
CA ALA C 699 83.80 70.12 13.75
C ALA C 699 84.91 70.54 14.69
N CYS C 700 85.31 71.81 14.64
CA CYS C 700 86.33 72.30 15.54
C CYS C 700 85.86 72.21 16.98
N ILE C 701 84.60 72.54 17.22
CA ILE C 701 84.04 72.42 18.56
C ILE C 701 84.07 70.98 19.02
N LEU C 702 83.72 70.05 18.13
CA LEU C 702 83.77 68.63 18.48
C LEU C 702 85.19 68.21 18.79
N GLN C 703 86.15 68.70 18.00
CA GLN C 703 87.56 68.39 18.23
C GLN C 703 87.99 68.89 19.59
N LEU C 704 87.58 70.10 19.95
CA LEU C 704 87.90 70.62 21.27
C LEU C 704 87.26 69.76 22.35
N HIS C 705 86.02 69.32 22.12
CA HIS C 705 85.32 68.50 23.10
C HIS C 705 86.00 67.15 23.30
N TYR C 706 86.45 66.51 22.24
CA TYR C 706 87.07 65.20 22.33
C TYR C 706 88.57 65.31 22.13
N PHE C 707 89.33 64.89 23.15
CA PHE C 707 90.78 64.91 23.09
C PHE C 707 91.31 63.75 22.25
N HIS C 708 92.57 63.87 21.83
CA HIS C 708 93.18 62.79 21.07
C HIS C 708 93.21 61.52 21.91
N ARG C 709 93.51 61.67 23.20
CA ARG C 709 93.47 60.52 24.09
C ARG C 709 92.05 59.96 24.13
N PRO C 710 91.00 60.80 24.15
CA PRO C 710 89.65 60.24 24.14
C PRO C 710 89.43 59.42 22.89
N PHE C 711 89.98 59.85 21.75
CA PHE C 711 89.86 59.06 20.53
C PHE C 711 90.57 57.72 20.68
N MET C 712 91.76 57.73 21.29
CA MET C 712 92.50 56.49 21.48
C MET C 712 91.69 55.52 22.33
N GLN C 713 91.08 56.03 23.41
CA GLN C 713 90.21 55.18 24.21
C GLN C 713 88.99 54.75 23.40
N LEU C 714 88.52 55.65 22.52
CA LEU C 714 87.35 55.41 21.68
C LEU C 714 87.57 54.23 20.76
N THR C 715 88.83 53.93 20.41
CA THR C 715 89.08 52.81 19.50
C THR C 715 88.45 51.54 20.04
N ASP C 716 88.58 51.29 21.34
CA ASP C 716 87.87 50.18 21.95
C ASP C 716 86.38 50.44 21.84
N LEU C 717 85.60 49.42 21.50
CA LEU C 717 84.17 49.60 21.31
C LEU C 717 83.40 48.55 22.09
N GLU C 718 82.14 48.89 22.40
CA GLU C 718 81.26 48.01 23.14
C GLU C 718 79.79 48.31 22.80
N LEU C 784 64.96 43.36 28.49
CA LEU C 784 66.18 43.94 29.02
C LEU C 784 67.36 42.97 28.85
N ASP C 785 67.20 41.76 29.40
CA ASP C 785 68.24 40.74 29.32
C ASP C 785 68.55 40.37 27.87
N LEU C 786 67.49 40.24 27.05
CA LEU C 786 67.68 39.85 25.66
C LEU C 786 68.55 40.86 24.91
N ALA C 787 68.37 42.15 25.18
CA ALA C 787 69.19 43.16 24.53
C ALA C 787 70.66 42.99 24.87
N ALA C 788 70.97 42.73 26.15
CA ALA C 788 72.36 42.53 26.55
C ALA C 788 72.94 41.29 25.90
N SER C 789 72.18 40.21 25.85
CA SER C 789 72.67 38.99 25.20
C SER C 789 72.93 39.25 23.72
N PHE C 790 72.02 39.98 23.06
CA PHE C 790 72.20 40.31 21.66
C PHE C 790 73.45 41.16 21.46
N SER C 791 73.69 42.10 22.37
CA SER C 791 74.88 42.93 22.27
C SER C 791 76.14 42.09 22.40
N ALA C 792 76.15 41.14 23.34
CA ALA C 792 77.32 40.28 23.49
C ALA C 792 77.54 39.43 22.23
N VAL C 793 76.46 38.89 21.67
CA VAL C 793 76.59 38.09 20.45
C VAL C 793 77.11 38.96 19.31
N LEU C 794 76.61 40.20 19.23
CA LEU C 794 77.06 41.13 18.20
C LEU C 794 78.53 41.44 18.36
N THR C 795 78.99 41.60 19.60
CA THR C 795 80.41 41.86 19.82
C THR C 795 81.25 40.68 19.35
N ARG C 796 80.80 39.46 19.66
CA ARG C 796 81.51 38.29 19.19
C ARG C 796 81.54 38.27 17.67
N ILE C 797 80.43 38.64 17.05
CA ILE C 797 80.36 38.69 15.59
C ILE C 797 81.38 39.68 15.07
N GLN C 798 81.26 40.94 15.49
CA GLN C 798 82.20 42.01 15.15
C GLN C 798 83.64 41.55 15.24
N VAL C 799 83.96 40.80 16.31
CA VAL C 799 85.32 40.28 16.45
C VAL C 799 85.62 39.31 15.32
N PHE C 800 84.66 38.45 15.00
CA PHE C 800 84.86 37.50 13.90
C PHE C 800 85.06 38.24 12.58
N VAL C 801 84.27 39.30 12.37
CA VAL C 801 84.39 40.10 11.16
C VAL C 801 85.78 40.69 11.09
N ARG C 802 86.29 41.17 12.22
CA ARG C 802 87.64 41.70 12.24
C ARG C 802 88.64 40.62 11.86
N ARG C 803 88.44 39.41 12.38
CA ARG C 803 89.34 38.32 12.04
C ARG C 803 89.31 38.03 10.55
N LEU C 804 88.12 38.01 9.95
CA LEU C 804 87.96 37.72 8.54
C LEU C 804 88.25 38.93 7.67
N LEU C 805 88.56 40.06 8.30
CA LEU C 805 88.74 41.30 7.59
C LEU C 805 89.85 41.21 6.55
N GLU C 806 90.92 40.46 6.79
CA GLU C 806 92.00 40.43 5.80
C GLU C 806 91.50 39.90 4.47
N LEU C 807 90.83 38.74 4.50
CA LEU C 807 90.28 38.17 3.27
C LEU C 807 89.19 39.06 2.71
N HIS C 808 88.33 39.59 3.57
CA HIS C 808 87.25 40.44 3.09
C HIS C 808 87.79 41.69 2.43
N VAL C 809 88.84 42.28 3.00
CA VAL C 809 89.46 43.48 2.48
C VAL C 809 90.07 43.21 1.13
N PHE C 810 90.80 42.10 1.01
CA PHE C 810 91.39 41.80 -0.28
C PHE C 810 90.31 41.62 -1.33
N LYS C 811 89.25 40.89 -0.98
CA LYS C 811 88.17 40.65 -1.93
C LYS C 811 87.49 41.96 -2.31
N LEU C 812 87.26 42.82 -1.33
CA LEU C 812 86.62 44.10 -1.60
C LEU C 812 87.47 44.96 -2.50
N VAL C 813 88.78 45.00 -2.23
CA VAL C 813 89.67 45.81 -3.06
C VAL C 813 89.62 45.32 -4.48
N ALA C 814 89.67 44.00 -4.65
CA ALA C 814 89.61 43.45 -5.98
C ALA C 814 88.29 43.77 -6.64
N LEU C 815 87.19 43.63 -5.91
CA LEU C 815 85.87 43.87 -6.49
C LEU C 815 85.74 45.30 -6.95
N TYR C 816 86.21 46.24 -6.13
CA TYR C 816 86.16 47.64 -6.52
C TYR C 816 87.00 47.88 -7.75
N THR C 817 88.20 47.28 -7.79
CA THR C 817 89.07 47.46 -8.93
C THR C 817 88.41 46.94 -10.21
N VAL C 818 87.84 45.74 -10.13
CA VAL C 818 87.21 45.14 -11.29
C VAL C 818 86.01 45.96 -11.73
N TRP C 819 85.19 46.39 -10.78
CA TRP C 819 84.01 47.17 -11.14
C TRP C 819 84.43 48.47 -11.81
N VAL C 820 85.44 49.12 -11.27
CA VAL C 820 85.92 50.37 -11.86
C VAL C 820 86.46 50.14 -13.26
N ALA C 821 87.26 49.08 -13.43
CA ALA C 821 87.81 48.78 -14.74
C ALA C 821 86.69 48.47 -15.72
N LEU C 822 85.69 47.71 -15.29
CA LEU C 822 84.58 47.36 -16.17
C LEU C 822 83.82 48.61 -16.58
N LYS C 823 83.56 49.51 -15.62
CA LYS C 823 82.89 50.75 -15.95
C LYS C 823 83.75 51.59 -16.88
N GLU C 824 85.05 51.69 -16.57
CA GLU C 824 85.95 52.47 -17.40
C GLU C 824 87.36 51.89 -17.30
N VAL C 825 88.06 51.89 -18.43
CA VAL C 825 89.44 51.43 -18.51
C VAL C 825 90.28 52.62 -18.90
N SER C 826 91.33 52.89 -18.14
CA SER C 826 92.14 54.06 -18.38
C SER C 826 93.55 53.82 -17.88
N VAL C 827 94.45 54.72 -18.30
CA VAL C 827 95.84 54.58 -17.91
C VAL C 827 95.96 54.63 -16.40
N MET C 828 96.74 53.70 -15.85
CA MET C 828 96.98 53.55 -14.42
C MET C 828 95.75 52.97 -13.73
N ASN C 829 94.57 53.21 -14.30
CA ASN C 829 93.35 52.71 -13.69
C ASN C 829 93.38 51.19 -13.61
N LEU C 830 93.43 50.53 -14.76
CA LEU C 830 93.56 49.08 -14.76
C LEU C 830 94.96 48.68 -14.30
N LEU C 831 95.96 49.48 -14.67
CA LEU C 831 97.34 49.15 -14.33
C LEU C 831 97.52 49.04 -12.83
N LEU C 832 96.89 49.94 -12.07
CA LEU C 832 96.99 49.84 -10.62
C LEU C 832 96.41 48.54 -10.11
N VAL C 833 95.26 48.14 -10.65
CA VAL C 833 94.65 46.88 -10.22
C VAL C 833 95.56 45.72 -10.57
N VAL C 834 96.15 45.78 -11.76
CA VAL C 834 97.06 44.71 -12.18
C VAL C 834 98.26 44.64 -11.26
N LEU C 835 98.82 45.79 -10.92
CA LEU C 835 99.96 45.81 -10.01
C LEU C 835 99.56 45.26 -8.65
N TRP C 836 98.38 45.62 -8.18
CA TRP C 836 97.92 45.08 -6.91
C TRP C 836 97.81 43.57 -6.99
N ALA C 837 97.26 43.06 -8.09
CA ALA C 837 97.22 41.62 -8.28
C ALA C 837 98.61 41.03 -8.28
N PHE C 838 99.58 41.77 -8.83
CA PHE C 838 100.96 41.33 -8.79
C PHE C 838 101.45 41.21 -7.36
N ALA C 839 101.05 42.15 -6.51
CA ALA C 839 101.54 42.19 -5.15
C ALA C 839 100.70 41.40 -4.17
N LEU C 840 99.57 40.83 -4.62
CA LEU C 840 98.79 40.02 -3.69
C LEU C 840 99.55 38.77 -3.27
N PRO C 841 100.27 38.04 -4.15
CA PRO C 841 100.89 36.80 -3.68
C PRO C 841 101.90 37.03 -2.57
N TYR C 842 102.74 38.03 -2.70
CA TYR C 842 103.72 38.26 -1.66
C TYR C 842 103.08 38.93 -0.47
N PRO C 843 103.20 38.35 0.72
CA PRO C 843 102.58 38.93 1.92
C PRO C 843 103.20 40.24 2.39
N ARG C 844 104.53 40.26 2.53
CA ARG C 844 105.21 41.40 3.14
C ARG C 844 105.03 42.69 2.34
N PHE C 845 105.14 42.64 1.01
CA PHE C 845 104.88 43.83 0.21
C PHE C 845 103.43 44.26 0.30
N ARG C 846 102.51 43.31 0.50
CA ARG C 846 101.08 43.60 0.45
C ARG C 846 100.63 44.79 1.30
N PRO C 847 101.07 44.98 2.56
CA PRO C 847 100.69 46.22 3.25
C PRO C 847 101.22 47.47 2.56
N MET C 848 102.49 47.45 2.17
CA MET C 848 103.05 48.56 1.42
C MET C 848 102.33 48.71 0.10
N ALA C 849 102.02 47.59 -0.53
CA ALA C 849 101.29 47.61 -1.78
C ALA C 849 99.93 48.26 -1.61
N SER C 850 99.25 47.96 -0.51
CA SER C 850 97.96 48.60 -0.24
C SER C 850 98.13 50.09 -0.07
N CYS C 851 99.16 50.50 0.66
CA CYS C 851 99.40 51.93 0.84
C CYS C 851 99.66 52.59 -0.50
N LEU C 852 100.35 51.89 -1.38
CA LEU C 852 100.74 52.50 -2.64
C LEU C 852 99.55 52.50 -3.60
N SER C 853 98.73 51.46 -3.54
CA SER C 853 97.50 51.42 -4.31
C SER C 853 96.58 52.55 -3.89
N THR C 854 96.50 52.81 -2.58
CA THR C 854 95.72 53.93 -2.10
C THR C 854 96.29 55.23 -2.65
N VAL C 855 97.62 55.35 -2.66
CA VAL C 855 98.25 56.56 -3.19
C VAL C 855 97.93 56.73 -4.66
N TRP C 856 97.99 55.64 -5.42
CA TRP C 856 97.67 55.69 -6.84
C TRP C 856 96.22 56.09 -7.05
N THR C 857 95.32 55.55 -6.23
CA THR C 857 93.91 55.91 -6.34
C THR C 857 93.73 57.39 -6.05
N CYS C 858 94.46 57.90 -5.05
CA CYS C 858 94.40 59.32 -4.75
C CYS C 858 94.89 60.15 -5.92
N ILE C 859 95.98 59.71 -6.55
CA ILE C 859 96.51 60.43 -7.70
C ILE C 859 95.49 60.43 -8.83
N ILE C 860 94.83 59.29 -9.06
CA ILE C 860 93.82 59.20 -10.11
C ILE C 860 92.66 60.13 -9.80
N ILE C 861 92.22 60.17 -8.54
CA ILE C 861 91.13 61.05 -8.15
C ILE C 861 91.54 62.51 -8.36
N VAL C 862 92.77 62.85 -8.00
CA VAL C 862 93.25 64.21 -8.17
C VAL C 862 93.25 64.58 -9.64
N CYS C 863 93.71 63.67 -10.49
CA CYS C 863 93.71 63.93 -11.93
C CYS C 863 92.30 64.12 -12.45
N LYS C 864 91.36 63.29 -11.99
CA LYS C 864 89.98 63.43 -12.40
C LYS C 864 89.41 64.78 -11.97
N MET C 865 89.73 65.20 -10.75
CA MET C 865 89.27 66.50 -10.28
C MET C 865 89.85 67.63 -11.12
N LEU C 866 91.14 67.55 -11.45
CA LEU C 866 91.74 68.54 -12.32
C LEU C 866 91.11 68.50 -13.70
N TYR C 867 90.87 67.28 -14.22
CA TYR C 867 90.24 67.09 -15.51
C TYR C 867 88.73 66.97 -15.42
N GLN C 868 88.12 67.55 -14.39
CA GLN C 868 86.66 67.46 -14.26
C GLN C 868 85.92 68.12 -15.40
N LEU C 869 86.56 69.07 -16.08
CA LEU C 869 85.97 69.74 -17.23
C LEU C 869 87.06 70.01 -18.26
N LYS C 870 86.65 70.17 -19.51
CA LYS C 870 87.56 70.45 -20.61
C LYS C 870 87.38 71.90 -21.06
N ILE C 871 88.49 72.61 -21.20
CA ILE C 871 88.50 74.04 -21.50
C ILE C 871 89.05 74.32 -22.90
N VAL C 872 90.19 73.69 -23.24
CA VAL C 872 90.90 74.04 -24.46
C VAL C 872 90.05 73.73 -25.69
N ASN C 873 89.52 72.51 -25.76
CA ASN C 873 88.79 72.02 -26.92
C ASN C 873 89.58 72.26 -28.21
N PRO C 874 90.85 71.82 -28.26
CA PRO C 874 91.75 72.01 -29.40
C PRO C 874 91.25 71.31 -30.67
N PHE C 912 89.53 62.90 -25.66
CA PHE C 912 90.81 62.27 -25.96
C PHE C 912 91.51 61.82 -24.70
N GLY C 913 91.14 60.63 -24.22
CA GLY C 913 91.70 60.12 -22.98
C GLY C 913 91.37 60.97 -21.79
N VAL C 914 90.26 61.71 -21.85
CA VAL C 914 89.85 62.64 -20.80
C VAL C 914 88.37 62.44 -20.54
N ARG C 915 88.00 62.42 -19.25
CA ARG C 915 86.59 62.27 -18.88
C ARG C 915 85.87 63.62 -18.99
N LYS C 916 86.26 64.58 -18.14
CA LYS C 916 85.67 65.92 -18.14
C LYS C 916 84.15 65.86 -18.01
N GLY C 917 83.67 64.94 -17.17
CA GLY C 917 82.25 64.79 -16.98
C GLY C 917 81.64 66.02 -16.33
N TYR C 918 80.55 66.52 -16.90
CA TYR C 918 79.90 67.69 -16.33
C TYR C 918 79.37 67.42 -14.93
N PRO C 919 78.64 66.34 -14.68
CA PRO C 919 78.19 66.06 -13.31
C PRO C 919 79.36 65.72 -12.41
N ASN C 920 80.22 64.82 -12.90
CA ASN C 920 81.41 64.39 -12.17
C ASN C 920 81.04 63.96 -10.76
N LEU C 921 79.91 63.27 -10.65
CA LEU C 921 79.43 62.85 -9.34
C LEU C 921 80.37 61.84 -8.70
N GLY C 922 80.80 60.84 -9.46
CA GLY C 922 81.66 59.82 -8.89
C GLY C 922 82.73 59.25 -9.79
N TYR C 923 83.61 60.10 -10.34
CA TYR C 923 84.65 59.59 -11.22
C TYR C 923 85.54 58.60 -10.48
N ILE C 924 85.98 58.97 -9.28
CA ILE C 924 86.73 58.07 -8.43
C ILE C 924 86.03 57.85 -7.10
N GLN C 925 84.77 58.32 -6.98
CA GLN C 925 84.08 58.25 -5.70
C GLN C 925 83.95 56.81 -5.24
N ASN C 926 83.59 55.91 -6.14
CA ASN C 926 83.57 54.51 -5.74
C ASN C 926 84.97 54.04 -5.38
N HIS C 927 85.96 54.40 -6.20
CA HIS C 927 87.33 54.01 -5.92
C HIS C 927 87.86 54.67 -4.65
N LEU C 928 87.60 55.97 -4.49
CA LEU C 928 88.05 56.65 -3.29
C LEU C 928 87.39 56.06 -2.05
N GLN C 929 86.09 55.78 -2.16
CA GLN C 929 85.37 55.18 -1.04
C GLN C 929 85.92 53.82 -0.71
N ILE C 930 86.24 53.02 -1.73
CA ILE C 930 86.81 51.70 -1.49
C ILE C 930 88.15 51.82 -0.77
N LEU C 931 88.99 52.75 -1.23
CA LEU C 931 90.29 52.94 -0.58
C LEU C 931 90.10 53.37 0.86
N LEU C 932 89.16 54.28 1.10
CA LEU C 932 88.89 54.73 2.46
C LEU C 932 88.39 53.59 3.31
N LEU C 933 87.52 52.76 2.75
CA LEU C 933 87.01 51.61 3.49
C LEU C 933 88.13 50.66 3.85
N LEU C 934 89.05 50.44 2.92
CA LEU C 934 90.18 49.57 3.20
C LEU C 934 91.04 50.13 4.32
N VAL C 935 91.30 51.43 4.28
CA VAL C 935 92.09 52.06 5.33
C VAL C 935 91.36 51.94 6.66
N PHE C 936 90.05 52.16 6.62
CA PHE C 936 89.23 52.03 7.82
C PHE C 936 89.30 50.63 8.37
N GLU C 937 89.27 49.65 7.48
CA GLU C 937 89.39 48.26 7.90
C GLU C 937 90.74 48.02 8.57
N ALA C 938 91.79 48.61 8.01
CA ALA C 938 93.12 48.46 8.60
C ALA C 938 93.15 49.06 10.01
N VAL C 939 92.62 50.27 10.16
CA VAL C 939 92.60 50.91 11.47
C VAL C 939 91.73 50.10 12.45
N VAL C 940 90.61 49.59 11.97
CA VAL C 940 89.76 48.76 12.81
C VAL C 940 90.52 47.51 13.24
N TYR C 941 91.31 46.96 12.32
CA TYR C 941 92.16 45.82 12.65
C TYR C 941 93.15 46.19 13.73
N ARG C 942 93.72 47.39 13.65
CA ARG C 942 94.65 47.83 14.68
C ARG C 942 93.94 47.92 16.03
N ARG C 943 92.73 48.48 16.04
CA ARG C 943 91.98 48.56 17.28
C ARG C 943 91.65 47.18 17.81
N GLN C 944 91.28 46.26 16.91
CA GLN C 944 90.98 44.89 17.31
C GLN C 944 92.21 44.21 17.88
N GLU C 945 93.38 44.45 17.28
CA GLU C 945 94.62 43.89 17.80
C GLU C 945 94.91 44.44 19.18
N HIS C 946 94.68 45.73 19.39
CA HIS C 946 94.86 46.30 20.72
C HIS C 946 93.94 45.63 21.72
N TYR C 947 92.68 45.41 21.32
CA TYR C 947 91.79 44.69 22.22
C TYR C 947 92.25 43.27 22.46
N ARG C 948 92.76 42.62 21.41
CA ARG C 948 93.24 41.26 21.55
C ARG C 948 94.35 41.20 22.57
N ARG C 949 95.17 42.24 22.63
CA ARG C 949 96.18 42.32 23.68
C ARG C 949 95.49 42.26 25.04
N GLN C 950 94.36 42.96 25.17
CA GLN C 950 93.54 42.85 26.37
C GLN C 950 92.81 41.52 26.40
N HIS C 951 92.80 40.89 27.58
CA HIS C 951 92.17 39.58 27.75
C HIS C 951 92.75 38.55 26.78
N GLY C 965 90.36 17.08 20.71
CA GLY C 965 90.32 16.88 19.27
C GLY C 965 89.14 17.58 18.61
N THR C 966 89.48 18.40 17.61
CA THR C 966 88.47 19.13 16.87
C THR C 966 87.55 18.20 16.08
N ARG C 967 88.11 17.12 15.54
CA ARG C 967 87.32 16.22 14.70
C ARG C 967 86.18 15.60 15.47
N GLN C 968 86.44 15.12 16.70
CA GLN C 968 85.32 14.64 17.51
C GLN C 968 84.36 15.78 17.84
N ARG C 969 84.89 16.99 18.02
CA ARG C 969 84.02 18.14 18.26
C ARG C 969 83.03 18.25 17.11
N LEU C 970 83.47 17.96 15.89
CA LEU C 970 82.57 17.91 14.74
C LEU C 970 81.37 17.04 15.04
N ASP C 971 81.65 15.80 15.43
CA ASP C 971 80.65 14.79 15.76
C ASP C 971 79.61 15.26 16.77
N GLN C 972 79.88 16.37 17.44
CA GLN C 972 79.08 16.73 18.60
C GLN C 972 77.76 17.44 18.24
N ASP C 973 77.83 18.64 17.66
CA ASP C 973 76.60 19.42 17.49
C ASP C 973 76.69 20.28 16.23
N LEU C 974 75.60 21.03 16.00
CA LEU C 974 75.45 21.79 14.76
C LEU C 974 76.51 22.87 14.63
N LEU C 975 76.73 23.63 15.70
CA LEU C 975 77.65 24.77 15.61
C LEU C 975 79.06 24.27 15.29
N SER C 976 79.49 23.23 15.99
CA SER C 976 80.83 22.71 15.79
C SER C 976 81.03 22.20 14.38
N CYS C 977 80.12 21.34 13.93
CA CYS C 977 80.27 20.77 12.60
C CYS C 977 80.22 21.84 11.54
N LEU C 978 79.31 22.81 11.69
CA LEU C 978 79.22 23.88 10.70
C LEU C 978 80.48 24.75 10.66
N LYS C 979 80.98 25.18 11.82
CA LYS C 979 82.16 26.04 11.82
C LYS C 979 83.35 25.31 11.24
N TYR C 980 83.54 24.06 11.67
CA TYR C 980 84.61 23.25 11.13
C TYR C 980 84.40 23.04 9.65
N PHE C 981 83.17 22.78 9.25
CA PHE C 981 82.86 22.51 7.87
C PHE C 981 83.22 23.70 7.00
N ILE C 982 82.83 24.90 7.43
CA ILE C 982 83.07 26.08 6.60
C ILE C 982 84.58 26.36 6.48
N ASN C 983 85.27 26.52 7.61
CA ASN C 983 86.66 26.93 7.49
C ASN C 983 87.49 25.83 6.83
N PHE C 984 87.32 24.60 7.29
CA PHE C 984 88.07 23.50 6.71
C PHE C 984 87.73 23.29 5.25
N PHE C 985 86.44 23.39 4.91
CA PHE C 985 86.02 23.15 3.55
C PHE C 985 86.69 24.12 2.62
N PHE C 986 86.66 25.41 2.96
CA PHE C 986 87.29 26.31 2.00
C PHE C 986 88.80 26.14 1.98
N TYR C 987 89.47 26.01 3.14
CA TYR C 987 90.92 26.00 3.03
C TYR C 987 91.42 24.74 2.33
N LYS C 988 90.71 23.62 2.47
CA LYS C 988 91.20 22.40 1.84
C LYS C 988 90.69 22.26 0.41
N PHE C 989 89.46 22.68 0.17
CA PHE C 989 88.77 22.49 -1.09
C PHE C 989 88.89 23.70 -2.01
N GLY C 990 89.78 24.64 -1.69
CA GLY C 990 89.94 25.76 -2.59
C GLY C 990 90.32 25.37 -4.01
N LEU C 991 90.92 24.19 -4.19
CA LEU C 991 91.15 23.72 -5.56
C LEU C 991 89.82 23.49 -6.26
N GLU C 992 88.90 22.84 -5.58
CA GLU C 992 87.59 22.61 -6.14
C GLU C 992 86.88 23.94 -6.38
N ILE C 993 87.02 24.84 -5.42
CA ILE C 993 86.37 26.14 -5.48
C ILE C 993 86.88 26.92 -6.70
N CYS C 994 88.19 26.92 -6.91
CA CYS C 994 88.74 27.59 -8.07
C CYS C 994 88.25 26.91 -9.33
N PHE C 995 88.13 25.58 -9.28
CA PHE C 995 87.63 24.87 -10.44
C PHE C 995 86.26 25.40 -10.80
N LEU C 996 85.41 25.59 -9.79
CA LEU C 996 84.10 26.17 -10.02
C LEU C 996 84.20 27.58 -10.58
N MET C 997 85.08 28.38 -10.01
CA MET C 997 85.17 29.74 -10.48
C MET C 997 85.58 29.75 -11.95
N ALA C 998 86.55 28.91 -12.29
CA ALA C 998 87.03 28.82 -13.66
C ALA C 998 85.94 28.34 -14.58
N VAL C 999 85.22 27.29 -14.20
CA VAL C 999 84.21 26.76 -15.09
C VAL C 999 83.11 27.79 -15.33
N ASN C 1000 82.66 28.45 -14.27
CA ASN C 1000 81.59 29.41 -14.43
C ASN C 1000 82.03 30.54 -15.36
N VAL C 1001 83.18 31.15 -15.08
CA VAL C 1001 83.61 32.24 -15.94
C VAL C 1001 83.84 31.77 -17.35
N ILE C 1002 84.44 30.59 -17.53
CA ILE C 1002 84.69 30.14 -18.89
C ILE C 1002 83.37 30.01 -19.64
N GLY C 1003 82.36 29.47 -19.00
CA GLY C 1003 81.08 29.38 -19.68
C GLY C 1003 80.51 30.76 -20.00
N GLN C 1004 80.58 31.68 -19.04
CA GLN C 1004 79.99 32.99 -19.23
C GLN C 1004 80.71 33.84 -20.29
N ARG C 1005 82.04 33.88 -20.27
CA ARG C 1005 82.82 34.65 -21.24
C ARG C 1005 82.85 34.09 -22.68
N MET C 1006 83.10 32.80 -22.83
CA MET C 1006 83.08 32.10 -24.14
C MET C 1006 84.04 32.70 -25.19
N ASN C 1007 85.28 33.08 -24.88
CA ASN C 1007 86.18 33.54 -25.94
C ASN C 1007 87.37 32.61 -26.14
N PHE C 1008 88.06 32.76 -27.28
CA PHE C 1008 89.12 31.82 -27.65
C PHE C 1008 90.33 31.81 -26.72
N MET C 1009 90.89 32.98 -26.39
CA MET C 1009 92.07 32.95 -25.52
C MET C 1009 91.71 32.45 -24.13
N VAL C 1010 90.52 32.84 -23.70
CA VAL C 1010 89.98 32.39 -22.39
C VAL C 1010 89.84 30.87 -22.47
N ILE C 1011 89.39 30.36 -23.61
CA ILE C 1011 89.21 28.92 -23.76
C ILE C 1011 90.57 28.22 -23.72
N LEU C 1012 91.59 28.82 -24.33
CA LEU C 1012 92.88 28.15 -24.32
C LEU C 1012 93.40 28.00 -22.90
N HIS C 1013 93.30 29.06 -22.08
CA HIS C 1013 93.80 28.80 -20.73
C HIS C 1013 92.91 27.77 -20.04
N GLY C 1014 91.61 27.77 -20.34
CA GLY C 1014 90.77 26.73 -19.80
C GLY C 1014 91.26 25.35 -20.19
N CYS C 1015 91.75 25.23 -21.43
CA CYS C 1015 92.37 24.00 -21.89
C CYS C 1015 93.58 23.67 -21.04
N TRP C 1016 94.33 24.70 -20.65
CA TRP C 1016 95.43 24.48 -19.71
C TRP C 1016 94.89 23.88 -18.43
N LEU C 1017 93.75 24.38 -17.97
CA LEU C 1017 93.14 23.85 -16.75
C LEU C 1017 92.77 22.38 -16.89
N VAL C 1018 92.18 22.00 -18.02
CA VAL C 1018 91.82 20.60 -18.15
C VAL C 1018 93.07 19.75 -18.22
N ALA C 1019 94.13 20.26 -18.84
CA ALA C 1019 95.39 19.53 -18.82
C ALA C 1019 95.84 19.33 -17.38
N ILE C 1020 95.64 20.36 -16.57
CA ILE C 1020 96.01 20.28 -15.15
C ILE C 1020 95.21 19.18 -14.48
N LEU C 1021 93.90 19.14 -14.74
CA LEU C 1021 93.08 18.12 -14.09
C LEU C 1021 93.49 16.72 -14.50
N THR C 1022 93.99 16.55 -15.73
CA THR C 1022 94.35 15.21 -16.18
C THR C 1022 95.24 14.52 -15.15
N ARG C 1023 96.19 15.25 -14.60
CA ARG C 1023 97.03 14.68 -13.56
C ARG C 1023 96.15 14.34 -12.37
N ARG C 1024 96.36 13.18 -11.78
CA ARG C 1024 95.57 12.75 -10.64
C ARG C 1024 96.29 12.89 -9.32
N ARG C 1025 97.50 13.45 -9.31
CA ARG C 1025 98.29 13.54 -8.09
C ARG C 1025 98.29 14.95 -7.54
N ARG C 1026 97.84 15.09 -6.30
CA ARG C 1026 97.71 16.40 -5.68
C ARG C 1026 99.05 17.11 -5.61
N GLU C 1027 100.09 16.39 -5.20
CA GLU C 1027 101.41 16.99 -5.03
C GLU C 1027 102.00 17.47 -6.35
N ALA C 1028 101.94 16.64 -7.38
CA ALA C 1028 102.51 17.03 -8.67
C ALA C 1028 101.76 18.22 -9.24
N ILE C 1029 100.44 18.18 -9.16
CA ILE C 1029 99.64 19.28 -9.67
C ILE C 1029 99.97 20.56 -8.92
N ALA C 1030 100.15 20.43 -7.60
CA ALA C 1030 100.51 21.58 -6.78
C ALA C 1030 101.85 22.13 -7.21
N ARG C 1031 102.80 21.25 -7.51
CA ARG C 1031 104.09 21.72 -8.01
C ARG C 1031 103.90 22.51 -9.28
N LEU C 1032 103.03 22.03 -10.15
CA LEU C 1032 102.77 22.71 -11.41
C LEU C 1032 102.10 24.06 -11.22
N TRP C 1033 101.25 24.22 -10.20
CA TRP C 1033 100.46 25.46 -10.17
C TRP C 1033 101.24 26.77 -10.19
N PRO C 1034 102.33 26.97 -9.43
CA PRO C 1034 102.92 28.32 -9.41
C PRO C 1034 103.32 28.85 -10.77
N ASN C 1035 103.86 27.98 -11.63
CA ASN C 1035 104.11 28.41 -12.99
C ASN C 1035 102.81 28.77 -13.68
N TYR C 1036 101.76 27.98 -13.43
CA TYR C 1036 100.48 28.34 -14.04
C TYR C 1036 99.99 29.68 -13.52
N CYS C 1037 100.30 30.00 -12.27
CA CYS C 1037 99.94 31.30 -11.72
C CYS C 1037 100.63 32.41 -12.49
N LEU C 1038 101.89 32.19 -12.81
CA LEU C 1038 102.66 33.17 -13.63
C LEU C 1038 101.96 33.25 -15.00
N PHE C 1039 101.57 32.12 -15.55
CA PHE C 1039 100.90 32.09 -16.85
C PHE C 1039 99.59 32.85 -16.82
N LEU C 1040 98.79 32.66 -15.77
CA LEU C 1040 97.52 33.37 -15.67
C LEU C 1040 97.76 34.88 -15.57
N THR C 1041 98.78 35.29 -14.82
CA THR C 1041 99.06 36.71 -14.74
C THR C 1041 99.41 37.27 -16.11
N LEU C 1042 100.22 36.52 -16.86
CA LEU C 1042 100.55 36.94 -18.21
C LEU C 1042 99.28 37.02 -19.04
N PHE C 1043 98.36 36.08 -18.82
CA PHE C 1043 97.09 36.12 -19.51
C PHE C 1043 96.34 37.40 -19.17
N LEU C 1044 96.39 37.79 -17.90
CA LEU C 1044 95.68 38.98 -17.46
C LEU C 1044 96.18 40.20 -18.22
N LEU C 1045 97.50 40.34 -18.29
CA LEU C 1045 98.06 41.47 -19.01
C LEU C 1045 97.72 41.40 -20.50
N TYR C 1046 97.83 40.20 -21.09
CA TYR C 1046 97.57 40.05 -22.51
C TYR C 1046 96.13 40.39 -22.85
N GLN C 1047 95.18 39.89 -22.03
CA GLN C 1047 93.78 40.16 -22.30
C GLN C 1047 93.49 41.64 -22.16
N TYR C 1048 94.05 42.30 -21.14
CA TYR C 1048 93.78 43.73 -21.04
C TYR C 1048 94.33 44.49 -22.23
N LEU C 1049 95.54 44.12 -22.66
CA LEU C 1049 96.11 44.82 -23.81
C LEU C 1049 95.21 44.62 -25.03
N LEU C 1050 94.66 43.41 -25.19
CA LEU C 1050 93.73 43.17 -26.30
C LEU C 1050 92.50 44.05 -26.18
N CYS C 1051 91.97 44.23 -24.97
CA CYS C 1051 90.82 45.10 -24.80
C CYS C 1051 91.16 46.52 -25.22
N LEU C 1052 92.38 46.95 -24.92
CA LEU C 1052 92.83 48.29 -25.25
C LEU C 1052 92.75 48.56 -26.75
N GLY C 1053 92.35 49.79 -27.10
CA GLY C 1053 92.19 50.21 -28.49
C GLY C 1053 92.32 51.71 -28.59
N MET C 1054 92.36 52.20 -29.84
CA MET C 1054 92.57 53.61 -30.11
C MET C 1054 93.79 54.14 -29.36
N PRO C 1055 95.00 53.78 -29.77
CA PRO C 1055 96.18 54.31 -29.08
C PRO C 1055 96.20 55.83 -29.19
N PRO C 1056 96.69 56.50 -28.15
CA PRO C 1056 96.63 57.97 -28.14
C PRO C 1056 97.44 58.64 -29.23
N ALA C 1057 98.38 57.94 -29.86
CA ALA C 1057 99.22 58.56 -30.87
C ALA C 1057 98.41 59.01 -32.09
N LEU C 1058 97.48 58.18 -32.54
CA LEU C 1058 96.71 58.45 -33.76
C LEU C 1058 95.25 58.66 -33.42
N CYS C 1059 94.70 59.79 -33.87
CA CYS C 1059 93.29 60.07 -33.64
C CYS C 1059 92.40 59.25 -34.57
N ILE C 1060 92.79 59.09 -35.83
CA ILE C 1060 91.96 58.36 -36.78
C ILE C 1060 92.08 56.86 -36.52
N ASP C 1061 91.23 56.07 -37.17
CA ASP C 1061 91.07 54.67 -36.84
C ASP C 1061 92.32 53.87 -37.23
N TYR C 1062 92.26 52.56 -36.96
CA TYR C 1062 93.43 51.69 -37.07
C TYR C 1062 93.84 51.49 -38.53
N PRO C 1063 95.15 51.37 -38.80
CA PRO C 1063 95.59 51.01 -40.15
C PRO C 1063 95.25 49.56 -40.47
N TRP C 1064 95.56 48.66 -39.53
CA TRP C 1064 95.31 47.24 -39.77
C TRP C 1064 93.83 46.96 -39.94
N ARG C 1065 92.98 47.58 -39.11
CA ARG C 1065 91.55 47.43 -39.33
C ARG C 1065 91.18 48.13 -40.62
N TRP C 1066 90.47 47.40 -41.48
CA TRP C 1066 90.33 47.82 -42.86
C TRP C 1066 88.90 47.64 -43.35
N SER C 1067 88.53 48.47 -44.32
CA SER C 1067 87.38 48.21 -45.18
C SER C 1067 87.82 47.64 -46.52
N LYS C 1068 89.10 47.29 -46.66
CA LYS C 1068 89.64 46.78 -47.91
C LYS C 1068 89.31 45.30 -48.06
N ALA C 1069 89.93 44.65 -49.05
CA ALA C 1069 89.71 43.24 -49.36
C ALA C 1069 90.59 42.31 -48.53
N ILE C 1070 91.04 42.77 -47.37
CA ILE C 1070 91.81 41.94 -46.45
C ILE C 1070 90.97 40.74 -46.03
N PRO C 1071 91.54 39.53 -45.88
CA PRO C 1071 90.69 38.35 -45.64
C PRO C 1071 89.79 38.47 -44.42
N MET C 1072 90.17 39.24 -43.42
CA MET C 1072 89.32 39.42 -42.25
C MET C 1072 88.06 40.19 -42.63
N ASN C 1073 87.03 40.05 -41.82
CA ASN C 1073 85.78 40.74 -42.10
C ASN C 1073 85.07 41.08 -40.80
N SER C 1074 83.76 41.31 -40.89
CA SER C 1074 82.95 41.69 -39.74
C SER C 1074 82.96 40.62 -38.65
N ALA C 1075 83.06 39.35 -39.03
CA ALA C 1075 83.03 38.29 -38.03
C ALA C 1075 84.20 38.43 -37.04
N LEU C 1076 85.41 38.68 -37.56
CA LEU C 1076 86.54 38.85 -36.66
C LEU C 1076 86.38 40.07 -35.78
N ILE C 1077 85.93 41.18 -36.37
CA ILE C 1077 85.78 42.40 -35.59
C ILE C 1077 84.75 42.20 -34.49
N LYS C 1078 83.68 41.45 -34.77
CA LYS C 1078 82.73 41.14 -33.71
C LYS C 1078 83.41 40.29 -32.64
N TRP C 1079 84.15 39.27 -33.05
CA TRP C 1079 84.93 38.51 -32.09
C TRP C 1079 86.10 39.30 -31.50
N LEU C 1080 86.74 40.15 -32.29
CA LEU C 1080 87.92 40.83 -31.76
C LEU C 1080 87.50 42.06 -30.95
N TYR C 1081 88.45 42.59 -30.18
CA TYR C 1081 88.16 43.72 -29.28
C TYR C 1081 88.96 44.94 -29.74
N LEU C 1082 88.29 45.88 -30.40
CA LEU C 1082 88.90 47.14 -30.79
C LEU C 1082 87.83 48.20 -30.97
N PRO C 1083 87.87 49.29 -30.19
CA PRO C 1083 86.91 50.37 -30.39
C PRO C 1083 87.09 51.01 -31.75
N ASP C 1084 85.97 51.41 -32.36
CA ASP C 1084 85.97 52.00 -33.69
C ASP C 1084 84.69 52.80 -33.85
N PHE C 1085 84.37 53.16 -35.09
CA PHE C 1085 83.06 53.73 -35.36
C PHE C 1085 81.95 52.76 -35.00
N PHE C 1086 82.22 51.45 -35.05
CA PHE C 1086 81.17 50.46 -34.84
C PHE C 1086 81.03 50.02 -33.39
N ARG C 1087 82.06 49.39 -32.81
CA ARG C 1087 81.86 48.79 -31.51
C ARG C 1087 83.18 48.64 -30.76
N ALA C 1088 83.05 48.58 -29.43
CA ALA C 1088 84.05 48.04 -28.52
C ALA C 1088 83.36 46.96 -27.69
N PRO C 1089 83.68 45.69 -27.88
CA PRO C 1089 82.77 44.62 -27.42
C PRO C 1089 82.70 44.40 -25.92
N ASN C 1090 82.04 43.29 -25.55
CA ASN C 1090 81.72 42.99 -24.17
C ASN C 1090 82.94 42.97 -23.27
N SER C 1091 82.72 43.42 -22.03
CA SER C 1091 83.78 43.50 -21.02
C SER C 1091 83.56 42.46 -19.93
N THR C 1092 82.91 41.36 -20.27
CA THR C 1092 82.78 40.23 -19.35
C THR C 1092 84.14 39.58 -19.09
N ASN C 1093 85.08 39.80 -20.00
CA ASN C 1093 86.40 39.23 -19.84
C ASN C 1093 87.03 39.68 -18.53
N LEU C 1094 86.83 40.94 -18.15
CA LEU C 1094 87.38 41.40 -16.88
C LEU C 1094 86.79 40.67 -15.68
N ILE C 1095 85.47 40.43 -15.64
CA ILE C 1095 84.95 39.71 -14.48
C ILE C 1095 85.53 38.30 -14.43
N SER C 1096 85.66 37.67 -15.61
CA SER C 1096 86.27 36.35 -15.61
C SER C 1096 87.71 36.43 -15.10
N ASP C 1097 88.42 37.48 -15.52
CA ASP C 1097 89.79 37.70 -15.09
C ASP C 1097 89.84 37.83 -13.57
N PHE C 1098 88.89 38.60 -13.01
CA PHE C 1098 88.75 38.68 -11.57
C PHE C 1098 88.70 37.31 -10.93
N LEU C 1099 87.91 36.42 -11.52
CA LEU C 1099 87.85 35.09 -10.94
C LEU C 1099 89.21 34.44 -11.04
N LEU C 1100 89.89 34.66 -12.16
CA LEU C 1100 91.19 34.04 -12.39
C LEU C 1100 92.20 34.48 -11.32
N LEU C 1101 92.30 35.79 -11.13
CA LEU C 1101 93.22 36.33 -10.13
C LEU C 1101 92.89 35.83 -8.73
N LEU C 1102 91.60 35.84 -8.37
CA LEU C 1102 91.26 35.40 -7.02
C LEU C 1102 91.63 33.95 -6.86
N CYS C 1103 91.41 33.15 -7.90
CA CYS C 1103 91.81 31.75 -7.83
C CYS C 1103 93.31 31.63 -7.63
N ALA C 1104 94.08 32.46 -8.31
CA ALA C 1104 95.52 32.44 -8.11
C ALA C 1104 95.85 32.70 -6.65
N SER C 1105 95.19 33.69 -6.06
CA SER C 1105 95.41 33.97 -4.65
C SER C 1105 95.02 32.79 -3.79
N GLN C 1106 93.89 32.19 -4.09
CA GLN C 1106 93.45 31.01 -3.36
C GLN C 1106 94.44 29.88 -3.54
N GLN C 1107 95.05 29.79 -4.71
CA GLN C 1107 96.09 28.79 -4.92
C GLN C 1107 97.26 29.05 -3.99
N TRP C 1108 97.62 30.32 -3.80
CA TRP C 1108 98.64 30.61 -2.80
C TRP C 1108 98.18 30.16 -1.42
N GLN C 1109 96.91 30.35 -1.11
CA GLN C 1109 96.41 29.79 0.15
C GLN C 1109 96.56 28.28 0.17
N VAL C 1110 96.36 27.63 -0.98
CA VAL C 1110 96.61 26.19 -1.08
C VAL C 1110 98.08 25.90 -0.80
N PHE C 1111 98.96 26.80 -1.24
CA PHE C 1111 100.37 26.67 -0.90
C PHE C 1111 100.53 26.66 0.60
N SER C 1112 99.83 27.56 1.27
CA SER C 1112 99.78 27.49 2.72
C SER C 1112 99.13 26.19 3.19
N ALA C 1113 98.34 25.55 2.33
CA ALA C 1113 97.69 24.31 2.72
C ALA C 1113 98.69 23.17 2.85
N GLU C 1114 99.59 23.00 1.87
CA GLU C 1114 100.58 21.94 2.11
C GLU C 1114 101.48 22.32 3.28
N ARG C 1115 101.72 23.60 3.44
CA ARG C 1115 102.50 24.12 4.54
C ARG C 1115 101.55 24.38 5.71
N THR C 1116 101.95 25.18 6.69
CA THR C 1116 101.14 25.48 7.87
C THR C 1116 100.82 24.18 8.62
N GLU C 1117 101.87 23.64 9.23
CA GLU C 1117 101.77 22.33 9.86
C GLU C 1117 100.68 22.32 10.92
N GLU C 1118 100.58 23.39 11.69
CA GLU C 1118 99.57 23.44 12.74
C GLU C 1118 98.16 23.39 12.17
N TRP C 1119 97.88 24.19 11.14
CA TRP C 1119 96.54 24.15 10.54
C TRP C 1119 96.29 22.84 9.83
N GLN C 1120 97.26 22.35 9.05
CA GLN C 1120 97.09 21.10 8.31
C GLN C 1120 96.97 19.91 9.25
N ARG C 1121 97.52 20.02 10.46
CA ARG C 1121 97.52 18.91 11.40
C ARG C 1121 96.13 18.38 11.60
N MET C 1122 95.14 19.29 11.66
CA MET C 1122 93.77 18.85 11.80
C MET C 1122 93.36 17.99 10.60
N ALA C 1123 93.80 18.37 9.41
CA ALA C 1123 93.50 17.62 8.19
C ALA C 1123 94.35 16.36 8.11
N GLY C 1135 95.45 3.85 9.58
CA GLY C 1135 95.45 5.30 9.55
C GLY C 1135 94.06 5.89 9.60
N GLU C 1136 93.71 6.63 8.55
CA GLU C 1136 92.36 7.22 8.48
C GLU C 1136 91.27 6.16 8.47
N PRO C 1137 91.42 5.01 7.79
CA PRO C 1137 90.32 4.04 7.80
C PRO C 1137 89.95 3.60 9.21
N ASN C 1138 90.90 3.52 10.13
CA ASN C 1138 90.59 3.02 11.46
C ASN C 1138 89.54 3.85 12.20
N PRO C 1139 89.57 5.19 12.20
CA PRO C 1139 88.52 5.92 12.95
C PRO C 1139 87.12 5.77 12.40
N ILE C 1140 86.96 5.70 11.07
CA ILE C 1140 85.62 5.76 10.48
C ILE C 1140 84.66 4.64 10.85
N PRO C 1141 85.07 3.36 10.95
CA PRO C 1141 84.07 2.29 11.11
C PRO C 1141 83.11 2.46 12.28
N ASN C 1142 83.56 3.13 13.34
CA ASN C 1142 82.78 3.21 14.58
C ASN C 1142 81.35 3.68 14.32
N PHE C 1143 81.17 4.64 13.42
CA PHE C 1143 79.82 5.14 13.14
C PHE C 1143 79.12 4.27 12.09
N ILE C 1144 78.81 3.04 12.48
CA ILE C 1144 78.02 2.22 11.57
C ILE C 1144 76.67 2.88 11.38
N HIS C 1145 76.03 3.21 12.49
CA HIS C 1145 74.84 4.01 12.51
C HIS C 1145 75.02 4.85 13.78
N CYS C 1146 75.92 5.83 13.73
CA CYS C 1146 76.13 6.66 14.91
C CYS C 1146 74.88 7.45 15.21
N ARG C 1147 74.57 7.59 16.48
CA ARG C 1147 73.35 8.24 16.87
C ARG C 1147 73.46 9.76 16.87
N SER C 1148 74.64 10.30 16.60
CA SER C 1148 74.78 11.75 16.62
C SER C 1148 73.83 12.35 15.59
N TYR C 1149 73.20 13.46 15.99
CA TYR C 1149 72.22 14.09 15.13
C TYR C 1149 72.87 14.41 13.78
N LEU C 1150 74.10 14.89 13.85
CA LEU C 1150 74.90 15.15 12.66
C LEU C 1150 75.21 13.87 11.91
N ASP C 1151 75.50 12.79 12.65
CA ASP C 1151 75.89 11.56 11.97
C ASP C 1151 74.80 11.01 11.08
N MET C 1152 73.54 11.05 11.52
CA MET C 1152 72.53 10.46 10.66
C MET C 1152 72.51 11.16 9.32
N LEU C 1153 72.58 12.48 9.32
CA LEU C 1153 72.58 13.19 8.06
C LEU C 1153 73.84 12.87 7.25
N LYS C 1154 75.00 12.81 7.91
CA LYS C 1154 76.23 12.56 7.17
C LYS C 1154 76.23 11.18 6.52
N VAL C 1155 75.89 10.15 7.30
CA VAL C 1155 75.89 8.80 6.79
C VAL C 1155 74.84 8.64 5.69
N ALA C 1156 73.67 9.25 5.87
CA ALA C 1156 72.69 9.21 4.79
C ALA C 1156 73.25 9.91 3.57
N VAL C 1157 73.99 10.99 3.79
CA VAL C 1157 74.57 11.73 2.68
C VAL C 1157 75.43 10.80 1.87
N PHE C 1158 76.21 9.96 2.52
CA PHE C 1158 77.16 9.18 1.75
C PHE C 1158 76.47 8.29 0.70
N ARG C 1159 75.72 7.30 1.16
CA ARG C 1159 75.11 6.34 0.24
C ARG C 1159 73.96 6.97 -0.53
N TYR C 1160 73.05 7.63 0.17
CA TYR C 1160 71.89 8.18 -0.48
C TYR C 1160 72.30 9.23 -1.49
N LEU C 1161 73.31 10.06 -1.15
CA LEU C 1161 73.88 10.98 -2.11
C LEU C 1161 74.54 10.27 -3.27
N PHE C 1162 75.11 9.08 -3.08
CA PHE C 1162 75.58 8.37 -4.26
C PHE C 1162 74.45 8.15 -5.24
N TRP C 1163 73.31 7.68 -4.73
CA TRP C 1163 72.16 7.55 -5.61
C TRP C 1163 71.75 8.91 -6.15
N LEU C 1164 71.80 9.93 -5.29
CA LEU C 1164 71.41 11.27 -5.69
C LEU C 1164 72.29 11.78 -6.82
N VAL C 1165 73.60 11.59 -6.72
CA VAL C 1165 74.48 12.11 -7.74
C VAL C 1165 74.20 11.41 -9.05
N LEU C 1166 74.01 10.10 -9.02
CA LEU C 1166 73.73 9.41 -10.27
C LEU C 1166 72.43 9.90 -10.88
N VAL C 1167 71.38 10.01 -10.08
CA VAL C 1167 70.11 10.46 -10.64
C VAL C 1167 70.20 11.89 -11.13
N VAL C 1168 70.82 12.78 -10.35
CA VAL C 1168 70.85 14.18 -10.72
C VAL C 1168 71.68 14.37 -11.97
N VAL C 1169 72.80 13.66 -12.11
CA VAL C 1169 73.54 13.82 -13.34
C VAL C 1169 72.69 13.35 -14.50
N PHE C 1170 71.90 12.30 -14.29
CA PHE C 1170 71.02 11.86 -15.35
C PHE C 1170 70.02 12.94 -15.74
N VAL C 1171 69.37 13.52 -14.74
CA VAL C 1171 68.36 14.52 -15.05
C VAL C 1171 69.02 15.75 -15.65
N ALA C 1172 70.23 16.08 -15.20
CA ALA C 1172 70.94 17.19 -15.78
C ALA C 1172 71.19 16.95 -17.25
N GLY C 1173 71.56 15.72 -17.60
CA GLY C 1173 71.72 15.39 -19.00
C GLY C 1173 70.43 15.52 -19.77
N ALA C 1174 69.32 15.12 -19.17
CA ALA C 1174 68.05 15.12 -19.88
C ALA C 1174 67.24 16.42 -19.79
N THR C 1175 67.60 17.34 -18.91
CA THR C 1175 66.80 18.55 -18.74
C THR C 1175 66.82 19.41 -19.98
N ARG C 1176 67.97 19.52 -20.63
CA ARG C 1176 68.09 20.32 -21.84
C ARG C 1176 68.26 19.36 -23.00
N ILE C 1177 67.82 19.80 -24.17
CA ILE C 1177 67.84 18.98 -25.37
C ILE C 1177 69.21 19.14 -26.01
N SER C 1178 69.97 18.05 -26.06
CA SER C 1178 71.26 18.07 -26.72
C SER C 1178 71.72 16.66 -27.00
N ILE C 1179 72.59 16.54 -28.00
CA ILE C 1179 73.24 15.26 -28.26
C ILE C 1179 74.11 14.90 -27.06
N PHE C 1180 74.73 15.91 -26.48
CA PHE C 1180 75.59 15.72 -25.33
C PHE C 1180 74.78 15.12 -24.19
N GLY C 1181 73.56 15.63 -24.01
CA GLY C 1181 72.67 15.11 -23.01
C GLY C 1181 72.30 13.66 -23.25
N LEU C 1182 72.01 13.30 -24.50
CA LEU C 1182 71.67 11.91 -24.77
C LEU C 1182 72.86 11.01 -24.48
N GLY C 1183 74.06 11.49 -24.78
CA GLY C 1183 75.24 10.72 -24.43
C GLY C 1183 75.34 10.53 -22.93
N TYR C 1184 75.04 11.59 -22.17
CA TYR C 1184 75.05 11.44 -20.72
C TYR C 1184 73.99 10.47 -20.23
N LEU C 1185 72.78 10.52 -20.79
CA LEU C 1185 71.74 9.60 -20.35
C LEU C 1185 72.10 8.15 -20.65
N LEU C 1186 72.64 7.90 -21.84
CA LEU C 1186 73.01 6.53 -22.17
C LEU C 1186 74.14 6.05 -21.26
N ALA C 1187 75.11 6.91 -21.01
CA ALA C 1187 76.18 6.56 -20.08
C ALA C 1187 75.60 6.27 -18.71
N CYS C 1188 74.59 7.05 -18.31
CA CYS C 1188 73.94 6.84 -17.04
C CYS C 1188 73.34 5.45 -16.97
N PHE C 1189 72.67 5.02 -18.02
CA PHE C 1189 72.12 3.67 -17.97
C PHE C 1189 73.24 2.66 -17.88
N TYR C 1190 74.31 2.88 -18.64
CA TYR C 1190 75.40 1.91 -18.66
C TYR C 1190 75.96 1.73 -17.26
N LEU C 1191 76.28 2.84 -16.60
CA LEU C 1191 76.76 2.74 -15.23
C LEU C 1191 75.67 2.19 -14.32
N LEU C 1192 74.44 2.58 -14.59
CA LEU C 1192 73.31 2.25 -13.77
C LEU C 1192 73.15 0.74 -13.63
N LEU C 1193 73.28 0.02 -14.73
CA LEU C 1193 73.09 -1.42 -14.62
C LEU C 1193 74.16 -2.04 -13.75
N PHE C 1194 75.40 -1.60 -13.89
CA PHE C 1194 76.46 -2.15 -13.06
C PHE C 1194 76.72 -1.30 -11.82
N GLY C 1195 75.85 -0.33 -11.53
CA GLY C 1195 76.12 0.59 -10.43
C GLY C 1195 76.41 -0.12 -9.13
N THR C 1196 75.60 -1.12 -8.80
CA THR C 1196 75.88 -1.87 -7.59
C THR C 1196 77.23 -2.55 -7.71
N THR C 1197 77.50 -3.17 -8.85
CA THR C 1197 78.79 -3.82 -9.03
C THR C 1197 79.93 -2.81 -9.03
N LEU C 1198 79.73 -1.67 -9.71
CA LEU C 1198 80.84 -0.72 -9.78
C LEU C 1198 81.22 -0.27 -8.38
N LEU C 1199 80.23 0.06 -7.56
CA LEU C 1199 80.55 0.45 -6.20
C LEU C 1199 81.18 -0.73 -5.47
N GLN C 1200 80.66 -1.93 -5.71
CA GLN C 1200 81.21 -3.11 -5.07
C GLN C 1200 82.66 -3.34 -5.45
N LYS C 1201 82.98 -3.15 -6.72
CA LYS C 1201 84.33 -3.39 -7.21
C LYS C 1201 85.29 -2.30 -6.73
N ASP C 1202 86.59 -2.64 -6.81
CA ASP C 1202 87.65 -1.79 -6.25
C ASP C 1202 87.64 -0.38 -6.79
N THR C 1203 87.97 0.54 -5.87
CA THR C 1203 87.96 1.97 -6.13
C THR C 1203 88.92 2.42 -7.23
N ARG C 1204 90.12 1.84 -7.31
CA ARG C 1204 91.09 2.40 -8.25
C ARG C 1204 90.58 2.34 -9.69
N ALA C 1205 90.09 1.17 -10.10
CA ALA C 1205 89.60 1.04 -11.47
C ALA C 1205 88.39 1.93 -11.72
N GLN C 1206 87.44 1.94 -10.79
CA GLN C 1206 86.24 2.73 -10.98
C GLN C 1206 86.58 4.22 -11.04
N LEU C 1207 87.46 4.67 -10.15
CA LEU C 1207 87.81 6.07 -10.15
C LEU C 1207 88.48 6.45 -11.46
N VAL C 1208 89.41 5.63 -11.97
CA VAL C 1208 90.07 6.03 -13.22
C VAL C 1208 89.08 6.07 -14.38
N LEU C 1209 88.26 5.03 -14.51
CA LEU C 1209 87.31 5.01 -15.63
C LEU C 1209 86.32 6.15 -15.52
N TRP C 1210 85.80 6.36 -14.33
CA TRP C 1210 84.86 7.43 -14.13
C TRP C 1210 85.55 8.74 -14.43
N ASP C 1211 86.81 8.88 -14.02
CA ASP C 1211 87.54 10.12 -14.27
C ASP C 1211 87.54 10.37 -15.75
N CYS C 1212 87.69 9.31 -16.53
CA CYS C 1212 87.58 9.45 -17.97
C CYS C 1212 86.20 10.00 -18.32
N LEU C 1213 85.18 9.55 -17.58
CA LEU C 1213 83.83 10.07 -17.82
C LEU C 1213 83.81 11.58 -17.60
N ILE C 1214 84.44 12.04 -16.52
CA ILE C 1214 84.53 13.48 -16.29
C ILE C 1214 85.30 14.14 -17.42
N LEU C 1215 86.34 13.45 -17.91
CA LEU C 1215 87.11 13.97 -19.03
C LEU C 1215 86.16 14.20 -20.18
N TYR C 1216 85.25 13.25 -20.38
CA TYR C 1216 84.22 13.38 -21.39
C TYR C 1216 83.37 14.61 -21.13
N ASN C 1217 83.02 14.83 -19.87
CA ASN C 1217 82.16 15.96 -19.54
C ASN C 1217 82.81 17.29 -19.90
N VAL C 1218 84.01 17.51 -19.37
CA VAL C 1218 84.72 18.76 -19.64
C VAL C 1218 85.06 18.88 -21.11
N THR C 1219 85.35 17.76 -21.76
CA THR C 1219 85.62 17.78 -23.17
C THR C 1219 84.42 18.33 -23.93
N VAL C 1220 83.21 17.89 -23.52
CA VAL C 1220 81.98 18.44 -24.06
C VAL C 1220 81.88 19.92 -23.80
N ILE C 1221 82.36 20.34 -22.63
CA ILE C 1221 82.32 21.76 -22.34
C ILE C 1221 83.09 22.53 -23.40
N ILE C 1222 84.29 22.05 -23.68
CA ILE C 1222 85.14 22.73 -24.66
C ILE C 1222 84.52 22.67 -26.04
N SER C 1223 83.95 21.52 -26.40
CA SER C 1223 83.36 21.31 -27.71
C SER C 1223 82.17 22.25 -27.96
N LYS C 1224 81.26 22.36 -27.01
CA LYS C 1224 80.19 23.34 -27.20
C LYS C 1224 80.71 24.77 -27.24
N ASN C 1225 81.71 25.09 -26.45
CA ASN C 1225 82.25 26.44 -26.58
C ASN C 1225 82.71 26.64 -28.02
N MET C 1226 83.35 25.61 -28.58
CA MET C 1226 83.84 25.71 -29.95
C MET C 1226 82.70 25.91 -30.94
N LEU C 1227 81.64 25.10 -30.83
CA LEU C 1227 80.54 25.19 -31.78
C LEU C 1227 79.85 26.54 -31.63
N SER C 1228 79.66 26.97 -30.40
CA SER C 1228 78.99 28.24 -30.17
C SER C 1228 79.77 29.40 -30.76
N LEU C 1229 81.08 29.42 -30.54
CA LEU C 1229 81.89 30.52 -31.04
C LEU C 1229 81.88 30.54 -32.56
N LEU C 1230 82.04 29.38 -33.19
CA LEU C 1230 82.05 29.36 -34.65
C LEU C 1230 80.68 29.77 -35.19
N SER C 1231 79.61 29.34 -34.53
CA SER C 1231 78.28 29.71 -34.99
C SER C 1231 78.07 31.21 -34.89
N CYS C 1232 78.48 31.81 -33.78
CA CYS C 1232 78.30 33.25 -33.62
C CYS C 1232 79.12 34.04 -34.63
N VAL C 1233 80.36 33.63 -34.87
CA VAL C 1233 81.24 34.42 -35.74
C VAL C 1233 80.70 34.46 -37.17
N PHE C 1234 80.25 33.33 -37.68
CA PHE C 1234 79.77 33.23 -39.06
C PHE C 1234 78.37 32.65 -39.03
N VAL C 1235 77.43 33.37 -39.65
CA VAL C 1235 76.04 32.90 -39.72
C VAL C 1235 75.57 32.63 -41.15
N GLU C 1236 76.13 33.32 -42.15
CA GLU C 1236 75.63 33.19 -43.51
C GLU C 1236 75.82 31.81 -44.17
N GLN C 1237 77.05 31.26 -44.18
CA GLN C 1237 77.25 29.94 -44.80
C GLN C 1237 76.55 28.86 -43.99
N MET C 1238 76.71 28.97 -42.68
CA MET C 1238 76.04 28.07 -41.77
C MET C 1238 74.53 28.23 -41.88
N GLN C 1239 74.03 29.45 -42.02
CA GLN C 1239 72.58 29.51 -42.14
C GLN C 1239 72.15 28.77 -43.41
N SER C 1240 72.85 29.00 -44.52
CA SER C 1240 72.45 28.41 -45.81
C SER C 1240 72.48 26.87 -45.84
N ASN C 1241 73.52 26.23 -45.28
CA ASN C 1241 73.59 24.77 -45.31
C ASN C 1241 73.13 24.18 -43.97
N PHE C 1242 73.47 24.87 -42.97
CA PHE C 1242 73.09 24.44 -41.68
C PHE C 1242 71.61 24.79 -41.45
N CYS C 1243 70.90 25.03 -42.56
CA CYS C 1243 69.42 25.19 -42.52
C CYS C 1243 68.87 23.80 -42.15
N TRP C 1244 69.42 22.76 -42.79
CA TRP C 1244 69.15 21.37 -42.47
C TRP C 1244 69.98 20.96 -41.28
N VAL C 1245 71.24 21.42 -41.23
CA VAL C 1245 72.00 21.03 -40.04
C VAL C 1245 71.37 21.58 -38.76
N ILE C 1246 70.70 22.75 -38.83
CA ILE C 1246 70.05 23.30 -37.65
C ILE C 1246 69.03 22.30 -37.14
N GLN C 1247 68.37 21.59 -38.08
CA GLN C 1247 67.54 20.46 -37.67
C GLN C 1247 68.42 19.44 -36.98
N LEU C 1248 69.61 19.23 -37.54
CA LEU C 1248 70.55 18.31 -36.90
C LEU C 1248 70.96 18.86 -35.52
N PHE C 1249 71.32 20.15 -35.45
CA PHE C 1249 71.73 20.80 -34.21
C PHE C 1249 71.27 22.25 -34.20
N SER C 1250 70.54 22.66 -33.16
CA SER C 1250 70.19 24.07 -32.98
C SER C 1250 71.40 24.84 -32.48
N LEU C 1251 71.58 26.05 -32.98
CA LEU C 1251 72.75 26.83 -32.58
C LEU C 1251 72.39 28.08 -31.76
N VAL C 1252 73.42 28.90 -31.53
CA VAL C 1252 73.49 30.00 -30.57
C VAL C 1252 72.83 31.28 -31.05
N CYS C 1253 72.77 32.26 -30.14
CA CYS C 1253 71.96 33.47 -30.25
C CYS C 1253 72.37 34.36 -31.42
N THR C 1254 71.62 35.46 -31.62
CA THR C 1254 71.80 36.29 -32.80
C THR C 1254 73.20 36.89 -32.85
N VAL C 1255 73.68 37.41 -31.72
CA VAL C 1255 75.01 37.99 -31.67
C VAL C 1255 75.86 37.17 -30.71
N GLU C 1277 69.83 32.39 -17.03
CA GLU C 1277 69.07 31.45 -17.85
C GLU C 1277 69.87 31.04 -19.07
N ALA C 1278 70.44 32.03 -19.74
CA ALA C 1278 71.23 31.76 -20.92
C ALA C 1278 72.53 31.08 -20.52
N GLY C 1279 73.26 30.62 -21.52
CA GLY C 1279 74.49 29.91 -21.25
C GLY C 1279 74.21 28.51 -20.76
N ILE C 1280 75.31 27.81 -20.49
CA ILE C 1280 75.25 26.40 -20.11
C ILE C 1280 75.15 26.34 -18.59
N ILE C 1281 73.94 26.54 -18.10
CA ILE C 1281 73.76 26.60 -16.66
C ILE C 1281 73.49 25.23 -16.04
N TRP C 1282 72.54 24.46 -16.61
CA TRP C 1282 72.19 23.18 -16.01
C TRP C 1282 73.38 22.23 -15.98
N ASP C 1283 74.09 22.14 -17.10
CA ASP C 1283 75.27 21.30 -17.16
C ASP C 1283 76.36 21.83 -16.24
N SER C 1284 76.60 23.13 -16.25
CA SER C 1284 77.68 23.65 -15.43
C SER C 1284 77.44 23.32 -13.97
N ILE C 1285 76.21 23.51 -13.50
CA ILE C 1285 75.91 23.19 -12.11
C ILE C 1285 76.04 21.69 -11.87
N CYS C 1286 75.65 20.86 -12.85
CA CYS C 1286 75.83 19.43 -12.66
C CYS C 1286 77.31 19.15 -12.47
N PHE C 1287 78.13 19.87 -13.21
CA PHE C 1287 79.58 19.78 -13.04
C PHE C 1287 79.99 20.15 -11.63
N PHE C 1288 79.43 21.22 -11.08
CA PHE C 1288 79.79 21.62 -9.72
C PHE C 1288 79.45 20.55 -8.69
N PHE C 1289 78.26 20.01 -8.78
CA PHE C 1289 77.89 18.94 -7.87
C PHE C 1289 78.74 17.71 -8.16
N LEU C 1290 79.00 17.46 -9.44
CA LEU C 1290 79.82 16.33 -9.82
C LEU C 1290 81.19 16.48 -9.21
N LEU C 1291 81.72 17.70 -9.19
CA LEU C 1291 83.01 17.90 -8.57
C LEU C 1291 82.92 17.60 -7.10
N LEU C 1292 81.83 18.01 -6.46
CA LEU C 1292 81.79 17.74 -5.03
C LEU C 1292 81.81 16.24 -4.77
N GLN C 1293 81.01 15.51 -5.54
CA GLN C 1293 80.93 14.06 -5.35
C GLN C 1293 82.23 13.33 -5.69
N ARG C 1294 82.98 13.75 -6.72
CA ARG C 1294 84.19 12.96 -6.99
C ARG C 1294 85.09 13.03 -5.78
N ARG C 1295 85.18 14.22 -5.19
CA ARG C 1295 86.00 14.38 -4.00
C ARG C 1295 85.48 13.48 -2.90
N ILE C 1296 84.17 13.38 -2.79
CA ILE C 1296 83.62 12.47 -1.77
C ILE C 1296 84.07 11.05 -2.08
N PHE C 1297 84.03 10.69 -3.36
CA PHE C 1297 84.41 9.37 -3.80
C PHE C 1297 85.87 9.09 -3.49
N LEU C 1298 86.70 10.10 -3.69
CA LEU C 1298 88.13 9.99 -3.41
C LEU C 1298 88.37 9.70 -1.95
N SER C 1299 87.63 10.37 -1.06
CA SER C 1299 87.76 10.09 0.35
C SER C 1299 87.48 8.62 0.64
N HIS C 1300 87.82 8.23 1.88
CA HIS C 1300 87.80 6.85 2.31
C HIS C 1300 86.59 6.53 3.19
N TYR C 1301 85.59 7.40 3.21
CA TYR C 1301 84.39 7.20 4.01
C TYR C 1301 83.59 6.00 3.55
N PHE C 1302 83.95 5.45 2.39
CA PHE C 1302 83.31 4.33 1.73
C PHE C 1302 83.48 3.02 2.46
N LEU C 1303 84.35 2.97 3.47
CA LEU C 1303 84.55 1.72 4.18
C LEU C 1303 83.23 1.20 4.71
N HIS C 1304 82.39 2.09 5.24
CA HIS C 1304 81.09 1.64 5.70
C HIS C 1304 80.32 1.10 4.51
N VAL C 1305 80.42 1.83 3.40
CA VAL C 1305 79.77 1.43 2.17
C VAL C 1305 80.32 0.10 1.76
N SER C 1306 81.63 -0.09 1.99
CA SER C 1306 82.26 -1.31 1.55
C SER C 1306 81.58 -2.50 2.20
N ALA C 1307 81.35 -2.43 3.52
CA ALA C 1307 80.63 -3.52 4.15
C ALA C 1307 79.34 -3.81 3.40
N ASP C 1308 78.62 -2.74 3.08
CA ASP C 1308 77.33 -2.89 2.41
C ASP C 1308 77.50 -3.67 1.12
N LEU C 1309 78.50 -3.28 0.33
CA LEU C 1309 78.67 -3.92 -0.96
C LEU C 1309 78.98 -5.40 -0.79
N LYS C 1310 79.94 -5.72 0.09
CA LYS C 1310 80.24 -7.13 0.28
C LYS C 1310 79.00 -7.82 0.82
N ALA C 1311 78.26 -7.10 1.66
CA ALA C 1311 77.06 -7.64 2.27
C ALA C 1311 76.13 -8.19 1.20
N THR C 1312 76.07 -7.51 0.06
CA THR C 1312 75.13 -7.93 -0.97
C THR C 1312 75.33 -9.40 -1.31
N ALA C 1313 76.59 -9.81 -1.36
CA ALA C 1313 76.92 -11.15 -1.81
C ALA C 1313 76.15 -12.22 -1.05
N LEU C 1314 75.91 -12.03 0.24
CA LEU C 1314 75.32 -13.14 0.96
C LEU C 1314 73.85 -13.00 1.33
N GLN C 1315 73.13 -11.95 0.95
CA GLN C 1315 71.76 -11.92 1.47
C GLN C 1315 70.86 -12.98 0.85
N ALA C 1316 70.96 -13.18 -0.47
CA ALA C 1316 69.88 -13.84 -1.18
C ALA C 1316 69.54 -15.19 -0.58
N SER C 1317 70.56 -15.98 -0.26
CA SER C 1317 70.30 -17.33 0.21
C SER C 1317 69.46 -17.29 1.47
N ARG C 1318 69.85 -16.45 2.43
CA ARG C 1318 69.08 -16.37 3.65
C ARG C 1318 67.69 -15.89 3.33
N GLY C 1319 67.60 -14.84 2.50
CA GLY C 1319 66.28 -14.33 2.19
C GLY C 1319 65.50 -15.38 1.44
N PHE C 1320 66.18 -16.10 0.54
CA PHE C 1320 65.58 -17.25 -0.10
C PHE C 1320 64.94 -18.11 0.97
N ALA C 1321 65.77 -18.62 1.88
CA ALA C 1321 65.24 -19.45 2.95
C ALA C 1321 64.20 -18.67 3.73
N LEU C 1322 64.49 -17.41 4.06
CA LEU C 1322 63.49 -16.63 4.77
C LEU C 1322 62.20 -16.67 3.98
N TYR C 1323 62.30 -16.31 2.70
CA TYR C 1323 61.14 -16.36 1.82
C TYR C 1323 60.46 -17.72 1.85
N ASN C 1324 61.21 -18.78 1.51
CA ASN C 1324 60.53 -20.08 1.48
C ASN C 1324 60.03 -20.43 2.87
N ALA C 1325 60.83 -20.13 3.90
CA ALA C 1325 60.37 -20.42 5.25
C ALA C 1325 59.10 -19.66 5.53
N ALA C 1326 59.02 -18.40 5.10
CA ALA C 1326 57.80 -17.66 5.32
C ALA C 1326 56.65 -18.36 4.65
N ASN C 1327 56.86 -18.81 3.41
CA ASN C 1327 55.79 -19.53 2.74
C ASN C 1327 55.50 -20.79 3.51
N LEU C 1328 56.55 -21.47 3.95
CA LEU C 1328 56.37 -22.67 4.74
C LEU C 1328 55.65 -22.29 6.02
N LYS C 1329 56.08 -21.19 6.63
CA LYS C 1329 55.43 -20.77 7.85
C LYS C 1329 53.98 -20.50 7.57
N SER C 1330 53.70 -19.80 6.48
CA SER C 1330 52.32 -19.51 6.17
C SER C 1330 51.57 -20.80 5.97
N ILE C 1331 52.12 -21.70 5.15
CA ILE C 1331 51.41 -22.94 4.93
C ILE C 1331 51.40 -23.74 6.22
N ASN C 1332 52.52 -23.76 6.94
CA ASN C 1332 52.49 -24.52 8.18
C ASN C 1332 51.49 -23.89 9.12
N PHE C 1333 51.47 -22.55 9.19
CA PHE C 1333 50.52 -21.92 10.08
C PHE C 1333 49.12 -22.29 9.67
N HIS C 1334 48.90 -22.36 8.36
CA HIS C 1334 47.57 -22.68 7.86
C HIS C 1334 47.10 -24.00 8.43
N ARG C 1335 48.02 -24.96 8.54
CA ARG C 1335 47.55 -26.26 8.99
C ARG C 1335 47.09 -26.21 10.43
N GLN C 1336 47.77 -25.44 11.29
CA GLN C 1336 47.32 -25.48 12.66
C GLN C 1336 45.86 -25.07 12.80
N ILE C 1337 45.36 -24.14 11.99
CA ILE C 1337 43.97 -23.76 12.24
C ILE C 1337 43.04 -24.94 12.00
N GLU C 1338 43.27 -25.75 10.95
CA GLU C 1338 42.36 -26.88 10.81
C GLU C 1338 42.47 -27.85 11.99
N GLU C 1339 43.68 -28.11 12.52
CA GLU C 1339 43.62 -29.00 13.68
C GLU C 1339 42.80 -28.32 14.76
N LYS C 1340 42.89 -26.98 14.83
CA LYS C 1340 42.03 -26.25 15.76
C LYS C 1340 40.58 -26.55 15.41
N SER C 1341 40.30 -26.62 14.11
CA SER C 1341 38.99 -27.06 13.64
C SER C 1341 38.74 -28.47 14.13
N LEU C 1342 39.77 -29.30 14.06
CA LEU C 1342 39.74 -30.63 14.63
C LEU C 1342 39.50 -30.54 16.12
N ALA C 1343 40.07 -29.51 16.74
CA ALA C 1343 39.83 -29.26 18.16
C ALA C 1343 38.35 -29.07 18.44
N GLN C 1344 37.61 -28.30 17.63
CA GLN C 1344 36.17 -28.36 17.78
C GLN C 1344 35.71 -29.80 17.67
N LEU C 1345 36.24 -30.52 16.69
CA LEU C 1345 35.93 -31.93 16.65
C LEU C 1345 36.38 -32.61 17.94
N LYS C 1346 37.54 -32.19 18.46
CA LYS C 1346 37.93 -32.67 19.78
C LYS C 1346 36.94 -32.13 20.80
N ARG C 1347 36.50 -30.90 20.62
CA ARG C 1347 35.45 -30.39 21.50
C ARG C 1347 34.21 -31.23 21.28
N GLN C 1348 34.02 -31.65 20.03
CA GLN C 1348 32.91 -32.52 19.69
C GLN C 1348 32.95 -33.79 20.52
N MET C 1349 34.13 -34.38 20.68
CA MET C 1349 34.19 -35.58 21.48
C MET C 1349 33.78 -35.28 22.91
N LYS C 1350 34.11 -34.09 23.42
CA LYS C 1350 33.68 -33.78 24.78
C LYS C 1350 32.17 -33.80 24.93
N ARG C 1351 31.40 -33.22 23.99
CA ARG C 1351 29.96 -33.37 24.22
C ARG C 1351 29.57 -34.82 24.08
N ILE C 1352 30.29 -35.57 23.25
CA ILE C 1352 30.03 -37.00 23.14
C ILE C 1352 30.18 -37.66 24.51
N ARG C 1353 31.20 -37.26 25.27
CA ARG C 1353 31.29 -37.77 26.64
C ARG C 1353 30.08 -37.35 27.43
N ALA C 1354 29.62 -36.13 27.22
CA ALA C 1354 28.43 -35.67 27.91
C ALA C 1354 27.27 -36.59 27.60
N LYS C 1355 27.21 -37.07 26.36
CA LYS C 1355 26.15 -37.98 25.97
C LYS C 1355 26.13 -39.23 26.84
N GLN C 1356 27.27 -39.88 27.06
CA GLN C 1356 27.21 -41.07 27.90
C GLN C 1356 26.55 -40.81 29.25
N GLU C 1357 26.89 -39.72 29.95
CA GLU C 1357 26.22 -39.56 31.24
C GLU C 1357 24.72 -39.38 31.07
N LYS C 1358 24.27 -38.65 30.07
CA LYS C 1358 22.81 -38.52 29.99
C LYS C 1358 22.16 -39.88 29.81
N TYR C 1359 22.70 -40.74 28.96
CA TYR C 1359 22.05 -42.05 28.84
C TYR C 1359 22.12 -42.80 30.17
N ARG C 1360 23.27 -42.79 30.84
CA ARG C 1360 23.31 -43.45 32.14
C ARG C 1360 22.35 -42.72 33.07
N GLN C 1361 22.35 -41.40 32.98
CA GLN C 1361 21.42 -40.62 33.78
C GLN C 1361 19.99 -40.94 33.38
N SER C 1362 19.75 -41.07 32.07
CA SER C 1362 18.38 -41.30 31.62
C SER C 1362 17.82 -42.61 32.18
N GLN C 1363 18.62 -43.68 32.13
CA GLN C 1363 18.15 -44.95 32.66
C GLN C 1363 17.91 -44.86 34.15
N ALA C 1364 18.81 -44.17 34.86
CA ALA C 1364 18.71 -43.98 36.31
C ALA C 1364 18.43 -45.27 37.07
N LEU C 1401 21.33 -41.02 10.95
CA LEU C 1401 20.56 -40.66 9.74
C LEU C 1401 19.50 -39.61 10.10
N ASP C 1402 19.28 -39.38 11.39
CA ASP C 1402 18.27 -38.39 11.84
C ASP C 1402 18.67 -37.01 11.31
N HIS C 1403 18.19 -36.64 10.14
CA HIS C 1403 18.55 -35.32 9.54
C HIS C 1403 18.05 -34.20 10.44
N ALA C 1404 16.83 -34.28 10.95
CA ALA C 1404 16.27 -33.23 11.84
C ALA C 1404 16.09 -33.76 13.27
N THR C 1405 16.54 -34.98 13.54
CA THR C 1405 16.38 -35.58 14.89
C THR C 1405 17.09 -34.74 15.94
N VAL C 1406 18.28 -34.24 15.63
CA VAL C 1406 19.12 -33.42 16.55
C VAL C 1406 18.45 -32.07 16.86
N ILE C 1407 17.61 -31.55 15.99
CA ILE C 1407 16.97 -30.22 16.20
C ILE C 1407 16.18 -30.24 17.51
N HIS C 1408 15.47 -31.33 17.81
CA HIS C 1408 14.69 -31.43 19.02
C HIS C 1408 15.30 -32.36 20.07
N SER C 1409 16.45 -32.98 19.81
CA SER C 1409 17.04 -33.94 20.74
C SER C 1409 18.05 -33.36 21.74
N GLY C 1410 18.30 -32.06 21.71
CA GLY C 1410 19.26 -31.39 22.57
C GLY C 1410 19.05 -31.39 24.08
N ASP C 1411 20.13 -31.65 24.83
CA ASP C 1411 20.06 -31.64 26.28
C ASP C 1411 20.52 -30.27 26.74
N TYR C 1412 20.19 -29.93 27.99
CA TYR C 1412 20.58 -28.63 28.51
C TYR C 1412 21.70 -28.62 29.54
N PHE C 1413 21.69 -29.51 30.54
CA PHE C 1413 22.73 -29.42 31.57
C PHE C 1413 24.11 -29.68 30.97
N LEU C 1414 24.21 -30.69 30.11
CA LEU C 1414 25.45 -30.92 29.37
C LEU C 1414 25.72 -29.74 28.45
N PHE C 1415 24.65 -29.17 27.91
CA PHE C 1415 24.73 -28.07 26.98
C PHE C 1415 25.45 -26.87 27.61
N GLU C 1416 25.21 -26.61 28.88
CA GLU C 1416 25.85 -25.48 29.55
C GLU C 1416 27.36 -25.71 29.56
N SER C 1417 28.14 -24.65 29.38
CA SER C 1417 29.58 -24.82 29.32
C SER C 1417 30.18 -25.18 30.67
N ASP C 1418 31.29 -25.93 30.62
CA ASP C 1418 32.00 -26.36 31.82
C ASP C 1418 32.40 -25.19 32.72
N ALA C 1437 44.47 8.45 21.68
CA ALA C 1437 44.00 8.80 20.34
C ALA C 1437 42.71 9.59 20.39
N PHE C 1438 41.74 9.14 19.60
CA PHE C 1438 40.50 9.89 19.43
C PHE C 1438 39.65 9.94 20.69
N GLN C 1439 39.95 9.11 21.69
CA GLN C 1439 39.13 9.08 22.89
C GLN C 1439 39.08 10.45 23.55
N MET C 1440 40.19 11.18 23.48
CA MET C 1440 40.19 12.55 23.96
C MET C 1440 39.23 13.41 23.16
N ALA C 1441 39.18 13.21 21.83
CA ALA C 1441 38.23 13.96 21.02
C ALA C 1441 36.81 13.64 21.45
N TYR C 1442 36.53 12.37 21.71
CA TYR C 1442 35.25 11.94 22.23
C TYR C 1442 34.88 12.68 23.51
N GLN C 1443 35.77 12.65 24.49
CA GLN C 1443 35.43 13.24 25.78
C GLN C 1443 35.27 14.76 25.66
N ALA C 1444 36.13 15.40 24.87
CA ALA C 1444 36.05 16.84 24.68
C ALA C 1444 34.76 17.24 23.98
N TRP C 1445 34.32 16.46 23.00
CA TRP C 1445 33.02 16.73 22.42
C TRP C 1445 31.92 16.48 23.44
N VAL C 1446 32.15 15.55 24.36
CA VAL C 1446 31.16 15.25 25.38
C VAL C 1446 31.31 16.20 26.56
N THR C 1447 32.45 16.15 27.23
CA THR C 1447 32.70 16.95 28.42
C THR C 1447 33.49 18.19 28.04
N ASN C 1448 33.68 19.07 29.02
CA ASN C 1448 34.58 20.19 28.80
C ASN C 1448 35.96 19.65 28.48
N ALA C 1449 36.55 20.17 27.41
CA ALA C 1449 37.88 19.75 27.02
C ALA C 1449 38.90 20.10 28.08
N GLN C 1450 38.61 21.03 28.98
CA GLN C 1450 39.53 21.33 30.06
C GLN C 1450 39.76 20.11 30.92
N THR C 1451 38.69 19.38 31.21
CA THR C 1451 38.83 18.08 31.86
C THR C 1451 39.66 17.13 31.02
N VAL C 1452 39.55 17.24 29.69
CA VAL C 1452 40.31 16.34 28.83
C VAL C 1452 41.81 16.59 28.93
N LEU C 1453 42.22 17.87 28.89
CA LEU C 1453 43.63 18.15 29.07
C LEU C 1453 44.09 17.83 30.48
N ARG C 1454 43.22 18.04 31.48
CA ARG C 1454 43.63 17.66 32.81
C ARG C 1454 43.87 16.15 32.87
N GLN C 1455 43.07 15.39 32.12
CA GLN C 1455 43.28 13.95 32.03
C GLN C 1455 44.59 13.64 31.31
N ARG C 1456 44.88 14.35 30.23
CA ARG C 1456 46.09 14.07 29.48
C ARG C 1456 47.34 14.31 30.31
N ARG C 1457 47.41 15.47 30.99
CA ARG C 1457 48.63 15.70 31.76
C ARG C 1457 48.68 14.83 33.00
N GLU C 1458 47.54 14.56 33.65
CA GLU C 1458 47.61 13.66 34.80
C GLU C 1458 48.03 12.27 34.35
N ARG C 1459 47.67 11.89 33.12
CA ARG C 1459 48.23 10.68 32.55
C ARG C 1459 49.74 10.79 32.48
N ALA C 1460 50.24 11.80 31.78
CA ALA C 1460 51.67 12.05 31.72
C ALA C 1460 52.31 11.87 33.09
N ARG C 1461 51.69 12.46 34.12
CA ARG C 1461 52.16 12.31 35.49
C ARG C 1461 52.22 10.85 35.90
N GLN C 1462 51.14 10.12 35.66
CA GLN C 1462 51.05 8.76 36.20
C GLN C 1462 52.08 7.85 35.54
N GLU C 1463 52.20 7.92 34.21
CA GLU C 1463 53.21 7.10 33.55
C GLU C 1463 54.63 7.52 33.94
N ARG C 1464 54.90 8.83 34.05
CA ARG C 1464 56.23 9.25 34.45
C ARG C 1464 56.57 8.78 35.86
N ALA C 1465 55.58 8.73 36.74
CA ALA C 1465 55.80 8.06 38.02
C ALA C 1465 55.97 6.56 37.84
N GLU C 1466 55.36 6.00 36.81
CA GLU C 1466 55.38 4.55 36.62
C GLU C 1466 56.77 4.04 36.27
N GLN C 1467 57.46 4.68 35.30
CA GLN C 1467 58.73 4.07 34.91
C GLN C 1467 59.76 4.12 36.02
N LEU C 1468 59.61 5.00 36.99
CA LEU C 1468 60.58 5.12 38.07
C LEU C 1468 60.00 4.59 39.38
N GLY C 1490 33.44 35.11 35.86
CA GLY C 1490 34.67 34.40 35.58
C GLY C 1490 35.43 34.98 34.42
N ARG C 1491 35.63 36.31 34.45
CA ARG C 1491 36.32 36.98 33.35
C ARG C 1491 37.75 36.46 33.20
N SER C 1492 38.45 36.30 34.33
CA SER C 1492 39.74 35.61 34.29
C SER C 1492 39.55 34.18 33.80
N HIS C 1493 38.50 33.52 34.27
CA HIS C 1493 38.16 32.20 33.74
C HIS C 1493 37.82 32.28 32.26
N MET C 1494 37.31 33.42 31.79
CA MET C 1494 36.98 33.53 30.37
C MET C 1494 38.25 33.52 29.52
N MET C 1495 39.21 34.39 29.88
CA MET C 1495 40.47 34.35 29.14
C MET C 1495 41.18 33.02 29.33
N GLN C 1496 41.00 32.39 30.50
CA GLN C 1496 41.57 31.07 30.70
C GLN C 1496 40.98 30.05 29.75
N ARG C 1497 39.66 30.04 29.58
CA ARG C 1497 39.12 29.08 28.63
C ARG C 1497 39.59 29.37 27.21
N VAL C 1498 39.66 30.65 26.82
CA VAL C 1498 40.12 30.93 25.46
C VAL C 1498 41.56 30.48 25.25
N LEU C 1499 42.46 30.79 26.20
CA LEU C 1499 43.84 30.34 26.06
C LEU C 1499 43.88 28.82 26.01
N SER C 1500 43.05 28.19 26.86
CA SER C 1500 42.99 26.74 26.88
C SER C 1500 42.53 26.26 25.53
N THR C 1501 41.60 26.98 24.89
CA THR C 1501 41.11 26.59 23.58
C THR C 1501 42.23 26.56 22.56
N MET C 1502 43.08 27.58 22.61
CA MET C 1502 44.21 27.62 21.68
C MET C 1502 45.12 26.43 21.92
N GLN C 1503 45.35 26.14 23.21
CA GLN C 1503 46.17 24.98 23.56
C GLN C 1503 45.46 23.71 23.14
N PHE C 1504 44.14 23.67 23.26
CA PHE C 1504 43.36 22.50 22.90
C PHE C 1504 43.57 22.19 21.44
N LEU C 1505 43.55 23.23 20.62
CA LEU C 1505 43.78 23.05 19.18
C LEU C 1505 45.16 22.49 18.92
N TRP C 1506 46.18 23.04 19.59
CA TRP C 1506 47.52 22.51 19.37
C TRP C 1506 47.63 21.05 19.82
N VAL C 1507 47.06 20.75 20.99
CA VAL C 1507 47.09 19.39 21.53
C VAL C 1507 46.34 18.43 20.65
N LEU C 1508 45.16 18.84 20.16
CA LEU C 1508 44.39 17.95 19.30
C LEU C 1508 45.13 17.67 18.01
N GLY C 1509 45.75 18.70 17.41
CA GLY C 1509 46.52 18.43 16.21
C GLY C 1509 47.64 17.45 16.49
N GLN C 1510 48.31 17.63 17.62
CA GLN C 1510 49.38 16.71 18.01
C GLN C 1510 48.83 15.31 18.19
N ALA C 1511 47.66 15.18 18.79
CA ALA C 1511 47.06 13.86 18.98
C ALA C 1511 46.73 13.22 17.63
N THR C 1512 46.19 14.00 16.69
CA THR C 1512 45.84 13.44 15.39
C THR C 1512 47.08 12.91 14.70
N VAL C 1513 48.15 13.70 14.74
CA VAL C 1513 49.36 13.23 14.08
C VAL C 1513 49.86 11.97 14.77
N ASP C 1514 49.75 11.90 16.11
CA ASP C 1514 50.20 10.69 16.78
C ASP C 1514 49.38 9.48 16.36
N GLY C 1515 48.06 9.61 16.25
CA GLY C 1515 47.25 8.48 15.83
C GLY C 1515 47.58 8.01 14.41
N LEU C 1516 47.73 8.96 13.50
CA LEU C 1516 48.09 8.58 12.14
C LEU C 1516 49.44 7.88 12.18
N THR C 1517 50.33 8.40 13.00
CA THR C 1517 51.66 7.84 13.16
C THR C 1517 51.53 6.42 13.68
N ARG C 1518 50.57 6.17 14.58
CA ARG C 1518 50.38 4.83 15.12
C ARG C 1518 50.02 3.88 13.99
N TRP C 1519 49.15 4.32 13.09
CA TRP C 1519 48.78 3.51 11.94
C TRP C 1519 50.02 3.23 11.08
N LEU C 1520 50.80 4.28 10.88
CA LEU C 1520 52.01 4.13 10.10
C LEU C 1520 52.93 3.14 10.79
N ARG C 1521 52.99 3.24 12.12
CA ARG C 1521 53.84 2.38 12.94
C ARG C 1521 53.44 0.94 12.75
N ALA C 1522 52.13 0.70 12.65
CA ALA C 1522 51.65 -0.65 12.42
C ALA C 1522 52.23 -1.15 11.13
N PHE C 1523 52.27 -0.29 10.11
CA PHE C 1523 52.92 -0.70 8.87
C PHE C 1523 54.41 -0.96 9.11
N THR C 1524 55.01 -0.13 9.97
CA THR C 1524 56.43 -0.25 10.24
C THR C 1524 56.80 -1.59 10.82
N LYS C 1525 55.98 -2.16 11.70
CA LYS C 1525 56.38 -3.45 12.27
C LYS C 1525 56.48 -4.55 11.21
N HIS C 1526 55.51 -4.63 10.30
CA HIS C 1526 55.61 -5.66 9.27
C HIS C 1526 56.85 -5.43 8.42
N HIS C 1527 57.16 -4.17 8.11
CA HIS C 1527 58.38 -3.94 7.35
C HIS C 1527 59.61 -4.22 8.19
N ARG C 1528 59.52 -3.94 9.48
CA ARG C 1528 60.63 -4.12 10.39
C ARG C 1528 61.09 -5.56 10.39
N THR C 1529 60.14 -6.49 10.36
CA THR C 1529 60.55 -7.89 10.31
C THR C 1529 61.73 -8.10 9.36
N MET C 1530 61.63 -7.46 8.20
CA MET C 1530 62.74 -7.51 7.27
C MET C 1530 63.87 -6.61 7.73
N SER C 1531 63.53 -5.42 8.20
CA SER C 1531 64.58 -4.45 8.53
C SER C 1531 65.51 -4.98 9.61
N ASP C 1532 64.94 -5.48 10.70
CA ASP C 1532 65.73 -5.99 11.81
C ASP C 1532 66.47 -7.27 11.44
N VAL C 1533 65.84 -8.20 10.69
CA VAL C 1533 66.63 -9.38 10.39
C VAL C 1533 67.87 -8.94 9.60
N LEU C 1534 67.67 -7.99 8.68
CA LEU C 1534 68.78 -7.47 7.91
C LEU C 1534 69.81 -6.80 8.80
N CYS C 1535 69.37 -6.05 9.82
CA CYS C 1535 70.36 -5.39 10.65
C CYS C 1535 71.22 -6.42 11.37
N ALA C 1536 70.60 -7.49 11.88
CA ALA C 1536 71.37 -8.49 12.61
C ALA C 1536 72.41 -9.11 11.69
N GLU C 1537 72.00 -9.49 10.48
CA GLU C 1537 72.97 -10.06 9.57
C GLU C 1537 74.04 -9.04 9.20
N ARG C 1538 73.66 -7.77 9.07
CA ARG C 1538 74.66 -6.76 8.77
C ARG C 1538 75.71 -6.71 9.88
N TYR C 1539 75.28 -6.81 11.13
CA TYR C 1539 76.27 -6.80 12.21
C TYR C 1539 77.22 -7.97 12.08
N LEU C 1540 76.70 -9.12 11.64
CA LEU C 1540 77.60 -10.25 11.44
C LEU C 1540 78.64 -9.87 10.40
N LEU C 1541 78.20 -9.19 9.35
CA LEU C 1541 79.13 -8.70 8.33
C LEU C 1541 80.14 -7.75 8.94
N THR C 1542 79.69 -6.92 9.87
CA THR C 1542 80.59 -5.97 10.51
C THR C 1542 81.70 -6.74 11.19
N GLN C 1543 81.34 -7.86 11.80
CA GLN C 1543 82.34 -8.71 12.43
C GLN C 1543 83.31 -9.20 11.37
N GLU C 1544 82.79 -9.55 10.19
CA GLU C 1544 83.69 -9.98 9.13
C GLU C 1544 84.67 -8.88 8.78
N LEU C 1545 84.21 -7.64 8.71
CA LEU C 1545 85.13 -6.54 8.42
C LEU C 1545 86.20 -6.43 9.49
N LEU C 1546 85.80 -6.48 10.76
CA LEU C 1546 86.80 -6.38 11.83
C LEU C 1546 87.70 -7.61 11.84
N ARG C 1547 87.11 -8.79 11.65
CA ARG C 1547 87.86 -10.03 11.60
C ARG C 1547 87.65 -10.54 10.18
N VAL C 1548 88.71 -10.49 9.38
CA VAL C 1548 88.66 -10.75 7.94
C VAL C 1548 88.35 -12.20 7.59
N GLY C 1549 88.40 -13.11 8.55
CA GLY C 1549 88.22 -14.54 8.29
C GLY C 1549 86.97 -14.97 7.54
N GLU C 1550 86.74 -16.29 7.47
CA GLU C 1550 85.85 -16.84 6.46
C GLU C 1550 84.66 -17.63 7.00
N VAL C 1551 84.70 -18.14 8.23
CA VAL C 1551 83.67 -19.07 8.66
C VAL C 1551 82.34 -18.34 8.75
N ARG C 1552 81.39 -18.73 7.89
CA ARG C 1552 80.05 -18.17 7.97
C ARG C 1552 79.29 -18.74 9.17
N ARG C 1553 79.38 -20.05 9.37
CA ARG C 1553 78.63 -20.67 10.45
C ARG C 1553 79.10 -20.19 11.81
N GLY C 1554 80.41 -19.91 11.97
CA GLY C 1554 80.88 -19.41 13.25
C GLY C 1554 80.29 -18.07 13.61
N VAL C 1555 80.29 -17.13 12.66
CA VAL C 1555 79.70 -15.83 12.93
C VAL C 1555 78.22 -16.01 13.20
N LEU C 1556 77.59 -16.95 12.49
CA LEU C 1556 76.21 -17.28 12.78
C LEU C 1556 76.09 -17.78 14.21
N ASP C 1557 77.08 -18.56 14.66
CA ASP C 1557 77.06 -19.11 16.02
C ASP C 1557 77.05 -18.01 17.05
N GLN C 1558 77.80 -16.93 16.82
CA GLN C 1558 77.68 -15.83 17.76
C GLN C 1558 76.24 -15.35 17.81
N LEU C 1559 75.54 -15.40 16.68
CA LEU C 1559 74.13 -15.12 16.68
C LEU C 1559 73.39 -16.42 16.98
N ALA C 1645 66.33 -24.98 14.35
CA ALA C 1645 67.44 -24.26 14.96
C ALA C 1645 68.11 -23.36 13.94
N SER C 1646 68.06 -23.75 12.68
CA SER C 1646 68.64 -22.97 11.60
C SER C 1646 67.69 -21.91 11.05
N GLU C 1647 66.44 -21.86 11.53
CA GLU C 1647 65.45 -20.92 11.02
C GLU C 1647 64.58 -20.41 12.16
N LEU C 1648 64.72 -19.14 12.53
CA LEU C 1648 63.93 -18.53 13.58
C LEU C 1648 63.60 -17.08 13.26
N LEU C 1649 62.35 -16.68 13.51
CA LEU C 1649 62.02 -15.26 13.47
C LEU C 1649 62.77 -14.49 14.55
N LEU C 1650 62.80 -15.04 15.76
CA LEU C 1650 63.45 -14.40 16.89
C LEU C 1650 64.86 -14.97 17.06
N ASP C 1651 65.82 -14.08 17.25
CA ASP C 1651 67.22 -14.48 17.47
C ASP C 1651 67.75 -13.60 18.59
N ARG C 1652 67.61 -14.07 19.83
CA ARG C 1652 68.05 -13.33 21.00
C ARG C 1652 69.49 -13.72 21.34
N ARG C 1653 70.40 -12.76 21.21
CA ARG C 1653 71.83 -13.06 21.34
C ARG C 1653 72.52 -11.84 21.92
N LEU C 1654 73.83 -11.77 21.75
CA LEU C 1654 74.59 -10.61 22.17
C LEU C 1654 74.09 -9.37 21.43
N HIS C 1655 74.25 -8.21 22.07
CA HIS C 1655 73.74 -6.97 21.51
C HIS C 1655 74.81 -5.88 21.56
N ILE C 1656 74.89 -5.12 20.48
CA ILE C 1656 76.02 -4.24 20.20
C ILE C 1656 75.64 -2.81 20.56
N PRO C 1657 76.49 -2.06 21.27
CA PRO C 1657 75.99 -0.81 21.86
C PRO C 1657 75.40 0.18 20.89
N GLU C 1658 76.00 0.36 19.71
CA GLU C 1658 75.55 1.41 18.81
C GLU C 1658 74.10 1.22 18.44
N LEU C 1659 73.70 -0.03 18.19
CA LEU C 1659 72.33 -0.26 17.76
C LEU C 1659 71.36 0.22 18.82
N GLU C 1660 71.60 -0.14 20.08
CA GLU C 1660 70.64 0.20 21.13
C GLU C 1660 70.58 1.70 21.37
N GLU C 1661 71.73 2.38 21.46
CA GLU C 1661 71.54 3.82 21.66
C GLU C 1661 70.82 4.41 20.46
N ALA C 1662 71.09 3.87 19.26
CA ALA C 1662 70.50 4.46 18.07
C ALA C 1662 68.98 4.38 18.09
N GLU C 1663 68.42 3.19 18.34
CA GLU C 1663 66.95 3.18 18.32
C GLU C 1663 66.39 3.91 19.53
N ARG C 1664 67.06 3.81 20.69
CA ARG C 1664 66.50 4.49 21.86
C ARG C 1664 66.38 5.98 21.62
N PHE C 1665 67.42 6.58 21.04
CA PHE C 1665 67.32 7.99 20.71
C PHE C 1665 66.24 8.22 19.68
N GLU C 1666 66.24 7.44 18.59
CA GLU C 1666 65.26 7.72 17.56
C GLU C 1666 63.86 7.68 18.14
N ALA C 1667 63.61 6.73 19.03
CA ALA C 1667 62.31 6.65 19.66
C ALA C 1667 62.05 7.87 20.51
N GLN C 1668 63.08 8.37 21.21
CA GLN C 1668 62.83 9.41 22.22
C GLN C 1668 62.32 10.70 21.58
N GLN C 1669 62.87 11.12 20.43
CA GLN C 1669 62.42 12.38 19.86
C GLN C 1669 61.40 12.11 18.77
N GLY C 1670 60.42 13.00 18.66
CA GLY C 1670 59.64 13.10 17.45
C GLY C 1670 58.54 14.14 17.53
N ARG C 1671 58.50 15.01 16.52
CA ARG C 1671 57.36 15.89 16.32
C ARG C 1671 56.77 15.69 14.94
N THR C 1672 57.60 15.71 13.91
CA THR C 1672 57.19 15.36 12.58
C THR C 1672 58.20 14.43 11.94
N LEU C 1673 59.37 14.28 12.55
CA LEU C 1673 60.37 13.35 12.06
C LEU C 1673 59.82 11.94 12.03
N ARG C 1674 58.91 11.63 12.95
CA ARG C 1674 58.28 10.33 12.94
C ARG C 1674 57.62 10.08 11.59
N LEU C 1675 56.98 11.12 11.05
CA LEU C 1675 56.39 11.03 9.73
C LEU C 1675 57.44 10.75 8.68
N LEU C 1676 58.58 11.41 8.79
CA LEU C 1676 59.63 11.23 7.79
C LEU C 1676 60.12 9.80 7.80
N ARG C 1677 60.37 9.25 8.98
CA ARG C 1677 60.82 7.88 9.04
C ARG C 1677 59.74 6.98 8.48
N ALA C 1678 58.48 7.25 8.87
CA ALA C 1678 57.38 6.45 8.39
C ALA C 1678 57.32 6.46 6.89
N GLY C 1679 57.59 7.61 6.28
CA GLY C 1679 57.66 7.66 4.83
C GLY C 1679 58.74 6.75 4.30
N TYR C 1680 59.88 6.72 4.98
CA TYR C 1680 61.01 5.91 4.56
C TYR C 1680 60.64 4.42 4.54
N GLN C 1681 60.16 3.91 5.66
CA GLN C 1681 59.79 2.50 5.64
C GLN C 1681 58.55 2.20 4.81
N CYS C 1682 57.56 3.09 4.73
CA CYS C 1682 56.41 2.72 3.91
C CYS C 1682 56.83 2.60 2.45
N VAL C 1683 57.63 3.57 1.98
CA VAL C 1683 58.04 3.53 0.58
C VAL C 1683 58.83 2.26 0.33
N ALA C 1684 59.71 1.90 1.27
CA ALA C 1684 60.45 0.66 1.06
C ALA C 1684 59.49 -0.52 1.00
N ALA C 1685 58.47 -0.52 1.87
CA ALA C 1685 57.52 -1.62 1.96
C ALA C 1685 56.72 -1.80 0.68
N HIS C 1686 56.28 -0.70 0.05
CA HIS C 1686 55.39 -0.81 -1.11
C HIS C 1686 56.04 -1.61 -2.23
N SER C 1687 57.29 -1.30 -2.53
CA SER C 1687 58.12 -2.03 -3.48
C SER C 1687 57.71 -1.94 -4.95
N GLU C 1688 56.46 -2.26 -5.31
CA GLU C 1688 56.03 -2.23 -6.71
C GLU C 1688 54.79 -1.41 -7.02
N LEU C 1689 54.12 -0.87 -6.01
CA LEU C 1689 52.83 -0.22 -6.26
C LEU C 1689 52.96 0.98 -7.17
N LEU C 1690 53.98 1.80 -6.94
CA LEU C 1690 54.12 3.03 -7.70
C LEU C 1690 54.29 2.74 -9.18
N CYS C 1691 55.00 1.67 -9.54
CA CYS C 1691 55.17 1.41 -10.96
C CYS C 1691 53.81 1.24 -11.61
N TYR C 1692 52.91 0.55 -10.90
CA TYR C 1692 51.55 0.42 -11.38
C TYR C 1692 50.90 1.78 -11.52
N PHE C 1693 51.10 2.62 -10.51
CA PHE C 1693 50.46 3.92 -10.52
C PHE C 1693 50.90 4.72 -11.74
N ILE C 1694 52.20 4.74 -11.97
CA ILE C 1694 52.76 5.48 -13.10
C ILE C 1694 52.33 4.89 -14.42
N ILE C 1695 52.36 3.57 -14.54
CA ILE C 1695 52.00 2.99 -15.82
C ILE C 1695 50.56 3.35 -16.14
N ILE C 1696 49.66 3.22 -15.17
CA ILE C 1696 48.28 3.52 -15.50
C ILE C 1696 48.11 4.99 -15.83
N LEU C 1697 48.71 5.87 -15.03
CA LEU C 1697 48.49 7.29 -15.26
C LEU C 1697 49.03 7.75 -16.59
N ASN C 1698 50.23 7.28 -16.96
CA ASN C 1698 50.84 7.77 -18.20
C ASN C 1698 49.98 7.41 -19.40
N HIS C 1699 49.56 6.16 -19.49
CA HIS C 1699 48.74 5.77 -20.64
C HIS C 1699 47.38 6.47 -20.60
N MET C 1700 46.79 6.56 -19.42
CA MET C 1700 45.46 7.20 -19.31
C MET C 1700 45.55 8.66 -19.75
N VAL C 1701 46.61 9.37 -19.36
CA VAL C 1701 46.72 10.77 -19.74
C VAL C 1701 47.21 10.87 -21.19
N THR C 1702 48.17 10.02 -21.56
CA THR C 1702 48.63 9.99 -22.94
C THR C 1702 48.74 8.52 -23.32
N ALA C 1703 48.13 8.16 -24.44
CA ALA C 1703 48.06 6.76 -24.85
C ALA C 1703 48.53 6.64 -26.29
N SER C 1704 49.83 6.50 -26.45
CA SER C 1704 50.35 6.11 -27.75
C SER C 1704 50.32 4.60 -27.83
N ALA C 1705 50.56 4.09 -29.04
CA ALA C 1705 50.40 2.67 -29.32
C ALA C 1705 51.07 1.82 -28.25
N ALA C 1706 52.39 1.96 -28.12
CA ALA C 1706 53.12 1.17 -27.13
C ALA C 1706 52.66 1.49 -25.73
N SER C 1707 52.45 2.78 -25.44
CA SER C 1707 52.08 3.18 -24.08
C SER C 1707 50.79 2.54 -23.63
N LEU C 1708 49.93 2.15 -24.56
CA LEU C 1708 48.69 1.50 -24.22
C LEU C 1708 48.75 -0.01 -24.31
N VAL C 1709 49.51 -0.55 -25.26
CA VAL C 1709 49.61 -2.00 -25.37
C VAL C 1709 50.40 -2.60 -24.21
N LEU C 1710 51.49 -1.96 -23.81
CA LEU C 1710 52.39 -2.57 -22.83
C LEU C 1710 51.71 -2.90 -21.49
N PRO C 1711 50.82 -2.06 -20.94
CA PRO C 1711 50.30 -2.37 -19.61
C PRO C 1711 49.55 -3.69 -19.49
N VAL C 1712 48.69 -4.04 -20.43
CA VAL C 1712 47.95 -5.28 -20.18
C VAL C 1712 48.90 -6.48 -20.08
N LEU C 1713 49.85 -6.53 -20.99
CA LEU C 1713 50.84 -7.65 -20.99
C LEU C 1713 51.65 -7.61 -19.70
N VAL C 1714 52.06 -6.43 -19.25
CA VAL C 1714 52.87 -6.40 -18.04
C VAL C 1714 52.03 -6.86 -16.86
N PHE C 1715 50.74 -6.51 -16.81
CA PHE C 1715 49.94 -7.02 -15.68
C PHE C 1715 49.84 -8.53 -15.75
N LEU C 1716 49.53 -9.07 -16.92
CA LEU C 1716 49.33 -10.52 -16.99
C LEU C 1716 50.61 -11.25 -16.62
N TRP C 1717 51.75 -10.82 -17.14
CA TRP C 1717 53.00 -11.49 -16.80
C TRP C 1717 53.28 -11.33 -15.33
N ALA C 1718 53.04 -10.12 -14.80
CA ALA C 1718 53.27 -9.85 -13.39
C ALA C 1718 52.40 -10.69 -12.49
N MET C 1719 51.12 -10.81 -12.82
CA MET C 1719 50.24 -11.62 -11.97
C MET C 1719 50.25 -13.09 -12.39
N LEU C 1720 51.40 -13.73 -12.17
CA LEU C 1720 51.50 -15.14 -12.49
C LEU C 1720 52.12 -15.97 -11.36
N THR C 1721 53.40 -15.76 -11.10
CA THR C 1721 54.15 -16.49 -10.09
C THR C 1721 54.61 -15.55 -8.98
N ILE C 1722 54.33 -15.95 -7.74
CA ILE C 1722 54.67 -15.17 -6.56
C ILE C 1722 56.18 -15.02 -6.36
N PRO C 1723 56.98 -16.08 -6.48
CA PRO C 1723 58.42 -15.89 -6.23
C PRO C 1723 59.08 -14.93 -7.20
N ARG C 1724 58.82 -15.08 -8.49
CA ARG C 1724 59.37 -14.18 -9.49
C ARG C 1724 58.41 -14.17 -10.66
N PRO C 1725 57.51 -13.18 -10.70
CA PRO C 1725 56.52 -13.13 -11.78
C PRO C 1725 57.11 -12.99 -13.16
N SER C 1726 58.14 -12.16 -13.30
CA SER C 1726 58.78 -11.93 -14.57
C SER C 1726 60.27 -12.23 -14.40
N LYS C 1727 60.75 -13.25 -15.10
CA LYS C 1727 62.16 -13.59 -14.94
C LYS C 1727 63.07 -12.49 -15.46
N ARG C 1728 62.79 -11.99 -16.66
CA ARG C 1728 63.59 -10.95 -17.30
C ARG C 1728 62.72 -9.84 -17.87
N PHE C 1729 61.41 -9.96 -17.72
CA PHE C 1729 60.44 -9.08 -18.35
C PHE C 1729 60.58 -7.60 -17.91
N TRP C 1730 60.72 -7.34 -16.61
CA TRP C 1730 60.82 -5.94 -16.18
C TRP C 1730 61.80 -5.18 -17.06
N MET C 1731 62.94 -5.81 -17.33
CA MET C 1731 63.94 -5.19 -18.18
C MET C 1731 63.40 -4.92 -19.56
N THR C 1732 62.60 -5.83 -20.11
CA THR C 1732 62.06 -5.56 -21.43
C THR C 1732 61.21 -4.30 -21.40
N ALA C 1733 60.40 -4.15 -20.35
CA ALA C 1733 59.56 -2.97 -20.27
C ALA C 1733 60.41 -1.70 -20.16
N ILE C 1734 61.39 -1.73 -19.27
CA ILE C 1734 62.20 -0.53 -19.06
C ILE C 1734 63.00 -0.21 -20.31
N VAL C 1735 63.56 -1.22 -20.98
CA VAL C 1735 64.33 -0.93 -22.18
C VAL C 1735 63.43 -0.27 -23.20
N PHE C 1736 62.18 -0.73 -23.25
CA PHE C 1736 61.26 -0.09 -24.16
C PHE C 1736 61.14 1.38 -23.80
N THR C 1737 61.09 1.66 -22.51
CA THR C 1737 60.98 3.06 -22.10
C THR C 1737 62.17 3.90 -22.54
N GLU C 1738 63.41 3.41 -22.38
CA GLU C 1738 64.50 4.29 -22.81
C GLU C 1738 64.44 4.49 -24.32
N VAL C 1739 64.20 3.43 -25.08
CA VAL C 1739 64.21 3.63 -26.52
C VAL C 1739 63.09 4.57 -26.92
N MET C 1740 61.90 4.43 -26.35
CA MET C 1740 60.83 5.32 -26.75
C MET C 1740 61.15 6.77 -26.39
N VAL C 1741 61.74 7.02 -25.22
CA VAL C 1741 62.09 8.40 -24.89
C VAL C 1741 63.13 8.93 -25.88
N VAL C 1742 64.13 8.13 -26.22
CA VAL C 1742 65.10 8.52 -27.23
C VAL C 1742 64.38 8.86 -28.53
N THR C 1743 63.38 8.06 -28.86
CA THR C 1743 62.59 8.30 -30.05
C THR C 1743 61.94 9.67 -29.95
N LYS C 1744 61.44 9.99 -28.76
CA LYS C 1744 60.84 11.29 -28.56
C LYS C 1744 61.87 12.40 -28.81
N TYR C 1745 63.10 12.17 -28.35
CA TYR C 1745 64.13 13.18 -28.52
C TYR C 1745 64.38 13.43 -29.98
N LEU C 1746 64.52 12.37 -30.76
CA LEU C 1746 64.72 12.56 -32.19
C LEU C 1746 63.47 13.17 -32.80
N PHE C 1747 62.31 12.84 -32.24
CA PHE C 1747 61.04 13.36 -32.72
C PHE C 1747 61.01 14.87 -32.67
N GLN C 1748 61.54 15.48 -31.60
CA GLN C 1748 61.57 16.95 -31.60
C GLN C 1748 62.42 17.45 -32.76
N PHE C 1749 63.48 16.74 -33.08
CA PHE C 1749 64.40 17.12 -34.13
C PHE C 1749 63.76 17.01 -35.51
N PRO C 1770 55.19 14.59 -42.86
CA PRO C 1770 56.07 13.44 -43.05
C PRO C 1770 55.41 12.13 -42.61
N PRO C 1771 56.03 11.00 -42.94
CA PRO C 1771 55.46 9.71 -42.50
C PRO C 1771 55.43 9.56 -41.00
N ARG C 1772 56.27 10.33 -40.27
CA ARG C 1772 56.33 10.19 -38.82
C ARG C 1772 54.96 10.40 -38.17
N ILE C 1773 54.15 11.30 -38.74
CA ILE C 1773 52.83 11.57 -38.16
C ILE C 1773 51.96 10.32 -38.13
N LEU C 1774 52.15 9.41 -39.10
CA LEU C 1774 51.28 8.24 -39.18
C LEU C 1774 51.31 7.44 -37.88
N GLY C 1775 52.51 7.23 -37.34
CA GLY C 1775 52.62 6.55 -36.06
C GLY C 1775 51.80 7.25 -34.99
N LEU C 1776 51.35 6.46 -34.02
CA LEU C 1776 50.56 7.04 -32.93
C LEU C 1776 51.49 7.68 -31.91
N GLU C 1777 52.37 8.55 -32.37
CA GLU C 1777 53.20 9.36 -31.49
C GLU C 1777 53.08 10.81 -31.92
N LYS C 1778 52.76 11.67 -30.96
CA LYS C 1778 52.30 13.02 -31.25
C LYS C 1778 53.08 14.05 -30.45
N THR C 1779 53.10 15.28 -30.94
CA THR C 1779 53.77 16.35 -30.22
C THR C 1779 53.00 16.65 -28.95
N ASP C 1780 53.73 16.86 -27.85
CA ASP C 1780 53.15 17.09 -26.53
C ASP C 1780 54.23 17.59 -25.57
N SER C 1781 53.95 17.54 -24.28
CA SER C 1781 54.94 17.91 -23.29
C SER C 1781 56.15 17.01 -23.44
N TYR C 1782 57.33 17.59 -23.25
CA TYR C 1782 58.56 16.83 -23.45
C TYR C 1782 58.57 15.58 -22.58
N ILE C 1783 58.27 15.73 -21.30
CA ILE C 1783 58.16 14.58 -20.42
C ILE C 1783 57.37 15.01 -19.20
N LYS C 1784 56.79 14.05 -18.50
CA LYS C 1784 56.13 14.37 -17.25
C LYS C 1784 56.77 13.62 -16.09
N TYR C 1785 56.77 12.28 -16.08
CA TYR C 1785 57.41 11.57 -14.99
C TYR C 1785 58.08 10.25 -15.41
N ASP C 1786 58.33 10.02 -16.70
CA ASP C 1786 58.88 8.73 -17.11
C ASP C 1786 60.22 8.48 -16.45
N LEU C 1787 61.01 9.52 -16.28
CA LEU C 1787 62.29 9.32 -15.63
C LEU C 1787 62.06 8.80 -14.22
N VAL C 1788 61.04 9.34 -13.54
CA VAL C 1788 60.71 8.87 -12.21
C VAL C 1788 60.26 7.40 -12.23
N GLN C 1789 59.48 6.99 -13.23
CA GLN C 1789 59.09 5.58 -13.28
C GLN C 1789 60.34 4.72 -13.43
N LEU C 1790 61.23 5.14 -14.31
CA LEU C 1790 62.47 4.35 -14.54
C LEU C 1790 63.31 4.31 -13.26
N MET C 1791 63.45 5.41 -12.54
CA MET C 1791 64.26 5.38 -11.33
C MET C 1791 63.60 4.48 -10.31
N ALA C 1792 62.28 4.53 -10.21
CA ALA C 1792 61.59 3.70 -9.25
C ALA C 1792 61.83 2.23 -9.59
N LEU C 1793 61.74 1.88 -10.87
CA LEU C 1793 61.96 0.49 -11.26
C LEU C 1793 63.37 0.05 -10.94
N PHE C 1794 64.34 0.95 -11.17
CA PHE C 1794 65.71 0.59 -10.83
C PHE C 1794 65.79 0.35 -9.33
N PHE C 1795 65.15 1.20 -8.54
CA PHE C 1795 65.15 0.94 -7.12
C PHE C 1795 64.55 -0.42 -6.86
N HIS C 1796 63.54 -0.80 -7.62
CA HIS C 1796 62.95 -2.11 -7.42
C HIS C 1796 63.96 -3.21 -7.61
N ARG C 1797 64.80 -3.12 -8.64
CA ARG C 1797 65.82 -4.15 -8.77
C ARG C 1797 66.76 -4.09 -7.58
N SER C 1798 67.14 -2.87 -7.16
CA SER C 1798 68.06 -2.79 -6.04
C SER C 1798 67.47 -3.42 -4.79
N GLN C 1799 66.20 -3.15 -4.51
CA GLN C 1799 65.59 -3.79 -3.34
C GLN C 1799 65.53 -5.29 -3.49
N LEU C 1800 65.18 -5.79 -4.67
CA LEU C 1800 65.14 -7.25 -4.80
C LEU C 1800 66.53 -7.81 -4.56
N LEU C 1801 67.54 -7.18 -5.12
CA LEU C 1801 68.92 -7.62 -4.92
C LEU C 1801 69.33 -7.49 -3.47
N CYS C 1802 69.00 -6.36 -2.82
CA CYS C 1802 69.40 -6.16 -1.43
C CYS C 1802 68.74 -7.23 -0.57
N TYR C 1803 67.46 -7.45 -0.79
CA TYR C 1803 66.78 -8.53 -0.10
C TYR C 1803 67.35 -9.85 -0.58
N GLY C 1804 67.62 -9.92 -1.89
CA GLY C 1804 68.19 -11.07 -2.55
C GLY C 1804 67.24 -11.93 -3.34
N LEU C 1805 67.27 -11.75 -4.67
CA LEU C 1805 66.45 -12.53 -5.58
C LEU C 1805 67.15 -12.59 -6.93
N TRP C 1806 66.82 -13.61 -7.71
CA TRP C 1806 67.43 -13.75 -9.02
C TRP C 1806 66.93 -12.66 -9.95
N ASP C 1807 67.83 -12.21 -10.83
CA ASP C 1807 67.63 -11.23 -11.91
C ASP C 1807 68.73 -10.18 -11.84
N ARG C 1941 70.83 -41.91 -36.65
CA ARG C 1941 69.45 -42.17 -37.06
C ARG C 1941 68.45 -41.21 -36.43
N ARG C 1942 67.57 -41.78 -35.63
CA ARG C 1942 66.51 -41.07 -34.94
C ARG C 1942 67.01 -40.12 -33.84
N LEU C 1943 68.29 -40.21 -33.49
CA LEU C 1943 68.77 -39.50 -32.30
C LEU C 1943 68.59 -38.00 -32.43
N GLN C 1944 69.03 -37.41 -33.54
CA GLN C 1944 68.96 -35.96 -33.69
C GLN C 1944 67.51 -35.48 -33.78
N SER C 1945 66.67 -36.21 -34.52
CA SER C 1945 65.27 -35.80 -34.66
C SER C 1945 64.55 -35.82 -33.32
N PHE C 1946 64.74 -36.89 -32.53
CA PHE C 1946 64.13 -36.88 -31.21
C PHE C 1946 64.73 -35.81 -30.30
N CYS C 1947 66.03 -35.55 -30.41
CA CYS C 1947 66.62 -34.49 -29.59
C CYS C 1947 65.99 -33.13 -29.92
N VAL C 1948 65.81 -32.85 -31.21
CA VAL C 1948 65.19 -31.58 -31.61
C VAL C 1948 63.75 -31.50 -31.11
N SER C 1949 63.00 -32.59 -31.24
CA SER C 1949 61.62 -32.58 -30.77
C SER C 1949 61.55 -32.40 -29.26
N LEU C 1950 62.48 -33.03 -28.53
CA LEU C 1950 62.52 -32.85 -27.09
C LEU C 1950 62.88 -31.42 -26.71
N ALA C 1951 63.80 -30.80 -27.45
CA ALA C 1951 64.12 -29.41 -27.17
C ALA C 1951 62.90 -28.51 -27.39
N GLN C 1952 62.17 -28.74 -28.48
CA GLN C 1952 60.96 -27.96 -28.73
C GLN C 1952 59.95 -28.17 -27.61
N SER C 1953 59.87 -29.40 -27.10
CA SER C 1953 58.97 -29.69 -25.99
C SER C 1953 59.40 -28.93 -24.73
N PHE C 1954 60.71 -28.92 -24.46
CA PHE C 1954 61.22 -28.20 -23.29
C PHE C 1954 61.09 -26.69 -23.43
N TYR C 1955 60.89 -26.18 -24.64
CA TYR C 1955 60.54 -24.75 -24.74
C TYR C 1955 59.03 -24.52 -24.59
N GLN C 1956 58.24 -24.98 -25.54
CA GLN C 1956 56.84 -24.57 -25.44
C GLN C 1956 55.98 -25.47 -24.55
N PRO C 1957 55.98 -26.79 -24.74
CA PRO C 1957 55.23 -27.65 -23.80
C PRO C 1957 55.72 -27.53 -22.38
N LEU C 1958 57.01 -27.34 -22.18
CA LEU C 1958 57.49 -27.09 -20.83
C LEU C 1958 56.85 -25.83 -20.27
N GLN C 1959 56.71 -24.79 -21.11
CA GLN C 1959 56.04 -23.57 -20.67
C GLN C 1959 54.60 -23.87 -20.28
N ARG C 1960 53.94 -24.75 -21.04
CA ARG C 1960 52.60 -25.14 -20.63
C ARG C 1960 52.64 -25.79 -19.27
N PHE C 1961 53.65 -26.61 -19.02
CA PHE C 1961 53.80 -27.21 -17.69
C PHE C 1961 54.04 -26.12 -16.64
N PHE C 1962 54.75 -25.05 -17.01
CA PHE C 1962 54.91 -23.93 -16.08
C PHE C 1962 53.56 -23.36 -15.74
N HIS C 1963 52.69 -23.25 -16.72
CA HIS C 1963 51.33 -22.77 -16.43
C HIS C 1963 50.64 -23.75 -15.49
N ASP C 1964 50.84 -25.04 -15.72
CA ASP C 1964 50.22 -26.05 -14.87
C ASP C 1964 50.68 -25.90 -13.43
N ILE C 1965 51.99 -25.75 -13.23
CA ILE C 1965 52.51 -25.59 -11.87
C ILE C 1965 52.01 -24.28 -11.33
N LEU C 1966 51.81 -23.31 -12.21
CA LEU C 1966 51.20 -22.06 -11.81
C LEU C 1966 49.81 -22.33 -11.30
N HIS C 1967 49.12 -23.25 -11.95
CA HIS C 1967 47.77 -23.58 -11.56
C HIS C 1967 47.72 -24.70 -10.53
N THR C 1968 48.88 -25.21 -10.12
CA THR C 1968 48.94 -26.26 -9.12
C THR C 1968 48.50 -25.75 -7.76
N LYS C 1969 48.10 -26.69 -6.93
CA LYS C 1969 47.64 -26.44 -5.58
C LYS C 1969 48.80 -26.09 -4.65
N TYR C 1970 48.45 -25.57 -3.48
CA TYR C 1970 49.18 -25.18 -2.25
C TYR C 1970 49.92 -23.84 -2.13
N ARG C 1971 49.98 -22.94 -3.12
CA ARG C 1971 50.63 -21.66 -2.78
C ARG C 1971 49.81 -20.96 -1.70
N ALA C 1972 50.50 -20.46 -0.67
CA ALA C 1972 49.82 -19.91 0.50
C ALA C 1972 50.04 -18.41 0.72
N ALA C 1973 48.92 -17.68 0.76
CA ALA C 1973 48.85 -16.26 1.08
C ALA C 1973 47.52 -16.04 1.82
N THR C 1974 47.44 -14.97 2.62
CA THR C 1974 46.21 -14.69 3.34
C THR C 1974 45.06 -14.34 2.40
N ASP C 1975 43.85 -14.76 2.78
CA ASP C 1975 42.65 -14.60 1.98
C ASP C 1975 41.74 -13.51 2.53
N VAL C 1976 41.39 -12.53 1.70
CA VAL C 1976 40.47 -11.48 2.15
C VAL C 1976 39.35 -11.22 1.13
N TYR C 1977 38.34 -12.09 1.09
CA TYR C 1977 37.26 -11.96 0.10
C TYR C 1977 36.51 -10.65 0.24
N ALA C 1978 36.32 -10.18 1.46
CA ALA C 1978 35.44 -9.05 1.67
C ALA C 1978 36.00 -7.80 1.04
N LEU C 1979 37.33 -7.63 1.07
CA LEU C 1979 37.87 -6.46 0.39
C LEU C 1979 37.52 -6.50 -1.09
N MET C 1980 37.58 -7.68 -1.71
CA MET C 1980 37.18 -7.72 -3.11
C MET C 1980 35.72 -7.36 -3.30
N PHE C 1981 34.84 -7.91 -2.46
CA PHE C 1981 33.42 -7.63 -2.67
C PHE C 1981 33.14 -6.14 -2.50
N LEU C 1982 33.69 -5.53 -1.44
CA LEU C 1982 33.48 -4.10 -1.24
C LEU C 1982 34.10 -3.27 -2.35
N ALA C 1983 35.30 -3.67 -2.80
CA ALA C 1983 35.90 -2.94 -3.91
C ALA C 1983 35.01 -2.99 -5.12
N ASP C 1984 34.41 -4.15 -5.36
CA ASP C 1984 33.53 -4.31 -6.51
C ASP C 1984 32.32 -3.40 -6.39
N ILE C 1985 31.69 -3.38 -5.22
CA ILE C 1985 30.51 -2.54 -5.07
C ILE C 1985 30.90 -1.09 -5.27
N VAL C 1986 32.08 -0.72 -4.77
CA VAL C 1986 32.57 0.64 -5.00
C VAL C 1986 32.71 0.88 -6.49
N ASP C 1987 33.16 -0.14 -7.22
CA ASP C 1987 33.31 0.01 -8.66
C ASP C 1987 31.96 0.31 -9.30
N ILE C 1988 30.92 -0.38 -8.85
CA ILE C 1988 29.58 -0.06 -9.36
C ILE C 1988 29.23 1.37 -9.01
N ILE C 1989 29.57 1.79 -7.81
CA ILE C 1989 29.27 3.16 -7.39
C ILE C 1989 29.93 4.14 -8.35
N ILE C 1990 31.17 3.84 -8.72
CA ILE C 1990 31.91 4.67 -9.65
C ILE C 1990 31.19 4.72 -10.98
N ILE C 1991 30.75 3.56 -11.45
CA ILE C 1991 30.11 3.48 -12.75
C ILE C 1991 28.82 4.30 -12.74
N ILE C 1992 28.01 4.12 -11.69
CA ILE C 1992 26.74 4.81 -11.62
C ILE C 1992 26.97 6.31 -11.53
N PHE C 1993 28.01 6.71 -10.82
CA PHE C 1993 28.30 8.13 -10.76
C PHE C 1993 28.51 8.66 -12.18
N GLY C 1994 29.24 7.90 -12.98
CA GLY C 1994 29.46 8.30 -14.35
C GLY C 1994 28.23 8.08 -15.20
N PHE C 1995 27.12 8.76 -14.90
CA PHE C 1995 25.95 8.70 -15.77
C PHE C 1995 25.52 10.06 -16.29
N TRP C 1996 25.37 11.04 -15.39
CA TRP C 1996 24.92 12.35 -15.82
C TRP C 1996 25.97 13.03 -16.69
N ALA C 1997 27.25 12.74 -16.44
CA ALA C 1997 28.32 13.36 -17.21
C ALA C 1997 28.14 13.08 -18.69
N PHE C 1998 27.66 11.88 -19.03
CA PHE C 1998 27.39 11.57 -20.42
C PHE C 1998 26.36 12.55 -20.98
N GLY C 1999 25.36 12.89 -20.20
CA GLY C 1999 24.42 13.90 -20.62
C GLY C 1999 25.11 15.26 -20.69
N LYS C 2000 24.31 16.28 -20.95
CA LYS C 2000 24.80 17.65 -20.96
C LYS C 2000 24.94 18.22 -19.56
N HIS C 2001 24.94 17.35 -18.55
CA HIS C 2001 24.85 17.74 -17.14
C HIS C 2001 25.81 16.88 -16.34
N SER C 2002 27.04 17.34 -16.18
CA SER C 2002 28.01 16.57 -15.39
C SER C 2002 28.00 17.01 -13.93
N ALA C 2003 26.79 17.10 -13.35
CA ALA C 2003 26.66 17.59 -11.99
C ALA C 2003 25.62 16.84 -11.17
N ALA C 2004 25.14 15.68 -11.63
CA ALA C 2004 24.12 14.91 -10.94
C ALA C 2004 22.87 15.77 -10.68
N THR C 2005 22.33 16.31 -11.75
CA THR C 2005 21.22 17.24 -11.69
C THR C 2005 19.93 16.45 -11.43
N ASP C 2006 18.78 17.12 -11.58
CA ASP C 2006 17.51 16.46 -11.32
C ASP C 2006 17.26 15.34 -12.33
N ILE C 2007 16.37 14.42 -11.94
CA ILE C 2007 16.08 13.25 -12.77
C ILE C 2007 15.39 13.64 -14.07
N ALA C 2008 14.73 14.79 -14.12
CA ALA C 2008 13.98 15.18 -15.31
C ALA C 2008 14.86 15.23 -16.54
N SER C 2009 16.09 15.71 -16.39
CA SER C 2009 17.02 15.72 -17.52
C SER C 2009 17.27 14.30 -18.02
N SER C 2010 17.46 13.36 -17.09
CA SER C 2010 17.65 11.97 -17.50
C SER C 2010 16.43 11.47 -18.26
N LEU C 2011 15.25 11.86 -17.81
CA LEU C 2011 14.02 11.47 -18.49
C LEU C 2011 13.98 12.05 -19.90
N SER C 2012 14.45 13.28 -20.06
CA SER C 2012 14.31 14.02 -21.31
C SER C 2012 15.55 14.01 -22.20
N ASP C 2013 16.57 13.21 -21.89
CA ASP C 2013 17.78 13.18 -22.70
C ASP C 2013 17.99 11.87 -23.45
N ASP C 2014 18.08 10.74 -22.74
CA ASP C 2014 18.37 9.43 -23.34
C ASP C 2014 19.51 9.52 -24.35
N GLN C 2015 20.63 10.08 -23.89
CA GLN C 2015 21.80 10.32 -24.73
C GLN C 2015 22.58 9.02 -24.87
N VAL C 2016 22.08 8.15 -25.76
CA VAL C 2016 22.74 6.88 -26.10
C VAL C 2016 22.91 6.07 -24.82
N PRO C 2017 21.81 5.56 -24.25
CA PRO C 2017 21.90 4.86 -22.96
C PRO C 2017 22.29 3.38 -23.02
N GLN C 2018 22.51 2.79 -24.19
CA GLN C 2018 22.80 1.36 -24.24
C GLN C 2018 24.05 1.02 -23.43
N ALA C 2019 25.05 1.90 -23.49
CA ALA C 2019 26.29 1.63 -22.78
C ALA C 2019 26.05 1.47 -21.29
N PHE C 2020 25.16 2.29 -20.72
CA PHE C 2020 24.90 2.17 -19.29
C PHE C 2020 24.37 0.78 -18.96
N LEU C 2021 23.41 0.31 -19.74
CA LEU C 2021 22.84 -1.01 -19.47
C LEU C 2021 23.87 -2.10 -19.67
N PHE C 2022 24.68 -2.02 -20.72
CA PHE C 2022 25.66 -3.08 -20.93
C PHE C 2022 26.64 -3.14 -19.78
N MET C 2023 27.14 -1.98 -19.35
CA MET C 2023 28.11 -1.97 -18.27
C MET C 2023 27.50 -2.51 -16.99
N LEU C 2024 26.28 -2.08 -16.66
CA LEU C 2024 25.66 -2.54 -15.43
C LEU C 2024 25.40 -4.05 -15.48
N LEU C 2025 24.96 -4.56 -16.62
CA LEU C 2025 24.72 -5.99 -16.71
C LEU C 2025 26.02 -6.74 -16.52
N VAL C 2026 27.10 -6.23 -17.12
CA VAL C 2026 28.38 -6.90 -17.03
C VAL C 2026 28.86 -6.92 -15.58
N GLN C 2027 28.75 -5.79 -14.89
CA GLN C 2027 29.20 -5.75 -13.51
C GLN C 2027 28.37 -6.65 -12.60
N PHE C 2028 27.04 -6.73 -12.79
CA PHE C 2028 26.29 -7.68 -12.00
C PHE C 2028 26.71 -9.11 -12.28
N GLY C 2029 26.87 -9.46 -13.56
CA GLY C 2029 27.38 -10.78 -13.87
C GLY C 2029 28.73 -10.99 -13.21
N THR C 2030 29.53 -9.94 -13.16
CA THR C 2030 30.84 -9.99 -12.53
C THR C 2030 30.70 -10.34 -11.06
N MET C 2031 29.77 -9.71 -10.37
CA MET C 2031 29.58 -10.01 -8.96
C MET C 2031 29.11 -11.45 -8.79
N VAL C 2032 28.21 -11.88 -9.67
CA VAL C 2032 27.71 -13.25 -9.56
C VAL C 2032 28.85 -14.24 -9.71
N ILE C 2033 29.67 -14.04 -10.73
CA ILE C 2033 30.76 -14.96 -10.99
C ILE C 2033 31.79 -14.88 -9.88
N ASP C 2034 32.04 -13.69 -9.34
CA ASP C 2034 33.05 -13.59 -8.29
C ASP C 2034 32.62 -14.39 -7.08
N ARG C 2035 31.33 -14.30 -6.72
CA ARG C 2035 30.85 -15.10 -5.62
C ARG C 2035 30.94 -16.58 -5.96
N ALA C 2036 30.61 -16.94 -7.20
CA ALA C 2036 30.66 -18.34 -7.61
C ALA C 2036 32.08 -18.88 -7.49
N LEU C 2037 33.06 -18.10 -7.94
CA LEU C 2037 34.45 -18.49 -7.81
C LEU C 2037 34.84 -18.60 -6.35
N TYR C 2038 34.36 -17.66 -5.55
CA TYR C 2038 34.66 -17.67 -4.13
C TYR C 2038 34.21 -18.96 -3.49
N LEU C 2039 32.98 -19.36 -3.78
CA LEU C 2039 32.41 -20.57 -3.19
C LEU C 2039 32.99 -21.85 -3.79
N ARG C 2040 33.20 -21.93 -5.11
CA ARG C 2040 33.74 -23.19 -5.64
C ARG C 2040 35.23 -23.18 -5.95
N LYS C 2041 35.88 -22.01 -5.96
CA LYS C 2041 37.29 -21.89 -6.29
C LYS C 2041 37.77 -22.81 -7.41
N THR C 2042 37.26 -22.57 -8.62
CA THR C 2042 37.70 -23.34 -9.77
C THR C 2042 38.38 -22.37 -10.74
N VAL C 2043 39.47 -22.81 -11.34
CA VAL C 2043 40.37 -21.92 -12.06
C VAL C 2043 39.71 -21.29 -13.28
N LEU C 2044 38.85 -22.03 -13.99
CA LEU C 2044 38.30 -21.49 -15.22
C LEU C 2044 37.61 -20.16 -14.95
N GLY C 2045 36.92 -20.04 -13.83
CA GLY C 2045 36.29 -18.77 -13.52
C GLY C 2045 37.32 -17.66 -13.39
N LYS C 2046 38.45 -17.96 -12.77
CA LYS C 2046 39.50 -16.96 -12.59
C LYS C 2046 40.00 -16.46 -13.93
N LEU C 2047 40.31 -17.41 -14.81
CA LEU C 2047 40.79 -17.04 -16.12
C LEU C 2047 39.72 -16.30 -16.90
N ALA C 2048 38.47 -16.75 -16.77
CA ALA C 2048 37.38 -16.08 -17.45
C ALA C 2048 37.32 -14.64 -17.00
N PHE C 2049 37.48 -14.42 -15.69
CA PHE C 2049 37.44 -13.07 -15.15
C PHE C 2049 38.52 -12.20 -15.79
N GLN C 2050 39.74 -12.69 -15.81
CA GLN C 2050 40.81 -11.86 -16.35
C GLN C 2050 40.63 -11.63 -17.85
N VAL C 2051 40.32 -12.68 -18.59
CA VAL C 2051 40.19 -12.48 -20.03
C VAL C 2051 39.04 -11.56 -20.34
N VAL C 2052 37.90 -11.74 -19.68
CA VAL C 2052 36.76 -10.91 -20.05
C VAL C 2052 37.07 -9.45 -19.74
N LEU C 2053 37.68 -9.19 -18.58
CA LEU C 2053 37.97 -7.80 -18.25
C LEU C 2053 38.93 -7.18 -19.26
N VAL C 2054 40.00 -7.90 -19.62
CA VAL C 2054 40.95 -7.30 -20.54
C VAL C 2054 40.30 -7.05 -21.89
N VAL C 2055 39.58 -8.03 -22.41
CA VAL C 2055 38.99 -7.80 -23.73
C VAL C 2055 37.97 -6.67 -23.66
N ALA C 2056 37.19 -6.61 -22.57
CA ALA C 2056 36.17 -5.57 -22.50
C ALA C 2056 36.81 -4.19 -22.49
N ILE C 2057 37.85 -4.01 -21.68
CA ILE C 2057 38.47 -2.69 -21.61
C ILE C 2057 39.09 -2.32 -22.96
N HIS C 2058 39.82 -3.26 -23.56
CA HIS C 2058 40.51 -2.94 -24.81
C HIS C 2058 39.57 -2.72 -25.97
N ILE C 2059 38.57 -3.59 -26.16
CA ILE C 2059 37.65 -3.42 -27.28
C ILE C 2059 36.74 -2.24 -27.08
N TRP C 2060 36.18 -2.09 -25.87
CA TRP C 2060 35.20 -1.06 -25.63
C TRP C 2060 35.83 0.31 -25.71
N MET C 2061 37.05 0.45 -25.21
CA MET C 2061 37.74 1.72 -25.18
C MET C 2061 39.08 1.61 -25.87
N PHE C 2062 39.90 2.65 -25.72
CA PHE C 2062 41.31 2.68 -26.09
C PHE C 2062 41.52 2.86 -27.58
N PHE C 2063 40.68 3.63 -28.25
CA PHE C 2063 40.95 4.07 -29.63
C PHE C 2063 40.10 5.30 -29.92
N ILE C 2064 39.94 5.64 -31.21
CA ILE C 2064 39.18 6.83 -31.58
C ILE C 2064 37.68 6.68 -31.29
N LEU C 2065 37.13 5.47 -31.43
CA LEU C 2065 35.70 5.30 -31.20
C LEU C 2065 35.26 5.68 -29.80
N PRO C 2066 36.02 5.39 -28.74
CA PRO C 2066 35.60 5.84 -27.41
C PRO C 2066 35.34 7.34 -27.35
N ALA C 2067 36.14 8.11 -28.10
CA ALA C 2067 35.98 9.56 -28.15
C ALA C 2067 34.71 9.94 -28.91
N VAL C 2068 33.81 8.97 -29.10
CA VAL C 2068 32.51 9.27 -29.69
C VAL C 2068 31.76 10.25 -28.81
N THR C 2069 31.83 10.05 -27.50
CA THR C 2069 31.42 11.10 -26.58
C THR C 2069 32.52 12.15 -26.55
N GLU C 2070 32.13 13.39 -26.24
CA GLU C 2070 33.09 14.49 -26.26
C GLU C 2070 33.95 14.42 -25.00
N ARG C 2071 34.74 13.35 -24.95
CA ARG C 2071 35.59 13.03 -23.81
C ARG C 2071 36.96 12.59 -24.31
N MET C 2072 37.57 13.38 -25.20
CA MET C 2072 38.85 12.95 -25.73
C MET C 2072 39.87 12.88 -24.59
N PHE C 2073 40.25 14.05 -24.06
CA PHE C 2073 40.99 14.16 -22.81
C PHE C 2073 40.41 15.16 -21.82
N SER C 2074 39.48 16.04 -22.23
CA SER C 2074 39.06 17.16 -21.41
C SER C 2074 38.53 16.73 -20.05
N GLN C 2075 37.39 16.03 -20.05
CA GLN C 2075 36.87 15.37 -18.86
C GLN C 2075 37.09 13.87 -18.94
N ASN C 2076 38.02 13.44 -19.81
CA ASN C 2076 38.29 12.03 -19.97
C ASN C 2076 39.16 11.47 -18.85
N ALA C 2077 38.78 11.73 -17.62
CA ALA C 2077 39.46 11.15 -16.47
C ALA C 2077 38.53 10.31 -15.61
N VAL C 2078 37.24 10.61 -15.60
CA VAL C 2078 36.30 9.87 -14.78
C VAL C 2078 36.19 8.43 -15.26
N ALA C 2079 36.05 8.22 -16.57
CA ALA C 2079 36.07 6.86 -17.07
C ALA C 2079 37.41 6.24 -16.75
N GLN C 2080 38.48 7.02 -16.87
CA GLN C 2080 39.80 6.57 -16.46
C GLN C 2080 39.83 6.31 -14.97
N LEU C 2081 39.11 7.10 -14.19
CA LEU C 2081 39.06 6.84 -12.76
C LEU C 2081 38.49 5.45 -12.53
N TRP C 2082 37.42 5.15 -13.25
CA TRP C 2082 36.82 3.82 -13.23
C TRP C 2082 37.83 2.80 -13.71
N TYR C 2083 38.60 3.16 -14.72
CA TYR C 2083 39.59 2.26 -15.26
C TYR C 2083 40.61 1.84 -14.23
N PHE C 2084 41.18 2.80 -13.52
CA PHE C 2084 42.22 2.37 -12.59
C PHE C 2084 41.60 1.59 -11.47
N VAL C 2085 40.40 1.98 -11.01
CA VAL C 2085 39.84 1.25 -9.88
C VAL C 2085 39.65 -0.21 -10.26
N LYS C 2086 39.11 -0.46 -11.45
CA LYS C 2086 39.02 -1.85 -11.87
C LYS C 2086 40.40 -2.47 -11.95
N CYS C 2087 41.39 -1.72 -12.42
CA CYS C 2087 42.72 -2.29 -12.56
C CYS C 2087 43.28 -2.75 -11.21
N ILE C 2088 43.15 -1.91 -10.19
CA ILE C 2088 43.66 -2.29 -8.88
C ILE C 2088 42.89 -3.49 -8.39
N TYR C 2089 41.58 -3.48 -8.61
CA TYR C 2089 40.79 -4.60 -8.17
C TYR C 2089 41.24 -5.88 -8.84
N PHE C 2090 41.49 -5.81 -10.12
CA PHE C 2090 41.88 -7.00 -10.86
C PHE C 2090 43.20 -7.51 -10.35
N ALA C 2091 44.14 -6.60 -10.09
CA ALA C 2091 45.45 -7.00 -9.60
C ALA C 2091 45.34 -7.68 -8.24
N LEU C 2092 44.57 -7.08 -7.33
CA LEU C 2092 44.42 -7.72 -6.03
C LEU C 2092 43.66 -9.02 -6.16
N SER C 2093 42.73 -9.10 -7.11
CA SER C 2093 42.03 -10.34 -7.37
C SER C 2093 43.02 -11.42 -7.79
N ALA C 2094 43.96 -11.06 -8.65
CA ALA C 2094 44.99 -12.01 -9.06
C ALA C 2094 45.84 -12.44 -7.89
N TYR C 2095 46.16 -11.49 -7.00
CA TYR C 2095 46.92 -11.83 -5.81
C TYR C 2095 46.15 -12.86 -5.01
N GLN C 2096 44.84 -12.66 -4.92
CA GLN C 2096 43.98 -13.61 -4.24
C GLN C 2096 44.04 -14.95 -4.96
N ILE C 2097 44.11 -14.92 -6.29
CA ILE C 2097 44.26 -16.18 -7.01
C ILE C 2097 45.53 -16.85 -6.56
N ARG C 2098 46.59 -16.06 -6.37
CA ARG C 2098 47.85 -16.63 -5.94
C ARG C 2098 47.68 -17.31 -4.59
N CYS C 2099 46.97 -16.67 -3.67
CA CYS C 2099 46.73 -17.32 -2.39
C CYS C 2099 45.74 -18.47 -2.49
N GLY C 2100 44.67 -18.29 -3.27
CA GLY C 2100 43.67 -19.34 -3.35
C GLY C 2100 43.11 -19.54 -1.95
N TYR C 2101 43.03 -20.80 -1.53
CA TYR C 2101 42.58 -21.22 -0.20
C TYR C 2101 41.25 -20.64 0.28
N PRO C 2102 40.22 -20.56 -0.56
CA PRO C 2102 38.95 -20.01 -0.08
C PRO C 2102 38.34 -20.85 1.01
N THR C 2103 38.56 -22.16 0.99
CA THR C 2103 37.92 -23.01 1.98
C THR C 2103 38.26 -22.55 3.39
N ARG C 2104 39.51 -22.21 3.66
CA ARG C 2104 39.85 -21.71 4.98
C ARG C 2104 39.42 -20.24 5.03
N ILE C 2105 38.58 -19.89 5.99
CA ILE C 2105 38.00 -18.54 6.10
C ILE C 2105 37.97 -18.10 7.56
N LEU C 2106 37.86 -16.79 7.73
CA LEU C 2106 37.73 -16.08 8.99
C LEU C 2106 37.29 -14.68 8.61
N GLY C 2107 36.64 -14.00 9.54
CA GLY C 2107 36.10 -12.67 9.23
C GLY C 2107 37.18 -11.73 8.76
N ASN C 2108 36.79 -10.82 7.86
CA ASN C 2108 37.73 -9.85 7.30
C ASN C 2108 38.32 -9.01 8.43
N PHE C 2109 39.65 -9.03 8.54
CA PHE C 2109 40.31 -8.27 9.59
C PHE C 2109 40.01 -6.78 9.49
N LEU C 2110 39.82 -6.26 8.28
CA LEU C 2110 39.35 -4.90 8.14
C LEU C 2110 37.95 -4.75 8.73
N THR C 2111 37.05 -5.70 8.43
CA THR C 2111 35.77 -5.73 9.13
C THR C 2111 35.96 -6.13 10.59
N LYS C 2112 36.90 -7.05 10.85
CA LYS C 2112 37.19 -7.53 12.20
C LYS C 2112 37.89 -6.49 13.06
N LYS C 2113 38.26 -5.33 12.52
CA LYS C 2113 38.66 -4.26 13.41
C LYS C 2113 37.46 -3.55 14.02
N TYR C 2114 36.28 -3.74 13.44
CA TYR C 2114 35.01 -3.47 14.12
C TYR C 2114 34.87 -2.01 14.52
N ASN C 2115 35.62 -1.11 13.88
CA ASN C 2115 35.59 0.28 14.31
C ASN C 2115 34.21 0.89 14.11
N HIS C 2116 33.92 1.92 14.91
CA HIS C 2116 32.65 2.61 14.75
C HIS C 2116 32.50 3.11 13.33
N LEU C 2117 33.60 3.54 12.72
CA LEU C 2117 33.57 3.82 11.28
C LEU C 2117 33.31 2.55 10.49
N ASN C 2118 33.97 1.44 10.88
CA ASN C 2118 33.68 0.17 10.24
C ASN C 2118 32.24 -0.21 10.47
N LEU C 2119 31.75 0.01 11.68
CA LEU C 2119 30.38 -0.34 11.98
C LEU C 2119 29.42 0.47 11.12
N PHE C 2120 29.69 1.77 10.96
CA PHE C 2120 28.82 2.61 10.12
C PHE C 2120 28.86 2.16 8.68
N LEU C 2121 30.05 1.87 8.16
CA LEU C 2121 30.14 1.46 6.76
C LEU C 2121 29.39 0.15 6.56
N PHE C 2122 29.59 -0.82 7.45
CA PHE C 2122 28.91 -2.08 7.26
C PHE C 2122 27.41 -1.93 7.37
N GLN C 2123 26.94 -1.16 8.36
CA GLN C 2123 25.50 -1.01 8.49
C GLN C 2123 24.93 -0.34 7.26
N GLY C 2124 25.63 0.67 6.73
CA GLY C 2124 25.16 1.30 5.51
C GLY C 2124 25.08 0.30 4.37
N PHE C 2125 26.06 -0.60 4.30
CA PHE C 2125 26.00 -1.69 3.35
C PHE C 2125 24.77 -2.54 3.60
N ARG C 2126 24.40 -2.66 4.87
CA ARG C 2126 23.33 -3.48 5.39
C ARG C 2126 21.96 -2.82 5.28
N LEU C 2127 21.90 -1.54 4.94
CA LEU C 2127 20.62 -0.85 4.79
C LEU C 2127 20.19 -0.73 3.34
N VAL C 2128 20.99 -1.19 2.39
CA VAL C 2128 20.62 -0.95 0.99
C VAL C 2128 19.56 -1.97 0.59
N PRO C 2129 18.67 -1.62 -0.32
CA PRO C 2129 17.64 -2.58 -0.73
C PRO C 2129 18.23 -3.78 -1.45
N PHE C 2130 17.50 -4.89 -1.39
CA PHE C 2130 17.69 -6.09 -2.19
C PHE C 2130 18.88 -6.94 -1.75
N LEU C 2131 19.68 -6.50 -0.79
CA LEU C 2131 20.88 -7.25 -0.46
C LEU C 2131 20.51 -8.63 0.10
N VAL C 2132 19.50 -8.66 0.96
CA VAL C 2132 19.22 -9.86 1.75
C VAL C 2132 18.93 -11.05 0.86
N GLU C 2133 17.98 -10.89 -0.08
CA GLU C 2133 17.61 -12.05 -0.86
C GLU C 2133 18.76 -12.52 -1.72
N LEU C 2134 19.49 -11.61 -2.36
CA LEU C 2134 20.56 -12.04 -3.23
C LEU C 2134 21.62 -12.81 -2.46
N ARG C 2135 22.06 -12.26 -1.32
CA ARG C 2135 23.10 -12.96 -0.56
C ARG C 2135 22.58 -14.29 -0.06
N ALA C 2136 21.37 -14.30 0.50
CA ALA C 2136 20.83 -15.52 1.06
C ALA C 2136 20.64 -16.57 -0.02
N VAL C 2137 20.08 -16.19 -1.16
CA VAL C 2137 19.79 -17.19 -2.18
C VAL C 2137 21.09 -17.78 -2.69
N MET C 2138 22.07 -16.93 -3.01
CA MET C 2138 23.30 -17.45 -3.58
C MET C 2138 24.02 -18.35 -2.59
N ASP C 2139 24.17 -17.89 -1.35
CA ASP C 2139 24.87 -18.74 -0.40
C ASP C 2139 24.10 -20.03 -0.16
N TRP C 2140 22.77 -19.95 -0.10
CA TRP C 2140 21.96 -21.13 0.15
C TRP C 2140 22.18 -22.18 -0.92
N VAL C 2141 22.15 -21.77 -2.20
CA VAL C 2141 22.36 -22.77 -3.24
C VAL C 2141 23.79 -23.26 -3.20
N TRP C 2142 24.71 -22.37 -2.91
CA TRP C 2142 26.11 -22.73 -3.05
C TRP C 2142 26.73 -23.27 -1.78
N THR C 2143 25.98 -23.34 -0.69
CA THR C 2143 26.49 -23.95 0.52
C THR C 2143 25.92 -25.36 0.55
N ASP C 2144 26.79 -26.32 0.86
CA ASP C 2144 26.57 -27.70 0.45
C ASP C 2144 26.28 -28.64 1.61
N THR C 2145 25.64 -28.15 2.66
CA THR C 2145 25.34 -28.99 3.81
C THR C 2145 23.84 -29.07 3.99
N THR C 2146 23.42 -29.95 4.90
CA THR C 2146 22.04 -29.94 5.35
C THR C 2146 21.62 -28.56 5.81
N LEU C 2147 20.65 -27.99 5.10
CA LEU C 2147 20.22 -26.63 5.37
C LEU C 2147 18.88 -26.35 4.71
N SER C 2148 17.93 -25.83 5.49
CA SER C 2148 16.68 -25.34 4.97
C SER C 2148 16.79 -23.86 4.74
N LEU C 2149 15.95 -23.35 3.83
CA LEU C 2149 15.97 -21.93 3.57
C LEU C 2149 15.67 -21.17 4.85
N SER C 2150 14.74 -21.70 5.65
CA SER C 2150 14.34 -21.04 6.87
C SER C 2150 15.50 -20.92 7.85
N ASN C 2151 16.24 -22.00 8.06
CA ASN C 2151 17.30 -21.97 9.05
C ASN C 2151 18.38 -20.97 8.64
N TRP C 2152 18.81 -21.04 7.39
CA TRP C 2152 19.89 -20.18 6.93
C TRP C 2152 19.48 -18.72 6.95
N MET C 2153 18.28 -18.41 6.45
CA MET C 2153 17.82 -17.03 6.39
C MET C 2153 17.69 -16.48 7.81
N CYS C 2154 17.22 -17.32 8.72
CA CYS C 2154 17.15 -16.92 10.11
C CYS C 2154 18.55 -16.62 10.61
N VAL C 2155 19.54 -17.41 10.18
CA VAL C 2155 20.91 -17.15 10.57
C VAL C 2155 21.37 -15.77 10.10
N GLU C 2156 21.02 -15.36 8.89
CA GLU C 2156 21.40 -13.98 8.55
C GLU C 2156 20.75 -12.99 9.50
N ASP C 2157 19.50 -13.26 9.88
CA ASP C 2157 18.87 -12.37 10.85
C ASP C 2157 19.66 -12.39 12.16
N ILE C 2158 20.10 -13.57 12.55
CA ILE C 2158 20.89 -13.78 13.75
C ILE C 2158 22.18 -12.96 13.67
N TYR C 2159 22.79 -12.98 12.50
CA TYR C 2159 23.96 -12.14 12.29
C TYR C 2159 23.63 -10.67 12.43
N ALA C 2160 22.47 -10.26 11.93
CA ALA C 2160 22.13 -8.84 12.04
C ALA C 2160 22.05 -8.38 13.49
N ASN C 2161 21.28 -9.11 14.31
CA ASN C 2161 21.23 -8.69 15.71
C ASN C 2161 22.59 -8.83 16.38
N ILE C 2162 23.30 -9.91 16.07
CA ILE C 2162 24.56 -10.15 16.73
C ILE C 2162 25.54 -9.02 16.45
N PHE C 2163 25.67 -8.62 15.19
CA PHE C 2163 26.63 -7.56 14.96
C PHE C 2163 26.16 -6.30 15.64
N ILE C 2164 24.85 -6.06 15.65
CA ILE C 2164 24.38 -4.81 16.24
C ILE C 2164 24.74 -4.73 17.72
N ILE C 2165 24.50 -5.82 18.44
CA ILE C 2165 24.77 -5.83 19.87
C ILE C 2165 26.28 -5.76 20.13
N LYS C 2166 27.07 -6.50 19.34
CA LYS C 2166 28.51 -6.34 19.45
C LYS C 2166 28.95 -4.93 19.12
N CYS C 2167 28.32 -4.30 18.14
CA CYS C 2167 28.67 -2.94 17.77
C CYS C 2167 28.47 -2.02 18.96
N SER C 2168 27.35 -2.21 19.66
CA SER C 2168 27.09 -1.41 20.85
C SER C 2168 28.16 -1.64 21.89
N ARG C 2169 28.52 -2.91 22.11
CA ARG C 2169 29.54 -3.22 23.11
C ARG C 2169 30.86 -2.57 22.75
N GLU C 2170 31.22 -2.66 21.48
CA GLU C 2170 32.48 -2.11 20.99
C GLU C 2170 32.51 -0.61 21.19
N THR C 2171 31.41 0.05 20.83
CA THR C 2171 31.35 1.48 20.98
C THR C 2171 31.45 1.88 22.45
N GLU C 2172 30.72 1.19 23.32
CA GLU C 2172 30.80 1.55 24.74
C GLU C 2172 32.20 1.30 25.28
N LYS C 2173 32.86 0.25 24.83
CA LYS C 2173 34.23 0.02 25.28
C LYS C 2173 35.13 1.17 24.87
N LYS C 2174 35.02 1.63 23.63
CA LYS C 2174 35.93 2.69 23.23
C LYS C 2174 35.29 4.08 23.37
N TYR C 2175 33.97 4.16 23.53
CA TYR C 2175 33.23 5.43 23.65
C TYR C 2175 32.26 5.36 24.82
N PRO C 2176 32.75 5.36 26.06
CA PRO C 2176 31.83 5.29 27.19
C PRO C 2176 31.47 6.69 27.68
N GLN C 2177 30.19 7.03 27.66
CA GLN C 2177 29.78 8.35 28.11
C GLN C 2177 30.07 8.52 29.60
N PRO C 2178 30.66 9.65 29.99
CA PRO C 2178 30.95 9.90 31.42
C PRO C 2178 29.68 10.00 32.25
N LYS C 2179 29.67 9.39 33.44
CA LYS C 2179 28.48 9.50 34.28
C LYS C 2179 28.26 10.94 34.73
N GLY C 2180 27.00 11.33 34.77
CA GLY C 2180 26.58 12.66 35.17
C GLY C 2180 26.39 13.63 34.03
N GLN C 2181 26.77 13.27 32.81
CA GLN C 2181 26.47 14.18 31.71
C GLN C 2181 24.96 14.28 31.59
N LYS C 2182 24.31 13.14 31.76
CA LYS C 2182 22.89 12.86 31.81
C LYS C 2182 22.39 12.84 30.38
N LYS C 2183 22.62 13.95 29.68
CA LYS C 2183 22.28 14.19 28.27
C LYS C 2183 23.05 15.42 27.84
N LYS C 2184 23.13 15.61 26.53
CA LYS C 2184 23.72 16.82 25.97
C LYS C 2184 22.61 17.54 25.22
N LYS C 2185 22.49 18.85 25.42
CA LYS C 2185 21.31 19.56 24.96
C LYS C 2185 21.27 19.66 23.44
N ILE C 2186 22.42 19.83 22.80
CA ILE C 2186 22.43 20.18 21.38
C ILE C 2186 21.87 19.04 20.55
N VAL C 2187 22.23 17.80 20.91
CA VAL C 2187 21.79 16.67 20.10
C VAL C 2187 20.29 16.50 20.19
N LYS C 2188 19.70 16.78 21.35
CA LYS C 2188 18.25 16.75 21.42
C LYS C 2188 17.66 17.87 20.60
N TYR C 2189 18.27 19.06 20.64
CA TYR C 2189 17.82 20.11 19.73
C TYR C 2189 17.77 19.57 18.31
N GLY C 2190 18.85 18.95 17.87
CA GLY C 2190 18.94 18.51 16.50
C GLY C 2190 17.91 17.46 16.12
N MET C 2191 17.91 16.34 16.87
CA MET C 2191 16.99 15.25 16.53
C MET C 2191 15.54 15.69 16.65
N GLY C 2192 15.21 16.37 17.75
CA GLY C 2192 13.85 16.81 17.93
C GLY C 2192 13.43 17.76 16.83
N GLY C 2193 14.31 18.71 16.48
CA GLY C 2193 13.97 19.66 15.45
C GLY C 2193 13.72 18.99 14.12
N LEU C 2194 14.58 18.04 13.75
CA LEU C 2194 14.37 17.36 12.48
C LEU C 2194 13.06 16.58 12.49
N ILE C 2195 12.77 15.89 13.60
CA ILE C 2195 11.55 15.10 13.66
C ILE C 2195 10.33 16.00 13.58
N ILE C 2196 10.35 17.08 14.35
CA ILE C 2196 9.19 17.97 14.39
C ILE C 2196 8.99 18.63 13.04
N LEU C 2197 10.07 19.08 12.41
CA LEU C 2197 9.92 19.77 11.13
C LEU C 2197 9.36 18.81 10.10
N PHE C 2198 9.85 17.58 10.08
CA PHE C 2198 9.37 16.61 9.10
C PHE C 2198 7.89 16.35 9.30
N LEU C 2199 7.50 16.06 10.55
CA LEU C 2199 6.10 15.73 10.80
C LEU C 2199 5.18 16.93 10.58
N ILE C 2200 5.55 18.11 11.06
CA ILE C 2200 4.66 19.25 10.87
C ILE C 2200 4.53 19.59 9.39
N ALA C 2201 5.65 19.51 8.67
CA ALA C 2201 5.61 19.83 7.24
C ALA C 2201 4.71 18.87 6.51
N ILE C 2202 4.84 17.57 6.80
CA ILE C 2202 3.96 16.62 6.13
C ILE C 2202 2.51 16.85 6.53
N ILE C 2203 2.27 17.20 7.80
CA ILE C 2203 0.90 17.41 8.24
C ILE C 2203 0.24 18.55 7.49
N TRP C 2204 0.93 19.67 7.32
CA TRP C 2204 0.29 20.78 6.61
C TRP C 2204 0.63 20.88 5.14
N PHE C 2205 1.37 19.93 4.58
CA PHE C 2205 1.73 20.06 3.17
C PHE C 2205 0.51 20.12 2.26
N PRO C 2206 -0.53 19.31 2.45
CA PRO C 2206 -1.69 19.41 1.55
C PRO C 2206 -2.46 20.64 1.95
N LEU C 2207 -2.52 20.87 3.26
CA LEU C 2207 -3.28 22.01 3.79
C LEU C 2207 -2.68 23.31 3.27
N LEU C 2208 -1.37 23.48 3.42
CA LEU C 2208 -0.76 24.72 2.93
C LEU C 2208 -0.85 24.79 1.42
N PHE C 2209 -0.72 23.65 0.73
CA PHE C 2209 -0.75 23.67 -0.73
C PHE C 2209 -2.11 24.13 -1.25
N MET C 2210 -3.18 23.57 -0.68
CA MET C 2210 -4.52 23.98 -1.10
C MET C 2210 -4.88 25.36 -0.58
N SER C 2211 -4.26 25.79 0.52
CA SER C 2211 -4.58 27.10 1.07
C SER C 2211 -4.04 28.20 0.16
N LEU C 2212 -2.77 28.11 -0.20
CA LEU C 2212 -2.10 29.17 -0.96
C LEU C 2212 -1.94 28.80 -2.42
N ILE C 2213 -1.28 27.68 -2.70
CA ILE C 2213 -0.98 27.31 -4.07
C ILE C 2213 -2.22 26.79 -4.79
N ARG C 2214 -2.78 25.69 -4.29
CA ARG C 2214 -3.98 25.03 -4.84
C ARG C 2214 -4.10 25.12 -6.36
N VAL C 2216 -5.39 24.36 -8.99
CA VAL C 2216 -5.73 24.90 -10.30
C VAL C 2216 -6.11 26.37 -10.16
N VAL C 2217 -5.63 27.17 -11.10
CA VAL C 2217 -5.88 28.61 -11.11
C VAL C 2217 -6.67 28.96 -12.36
N GLY C 2218 -7.74 29.71 -12.18
CA GLY C 2218 -8.58 30.09 -13.30
C GLY C 2218 -7.87 30.98 -14.31
N VAL C 2219 -7.87 30.56 -15.57
CA VAL C 2219 -7.32 31.34 -16.66
C VAL C 2219 -8.49 31.81 -17.50
N VAL C 2220 -8.56 33.11 -17.76
CA VAL C 2220 -9.67 33.66 -18.53
C VAL C 2220 -9.55 33.23 -19.97
N ASN C 2221 -10.63 32.66 -20.52
CA ASN C 2221 -10.70 32.41 -21.95
C ASN C 2221 -11.80 33.28 -22.52
N GLN C 2222 -11.45 34.04 -23.54
CA GLN C 2222 -12.29 35.05 -24.10
C GLN C 2222 -12.48 34.73 -25.58
N PRO C 2223 -13.72 34.67 -26.06
CA PRO C 2223 -13.97 34.17 -27.41
C PRO C 2223 -13.24 34.98 -28.46
N ILE C 2224 -12.34 34.32 -29.20
CA ILE C 2224 -11.62 35.02 -30.25
C ILE C 2224 -12.39 35.11 -31.54
N ASP C 2225 -13.57 34.50 -31.62
CA ASP C 2225 -14.37 34.65 -32.82
C ASP C 2225 -15.82 34.44 -32.45
N VAL C 2226 -16.71 35.25 -33.02
CA VAL C 2226 -18.14 35.03 -32.84
C VAL C 2226 -18.80 35.04 -34.21
N THR C 2227 -19.60 34.01 -34.49
CA THR C 2227 -20.27 33.87 -35.78
C THR C 2227 -21.76 33.73 -35.56
N VAL C 2228 -22.55 34.54 -36.25
CA VAL C 2228 -23.99 34.54 -36.11
C VAL C 2228 -24.61 34.34 -37.48
N THR C 2229 -25.59 33.43 -37.57
CA THR C 2229 -26.24 33.12 -38.83
C THR C 2229 -27.74 33.13 -38.66
N LEU C 2230 -28.43 33.83 -39.53
CA LEU C 2230 -29.88 33.84 -39.61
C LEU C 2230 -30.32 33.03 -40.81
N LYS C 2231 -31.09 31.96 -40.57
CA LYS C 2231 -31.43 30.99 -41.60
C LYS C 2231 -32.92 30.66 -41.55
N LEU C 2232 -33.57 30.70 -42.70
CA LEU C 2232 -35.01 30.48 -42.81
C LEU C 2232 -35.32 29.12 -43.40
N GLY C 2233 -36.06 28.30 -42.67
CA GLY C 2233 -36.41 27.01 -43.21
C GLY C 2233 -35.18 26.17 -43.39
N GLY C 2234 -34.93 25.73 -44.62
CA GLY C 2234 -33.72 25.01 -44.93
C GLY C 2234 -33.15 25.50 -46.24
N TYR C 2235 -33.46 26.73 -46.60
CA TYR C 2235 -33.10 27.25 -47.91
C TYR C 2235 -31.70 27.81 -47.97
N GLU C 2236 -31.43 28.83 -47.21
CA GLU C 2236 -30.10 29.40 -47.32
C GLU C 2236 -29.91 30.37 -46.17
N PRO C 2237 -28.76 30.43 -45.57
CA PRO C 2237 -28.54 31.44 -44.56
C PRO C 2237 -28.79 32.82 -45.14
N LEU C 2238 -29.83 33.49 -44.68
CA LEU C 2238 -30.07 34.82 -45.17
C LEU C 2238 -28.98 35.75 -44.71
N PHE C 2239 -28.37 35.47 -43.58
CA PHE C 2239 -27.35 36.39 -43.09
C PHE C 2239 -26.30 35.62 -42.33
N THR C 2240 -25.05 36.03 -42.45
CA THR C 2240 -23.98 35.38 -41.71
C THR C 2240 -22.84 36.35 -41.50
N MET C 2241 -22.48 36.57 -40.25
CA MET C 2241 -21.43 37.53 -39.92
C MET C 2241 -20.56 36.97 -38.83
N SER C 2242 -19.25 37.16 -38.97
CA SER C 2242 -18.30 36.70 -37.98
C SER C 2242 -17.37 37.85 -37.65
N ALA C 2243 -17.19 38.11 -36.36
CA ALA C 2243 -16.29 39.16 -35.90
C ALA C 2243 -15.27 38.54 -34.97
N GLN C 2244 -13.99 38.83 -35.21
CA GLN C 2244 -12.95 38.23 -34.36
C GLN C 2244 -12.06 39.21 -33.61
N GLN C 2245 -11.19 39.95 -34.26
CA GLN C 2245 -10.26 40.67 -33.40
C GLN C 2245 -10.71 42.06 -33.00
N PRO C 2246 -11.08 42.93 -33.92
CA PRO C 2246 -11.30 44.32 -33.53
C PRO C 2246 -12.73 44.57 -33.10
N SER C 2247 -13.63 43.69 -33.48
CA SER C 2247 -15.04 43.83 -33.15
C SER C 2247 -15.42 43.12 -31.87
N ILE C 2248 -14.48 42.45 -31.22
CA ILE C 2248 -14.69 41.86 -29.91
C ILE C 2248 -14.06 42.82 -28.92
N VAL C 2249 -14.86 43.65 -28.27
CA VAL C 2249 -14.37 44.67 -27.36
C VAL C 2249 -14.50 44.12 -25.94
N PRO C 2250 -13.41 43.87 -25.23
CA PRO C 2250 -13.50 43.47 -23.83
C PRO C 2250 -14.02 44.59 -22.97
N PHE C 2251 -14.75 44.23 -21.92
CA PHE C 2251 -15.31 45.23 -21.03
C PHE C 2251 -14.23 45.99 -20.28
N THR C 2252 -14.32 47.30 -20.31
CA THR C 2252 -13.54 48.14 -19.44
C THR C 2252 -14.21 48.21 -18.07
N PRO C 2253 -13.46 48.52 -17.01
CA PRO C 2253 -14.10 48.64 -15.70
C PRO C 2253 -15.21 49.66 -15.68
N GLN C 2254 -15.05 50.76 -16.42
CA GLN C 2254 -16.11 51.76 -16.45
C GLN C 2254 -17.36 51.18 -17.08
N ALA C 2255 -17.21 50.43 -18.17
CA ALA C 2255 -18.37 49.79 -18.79
C ALA C 2255 -19.01 48.79 -17.84
N TYR C 2256 -18.19 48.04 -17.10
CA TYR C 2256 -18.72 47.09 -16.14
C TYR C 2256 -19.55 47.83 -15.09
N GLU C 2257 -19.05 48.98 -14.66
CA GLU C 2257 -19.79 49.80 -13.70
C GLU C 2257 -21.11 50.25 -14.31
N GLU C 2258 -21.11 50.65 -15.57
CA GLU C 2258 -22.34 51.08 -16.21
C GLU C 2258 -23.34 49.93 -16.25
N LEU C 2259 -22.86 48.74 -16.58
CA LEU C 2259 -23.73 47.58 -16.63
C LEU C 2259 -24.33 47.29 -15.25
N SER C 2260 -23.50 47.37 -14.21
CA SER C 2260 -24.03 47.09 -12.88
C SER C 2260 -25.06 48.12 -12.49
N GLN C 2261 -24.81 49.39 -12.81
CA GLN C 2261 -25.79 50.43 -12.48
C GLN C 2261 -27.10 50.18 -13.20
N GLN C 2262 -27.01 49.74 -14.46
CA GLN C 2262 -28.25 49.52 -15.21
C GLN C 2262 -29.06 48.40 -14.60
N PHE C 2263 -28.40 47.33 -14.13
CA PHE C 2263 -29.09 46.20 -13.55
C PHE C 2263 -28.94 46.17 -12.03
N ASP C 2264 -28.90 47.33 -11.41
CA ASP C 2264 -28.67 47.38 -9.97
C ASP C 2264 -29.93 47.04 -9.16
N PRO C 2265 -31.12 47.54 -9.50
CA PRO C 2265 -32.30 47.17 -8.71
C PRO C 2265 -32.55 45.68 -8.61
N TYR C 2266 -32.32 44.94 -9.66
CA TYR C 2266 -32.66 43.52 -9.65
C TYR C 2266 -31.66 42.74 -8.81
N PRO C 2267 -32.12 41.91 -7.89
CA PRO C 2267 -31.18 41.11 -7.08
C PRO C 2267 -30.47 39.98 -7.81
N LEU C 2268 -31.21 39.16 -8.55
CA LEU C 2268 -30.59 38.03 -9.22
C LEU C 2268 -29.60 38.50 -10.27
N ALA C 2269 -29.99 39.50 -11.05
CA ALA C 2269 -29.10 40.04 -12.05
C ALA C 2269 -27.86 40.61 -11.39
N MET C 2270 -28.02 41.34 -10.29
CA MET C 2270 -26.88 41.93 -9.63
C MET C 2270 -25.91 40.88 -9.12
N GLN C 2271 -26.42 39.81 -8.50
CA GLN C 2271 -25.49 38.78 -8.05
C GLN C 2271 -24.78 38.13 -9.23
N PHE C 2272 -25.50 37.88 -10.33
CA PHE C 2272 -24.87 37.26 -11.49
C PHE C 2272 -23.74 38.12 -12.03
N ILE C 2273 -24.01 39.41 -12.24
CA ILE C 2273 -22.97 40.27 -12.78
C ILE C 2273 -21.82 40.40 -11.81
N SER C 2274 -22.12 40.47 -10.52
CA SER C 2274 -21.05 40.55 -9.54
C SER C 2274 -20.15 39.35 -9.61
N GLN C 2275 -20.71 38.20 -9.95
CA GLN C 2275 -19.92 36.98 -10.04
C GLN C 2275 -18.76 37.10 -11.04
N TYR C 2276 -18.92 37.86 -12.13
CA TYR C 2276 -17.92 37.94 -13.19
C TYR C 2276 -17.01 39.16 -13.06
N SER C 2277 -15.73 38.95 -13.37
CA SER C 2277 -14.74 40.01 -13.44
C SER C 2277 -15.00 40.92 -14.63
N PRO C 2278 -14.65 42.21 -14.53
CA PRO C 2278 -14.84 43.10 -15.67
C PRO C 2278 -14.07 42.73 -16.92
N GLU C 2279 -12.90 42.12 -16.78
CA GLU C 2279 -12.11 41.75 -17.96
C GLU C 2279 -12.46 40.36 -18.45
N ASP C 2280 -13.64 39.87 -18.11
CA ASP C 2280 -14.07 38.54 -18.44
C ASP C 2280 -15.34 38.55 -19.28
N ILE C 2281 -15.87 39.72 -19.58
CA ILE C 2281 -17.10 39.87 -20.34
C ILE C 2281 -16.77 40.69 -21.58
N VAL C 2282 -17.29 40.30 -22.72
CA VAL C 2282 -16.93 40.98 -23.97
C VAL C 2282 -18.16 41.33 -24.76
N THR C 2283 -18.10 42.44 -25.46
CA THR C 2283 -19.18 42.89 -26.32
C THR C 2283 -18.78 42.62 -27.76
N ALA C 2284 -19.63 41.90 -28.47
CA ALA C 2284 -19.38 41.55 -29.86
C ALA C 2284 -20.16 42.52 -30.73
N GLN C 2285 -19.44 43.40 -31.42
CA GLN C 2285 -20.08 44.41 -32.27
C GLN C 2285 -20.32 43.84 -33.66
N ILE C 2286 -21.23 42.87 -33.76
CA ILE C 2286 -21.47 42.23 -35.03
C ILE C 2286 -22.12 43.22 -35.98
N GLU C 2287 -21.58 43.32 -37.19
CA GLU C 2287 -22.07 44.28 -38.17
C GLU C 2287 -23.40 43.82 -38.73
N GLY C 2288 -24.26 44.76 -39.03
CA GLY C 2288 -25.54 44.37 -39.58
C GLY C 2288 -25.52 44.35 -41.08
N SER C 2289 -25.13 45.45 -41.69
CA SER C 2289 -25.25 45.59 -43.13
C SER C 2289 -24.05 45.06 -43.90
N SER C 2290 -22.95 44.78 -43.24
CA SER C 2290 -21.74 44.43 -43.95
C SER C 2290 -21.70 42.95 -44.32
N GLY C 2291 -22.74 42.45 -44.99
CA GLY C 2291 -22.83 41.07 -45.37
C GLY C 2291 -22.34 40.82 -46.79
N ALA C 2292 -22.47 39.57 -47.21
CA ALA C 2292 -22.07 39.13 -48.54
C ALA C 2292 -23.31 38.86 -49.39
N LEU C 2293 -23.08 38.66 -50.67
CA LEU C 2293 -24.18 38.45 -51.60
C LEU C 2293 -24.96 37.22 -51.22
N TRP C 2294 -26.28 37.31 -51.30
CA TRP C 2294 -27.12 36.17 -51.04
C TRP C 2294 -27.07 35.28 -52.28
N ARG C 2295 -26.60 34.07 -52.11
CA ARG C 2295 -26.45 33.13 -53.22
C ARG C 2295 -27.49 32.05 -53.06
N ILE C 2296 -28.45 32.01 -53.97
CA ILE C 2296 -29.44 30.97 -53.93
C ILE C 2296 -29.83 30.68 -55.35
N SER C 2297 -30.02 29.41 -55.65
CA SER C 2297 -30.38 29.06 -57.00
C SER C 2297 -31.77 29.62 -57.29
N PRO C 2298 -32.03 30.08 -58.50
CA PRO C 2298 -33.31 30.66 -58.81
C PRO C 2298 -34.47 29.70 -58.54
N PRO C 2299 -34.36 28.42 -58.84
CA PRO C 2299 -35.46 27.52 -58.44
C PRO C 2299 -35.69 27.48 -56.96
N SER C 2300 -34.63 27.50 -56.16
CA SER C 2300 -34.85 27.44 -54.72
C SER C 2300 -35.40 28.75 -54.19
N ARG C 2301 -35.03 29.88 -54.78
CA ARG C 2301 -35.64 31.12 -54.34
C ARG C 2301 -37.10 31.19 -54.74
N ALA C 2302 -37.44 30.75 -55.94
CA ALA C 2302 -38.84 30.74 -56.34
C ALA C 2302 -39.65 29.84 -55.43
N GLN C 2303 -39.11 28.69 -55.09
CA GLN C 2303 -39.80 27.81 -54.16
C GLN C 2303 -39.91 28.45 -52.78
N MET C 2304 -38.89 29.17 -52.34
CA MET C 2304 -39.01 29.93 -51.10
C MET C 2304 -40.20 30.86 -51.15
N LYS C 2305 -40.29 31.68 -52.18
CA LYS C 2305 -41.37 32.65 -52.23
C LYS C 2305 -42.72 31.96 -52.30
N GLN C 2306 -42.84 30.92 -53.12
CA GLN C 2306 -44.12 30.25 -53.25
C GLN C 2306 -44.53 29.56 -51.95
N GLU C 2307 -43.60 28.89 -51.27
CA GLU C 2307 -43.95 28.25 -50.01
C GLU C 2307 -44.22 29.27 -48.94
N LEU C 2308 -43.59 30.43 -49.03
CA LEU C 2308 -43.83 31.46 -48.04
C LEU C 2308 -45.20 32.09 -48.23
N TYR C 2309 -45.69 32.13 -49.48
CA TYR C 2309 -47.05 32.63 -49.70
C TYR C 2309 -48.10 31.58 -49.41
N ASN C 2310 -48.10 30.49 -50.16
CA ASN C 2310 -49.17 29.50 -50.13
C ASN C 2310 -48.82 28.29 -49.29
N GLY C 2311 -48.08 28.50 -48.22
CA GLY C 2311 -47.70 27.40 -47.38
C GLY C 2311 -48.77 27.04 -46.38
N THR C 2312 -48.82 25.77 -46.03
CA THR C 2312 -49.73 25.29 -45.00
C THR C 2312 -49.03 24.97 -43.70
N ALA C 2313 -47.88 24.30 -43.75
CA ALA C 2313 -47.13 24.01 -42.56
C ALA C 2313 -46.37 25.24 -42.11
N ASP C 2314 -46.26 25.41 -40.80
CA ASP C 2314 -45.49 26.53 -40.26
C ASP C 2314 -44.03 26.40 -40.67
N ILE C 2315 -43.40 27.53 -40.94
CA ILE C 2315 -42.02 27.56 -41.42
C ILE C 2315 -41.14 28.05 -40.27
N THR C 2316 -40.00 27.41 -40.09
CA THR C 2316 -39.13 27.79 -39.00
C THR C 2316 -38.17 28.88 -39.42
N LEU C 2317 -37.64 29.60 -38.46
CA LEU C 2317 -36.65 30.62 -38.72
C LEU C 2317 -35.70 30.65 -37.54
N ARG C 2318 -34.45 30.30 -37.74
CA ARG C 2318 -33.55 30.14 -36.62
C ARG C 2318 -32.43 31.15 -36.68
N PHE C 2319 -31.95 31.53 -35.51
CA PHE C 2319 -30.88 32.50 -35.35
C PHE C 2319 -29.84 31.85 -34.48
N THR C 2320 -28.69 31.52 -35.05
CA THR C 2320 -27.71 30.69 -34.37
C THR C 2320 -26.45 31.47 -34.09
N TRP C 2321 -25.95 31.39 -32.86
CA TRP C 2321 -24.69 31.99 -32.50
C TRP C 2321 -23.68 30.91 -32.18
N ASN C 2322 -22.40 31.20 -32.46
CA ASN C 2322 -21.34 30.23 -32.28
C ASN C 2322 -20.05 30.94 -31.94
N PHE C 2323 -19.53 30.71 -30.74
CA PHE C 2323 -18.31 31.35 -30.26
C PHE C 2323 -17.14 30.38 -30.34
N GLN C 2324 -16.07 30.81 -30.95
CA GLN C 2324 -14.82 30.06 -30.97
C GLN C 2324 -13.85 30.70 -30.01
N ARG C 2325 -13.33 29.90 -29.09
CA ARG C 2325 -12.43 30.38 -28.05
C ARG C 2325 -11.08 29.72 -28.24
N ASP C 2326 -10.04 30.44 -27.82
CA ASP C 2326 -8.68 29.95 -28.00
C ASP C 2326 -8.47 28.65 -27.25
N LEU C 2327 -7.87 27.68 -27.92
CA LEU C 2327 -7.64 26.40 -27.29
C LEU C 2327 -6.31 26.32 -26.58
N ALA C 2328 -5.43 27.31 -26.75
CA ALA C 2328 -4.14 27.27 -26.09
C ALA C 2328 -4.22 27.62 -24.62
N LYS C 2329 -5.35 28.15 -24.14
CA LYS C 2329 -5.50 28.51 -22.74
C LYS C 2329 -6.07 27.38 -21.91
N GLY C 2330 -5.89 26.15 -22.32
CA GLY C 2330 -6.52 25.07 -21.62
C GLY C 2330 -7.98 24.95 -22.01
N GLY C 2331 -8.67 24.05 -21.33
CA GLY C 2331 -10.05 23.80 -21.67
C GLY C 2331 -10.13 22.81 -22.79
N THR C 2332 -11.21 22.04 -22.83
CA THR C 2332 -11.35 20.97 -23.82
C THR C 2332 -12.21 21.40 -25.00
N VAL C 2333 -13.46 21.81 -24.75
CA VAL C 2333 -14.34 22.18 -25.85
C VAL C 2333 -13.88 23.51 -26.41
N GLU C 2334 -13.87 23.61 -27.73
CA GLU C 2334 -13.31 24.76 -28.42
C GLU C 2334 -14.34 25.59 -29.14
N TYR C 2335 -15.55 25.09 -29.34
CA TYR C 2335 -16.66 25.84 -29.90
C TYR C 2335 -17.84 25.75 -28.96
N THR C 2336 -18.54 26.87 -28.76
CA THR C 2336 -19.74 26.91 -27.94
C THR C 2336 -20.86 27.56 -28.74
N ASN C 2337 -21.88 26.81 -29.07
CA ASN C 2337 -22.89 27.29 -30.00
C ASN C 2337 -24.29 27.00 -29.49
N GLU C 2338 -25.23 27.81 -29.92
CA GLU C 2338 -26.63 27.58 -29.56
C GLU C 2338 -27.52 28.36 -30.49
N LYS C 2339 -28.75 27.89 -30.67
CA LYS C 2339 -29.67 28.48 -31.62
C LYS C 2339 -30.96 28.88 -30.93
N HIS C 2340 -31.57 29.94 -31.42
CA HIS C 2340 -32.90 30.36 -30.99
C HIS C 2340 -33.83 30.17 -32.17
N THR C 2341 -34.86 29.36 -31.99
CA THR C 2341 -35.76 28.97 -33.07
C THR C 2341 -37.06 29.72 -32.91
N LEU C 2342 -37.55 30.31 -33.97
CA LEU C 2342 -38.81 31.03 -33.95
C LEU C 2342 -39.71 30.46 -35.02
N GLU C 2343 -40.93 30.14 -34.68
CA GLU C 2343 -41.85 29.55 -35.63
C GLU C 2343 -42.64 30.63 -36.34
N LEU C 2344 -43.14 30.29 -37.53
CA LEU C 2344 -43.97 31.19 -38.29
C LEU C 2344 -45.20 30.41 -38.72
N ALA C 2345 -46.34 30.69 -38.10
CA ALA C 2345 -47.57 30.02 -38.45
C ALA C 2345 -48.05 30.50 -39.82
N PRO C 2346 -48.73 29.64 -40.56
CA PRO C 2346 -49.17 30.04 -41.90
C PRO C 2346 -50.08 31.25 -41.87
N ASN C 2347 -49.91 32.10 -42.87
CA ASN C 2347 -50.71 33.30 -43.10
C ASN C 2347 -50.64 34.28 -41.94
N SER C 2348 -49.68 34.10 -41.04
CA SER C 2348 -49.50 35.10 -40.01
C SER C 2348 -48.94 36.37 -40.64
N THR C 2349 -48.91 37.45 -39.87
CA THR C 2349 -48.50 38.72 -40.46
C THR C 2349 -47.04 38.70 -40.90
N ALA C 2350 -46.17 38.04 -40.13
CA ALA C 2350 -44.76 38.06 -40.48
C ALA C 2350 -44.49 37.26 -41.74
N ARG C 2351 -45.08 36.08 -41.88
CA ARG C 2351 -44.82 35.28 -43.07
C ARG C 2351 -45.33 35.97 -44.31
N ARG C 2352 -46.53 36.55 -44.24
CA ARG C 2352 -47.03 37.30 -45.38
C ARG C 2352 -46.15 38.50 -45.67
N GLN C 2353 -45.63 39.12 -44.62
CA GLN C 2353 -44.75 40.26 -44.84
C GLN C 2353 -43.47 39.86 -45.55
N LEU C 2354 -42.89 38.72 -45.18
CA LEU C 2354 -41.69 38.26 -45.89
C LEU C 2354 -41.99 37.91 -47.34
N ALA C 2355 -43.12 37.27 -47.58
CA ALA C 2355 -43.45 36.95 -48.95
C ALA C 2355 -43.59 38.23 -49.76
N GLN C 2356 -44.09 39.28 -49.14
CA GLN C 2356 -44.11 40.58 -49.82
C GLN C 2356 -42.70 41.12 -49.99
N LEU C 2357 -41.84 40.88 -49.01
CA LEU C 2357 -40.49 41.44 -49.05
C LEU C 2357 -39.71 40.91 -50.24
N LEU C 2358 -39.83 39.62 -50.52
CA LEU C 2358 -39.10 39.06 -51.65
C LEU C 2358 -39.59 39.57 -53.00
N GLU C 2359 -40.70 40.31 -53.04
CA GLU C 2359 -41.26 40.70 -54.32
C GLU C 2359 -40.43 41.74 -55.05
N GLY C 2360 -39.47 42.36 -54.40
CA GLY C 2360 -38.67 43.37 -55.04
C GLY C 2360 -39.06 44.79 -54.71
N ARG C 2361 -39.74 45.01 -53.60
CA ARG C 2361 -40.10 46.36 -53.20
C ARG C 2361 -38.84 47.15 -52.87
N PRO C 2362 -38.80 48.42 -53.17
CA PRO C 2362 -37.59 49.20 -52.90
C PRO C 2362 -37.33 49.42 -51.42
N ASP C 2363 -38.34 49.81 -50.64
CA ASP C 2363 -38.07 50.17 -49.25
C ASP C 2363 -38.99 49.46 -48.27
N GLN C 2364 -39.46 48.27 -48.61
CA GLN C 2364 -40.20 47.47 -47.65
C GLN C 2364 -39.25 46.95 -46.56
N SER C 2365 -39.81 46.66 -45.40
CA SER C 2365 -39.03 46.13 -44.30
C SER C 2365 -39.90 45.21 -43.48
N VAL C 2366 -39.28 44.31 -42.74
CA VAL C 2366 -40.03 43.43 -41.86
C VAL C 2366 -39.41 43.51 -40.48
N VAL C 2367 -40.20 43.24 -39.45
CA VAL C 2367 -39.74 43.27 -38.08
C VAL C 2367 -40.14 41.96 -37.43
N ILE C 2368 -39.15 41.19 -36.99
CA ILE C 2368 -39.39 39.94 -36.28
C ILE C 2368 -39.22 40.21 -34.79
N PRO C 2369 -40.28 40.10 -33.98
CA PRO C 2369 -40.14 40.42 -32.56
C PRO C 2369 -39.39 39.34 -31.83
N HIS C 2370 -38.59 39.75 -30.86
CA HIS C 2370 -38.04 38.85 -29.86
C HIS C 2370 -37.21 37.73 -30.48
N LEU C 2371 -36.12 38.14 -31.13
CA LEU C 2371 -35.26 37.18 -31.82
C LEU C 2371 -33.80 37.27 -31.44
N PHE C 2372 -33.32 38.38 -30.92
CA PHE C 2372 -31.89 38.56 -30.71
C PHE C 2372 -31.59 38.63 -29.22
N PRO C 2373 -31.20 37.53 -28.59
CA PRO C 2373 -30.87 37.57 -27.16
C PRO C 2373 -29.60 38.35 -26.92
N LYS C 2374 -29.72 39.45 -26.18
CA LYS C 2374 -28.58 40.36 -26.05
C LYS C 2374 -27.50 39.81 -25.14
N TYR C 2375 -27.88 39.21 -24.01
CA TYR C 2375 -26.91 38.75 -23.03
C TYR C 2375 -26.78 37.24 -23.12
N ILE C 2376 -25.58 36.76 -23.45
CA ILE C 2376 -25.33 35.34 -23.59
C ILE C 2376 -24.22 34.94 -22.65
N ARG C 2377 -24.21 33.66 -22.28
CA ARG C 2377 -23.20 33.09 -21.42
C ARG C 2377 -22.48 31.98 -22.15
N ALA C 2378 -21.17 31.94 -22.03
CA ALA C 2378 -20.34 30.96 -22.72
C ALA C 2378 -19.60 30.12 -21.70
N PRO C 2379 -20.15 29.02 -21.29
CA PRO C 2379 -19.49 28.21 -20.26
C PRO C 2379 -18.38 27.38 -20.86
N ASN C 2380 -17.77 26.54 -20.04
CA ASN C 2380 -16.76 25.61 -20.52
C ASN C 2380 -17.37 24.38 -21.16
N GLY C 2381 -18.66 24.41 -21.47
CA GLY C 2381 -19.31 23.35 -22.19
C GLY C 2381 -19.90 23.90 -23.47
N PRO C 2382 -20.37 23.04 -24.32
CA PRO C 2382 -20.87 23.46 -25.63
C PRO C 2382 -22.32 23.91 -25.60
N GLU C 2383 -22.68 24.75 -24.61
CA GLU C 2383 -24.04 25.28 -24.52
C GLU C 2383 -23.96 26.76 -24.18
N ALA C 2384 -23.98 27.61 -25.19
CA ALA C 2384 -23.99 29.06 -24.97
C ALA C 2384 -25.41 29.54 -24.78
N ASN C 2385 -26.01 29.12 -23.69
CA ASN C 2385 -27.39 29.49 -23.41
C ASN C 2385 -27.49 30.97 -23.10
N PRO C 2386 -28.56 31.63 -23.53
CA PRO C 2386 -28.77 33.02 -23.16
C PRO C 2386 -28.93 33.10 -21.66
N VAL C 2387 -28.46 34.20 -21.07
CA VAL C 2387 -28.56 34.31 -19.63
C VAL C 2387 -30.03 34.23 -19.25
N LYS C 2388 -30.36 33.31 -18.36
CA LYS C 2388 -31.74 33.12 -17.93
C LYS C 2388 -32.17 34.26 -17.03
N GLN C 2389 -31.22 34.85 -16.33
CA GLN C 2389 -31.45 35.77 -15.23
C GLN C 2389 -31.64 37.19 -15.74
N LEU C 2390 -30.70 37.68 -16.53
CA LEU C 2390 -30.80 39.05 -17.04
C LEU C 2390 -32.01 39.23 -17.93
N GLN C 2391 -32.58 38.12 -18.43
CA GLN C 2391 -33.76 38.16 -19.29
C GLN C 2391 -34.78 37.19 -18.68
N PRO C 2392 -35.41 37.59 -17.57
CA PRO C 2392 -36.31 36.67 -16.87
C PRO C 2392 -37.47 36.17 -17.70
N ASP C 2393 -38.04 37.02 -18.54
CA ASP C 2393 -39.18 36.61 -19.35
C ASP C 2393 -38.77 35.52 -20.33
N GLU C 2394 -37.57 35.62 -20.89
CA GLU C 2394 -36.95 34.59 -21.72
C GLU C 2394 -37.59 34.54 -23.10
N GLU C 2395 -38.67 35.26 -23.29
CA GLU C 2395 -39.23 35.39 -24.62
C GLU C 2395 -39.62 36.81 -24.96
N GLU C 2396 -39.91 37.63 -23.97
CA GLU C 2396 -40.28 39.01 -24.19
C GLU C 2396 -39.08 39.92 -23.96
N ASP C 2397 -38.02 39.40 -23.36
CA ASP C 2397 -36.81 40.18 -23.16
C ASP C 2397 -35.87 40.08 -24.33
N TYR C 2398 -36.14 39.20 -25.30
CA TYR C 2398 -35.33 39.15 -26.50
C TYR C 2398 -35.63 40.37 -27.36
N LEU C 2399 -34.57 40.95 -27.91
CA LEU C 2399 -34.75 42.13 -28.75
C LEU C 2399 -35.39 41.75 -30.08
N GLY C 2400 -36.07 42.70 -30.69
CA GLY C 2400 -36.60 42.50 -32.02
C GLY C 2400 -35.58 42.85 -33.07
N VAL C 2401 -35.76 42.31 -34.27
CA VAL C 2401 -34.80 42.49 -35.36
C VAL C 2401 -35.54 42.94 -36.60
N ARG C 2402 -35.05 44.00 -37.24
CA ARG C 2402 -35.63 44.47 -38.49
C ARG C 2402 -34.82 43.91 -39.64
N ILE C 2403 -35.44 43.08 -40.44
CA ILE C 2403 -34.82 42.43 -41.58
C ILE C 2403 -35.21 43.19 -42.83
N GLN C 2404 -34.27 43.27 -43.78
CA GLN C 2404 -34.55 43.95 -45.02
C GLN C 2404 -33.72 43.32 -46.11
N LEU C 2405 -34.19 43.45 -47.35
CA LEU C 2405 -33.51 42.88 -48.51
C LEU C 2405 -33.13 44.00 -49.46
N ARG C 2406 -31.88 44.00 -49.90
CA ARG C 2406 -31.36 45.03 -50.79
C ARG C 2406 -31.12 44.45 -52.17
N ARG C 2407 -31.50 45.19 -53.19
CA ARG C 2407 -31.31 44.79 -54.58
C ARG C 2407 -30.27 45.68 -55.24
N GLU C 2408 -29.70 45.18 -56.32
CA GLU C 2408 -28.73 45.96 -57.08
C GLU C 2408 -28.79 45.47 -58.51
N GLN C 2409 -29.22 46.32 -59.43
CA GLN C 2409 -29.38 45.92 -60.82
C GLN C 2409 -28.04 45.57 -61.44
N VAL C 2410 -28.03 44.53 -62.27
CA VAL C 2410 -26.86 44.18 -63.07
C VAL C 2410 -27.33 43.89 -64.48
N GLY C 2411 -26.64 44.43 -65.46
CA GLY C 2411 -27.02 44.21 -66.83
C GLY C 2411 -27.11 45.52 -67.61
N GLY C 2420 -33.69 39.00 -70.67
CA GLY C 2420 -33.27 38.95 -69.28
C GLY C 2420 -34.34 38.50 -68.31
N THR C 2421 -34.05 37.46 -67.56
CA THR C 2421 -34.98 36.93 -66.57
C THR C 2421 -35.23 38.00 -65.52
N LYS C 2422 -36.45 38.07 -65.01
CA LYS C 2422 -36.80 39.15 -64.08
C LYS C 2422 -36.18 38.97 -62.70
N ALA C 2423 -36.54 37.91 -61.99
CA ALA C 2423 -36.08 37.82 -60.61
C ALA C 2423 -34.59 37.51 -60.50
N SER C 2424 -34.02 36.74 -61.40
CA SER C 2424 -32.60 36.44 -61.34
C SER C 2424 -31.76 37.52 -61.98
N ASP C 2425 -32.38 38.61 -62.43
CA ASP C 2425 -31.64 39.62 -63.16
C ASP C 2425 -30.69 40.42 -62.31
N PHE C 2426 -30.77 40.36 -60.99
CA PHE C 2426 -29.89 41.26 -60.27
C PHE C 2426 -29.64 40.86 -58.82
N LEU C 2427 -28.56 41.43 -58.30
CA LEU C 2427 -27.94 40.99 -57.06
C LEU C 2427 -28.85 41.24 -55.87
N GLU C 2428 -28.79 40.35 -54.91
CA GLU C 2428 -29.57 40.49 -53.69
C GLU C 2428 -28.67 40.27 -52.50
N TRP C 2429 -28.90 41.03 -51.45
CA TRP C 2429 -28.27 40.67 -50.18
C TRP C 2429 -29.20 41.08 -49.06
N TRP C 2430 -28.86 40.71 -47.84
CA TRP C 2430 -29.75 40.92 -46.72
C TRP C 2430 -29.09 41.80 -45.69
N VAL C 2431 -29.85 42.73 -45.13
CA VAL C 2431 -29.36 43.64 -44.12
C VAL C 2431 -30.29 43.56 -42.93
N ILE C 2432 -29.74 43.26 -41.76
CA ILE C 2432 -30.56 43.24 -40.56
C ILE C 2432 -30.03 44.29 -39.61
N GLU C 2433 -30.93 44.84 -38.81
CA GLU C 2433 -30.56 45.86 -37.84
C GLU C 2433 -31.45 45.71 -36.62
N LEU C 2434 -31.07 46.36 -35.54
CA LEU C 2434 -31.80 46.19 -34.31
C LEU C 2434 -33.12 46.95 -34.39
N GLN C 2435 -34.12 46.45 -33.66
CA GLN C 2435 -35.47 47.00 -33.79
C GLN C 2435 -35.52 48.47 -33.38
N ASP C 2436 -34.89 48.81 -32.28
CA ASP C 2436 -34.89 50.18 -31.75
C ASP C 2436 -33.47 50.73 -31.80
N CYS C 2437 -33.12 51.32 -32.94
CA CYS C 2437 -31.78 51.80 -33.18
C CYS C 2437 -31.81 53.30 -33.47
N LYS C 2438 -30.87 54.04 -32.89
CA LYS C 2438 -30.83 55.48 -33.09
C LYS C 2438 -29.67 55.94 -33.96
N ALA C 2439 -28.44 55.57 -33.63
CA ALA C 2439 -27.29 56.04 -34.37
C ALA C 2439 -26.31 54.95 -34.75
N ASP C 2440 -26.30 53.82 -34.06
CA ASP C 2440 -25.46 52.68 -34.42
C ASP C 2440 -26.29 51.67 -35.18
N CYS C 2441 -27.21 52.15 -36.01
CA CYS C 2441 -28.15 51.26 -36.67
C CYS C 2441 -27.44 50.19 -37.48
N ASN C 2442 -26.21 50.46 -37.90
CA ASN C 2442 -25.44 49.48 -38.67
C ASN C 2442 -24.61 48.59 -37.78
N LEU C 2443 -25.08 48.33 -36.56
CA LEU C 2443 -24.27 47.53 -35.66
C LEU C 2443 -25.18 46.91 -34.63
N LEU C 2444 -24.90 45.66 -34.28
CA LEU C 2444 -25.68 44.95 -33.26
C LEU C 2444 -24.74 44.53 -32.14
N PRO C 2445 -24.87 45.05 -30.93
CA PRO C 2445 -24.03 44.58 -29.84
C PRO C 2445 -24.57 43.28 -29.27
N MET C 2446 -23.68 42.53 -28.62
CA MET C 2446 -24.03 41.24 -28.06
C MET C 2446 -23.07 40.99 -26.92
N VAL C 2447 -23.55 41.13 -25.69
CA VAL C 2447 -22.69 41.02 -24.51
C VAL C 2447 -22.66 39.57 -24.08
N ILE C 2448 -21.47 39.01 -23.92
CA ILE C 2448 -21.32 37.61 -23.57
C ILE C 2448 -20.36 37.46 -22.40
N PHE C 2449 -20.78 36.66 -21.42
CA PHE C 2449 -20.02 36.37 -20.20
C PHE C 2449 -19.35 35.02 -20.36
N SER C 2450 -18.03 34.99 -20.32
CA SER C 2450 -17.29 33.75 -20.48
C SER C 2450 -16.70 33.32 -19.14
N ASP C 2451 -17.02 32.12 -18.70
CA ASP C 2451 -16.45 31.60 -17.47
C ASP C 2451 -14.97 31.31 -17.64
N LYS C 2452 -14.20 31.54 -16.58
CA LYS C 2452 -12.78 31.24 -16.59
C LYS C 2452 -12.57 29.75 -16.71
N VAL C 2453 -11.40 29.37 -17.24
CA VAL C 2453 -11.10 27.97 -17.48
C VAL C 2453 -9.75 27.65 -16.87
N SER C 2454 -9.62 26.41 -16.42
CA SER C 2454 -8.38 25.90 -15.86
C SER C 2454 -8.07 24.57 -16.53
N PRO C 2455 -6.80 24.18 -16.57
CA PRO C 2455 -6.43 22.92 -17.20
C PRO C 2455 -7.16 21.75 -16.56
N PRO C 2456 -7.56 20.76 -17.35
CA PRO C 2456 -8.40 19.69 -16.82
C PRO C 2456 -7.63 18.72 -15.94
N ALA C 2462 -5.78 16.27 -10.76
CA ALA C 2462 -5.38 17.48 -10.06
C ALA C 2462 -6.59 18.18 -9.44
N GLY C 2463 -6.69 18.12 -8.12
CA GLY C 2463 -7.79 18.76 -7.43
C GLY C 2463 -9.10 18.02 -7.49
N TYR C 2464 -9.07 16.70 -7.63
CA TYR C 2464 -10.29 15.88 -7.68
C TYR C 2464 -10.23 14.88 -6.53
N GLY C 2465 -11.23 14.93 -5.65
CA GLY C 2465 -11.26 14.07 -4.48
C GLY C 2465 -10.06 14.27 -3.58
N ILE C 2466 -9.74 15.54 -3.30
CA ILE C 2466 -8.55 15.87 -2.53
C ILE C 2466 -8.61 15.25 -1.15
N VAL C 2467 -9.82 15.20 -0.57
CA VAL C 2467 -10.01 14.54 0.71
C VAL C 2467 -9.55 13.09 0.66
N GLY C 2468 -9.71 12.44 -0.49
CA GLY C 2468 -9.08 11.14 -0.67
C GLY C 2468 -7.61 11.29 -0.36
N LEU C 2469 -6.89 12.01 -1.22
CA LEU C 2469 -5.46 12.23 -1.04
C LEU C 2469 -5.10 12.42 0.43
N TYR C 2470 -5.82 13.32 1.10
CA TYR C 2470 -5.63 13.55 2.53
C TYR C 2470 -5.74 12.27 3.35
N VAL C 2471 -6.81 11.50 3.13
CA VAL C 2471 -7.07 10.38 4.02
C VAL C 2471 -6.04 9.29 3.78
N SER C 2472 -5.71 9.04 2.53
CA SER C 2472 -4.74 7.99 2.26
C SER C 2472 -3.34 8.40 2.71
N ILE C 2473 -2.97 9.66 2.55
CA ILE C 2473 -1.65 10.06 3.02
C ILE C 2473 -1.57 9.92 4.53
N VAL C 2474 -2.59 10.37 5.25
CA VAL C 2474 -2.53 10.29 6.70
C VAL C 2474 -2.53 8.83 7.15
N LEU C 2475 -3.25 7.95 6.45
CA LEU C 2475 -3.21 6.56 6.90
C LEU C 2475 -1.87 5.93 6.56
N VAL C 2476 -1.22 6.37 5.48
CA VAL C 2476 0.16 5.95 5.22
C VAL C 2476 1.06 6.40 6.36
N VAL C 2477 0.84 7.62 6.85
CA VAL C 2477 1.57 8.11 8.00
C VAL C 2477 1.36 7.17 9.18
N GLY C 2478 0.11 6.77 9.40
CA GLY C 2478 -0.17 5.80 10.44
C GLY C 2478 0.59 4.51 10.24
N LYS C 2479 0.66 4.06 8.99
CA LYS C 2479 1.35 2.81 8.71
C LYS C 2479 2.81 2.90 9.12
N PHE C 2480 3.50 3.95 8.68
CA PHE C 2480 4.89 4.12 9.08
C PHE C 2480 5.04 4.27 10.59
N VAL C 2481 4.18 5.08 11.21
CA VAL C 2481 4.42 5.38 12.62
C VAL C 2481 4.22 4.12 13.44
N ARG C 2482 3.13 3.40 13.21
CA ARG C 2482 2.95 2.14 13.89
C ARG C 2482 4.05 1.17 13.51
N GLY C 2483 4.63 1.31 12.31
CA GLY C 2483 5.70 0.43 11.92
C GLY C 2483 6.91 0.60 12.80
N PHE C 2484 7.19 1.83 13.20
CA PHE C 2484 8.39 2.03 14.00
C PHE C 2484 8.30 1.29 15.33
N PHE C 2485 7.10 1.09 15.86
CA PHE C 2485 7.01 0.55 17.21
C PHE C 2485 5.95 -0.50 17.44
N SER C 2486 5.20 -0.94 16.42
CA SER C 2486 3.94 -1.63 16.64
C SER C 2486 4.02 -2.66 17.76
N GLU C 2487 4.92 -3.62 17.62
CA GLU C 2487 5.08 -4.65 18.63
C GLU C 2487 6.55 -4.79 19.00
N ILE C 2488 7.31 -3.71 18.87
CA ILE C 2488 8.75 -3.82 19.08
C ILE C 2488 9.04 -4.06 20.53
N SER C 2489 8.15 -3.60 21.42
CA SER C 2489 8.30 -3.93 22.82
C SER C 2489 8.26 -5.44 23.01
N HIS C 2490 7.63 -6.15 22.08
CA HIS C 2490 7.79 -7.60 22.08
C HIS C 2490 9.23 -7.99 21.76
N SER C 2491 9.88 -7.24 20.86
CA SER C 2491 11.25 -7.55 20.47
C SER C 2491 12.24 -6.94 21.46
N ILE C 2492 12.06 -7.33 22.71
CA ILE C 2492 12.85 -6.92 23.86
C ILE C 2492 13.56 -8.08 24.54
N MET C 2493 13.46 -9.28 23.99
CA MET C 2493 14.12 -10.45 24.62
C MET C 2493 15.42 -10.81 23.88
N PHE C 2494 15.86 -10.01 22.92
CA PHE C 2494 17.07 -10.33 22.18
C PHE C 2494 18.22 -9.35 22.34
N GLU C 2495 18.00 -8.22 23.00
CA GLU C 2495 19.00 -7.16 23.05
C GLU C 2495 19.72 -7.04 24.39
N GLU C 2496 19.46 -7.95 25.32
CA GLU C 2496 19.99 -7.91 26.67
C GLU C 2496 21.29 -8.67 26.88
N LEU C 2497 21.81 -9.34 25.88
CA LEU C 2497 22.99 -10.15 26.12
C LEU C 2497 24.20 -9.30 26.48
N PRO C 2498 24.99 -9.73 27.47
CA PRO C 2498 26.22 -8.99 27.79
C PRO C 2498 27.27 -9.21 26.74
N CYS C 2499 27.34 -10.42 26.20
CA CYS C 2499 28.32 -10.77 25.19
C CYS C 2499 27.73 -11.91 24.38
N VAL C 2500 27.54 -11.67 23.08
CA VAL C 2500 27.05 -12.69 22.16
C VAL C 2500 28.28 -13.36 21.54
N ASP C 2501 29.42 -13.12 22.18
CA ASP C 2501 30.73 -13.52 21.64
C ASP C 2501 30.79 -15.01 21.34
N ARG C 2502 30.42 -15.84 22.31
CA ARG C 2502 30.48 -17.27 22.09
C ARG C 2502 29.52 -17.67 20.99
N ILE C 2503 28.39 -16.99 20.91
CA ILE C 2503 27.47 -17.25 19.80
C ILE C 2503 28.16 -16.96 18.48
N LEU C 2504 28.89 -15.83 18.40
CA LEU C 2504 29.69 -15.59 17.21
C LEU C 2504 30.61 -16.77 16.93
N LYS C 2505 31.39 -17.17 17.91
CA LYS C 2505 32.40 -18.17 17.59
C LYS C 2505 31.74 -19.45 17.11
N LEU C 2506 30.65 -19.86 17.76
CA LEU C 2506 29.99 -21.08 17.31
C LEU C 2506 29.33 -20.93 15.95
N CYS C 2507 28.79 -19.76 15.63
CA CYS C 2507 28.15 -19.59 14.33
C CYS C 2507 29.17 -19.57 13.21
N GLN C 2508 30.28 -18.86 13.40
CA GLN C 2508 31.34 -19.05 12.44
C GLN C 2508 31.91 -20.46 12.49
N ASP C 2509 31.72 -21.19 13.59
CA ASP C 2509 32.17 -22.58 13.60
C ASP C 2509 31.29 -23.43 12.69
N ILE C 2510 29.99 -23.16 12.69
CA ILE C 2510 29.13 -23.89 11.78
C ILE C 2510 29.47 -23.54 10.35
N PHE C 2511 29.83 -22.29 10.12
CA PHE C 2511 30.33 -21.95 8.80
C PHE C 2511 31.61 -22.71 8.49
N LEU C 2512 32.52 -22.79 9.46
CA LEU C 2512 33.77 -23.51 9.27
C LEU C 2512 33.54 -24.95 8.86
N VAL C 2513 32.72 -25.66 9.63
CA VAL C 2513 32.44 -27.04 9.29
C VAL C 2513 31.74 -27.08 7.96
N ARG C 2514 31.07 -25.98 7.58
CA ARG C 2514 30.44 -25.93 6.27
C ARG C 2514 31.47 -26.06 5.17
N GLU C 2515 32.53 -25.24 5.19
CA GLU C 2515 33.49 -25.44 4.11
C GLU C 2515 34.23 -26.76 4.29
N THR C 2516 34.60 -27.09 5.53
CA THR C 2516 35.26 -28.37 5.74
C THR C 2516 34.30 -29.54 5.56
N ARG C 2517 33.00 -29.27 5.44
CA ARG C 2517 31.99 -30.21 4.98
C ARG C 2517 32.08 -31.55 5.70
N GLU C 2518 31.83 -31.49 7.01
CA GLU C 2518 31.66 -32.67 7.84
C GLU C 2518 30.18 -32.89 8.13
N LEU C 2519 29.83 -34.15 8.38
CA LEU C 2519 28.44 -34.58 8.22
C LEU C 2519 27.58 -34.13 9.39
N GLU C 2520 27.85 -34.65 10.59
CA GLU C 2520 26.92 -34.48 11.70
C GLU C 2520 27.16 -33.18 12.45
N LEU C 2521 28.38 -32.66 12.37
CA LEU C 2521 28.71 -31.46 13.12
C LEU C 2521 27.79 -30.33 12.75
N GLU C 2522 27.42 -30.27 11.47
CA GLU C 2522 26.57 -29.19 10.99
C GLU C 2522 25.25 -29.14 11.74
N GLU C 2523 24.45 -30.19 11.60
CA GLU C 2523 23.15 -30.20 12.23
C GLU C 2523 23.30 -30.18 13.73
N GLU C 2524 24.39 -30.74 14.24
CA GLU C 2524 24.70 -30.66 15.64
C GLU C 2524 24.77 -29.22 16.12
N LEU C 2525 25.54 -28.39 15.42
CA LEU C 2525 25.74 -27.02 15.87
C LEU C 2525 24.53 -26.16 15.59
N TYR C 2526 23.76 -26.51 14.55
CA TYR C 2526 22.52 -25.79 14.34
C TYR C 2526 21.54 -26.08 15.47
N ALA C 2527 21.43 -27.34 15.87
CA ALA C 2527 20.58 -27.66 17.01
C ALA C 2527 21.05 -26.99 18.29
N LYS C 2528 22.36 -26.99 18.56
CA LYS C 2528 22.82 -26.26 19.74
C LYS C 2528 22.40 -24.80 19.71
N LEU C 2529 22.66 -24.10 18.61
CA LEU C 2529 22.28 -22.70 18.56
C LEU C 2529 20.78 -22.54 18.78
N ILE C 2530 19.98 -23.44 18.20
CA ILE C 2530 18.54 -23.36 18.39
C ILE C 2530 18.18 -23.52 19.86
N PHE C 2531 18.80 -24.48 20.55
CA PHE C 2531 18.54 -24.63 21.97
C PHE C 2531 18.97 -23.39 22.73
N LEU C 2532 20.08 -22.79 22.32
CA LEU C 2532 20.50 -21.59 23.02
C LEU C 2532 19.40 -20.55 22.95
N TYR C 2533 18.76 -20.43 21.78
CA TYR C 2533 17.66 -19.50 21.62
C TYR C 2533 16.48 -19.84 22.52
N ARG C 2534 16.18 -21.13 22.69
CA ARG C 2534 14.93 -21.48 23.35
C ARG C 2534 14.84 -20.92 24.77
N SER C 2535 15.91 -21.01 25.55
CA SER C 2535 15.79 -20.61 26.93
C SER C 2535 16.44 -19.25 27.16
N PRO C 2536 15.67 -18.24 27.59
CA PRO C 2536 16.32 -17.00 27.98
C PRO C 2536 17.23 -17.24 29.14
N GLU C 2537 16.74 -18.03 30.10
CA GLU C 2537 17.58 -18.49 31.20
C GLU C 2537 18.90 -18.97 30.65
N THR C 2538 18.85 -19.72 29.54
CA THR C 2538 20.07 -20.15 28.90
C THR C 2538 20.76 -19.04 28.13
N MET C 2539 20.01 -18.10 27.51
CA MET C 2539 20.75 -16.97 26.93
C MET C 2539 21.57 -16.25 27.97
N ILE C 2540 21.18 -16.33 29.24
CA ILE C 2540 21.84 -15.56 30.28
C ILE C 2540 22.71 -16.41 31.18
N LYS C 2541 22.68 -17.73 31.05
CA LYS C 2541 23.44 -18.57 31.97
C LYS C 2541 24.93 -18.21 31.95
N TRP C 2542 25.62 -18.47 30.85
CA TRP C 2542 27.03 -18.17 30.81
C TRP C 2542 27.36 -16.84 30.14
N THR C 2543 26.37 -16.18 29.52
CA THR C 2543 26.65 -14.89 28.90
C THR C 2543 26.92 -13.79 29.92
N ARG C 2544 26.65 -14.04 31.20
CA ARG C 2544 27.08 -13.13 32.24
C ARG C 2544 28.56 -12.85 32.08
N GLU C 2545 28.93 -11.57 32.15
CA GLU C 2545 30.26 -11.17 31.73
C GLU C 2545 31.32 -11.81 32.60
N ARG C 2546 32.49 -12.01 32.00
CA ARG C 2546 33.63 -12.57 32.74
C ARG C 2546 33.97 -11.67 33.91
N GLU C 2547 34.11 -12.28 35.08
CA GLU C 2547 34.34 -11.50 36.29
C GLU C 2547 35.80 -11.06 36.38
#